data_8WQH
#
_entry.id   8WQH
#
_cell.length_a   1.00
_cell.length_b   1.00
_cell.length_c   1.00
_cell.angle_alpha   90.00
_cell.angle_beta   90.00
_cell.angle_gamma   90.00
#
_symmetry.space_group_name_H-M   'P 1'
#
loop_
_entity.id
_entity.type
_entity.pdbx_description
1 polymer Cullin-2
2 polymer 'E3 ubiquitin-protein ligase RBX1, N-terminally processed'
3 polymer Elongin-C
4 polymer Elongin-B
5 polymer 'Protein fem-1 homolog B'
6 polymer 'Coiled-coil domain-containing protein 89'
7 non-polymer 'ZINC ION'
#
loop_
_entity_poly.entity_id
_entity_poly.type
_entity_poly.pdbx_seq_one_letter_code
_entity_poly.pdbx_strand_id
1 'polypeptide(L)'
;SASWSHPQFEKGGGSGGGSGTSLKPRVVDFDETWNKLLTTIKAVVMLEYVERATWNDRFSDIYALCVAYPEPLGERLYTE
TKIFLENHVRHLHKRVLESEEQVLVMYHRYWEEYSKGADYMDCLYRYLNTQFIKKNGGGPLMEIGELALDMWRKLMVEPL
QAILIRMLLREIKNDRGGEDPNQKVIHGVINSFVHVEQYKKKFPLKFYQEIFESPFLTETGEYYKQEASNLLQESNCSQY
MEKVLGRLKDEEIRCRKYLHPSSYTKVIHECQQRMVADHLQFLHAECHNIIRQEKKNDMANMYVLLRAVSTGLPHMIQEL
QNHIHDEGLRATSNLTQENMPTLFVESVLEVHGKFVQLINTVLNGDQHFMSALDKALTSVVNYREPKSVCKAPELLAKYC
DNLLKKSAKGMTENEVEDRLTSFITVFKYIDDKDVFQKFYARMLAKRLIHGLSMSMDSEEAMINKLKQACGYEFTSKLHR
MYTDMSVSADLNNKFNNFIKNQDTVIDLGISFQIYVLQAGAWPLTQAPSSTFAIPQELEKSVQMFELFYSQHFSGRKLTW
LHYLCTGEVKMNYLGKPYVAMVTTYQMAVLLAFNNSETVSYKELQDSTQMNEKELTKTIKSLLDVKMINHDSEKEDIDAE
SSFSLNMNFSSKRTKFKITTSMQKDTPQEMEQTRSAVDEDRKMYLQAAIVRIMKARKVLRHNALIQEVISQSRARFNPSI
SMIKKCIEVLIDKQYIERSQASADEYSYVA
;
C,A
2 'polypeptide(L)'
;SHMGAGKKRFEVKKWNAVALWAWDIVVDNCAICRNHIMDLCIECQANQASATSEECTVAWGVCNHAFHFHCISRWLKTRQ
VCPLDNREWEFQKYGH
;
J,B
3 'polypeptide(L)'
;MYVKLISSDGHEFIVKREHALTSGTIKAMLSGPGQFAENETNEVNFREIPSHVLSKVCMYFTYKVRYTNSSTEIPEFPIA
PEIALELLMAANFLDC
;
E,I
4 'polypeptide(L)'
;MDVFLMIRRHKTTIFTDAKESSTVFELKRIVEGILKRPPDEQRLYKDDQLLDDGKTLGECGFTSQTARPQAPATVGLAFR
ADDTFEALCIEPFSSPPELPDVMKPQDSGSSANEQAVQ
;
F,K
5 'polypeptide(L)'
;MEGLAGYVYKAASEGKVLTLAALLLNRSESDIRYLLGYVSQQGGQRSTPLIIAARNGHAKVVRLLLEHYRVQTQQTGTVR
FDGYVIDGATALWCAAGAGHFEVVKLLVSHGANVNHTTVTNSTPLRAACFDGRLDIVKYLVENNANISIANKYDNTCLMI
AAYKGHTDVVRYLLEQRADPNAKAHCGATALHFAAEAGHIDIVKELIKWRAAIVVNGHGMTPLKVAAESCKADVVELLLS
HADCDRRSRIEALELLGASFANDRENYDIIKTYHYLYLAMLERFQDGDNILEKEVLPPIHAYGNRTECRNPQELESIRQD
RDALHMEGLIVRERILGADNIDVSHPIIYRGAVYADNMEFEQCIKLWLHALHLRQKGNRNTHKDLLRFAQVFSQMIHLNE
TVKAPDIECVLRCSVLEIEQSMNRVKNISDADVHNAMDNYECNLYTFLYLVCISTKTQCSEEDQCKINKQIYNLIHLDPR
TREGFTLLHLAVNSNTPVDDFHTNDVCSFPNALVTKLLLDCGAEVNAVDNEGNSALHIIVQYNRPISDFLTLHSIIISLV
EAGAHTDMTNKQNKTPLDKSTTGVSEILLKTQMKMSLKCLAARAVRANDINYQDQIPRTLEEFVGFH
;
D,H
6 'polypeptide(L)' GGGSGGGSKKHSLDLLSKERELNGKLRHLSP G,L
#
loop_
_chem_comp.id
_chem_comp.type
_chem_comp.name
_chem_comp.formula
ZN non-polymer 'ZINC ION' 'Zn 2'
#
# COMPACT_ATOMS: atom_id res chain seq x y z
N THR A 21 -30.53 30.40 25.97
CA THR A 21 -29.38 29.53 26.20
C THR A 21 -28.52 29.46 24.94
N SER A 22 -27.21 29.52 25.13
CA SER A 22 -26.26 29.48 24.02
C SER A 22 -25.23 28.37 24.28
N LEU A 23 -24.20 28.34 23.44
CA LEU A 23 -23.20 27.28 23.47
C LEU A 23 -22.03 27.59 24.40
N LYS A 24 -22.10 28.66 25.18
CA LYS A 24 -21.04 29.00 26.10
C LYS A 24 -20.93 27.95 27.20
N PRO A 25 -19.75 27.80 27.80
CA PRO A 25 -19.63 26.92 28.97
C PRO A 25 -20.52 27.40 30.10
N ARG A 26 -21.34 26.48 30.61
CA ARG A 26 -22.28 26.79 31.67
C ARG A 26 -22.15 25.77 32.79
N VAL A 27 -22.66 26.14 33.96
CA VAL A 27 -22.60 25.23 35.12
C VAL A 27 -23.62 24.12 34.91
N VAL A 28 -23.14 22.88 34.92
CA VAL A 28 -23.97 21.71 34.68
C VAL A 28 -23.86 20.78 35.87
N ASP A 29 -25.00 20.31 36.37
CA ASP A 29 -25.03 19.29 37.40
C ASP A 29 -25.04 17.92 36.72
N PHE A 30 -23.99 17.14 36.96
CA PHE A 30 -23.85 15.88 36.23
C PHE A 30 -24.91 14.87 36.64
N ASP A 31 -25.23 14.79 37.93
CA ASP A 31 -26.13 13.76 38.43
C ASP A 31 -27.56 13.91 37.90
N GLU A 32 -27.91 15.06 37.34
CA GLU A 32 -29.22 15.27 36.74
C GLU A 32 -29.20 15.20 35.23
N THR A 33 -28.19 15.80 34.58
CA THR A 33 -28.07 15.70 33.14
C THR A 33 -27.84 14.25 32.70
N TRP A 34 -27.00 13.52 33.44
CA TRP A 34 -26.74 12.13 33.12
C TRP A 34 -28.02 11.30 33.26
N ASN A 35 -28.81 11.55 34.30
CA ASN A 35 -30.08 10.86 34.44
C ASN A 35 -31.02 11.20 33.29
N LYS A 36 -31.02 12.47 32.87
CA LYS A 36 -31.76 12.84 31.67
C LYS A 36 -31.15 12.26 30.41
N LEU A 37 -29.87 11.88 30.46
CA LEU A 37 -29.19 11.28 29.32
C LEU A 37 -29.20 9.76 29.34
N LEU A 38 -29.23 9.16 30.53
CA LEU A 38 -29.25 7.70 30.61
C LEU A 38 -30.54 7.13 30.04
N THR A 39 -31.67 7.81 30.23
CA THR A 39 -32.93 7.32 29.71
C THR A 39 -32.94 7.27 28.18
N THR A 40 -32.07 8.04 27.52
CA THR A 40 -31.98 7.98 26.07
C THR A 40 -30.96 6.94 25.62
N ILE A 41 -29.76 6.94 26.22
CA ILE A 41 -28.75 5.98 25.80
C ILE A 41 -29.12 4.56 26.19
N LYS A 42 -29.95 4.39 27.21
CA LYS A 42 -30.44 3.05 27.53
C LYS A 42 -31.50 2.60 26.54
N ALA A 43 -32.25 3.54 25.97
CA ALA A 43 -33.28 3.22 24.99
C ALA A 43 -32.79 3.28 23.55
N VAL A 44 -31.52 3.60 23.33
CA VAL A 44 -30.98 3.62 21.97
C VAL A 44 -30.05 2.44 21.80
N VAL A 45 -29.57 1.89 22.93
CA VAL A 45 -28.75 0.69 22.86
C VAL A 45 -29.60 -0.56 22.75
N MET A 46 -30.87 -0.49 23.16
CA MET A 46 -31.82 -1.58 23.01
C MET A 46 -32.68 -1.42 21.77
N LEU A 47 -32.41 -0.40 20.94
CA LEU A 47 -33.20 -0.09 19.75
C LEU A 47 -34.68 0.10 20.07
N GLU A 48 -34.96 0.74 21.19
CA GLU A 48 -36.32 1.14 21.52
C GLU A 48 -36.65 2.40 20.74
N TYR A 49 -37.78 3.03 21.06
CA TYR A 49 -38.20 4.24 20.38
C TYR A 49 -37.92 5.45 21.27
N VAL A 50 -37.15 6.39 20.74
CA VAL A 50 -36.97 7.70 21.36
C VAL A 50 -37.35 8.76 20.33
N GLU A 51 -38.16 9.73 20.76
CA GLU A 51 -38.66 10.74 19.86
C GLU A 51 -37.53 11.61 19.33
N ARG A 52 -37.74 12.15 18.13
CA ARG A 52 -36.69 12.91 17.46
C ARG A 52 -36.32 14.16 18.25
N ALA A 53 -37.29 14.78 18.92
CA ALA A 53 -37.00 15.96 19.73
C ALA A 53 -36.05 15.64 20.87
N THR A 54 -36.29 14.51 21.57
CA THR A 54 -35.39 14.11 22.65
C THR A 54 -34.00 13.77 22.12
N TRP A 55 -33.94 13.07 20.99
CA TRP A 55 -32.64 12.71 20.42
C TRP A 55 -31.84 13.93 20.03
N ASN A 56 -32.51 14.93 19.44
CA ASN A 56 -31.82 16.17 19.08
C ASN A 56 -31.47 17.00 20.31
N ASP A 57 -32.26 16.88 21.38
CA ASP A 57 -31.94 17.61 22.61
C ASP A 57 -30.77 16.98 23.35
N ARG A 58 -30.56 15.67 23.18
CA ARG A 58 -29.46 15.01 23.88
C ARG A 58 -28.11 15.48 23.38
N PHE A 59 -27.99 15.80 22.08
CA PHE A 59 -26.72 16.24 21.53
C PHE A 59 -26.21 17.51 22.22
N SER A 60 -27.10 18.31 22.78
CA SER A 60 -26.67 19.43 23.59
C SER A 60 -26.20 18.97 24.97
N ASP A 61 -26.78 17.88 25.49
CA ASP A 61 -26.41 17.42 26.83
C ASP A 61 -24.99 16.87 26.87
N ILE A 62 -24.60 16.06 25.87
CA ILE A 62 -23.20 15.65 25.78
C ILE A 62 -22.31 16.85 25.56
N TYR A 63 -22.75 17.81 24.74
CA TYR A 63 -21.96 19.03 24.57
C TYR A 63 -21.86 19.81 25.87
N ALA A 64 -22.98 19.94 26.59
CA ALA A 64 -22.95 20.71 27.84
C ALA A 64 -22.05 20.05 28.87
N LEU A 65 -22.07 18.71 28.95
CA LEU A 65 -21.19 18.01 29.86
C LEU A 65 -19.73 18.14 29.43
N CYS A 66 -19.47 18.14 28.13
CA CYS A 66 -18.10 18.12 27.64
C CYS A 66 -17.43 19.48 27.71
N VAL A 67 -18.18 20.56 27.91
CA VAL A 67 -17.58 21.89 27.99
C VAL A 67 -18.05 22.58 29.27
N ALA A 68 -18.47 21.80 30.25
CA ALA A 68 -19.01 22.36 31.48
C ALA A 68 -17.94 23.15 32.24
N TYR A 69 -18.40 24.18 32.94
CA TYR A 69 -17.62 25.13 33.69
C TYR A 69 -17.53 24.73 35.16
N PRO A 70 -16.36 24.84 35.79
CA PRO A 70 -15.06 25.26 35.26
C PRO A 70 -14.17 24.08 34.89
N GLU A 71 -14.64 22.85 35.07
CA GLU A 71 -13.89 21.66 34.70
C GLU A 71 -14.77 20.83 33.78
N PRO A 72 -14.32 20.53 32.55
CA PRO A 72 -15.14 19.72 31.66
C PRO A 72 -15.40 18.34 32.24
N LEU A 73 -16.65 17.88 32.08
CA LEU A 73 -17.07 16.59 32.61
C LEU A 73 -16.95 15.48 31.57
N GLY A 74 -16.02 15.61 30.62
CA GLY A 74 -15.81 14.55 29.66
C GLY A 74 -15.30 13.28 30.30
N GLU A 75 -14.46 13.41 31.34
CA GLU A 75 -14.01 12.23 32.07
C GLU A 75 -15.16 11.58 32.82
N ARG A 76 -16.02 12.39 33.46
CA ARG A 76 -17.18 11.83 34.16
C ARG A 76 -18.17 11.21 33.20
N LEU A 77 -18.40 11.87 32.06
CA LEU A 77 -19.34 11.33 31.07
C LEU A 77 -18.83 10.02 30.50
N TYR A 78 -17.54 9.95 30.18
CA TYR A 78 -16.99 8.72 29.60
C TYR A 78 -16.97 7.59 30.63
N THR A 79 -16.57 7.89 31.87
CA THR A 79 -16.52 6.85 32.90
C THR A 79 -17.91 6.32 33.21
N GLU A 80 -18.91 7.20 33.34
CA GLU A 80 -20.26 6.75 33.62
C GLU A 80 -20.84 5.96 32.45
N THR A 81 -20.55 6.38 31.23
CA THR A 81 -21.01 5.62 30.06
C THR A 81 -20.36 4.24 30.02
N LYS A 82 -19.07 4.16 30.31
CA LYS A 82 -18.39 2.86 30.35
C LYS A 82 -18.96 1.96 31.43
N ILE A 83 -19.25 2.54 32.60
CA ILE A 83 -19.86 1.77 33.68
C ILE A 83 -21.24 1.27 33.27
N PHE A 84 -22.03 2.13 32.64
CA PHE A 84 -23.35 1.71 32.18
C PHE A 84 -23.27 0.62 31.14
N LEU A 85 -22.29 0.71 30.23
CA LEU A 85 -22.13 -0.32 29.22
C LEU A 85 -21.73 -1.65 29.85
N GLU A 86 -20.75 -1.64 30.75
CA GLU A 86 -20.35 -2.89 31.40
C GLU A 86 -21.43 -3.41 32.34
N ASN A 87 -22.38 -2.57 32.75
CA ASN A 87 -23.53 -3.02 33.51
C ASN A 87 -24.71 -3.37 32.61
N HIS A 88 -24.59 -3.14 31.31
CA HIS A 88 -25.64 -3.51 30.35
C HIS A 88 -25.29 -4.75 29.55
N VAL A 89 -24.07 -4.83 29.01
CA VAL A 89 -23.67 -6.03 28.29
C VAL A 89 -23.56 -7.21 29.24
N ARG A 90 -23.14 -6.99 30.48
CA ARG A 90 -23.11 -8.05 31.47
C ARG A 90 -24.53 -8.50 31.84
N HIS A 91 -25.48 -7.57 31.84
CA HIS A 91 -26.88 -7.96 31.98
C HIS A 91 -27.33 -8.79 30.80
N LEU A 92 -26.89 -8.43 29.59
CA LEU A 92 -27.19 -9.24 28.43
C LEU A 92 -26.50 -10.60 28.49
N HIS A 93 -25.29 -10.64 29.04
CA HIS A 93 -24.55 -11.90 29.12
C HIS A 93 -25.26 -12.89 30.03
N LYS A 94 -25.83 -12.42 31.14
CA LYS A 94 -26.59 -13.30 32.02
C LYS A 94 -27.83 -13.83 31.32
N ARG A 95 -28.51 -12.98 30.55
CA ARG A 95 -29.71 -13.43 29.84
C ARG A 95 -29.38 -14.44 28.76
N VAL A 96 -28.31 -14.22 28.01
CA VAL A 96 -27.92 -15.17 26.97
C VAL A 96 -27.48 -16.48 27.59
N LEU A 97 -26.73 -16.41 28.69
CA LEU A 97 -26.32 -17.63 29.40
C LEU A 97 -27.48 -18.25 30.16
N GLU A 98 -28.53 -17.48 30.46
CA GLU A 98 -29.69 -18.04 31.15
C GLU A 98 -30.37 -19.10 30.30
N SER A 99 -30.51 -18.84 29.00
CA SER A 99 -31.06 -19.82 28.08
C SER A 99 -30.02 -20.91 27.82
N GLU A 100 -30.45 -22.17 27.89
CA GLU A 100 -29.50 -23.28 27.82
C GLU A 100 -29.11 -23.59 26.38
N GLU A 101 -30.08 -23.99 25.56
CA GLU A 101 -29.81 -24.40 24.19
C GLU A 101 -29.99 -23.30 23.16
N GLN A 102 -30.60 -22.17 23.55
CA GLN A 102 -30.86 -21.07 22.63
C GLN A 102 -29.83 -19.95 22.75
N VAL A 103 -28.61 -20.27 23.18
CA VAL A 103 -27.60 -19.24 23.38
C VAL A 103 -27.17 -18.62 22.05
N LEU A 104 -27.29 -19.35 20.94
CA LEU A 104 -26.95 -18.75 19.66
C LEU A 104 -28.00 -17.74 19.20
N VAL A 105 -29.28 -18.07 19.32
CA VAL A 105 -30.32 -17.14 18.90
C VAL A 105 -30.49 -16.01 19.92
N MET A 106 -30.19 -16.26 21.19
CA MET A 106 -30.21 -15.18 22.17
C MET A 106 -29.01 -14.27 22.03
N TYR A 107 -27.87 -14.80 21.59
CA TYR A 107 -26.73 -13.94 21.27
C TYR A 107 -27.03 -13.06 20.07
N HIS A 108 -27.56 -13.66 19.00
CA HIS A 108 -27.82 -12.89 17.79
C HIS A 108 -28.91 -11.85 18.02
N ARG A 109 -29.96 -12.20 18.77
CA ARG A 109 -31.00 -11.23 19.06
C ARG A 109 -30.48 -10.08 19.89
N TYR A 110 -29.53 -10.34 20.78
CA TYR A 110 -28.92 -9.30 21.60
C TYR A 110 -27.68 -8.71 20.97
N TRP A 111 -27.26 -9.18 19.80
CA TRP A 111 -26.15 -8.58 19.08
C TRP A 111 -26.61 -7.54 18.06
N GLU A 112 -27.58 -7.89 17.22
CA GLU A 112 -28.13 -6.92 16.29
C GLU A 112 -28.83 -5.78 16.99
N GLU A 113 -29.33 -6.00 18.21
CA GLU A 113 -29.82 -4.89 19.02
C GLU A 113 -28.67 -4.04 19.55
N TYR A 114 -27.54 -4.66 19.86
CA TYR A 114 -26.41 -3.95 20.44
C TYR A 114 -25.41 -3.45 19.41
N SER A 115 -25.26 -4.15 18.28
CA SER A 115 -24.36 -3.67 17.24
C SER A 115 -24.86 -2.36 16.63
N LYS A 116 -26.17 -2.28 16.36
CA LYS A 116 -26.75 -1.02 15.89
C LYS A 116 -26.92 -0.04 17.04
N GLY A 117 -27.15 -0.53 18.26
CA GLY A 117 -27.22 0.36 19.40
C GLY A 117 -25.90 1.04 19.69
N ALA A 118 -24.80 0.30 19.57
CA ALA A 118 -23.49 0.88 19.78
C ALA A 118 -23.18 1.93 18.71
N ASP A 119 -23.56 1.67 17.46
CA ASP A 119 -23.33 2.63 16.39
C ASP A 119 -24.13 3.92 16.62
N TYR A 120 -25.39 3.78 17.03
CA TYR A 120 -26.21 4.95 17.28
C TYR A 120 -25.71 5.73 18.49
N MET A 121 -25.23 5.03 19.51
CA MET A 121 -24.66 5.72 20.66
C MET A 121 -23.35 6.41 20.31
N ASP A 122 -22.56 5.83 19.41
CA ASP A 122 -21.37 6.50 18.91
C ASP A 122 -21.74 7.76 18.15
N CYS A 123 -22.84 7.70 17.37
CA CYS A 123 -23.33 8.90 16.72
C CYS A 123 -23.75 9.94 17.75
N LEU A 124 -24.38 9.51 18.85
CA LEU A 124 -24.78 10.43 19.91
C LEU A 124 -23.56 11.02 20.61
N TYR A 125 -22.52 10.22 20.84
CA TYR A 125 -21.35 10.64 21.57
C TYR A 125 -20.26 11.20 20.68
N ARG A 126 -20.62 11.79 19.54
CA ARG A 126 -19.63 12.23 18.57
C ARG A 126 -18.75 13.34 19.14
N TYR A 127 -19.33 14.27 19.88
CA TYR A 127 -18.53 15.36 20.43
C TYR A 127 -17.56 14.86 21.49
N LEU A 128 -17.98 13.86 22.29
CA LEU A 128 -17.06 13.26 23.24
C LEU A 128 -15.91 12.56 22.54
N ASN A 129 -16.21 11.86 21.44
CA ASN A 129 -15.19 11.09 20.75
C ASN A 129 -14.13 11.98 20.12
N THR A 130 -14.54 13.08 19.49
CA THR A 130 -13.65 13.86 18.64
C THR A 130 -12.98 15.03 19.35
N GLN A 131 -13.41 15.38 20.56
CA GLN A 131 -12.78 16.48 21.28
C GLN A 131 -12.29 16.14 22.67
N PHE A 132 -12.62 14.98 23.22
CA PHE A 132 -12.04 14.55 24.49
C PHE A 132 -11.21 13.29 24.35
N ILE A 133 -11.76 12.25 23.74
CA ILE A 133 -11.07 10.96 23.69
C ILE A 133 -9.95 10.98 22.66
N LYS A 134 -10.28 11.35 21.41
CA LYS A 134 -9.29 11.35 20.36
C LYS A 134 -8.19 12.39 20.61
N LYS A 135 -8.57 13.54 21.15
CA LYS A 135 -7.58 14.56 21.49
C LYS A 135 -6.64 14.07 22.59
N ASN A 136 -7.16 13.38 23.58
CA ASN A 136 -6.35 12.84 24.67
C ASN A 136 -6.07 11.36 24.46
N PRO A 140 -4.80 6.17 25.27
CA PRO A 140 -5.31 4.90 25.80
C PRO A 140 -6.83 4.82 25.79
N LEU A 141 -7.49 5.98 25.80
CA LEU A 141 -8.94 6.01 25.80
C LEU A 141 -9.49 5.57 24.44
N MET A 142 -10.65 4.92 24.48
CA MET A 142 -11.33 4.44 23.29
C MET A 142 -12.61 5.23 23.09
N GLU A 143 -12.92 5.52 21.83
CA GLU A 143 -14.20 6.16 21.52
C GLU A 143 -15.35 5.21 21.83
N ILE A 144 -16.53 5.79 22.04
CA ILE A 144 -17.69 5.01 22.48
C ILE A 144 -18.07 3.96 21.45
N GLY A 145 -17.91 4.26 20.17
CA GLY A 145 -18.13 3.24 19.16
C GLY A 145 -17.16 2.07 19.30
N GLU A 146 -15.90 2.37 19.58
CA GLU A 146 -14.94 1.30 19.85
C GLU A 146 -15.15 0.71 21.25
N LEU A 147 -15.46 1.55 22.23
CA LEU A 147 -15.60 1.07 23.60
C LEU A 147 -16.77 0.12 23.75
N ALA A 148 -17.91 0.44 23.14
CA ALA A 148 -19.10 -0.40 23.29
C ALA A 148 -18.88 -1.77 22.69
N LEU A 149 -18.19 -1.85 21.55
CA LEU A 149 -17.91 -3.14 20.95
C LEU A 149 -16.82 -3.88 21.71
N ASP A 150 -15.77 -3.16 22.14
CA ASP A 150 -14.69 -3.80 22.89
C ASP A 150 -15.19 -4.31 24.23
N MET A 151 -16.25 -3.72 24.77
CA MET A 151 -16.87 -4.19 25.99
C MET A 151 -17.92 -5.26 25.72
N TRP A 152 -18.18 -5.56 24.45
CA TRP A 152 -18.99 -6.72 24.07
C TRP A 152 -18.16 -7.97 23.91
N ARG A 153 -16.91 -7.85 23.49
CA ARG A 153 -16.00 -8.98 23.36
C ARG A 153 -15.27 -9.28 24.66
N LYS A 154 -15.46 -8.48 25.70
CA LYS A 154 -14.85 -8.75 26.99
C LYS A 154 -15.83 -9.25 28.03
N LEU A 155 -17.12 -8.95 27.87
CA LEU A 155 -18.12 -9.33 28.85
C LEU A 155 -19.22 -10.22 28.28
N MET A 156 -19.29 -10.42 26.98
CA MET A 156 -20.31 -11.28 26.41
C MET A 156 -19.75 -12.36 25.49
N VAL A 157 -18.72 -12.04 24.72
CA VAL A 157 -18.16 -13.04 23.81
C VAL A 157 -17.18 -13.95 24.53
N GLU A 158 -16.15 -13.37 25.15
CA GLU A 158 -15.11 -14.19 25.78
C GLU A 158 -15.61 -15.07 26.92
N PRO A 159 -16.47 -14.62 27.84
CA PRO A 159 -17.07 -15.57 28.79
C PRO A 159 -17.90 -16.65 28.12
N LEU A 160 -18.52 -16.35 26.98
CA LEU A 160 -19.29 -17.32 26.22
C LEU A 160 -18.50 -17.94 25.08
N GLN A 161 -17.18 -17.72 25.04
CA GLN A 161 -16.39 -18.19 23.91
C GLN A 161 -16.42 -19.71 23.80
N ALA A 162 -16.30 -20.40 24.93
CA ALA A 162 -16.32 -21.87 24.90
C ALA A 162 -17.66 -22.39 24.41
N ILE A 163 -18.76 -21.78 24.87
CA ILE A 163 -20.09 -22.25 24.48
C ILE A 163 -20.40 -21.88 23.03
N LEU A 164 -19.99 -20.69 22.60
CA LEU A 164 -20.37 -20.21 21.28
C LEU A 164 -19.68 -21.01 20.18
N ILE A 165 -18.37 -21.19 20.27
CA ILE A 165 -17.64 -21.85 19.20
C ILE A 165 -17.71 -23.37 19.38
N ARG A 166 -18.56 -23.82 20.30
CA ARG A 166 -18.95 -25.23 20.37
C ARG A 166 -20.33 -25.46 19.79
N MET A 167 -21.28 -24.56 20.07
CA MET A 167 -22.60 -24.68 19.45
C MET A 167 -22.59 -24.23 18.00
N LEU A 168 -21.67 -23.32 17.63
CA LEU A 168 -21.54 -22.94 16.23
C LEU A 168 -21.09 -24.12 15.38
N LEU A 169 -20.00 -24.78 15.80
CA LEU A 169 -19.48 -25.90 15.03
C LEU A 169 -20.44 -27.07 15.02
N ARG A 170 -21.27 -27.20 16.06
CA ARG A 170 -22.33 -28.20 16.03
C ARG A 170 -23.36 -27.84 14.96
N GLU A 171 -23.68 -26.56 14.83
CA GLU A 171 -24.62 -26.14 13.79
C GLU A 171 -24.02 -26.33 12.39
N ILE A 172 -22.75 -25.99 12.22
CA ILE A 172 -22.09 -26.22 10.94
C ILE A 172 -22.01 -27.71 10.65
N LYS A 173 -21.69 -28.53 11.66
CA LYS A 173 -21.62 -29.97 11.46
C LYS A 173 -22.98 -30.54 11.08
N ASN A 174 -24.05 -30.02 11.69
CA ASN A 174 -25.39 -30.45 11.32
C ASN A 174 -25.73 -29.99 9.90
N ASP A 175 -25.23 -28.82 9.49
CA ASP A 175 -25.44 -28.38 8.12
C ASP A 175 -24.73 -29.30 7.12
N ARG A 176 -23.52 -29.75 7.47
CA ARG A 176 -22.88 -30.79 6.68
C ARG A 176 -23.71 -32.08 6.68
N GLY A 177 -24.33 -32.39 7.81
CA GLY A 177 -25.11 -33.61 7.92
C GLY A 177 -26.44 -33.59 7.19
N GLY A 178 -26.77 -32.48 6.53
CA GLY A 178 -28.01 -32.36 5.78
C GLY A 178 -29.07 -31.51 6.43
N GLU A 179 -28.90 -31.17 7.71
CA GLU A 179 -29.86 -30.29 8.36
C GLU A 179 -29.75 -28.88 7.80
N ASP A 180 -30.79 -28.09 8.03
CA ASP A 180 -30.87 -26.71 7.54
C ASP A 180 -31.00 -25.78 8.73
N PRO A 181 -29.89 -25.33 9.30
CA PRO A 181 -29.95 -24.39 10.42
C PRO A 181 -30.39 -23.02 9.96
N ASN A 182 -30.65 -22.15 10.95
CA ASN A 182 -31.01 -20.77 10.65
C ASN A 182 -29.78 -20.06 10.09
N GLN A 183 -29.80 -19.79 8.79
CA GLN A 183 -28.66 -19.15 8.15
C GLN A 183 -28.40 -17.77 8.73
N LYS A 184 -29.46 -17.01 8.99
CA LYS A 184 -29.29 -15.65 9.49
C LYS A 184 -28.61 -15.63 10.85
N VAL A 185 -29.04 -16.49 11.76
CA VAL A 185 -28.49 -16.48 13.12
C VAL A 185 -27.02 -16.89 13.11
N ILE A 186 -26.70 -17.98 12.41
CA ILE A 186 -25.31 -18.45 12.38
C ILE A 186 -24.43 -17.44 11.69
N HIS A 187 -24.90 -16.87 10.58
CA HIS A 187 -24.10 -15.87 9.87
C HIS A 187 -23.88 -14.62 10.72
N GLY A 188 -24.91 -14.17 11.43
CA GLY A 188 -24.75 -13.00 12.27
C GLY A 188 -23.82 -13.25 13.45
N VAL A 189 -23.91 -14.44 14.06
CA VAL A 189 -23.03 -14.76 15.17
C VAL A 189 -21.58 -14.86 14.70
N ILE A 190 -21.34 -15.52 13.56
CA ILE A 190 -19.98 -15.63 13.06
C ILE A 190 -19.48 -14.27 12.57
N ASN A 191 -20.34 -13.48 11.94
CA ASN A 191 -19.96 -12.13 11.56
C ASN A 191 -19.81 -11.20 12.76
N SER A 192 -20.34 -11.57 13.92
CA SER A 192 -20.14 -10.75 15.10
C SER A 192 -18.69 -10.75 15.53
N PHE A 193 -18.01 -11.90 15.43
CA PHE A 193 -16.62 -12.01 15.87
C PHE A 193 -15.69 -11.10 15.09
N VAL A 194 -16.04 -10.71 13.87
CA VAL A 194 -15.19 -9.84 13.06
C VAL A 194 -15.69 -8.41 13.16
N HIS A 195 -17.00 -8.24 13.37
CA HIS A 195 -17.54 -6.90 13.52
C HIS A 195 -17.24 -6.33 14.90
N VAL A 196 -17.05 -7.20 15.90
CA VAL A 196 -16.79 -6.72 17.25
C VAL A 196 -15.41 -6.10 17.34
N GLU A 197 -14.51 -6.42 16.41
CA GLU A 197 -13.18 -5.84 16.36
C GLU A 197 -13.02 -5.03 15.07
N GLN A 198 -14.04 -4.26 14.72
CA GLN A 198 -13.96 -3.48 13.49
C GLN A 198 -13.16 -2.20 13.68
N TYR A 199 -12.88 -1.81 14.91
CA TYR A 199 -12.17 -0.57 15.19
C TYR A 199 -10.67 -0.77 15.39
N LYS A 200 -10.18 -2.00 15.32
CA LYS A 200 -8.76 -2.24 15.46
C LYS A 200 -8.04 -1.87 14.17
N LYS A 201 -6.99 -1.07 14.28
CA LYS A 201 -6.27 -0.62 13.09
C LYS A 201 -5.41 -1.73 12.51
N LYS A 202 -4.75 -2.50 13.36
CA LYS A 202 -3.85 -3.57 12.93
C LYS A 202 -4.50 -4.92 13.20
N PHE A 203 -4.61 -5.73 12.14
CA PHE A 203 -5.19 -7.07 12.19
C PHE A 203 -6.60 -7.06 12.77
N PRO A 204 -7.58 -6.51 12.04
CA PRO A 204 -8.95 -6.48 12.57
C PRO A 204 -9.60 -7.86 12.65
N LEU A 205 -9.07 -8.85 11.95
CA LEU A 205 -9.63 -10.19 11.93
C LEU A 205 -8.89 -11.16 12.84
N LYS A 206 -7.99 -10.66 13.68
CA LYS A 206 -7.19 -11.55 14.53
C LYS A 206 -8.06 -12.30 15.52
N PHE A 207 -9.04 -11.61 16.11
CA PHE A 207 -9.96 -12.29 17.03
C PHE A 207 -10.78 -13.35 16.31
N TYR A 208 -11.30 -13.01 15.12
CA TYR A 208 -12.14 -13.95 14.38
C TYR A 208 -11.38 -15.21 14.00
N GLN A 209 -10.13 -15.06 13.58
CA GLN A 209 -9.30 -16.23 13.27
C GLN A 209 -8.91 -16.98 14.54
N GLU A 210 -8.70 -16.25 15.63
CA GLU A 210 -8.31 -16.89 16.88
C GLU A 210 -9.48 -17.67 17.49
N ILE A 211 -10.66 -17.07 17.53
CA ILE A 211 -11.77 -17.71 18.24
C ILE A 211 -12.54 -18.68 17.35
N PHE A 212 -12.57 -18.46 16.03
CA PHE A 212 -13.42 -19.27 15.18
C PHE A 212 -12.66 -20.07 14.13
N GLU A 213 -11.81 -19.42 13.33
CA GLU A 213 -11.23 -20.11 12.18
C GLU A 213 -10.38 -21.31 12.61
N SER A 214 -9.44 -21.09 13.52
CA SER A 214 -8.62 -22.20 14.00
C SER A 214 -9.44 -23.30 14.67
N PRO A 215 -10.44 -23.02 15.53
CA PRO A 215 -11.34 -24.11 15.94
C PRO A 215 -12.19 -24.67 14.82
N PHE A 216 -12.42 -23.93 13.74
CA PHE A 216 -13.24 -24.45 12.65
C PHE A 216 -12.42 -25.19 11.61
N LEU A 217 -11.26 -24.66 11.21
CA LEU A 217 -10.41 -25.35 10.25
C LEU A 217 -9.94 -26.69 10.81
N THR A 218 -9.63 -26.74 12.11
CA THR A 218 -9.33 -28.02 12.74
C THR A 218 -10.56 -28.93 12.75
N GLU A 219 -11.74 -28.36 12.99
CA GLU A 219 -12.94 -29.18 13.05
C GLU A 219 -13.34 -29.70 11.68
N THR A 220 -13.33 -28.83 10.67
CA THR A 220 -13.68 -29.28 9.33
C THR A 220 -12.62 -30.21 8.77
N GLY A 221 -11.38 -30.08 9.23
CA GLY A 221 -10.35 -31.02 8.80
C GLY A 221 -10.63 -32.43 9.26
N GLU A 222 -10.99 -32.59 10.53
CA GLU A 222 -11.33 -33.91 11.04
C GLU A 222 -12.57 -34.47 10.36
N TYR A 223 -13.60 -33.63 10.19
CA TYR A 223 -14.84 -34.10 9.57
C TYR A 223 -14.61 -34.56 8.14
N TYR A 224 -13.88 -33.77 7.36
CA TYR A 224 -13.63 -34.19 5.98
C TYR A 224 -12.59 -35.29 5.85
N LYS A 225 -11.66 -35.43 6.79
CA LYS A 225 -10.83 -36.63 6.78
C LYS A 225 -11.67 -37.88 7.02
N GLN A 226 -12.60 -37.81 7.97
CA GLN A 226 -13.51 -38.92 8.19
C GLN A 226 -14.38 -39.18 6.97
N GLU A 227 -14.86 -38.12 6.33
CA GLU A 227 -15.70 -38.30 5.15
C GLU A 227 -14.92 -38.86 3.96
N ALA A 228 -13.66 -38.45 3.81
CA ALA A 228 -12.82 -39.00 2.77
C ALA A 228 -12.55 -40.48 3.01
N SER A 229 -12.31 -40.86 4.27
CA SER A 229 -12.13 -42.27 4.56
C SER A 229 -13.42 -43.08 4.39
N ASN A 230 -14.58 -42.46 4.64
CA ASN A 230 -15.84 -43.17 4.48
C ASN A 230 -16.22 -43.34 3.01
N LEU A 231 -16.02 -42.30 2.20
CA LEU A 231 -16.32 -42.40 0.77
C LEU A 231 -15.39 -43.39 0.09
N LEU A 232 -14.13 -43.43 0.51
CA LEU A 232 -13.16 -44.36 -0.07
C LEU A 232 -13.48 -45.81 0.26
N GLN A 233 -14.29 -46.06 1.28
CA GLN A 233 -14.61 -47.42 1.69
C GLN A 233 -15.84 -47.98 1.01
N GLU A 234 -16.53 -47.20 0.18
CA GLU A 234 -17.71 -47.70 -0.51
C GLU A 234 -17.80 -47.23 -1.96
N SER A 235 -16.76 -46.61 -2.50
CA SER A 235 -16.80 -46.07 -3.85
C SER A 235 -15.48 -46.32 -4.56
N ASN A 236 -15.56 -46.54 -5.87
CA ASN A 236 -14.37 -46.59 -6.70
C ASN A 236 -13.95 -45.18 -7.08
N CYS A 237 -12.85 -45.07 -7.83
CA CYS A 237 -12.37 -43.75 -8.25
C CYS A 237 -13.33 -43.07 -9.22
N SER A 238 -14.14 -43.84 -9.94
CA SER A 238 -15.11 -43.25 -10.86
C SER A 238 -16.31 -42.64 -10.14
N GLN A 239 -16.52 -42.97 -8.88
CA GLN A 239 -17.58 -42.38 -8.07
C GLN A 239 -17.06 -41.52 -6.93
N TYR A 240 -15.85 -41.76 -6.45
CA TYR A 240 -15.29 -40.97 -5.37
C TYR A 240 -15.10 -39.52 -5.80
N MET A 241 -14.61 -39.31 -7.02
CA MET A 241 -14.35 -37.94 -7.48
C MET A 241 -15.63 -37.13 -7.63
N GLU A 242 -16.70 -37.75 -8.12
CA GLU A 242 -17.96 -37.03 -8.26
C GLU A 242 -18.51 -36.63 -6.90
N LYS A 243 -18.43 -37.54 -5.92
CA LYS A 243 -18.88 -37.20 -4.58
C LYS A 243 -18.02 -36.10 -3.97
N VAL A 244 -16.70 -36.16 -4.18
CA VAL A 244 -15.81 -35.15 -3.64
C VAL A 244 -16.12 -33.78 -4.24
N LEU A 245 -16.32 -33.72 -5.56
CA LEU A 245 -16.68 -32.47 -6.20
C LEU A 245 -18.07 -32.01 -5.78
N GLY A 246 -18.95 -32.94 -5.41
CA GLY A 246 -20.21 -32.55 -4.81
C GLY A 246 -20.02 -31.91 -3.45
N ARG A 247 -19.12 -32.46 -2.63
CA ARG A 247 -18.84 -31.88 -1.33
C ARG A 247 -18.18 -30.51 -1.47
N LEU A 248 -17.22 -30.39 -2.38
CA LEU A 248 -16.53 -29.11 -2.57
C LEU A 248 -17.48 -28.04 -3.09
N LYS A 249 -18.35 -28.39 -4.04
CA LYS A 249 -19.33 -27.43 -4.53
C LYS A 249 -20.29 -27.02 -3.42
N ASP A 250 -20.68 -27.96 -2.56
CA ASP A 250 -21.48 -27.61 -1.40
C ASP A 250 -20.66 -26.84 -0.37
N GLU A 251 -19.37 -27.17 -0.24
CA GLU A 251 -18.54 -26.46 0.73
C GLU A 251 -18.33 -25.01 0.34
N GLU A 252 -18.30 -24.71 -0.96
CA GLU A 252 -18.28 -23.32 -1.39
C GLU A 252 -19.59 -22.60 -1.10
N ILE A 253 -20.64 -23.34 -0.75
CA ILE A 253 -21.91 -22.75 -0.32
C ILE A 253 -22.07 -22.82 1.19
N ARG A 254 -21.69 -23.94 1.80
CA ARG A 254 -21.75 -24.08 3.26
C ARG A 254 -20.78 -23.16 3.97
N CYS A 255 -19.83 -22.55 3.26
CA CYS A 255 -18.98 -21.53 3.84
C CYS A 255 -19.30 -20.13 3.34
N ARG A 256 -20.05 -20.00 2.24
CA ARG A 256 -20.41 -18.69 1.74
C ARG A 256 -21.52 -18.07 2.57
N LYS A 257 -22.48 -18.88 3.02
CA LYS A 257 -23.62 -18.39 3.78
C LYS A 257 -23.41 -18.50 5.28
N TYR A 258 -22.21 -18.85 5.73
CA TYR A 258 -21.96 -18.93 7.16
C TYR A 258 -20.75 -18.13 7.61
N LEU A 259 -19.70 -18.07 6.81
CA LEU A 259 -18.41 -17.55 7.26
C LEU A 259 -18.12 -16.18 6.66
N HIS A 260 -17.03 -15.58 7.15
CA HIS A 260 -16.55 -14.33 6.61
C HIS A 260 -15.98 -14.55 5.21
N PRO A 261 -16.07 -13.55 4.33
CA PRO A 261 -15.50 -13.69 2.98
C PRO A 261 -14.02 -13.98 2.94
N SER A 262 -13.27 -13.62 3.99
CA SER A 262 -11.85 -13.95 4.03
C SER A 262 -11.61 -15.43 4.27
N SER A 263 -12.58 -16.13 4.85
CA SER A 263 -12.44 -17.55 5.16
C SER A 263 -12.82 -18.45 4.00
N TYR A 264 -13.23 -17.89 2.86
CA TYR A 264 -13.65 -18.71 1.74
C TYR A 264 -12.48 -19.54 1.20
N THR A 265 -11.34 -18.89 0.97
CA THR A 265 -10.22 -19.59 0.36
C THR A 265 -9.55 -20.56 1.34
N LYS A 266 -9.61 -20.29 2.64
CA LYS A 266 -8.96 -21.17 3.59
C LYS A 266 -9.74 -22.48 3.76
N VAL A 267 -11.07 -22.39 3.84
CA VAL A 267 -11.88 -23.58 4.03
C VAL A 267 -11.84 -24.47 2.79
N ILE A 268 -11.94 -23.87 1.60
CA ILE A 268 -11.89 -24.66 0.38
C ILE A 268 -10.52 -25.32 0.21
N HIS A 269 -9.45 -24.55 0.45
CA HIS A 269 -8.11 -25.12 0.33
C HIS A 269 -7.85 -26.19 1.38
N GLU A 270 -8.43 -26.04 2.56
CA GLU A 270 -8.20 -27.05 3.60
C GLU A 270 -9.02 -28.30 3.34
N CYS A 271 -10.24 -28.17 2.83
CA CYS A 271 -11.00 -29.37 2.48
C CYS A 271 -10.48 -30.03 1.23
N GLN A 272 -9.76 -29.30 0.36
CA GLN A 272 -9.04 -29.94 -0.72
C GLN A 272 -7.89 -30.77 -0.18
N GLN A 273 -7.03 -30.17 0.65
CA GLN A 273 -5.93 -30.95 1.19
C GLN A 273 -6.35 -31.69 2.44
N ARG A 274 -7.51 -32.34 2.38
CA ARG A 274 -7.94 -33.36 3.33
C ARG A 274 -8.69 -34.48 2.64
N MET A 275 -9.11 -34.32 1.39
CA MET A 275 -10.03 -35.22 0.74
C MET A 275 -9.55 -35.56 -0.67
N VAL A 276 -8.69 -34.73 -1.24
CA VAL A 276 -8.22 -34.96 -2.61
C VAL A 276 -6.71 -34.78 -2.67
N ALA A 277 -6.10 -34.34 -1.57
CA ALA A 277 -4.65 -34.27 -1.49
C ALA A 277 -4.08 -35.16 -0.39
N ASP A 278 -4.92 -35.75 0.46
CA ASP A 278 -4.49 -36.81 1.35
C ASP A 278 -4.72 -38.19 0.76
N HIS A 279 -5.25 -38.26 -0.47
CA HIS A 279 -5.52 -39.53 -1.13
C HIS A 279 -4.99 -39.53 -2.56
N LEU A 280 -3.89 -38.81 -2.80
CA LEU A 280 -3.28 -38.81 -4.11
C LEU A 280 -2.85 -40.21 -4.52
N GLN A 281 -2.40 -41.01 -3.55
CA GLN A 281 -2.06 -42.40 -3.83
C GLN A 281 -3.24 -43.15 -4.42
N PHE A 282 -4.46 -42.83 -3.98
CA PHE A 282 -5.64 -43.44 -4.59
C PHE A 282 -5.93 -42.83 -5.95
N LEU A 283 -5.65 -41.54 -6.13
CA LEU A 283 -6.01 -40.87 -7.38
C LEU A 283 -4.94 -41.01 -8.45
N HIS A 284 -3.67 -40.89 -8.08
CA HIS A 284 -2.60 -41.02 -9.06
C HIS A 284 -2.51 -42.45 -9.59
N ALA A 285 -2.71 -43.44 -8.72
CA ALA A 285 -2.69 -44.83 -9.17
C ALA A 285 -3.85 -45.12 -10.12
N GLU A 286 -5.03 -44.60 -9.81
CA GLU A 286 -6.20 -44.80 -10.66
C GLU A 286 -6.23 -43.85 -11.85
N CYS A 287 -5.30 -42.90 -11.93
CA CYS A 287 -5.21 -42.02 -13.08
C CYS A 287 -4.85 -42.77 -14.36
N HIS A 288 -4.08 -43.85 -14.24
CA HIS A 288 -3.69 -44.67 -15.36
C HIS A 288 -4.90 -45.24 -16.08
N ASN A 289 -5.79 -45.91 -15.34
CA ASN A 289 -6.97 -46.50 -15.95
C ASN A 289 -7.97 -45.46 -16.41
N ILE A 290 -7.97 -44.28 -15.78
CA ILE A 290 -8.87 -43.22 -16.23
C ILE A 290 -8.42 -42.66 -17.57
N ILE A 291 -7.12 -42.40 -17.74
CA ILE A 291 -6.65 -41.81 -18.98
C ILE A 291 -6.60 -42.84 -20.10
N ARG A 292 -6.07 -44.04 -19.84
CA ARG A 292 -5.88 -44.99 -20.95
C ARG A 292 -7.18 -45.62 -21.43
N GLN A 293 -8.36 -45.15 -21.03
CA GLN A 293 -9.61 -45.66 -21.58
C GLN A 293 -10.56 -44.54 -22.00
N GLU A 294 -10.07 -43.30 -22.07
CA GLU A 294 -10.83 -42.15 -22.58
C GLU A 294 -12.12 -41.95 -21.80
N LYS A 295 -12.07 -42.12 -20.48
CA LYS A 295 -13.23 -41.83 -19.65
C LYS A 295 -13.39 -40.32 -19.54
N LYS A 296 -14.08 -39.72 -20.51
CA LYS A 296 -14.11 -38.26 -20.61
C LYS A 296 -14.80 -37.62 -19.41
N ASN A 297 -15.90 -38.22 -18.95
CA ASN A 297 -16.57 -37.67 -17.77
C ASN A 297 -15.71 -37.81 -16.52
N ASP A 298 -14.97 -38.91 -16.39
CA ASP A 298 -14.09 -39.09 -15.25
C ASP A 298 -12.81 -38.29 -15.38
N MET A 299 -12.29 -38.14 -16.61
CA MET A 299 -11.05 -37.39 -16.81
C MET A 299 -11.23 -35.91 -16.49
N ALA A 300 -12.39 -35.35 -16.82
CA ALA A 300 -12.66 -33.97 -16.47
C ALA A 300 -12.71 -33.78 -14.96
N ASN A 301 -13.36 -34.71 -14.25
CA ASN A 301 -13.48 -34.59 -12.81
C ASN A 301 -12.13 -34.72 -12.12
N MET A 302 -11.28 -35.62 -12.61
CA MET A 302 -9.95 -35.76 -12.02
C MET A 302 -9.11 -34.52 -12.23
N TYR A 303 -9.22 -33.90 -13.41
CA TYR A 303 -8.41 -32.72 -13.70
C TYR A 303 -8.77 -31.55 -12.79
N VAL A 304 -10.05 -31.32 -12.57
CA VAL A 304 -10.47 -30.25 -11.65
C VAL A 304 -10.03 -30.57 -10.24
N LEU A 305 -10.06 -31.85 -9.87
CA LEU A 305 -9.63 -32.26 -8.54
C LEU A 305 -8.12 -32.12 -8.38
N LEU A 306 -7.35 -32.58 -9.37
CA LEU A 306 -5.90 -32.61 -9.25
C LEU A 306 -5.23 -31.28 -9.54
N ARG A 307 -5.94 -30.32 -10.15
CA ARG A 307 -5.33 -29.03 -10.42
C ARG A 307 -5.08 -28.26 -9.13
N ALA A 308 -6.04 -28.29 -8.20
CA ALA A 308 -5.90 -27.55 -6.95
C ALA A 308 -4.85 -28.16 -6.05
N VAL A 309 -4.66 -29.48 -6.11
CA VAL A 309 -3.61 -30.13 -5.33
C VAL A 309 -2.26 -29.67 -5.83
N SER A 310 -1.30 -29.53 -4.92
CA SER A 310 0.01 -28.98 -5.25
C SER A 310 0.75 -29.84 -6.28
N THR A 311 0.71 -31.16 -6.11
CA THR A 311 1.46 -32.06 -6.96
C THR A 311 0.54 -33.04 -7.71
N GLY A 312 -0.70 -32.64 -7.98
CA GLY A 312 -1.63 -33.50 -8.65
C GLY A 312 -1.36 -33.64 -10.14
N LEU A 313 -1.33 -32.53 -10.85
CA LEU A 313 -1.16 -32.56 -12.30
C LEU A 313 0.17 -33.16 -12.78
N PRO A 314 1.34 -32.83 -12.22
CA PRO A 314 2.60 -33.30 -12.83
C PRO A 314 2.72 -34.81 -12.99
N HIS A 315 1.85 -35.62 -12.38
CA HIS A 315 1.81 -37.03 -12.72
C HIS A 315 0.80 -37.30 -13.83
N MET A 316 -0.43 -36.80 -13.67
CA MET A 316 -1.49 -37.03 -14.64
C MET A 316 -1.06 -36.59 -16.03
N ILE A 317 -0.47 -35.39 -16.13
CA ILE A 317 0.13 -34.91 -17.37
C ILE A 317 0.98 -35.99 -18.00
N GLN A 318 1.96 -36.49 -17.21
CA GLN A 318 2.85 -37.53 -17.70
C GLN A 318 2.06 -38.72 -18.23
N GLU A 319 1.07 -39.17 -17.45
CA GLU A 319 0.27 -40.30 -17.88
C GLU A 319 -0.39 -40.02 -19.22
N LEU A 320 -1.01 -38.84 -19.36
CA LEU A 320 -1.64 -38.51 -20.61
C LEU A 320 -0.62 -38.53 -21.74
N GLN A 321 0.57 -37.97 -21.50
CA GLN A 321 1.60 -37.98 -22.52
C GLN A 321 1.93 -39.40 -22.92
N ASN A 322 2.09 -40.29 -21.94
CA ASN A 322 2.37 -41.68 -22.26
C ASN A 322 1.26 -42.27 -23.09
N HIS A 323 0.01 -41.94 -22.75
CA HIS A 323 -1.12 -42.43 -23.53
C HIS A 323 -0.99 -42.00 -24.98
N ILE A 324 -0.64 -40.74 -25.21
CA ILE A 324 -0.48 -40.27 -26.58
C ILE A 324 0.59 -41.09 -27.28
N HIS A 325 1.70 -41.34 -26.59
CA HIS A 325 2.74 -42.20 -27.13
C HIS A 325 2.18 -43.58 -27.43
N ASP A 326 1.45 -44.15 -26.48
CA ASP A 326 0.87 -45.47 -26.70
C ASP A 326 -0.33 -45.42 -27.62
N GLU A 327 -0.80 -44.22 -27.99
CA GLU A 327 -1.75 -44.09 -29.07
C GLU A 327 -1.08 -43.64 -30.37
N GLY A 328 0.16 -43.21 -30.31
CA GLY A 328 0.88 -42.87 -31.51
C GLY A 328 1.55 -44.08 -32.12
N LEU A 329 2.39 -44.75 -31.33
CA LEU A 329 3.09 -45.92 -31.81
C LEU A 329 2.16 -47.10 -32.08
N ARG A 330 0.93 -47.04 -31.57
CA ARG A 330 -0.08 -48.05 -31.87
C ARG A 330 -0.91 -47.68 -33.09
N ALA A 331 -0.62 -46.53 -33.71
CA ALA A 331 -1.35 -46.09 -34.90
C ALA A 331 -0.48 -45.98 -36.15
N THR A 332 0.85 -45.95 -36.02
CA THR A 332 1.73 -45.84 -37.16
C THR A 332 2.67 -47.02 -37.34
N SER A 333 2.87 -47.85 -36.31
CA SER A 333 3.81 -48.96 -36.44
C SER A 333 3.23 -50.08 -37.29
N ASN A 334 1.94 -50.39 -37.11
CA ASN A 334 1.29 -51.39 -37.93
C ASN A 334 1.14 -50.94 -39.38
N LEU A 335 1.22 -49.64 -39.63
CA LEU A 335 1.17 -49.11 -40.97
C LEU A 335 2.38 -49.59 -41.77
N THR A 336 2.13 -50.02 -43.00
CA THR A 336 3.20 -50.65 -43.80
C THR A 336 2.96 -50.41 -45.28
N GLN A 337 3.87 -49.67 -45.91
CA GLN A 337 4.00 -49.51 -47.36
C GLN A 337 2.69 -49.01 -47.97
N GLU A 338 2.43 -49.41 -49.21
CA GLU A 338 1.27 -48.99 -50.00
C GLU A 338 1.19 -47.47 -50.10
N ASN A 339 0.38 -46.86 -49.26
CA ASN A 339 0.23 -45.41 -49.18
C ASN A 339 0.95 -44.85 -47.96
N MET A 340 2.13 -45.39 -47.66
CA MET A 340 2.82 -45.10 -46.39
C MET A 340 2.99 -43.62 -46.07
N PRO A 341 3.39 -42.73 -46.99
CA PRO A 341 3.45 -41.31 -46.61
C PRO A 341 2.09 -40.72 -46.26
N THR A 342 1.11 -40.88 -47.15
CA THR A 342 -0.22 -40.32 -46.91
C THR A 342 -0.86 -40.95 -45.68
N LEU A 343 -0.74 -42.28 -45.56
CA LEU A 343 -1.33 -42.96 -44.41
C LEU A 343 -0.68 -42.52 -43.11
N PHE A 344 0.65 -42.36 -43.11
CA PHE A 344 1.36 -41.93 -41.90
C PHE A 344 0.93 -40.52 -41.50
N VAL A 345 0.89 -39.60 -42.47
CA VAL A 345 0.50 -38.23 -42.16
C VAL A 345 -0.93 -38.17 -41.65
N GLU A 346 -1.84 -38.92 -42.30
CA GLU A 346 -3.22 -38.93 -41.87
C GLU A 346 -3.36 -39.55 -40.48
N SER A 347 -2.59 -40.58 -40.17
CA SER A 347 -2.68 -41.21 -38.86
C SER A 347 -2.21 -40.28 -37.75
N VAL A 348 -1.05 -39.63 -37.96
CA VAL A 348 -0.55 -38.73 -36.93
C VAL A 348 -1.46 -37.51 -36.80
N LEU A 349 -1.99 -37.02 -37.92
CA LEU A 349 -2.91 -35.89 -37.86
C LEU A 349 -4.22 -36.28 -37.17
N GLU A 350 -4.69 -37.51 -37.37
CA GLU A 350 -5.89 -37.97 -36.67
C GLU A 350 -5.65 -38.09 -35.18
N VAL A 351 -4.47 -38.59 -34.79
CA VAL A 351 -4.13 -38.65 -33.37
C VAL A 351 -4.12 -37.25 -32.77
N HIS A 352 -3.49 -36.30 -33.47
CA HIS A 352 -3.45 -34.93 -33.00
C HIS A 352 -4.84 -34.32 -32.90
N GLY A 353 -5.67 -34.56 -33.90
CA GLY A 353 -7.02 -34.00 -33.89
C GLY A 353 -7.88 -34.57 -32.79
N LYS A 354 -7.79 -35.88 -32.56
CA LYS A 354 -8.54 -36.51 -31.49
C LYS A 354 -8.08 -36.00 -30.13
N PHE A 355 -6.77 -35.86 -29.93
CA PHE A 355 -6.25 -35.50 -28.63
C PHE A 355 -6.11 -34.00 -28.41
N VAL A 356 -6.50 -33.18 -29.40
CA VAL A 356 -6.65 -31.75 -29.16
C VAL A 356 -8.10 -31.39 -28.88
N GLN A 357 -9.06 -32.19 -29.34
CA GLN A 357 -10.45 -31.99 -28.95
C GLN A 357 -10.72 -32.49 -27.54
N LEU A 358 -10.06 -33.58 -27.16
CA LEU A 358 -10.17 -34.07 -25.79
C LEU A 358 -9.58 -33.09 -24.80
N ILE A 359 -8.41 -32.53 -25.11
CA ILE A 359 -7.75 -31.62 -24.18
C ILE A 359 -8.51 -30.30 -24.09
N ASN A 360 -8.98 -29.78 -25.22
CA ASN A 360 -9.66 -28.49 -25.21
C ASN A 360 -10.96 -28.54 -24.45
N THR A 361 -11.73 -29.62 -24.59
CA THR A 361 -13.05 -29.71 -23.96
C THR A 361 -12.96 -30.31 -22.56
N VAL A 362 -12.46 -31.55 -22.46
CA VAL A 362 -12.51 -32.27 -21.20
C VAL A 362 -11.54 -31.67 -20.19
N LEU A 363 -10.31 -31.38 -20.63
CA LEU A 363 -9.26 -30.94 -19.73
C LEU A 363 -9.05 -29.43 -19.78
N ASN A 364 -10.08 -28.67 -20.13
CA ASN A 364 -10.11 -27.21 -20.09
C ASN A 364 -9.06 -26.56 -20.99
N GLY A 365 -8.42 -27.32 -21.88
CA GLY A 365 -7.39 -26.78 -22.74
C GLY A 365 -6.17 -26.28 -21.99
N ASP A 366 -5.78 -26.98 -20.93
CA ASP A 366 -4.62 -26.57 -20.14
C ASP A 366 -3.35 -26.69 -20.99
N GLN A 367 -2.51 -25.66 -20.92
CA GLN A 367 -1.31 -25.63 -21.76
C GLN A 367 -0.28 -26.67 -21.34
N HIS A 368 -0.31 -27.12 -20.08
CA HIS A 368 0.57 -28.21 -19.67
C HIS A 368 0.22 -29.49 -20.42
N PHE A 369 -1.07 -29.79 -20.55
CA PHE A 369 -1.48 -30.99 -21.27
C PHE A 369 -1.22 -30.86 -22.77
N MET A 370 -1.37 -29.65 -23.33
CA MET A 370 -1.00 -29.46 -24.73
C MET A 370 0.50 -29.62 -24.94
N SER A 371 1.31 -29.16 -23.98
CA SER A 371 2.75 -29.41 -24.06
C SER A 371 3.07 -30.89 -23.98
N ALA A 372 2.35 -31.62 -23.12
CA ALA A 372 2.52 -33.07 -23.05
C ALA A 372 2.16 -33.73 -24.37
N LEU A 373 1.05 -33.29 -24.98
CA LEU A 373 0.65 -33.81 -26.29
C LEU A 373 1.72 -33.53 -27.34
N ASP A 374 2.28 -32.32 -27.32
CA ASP A 374 3.31 -31.96 -28.30
C ASP A 374 4.57 -32.79 -28.10
N LYS A 375 4.97 -33.01 -26.85
CA LYS A 375 6.16 -33.83 -26.58
C LYS A 375 5.94 -35.27 -27.03
N ALA A 376 4.76 -35.83 -26.74
CA ALA A 376 4.49 -37.20 -27.14
C ALA A 376 4.38 -37.33 -28.67
N LEU A 377 3.84 -36.31 -29.33
CA LEU A 377 3.76 -36.35 -30.78
C LEU A 377 5.15 -36.22 -31.40
N THR A 378 6.03 -35.42 -30.79
CA THR A 378 7.41 -35.38 -31.22
C THR A 378 8.06 -36.75 -31.05
N SER A 379 7.75 -37.43 -29.95
CA SER A 379 8.31 -38.76 -29.72
C SER A 379 7.83 -39.77 -30.76
N VAL A 380 6.54 -39.76 -31.09
CA VAL A 380 6.02 -40.76 -32.02
C VAL A 380 6.46 -40.45 -33.45
N VAL A 381 6.46 -39.16 -33.83
CA VAL A 381 6.84 -38.80 -35.20
C VAL A 381 8.28 -39.21 -35.46
N ASN A 382 9.17 -38.95 -34.52
CA ASN A 382 10.56 -39.35 -34.64
C ASN A 382 10.81 -40.72 -34.00
N TYR A 383 10.05 -41.72 -34.43
CA TYR A 383 10.23 -43.08 -33.94
C TYR A 383 11.45 -43.66 -34.63
N ARG A 384 12.62 -43.37 -34.07
CA ARG A 384 13.88 -43.85 -34.63
C ARG A 384 14.10 -45.30 -34.18
N GLU A 385 14.10 -46.21 -35.13
CA GLU A 385 14.36 -47.61 -34.83
C GLU A 385 15.80 -47.78 -34.39
N PRO A 386 16.09 -48.83 -33.60
CA PRO A 386 17.47 -49.06 -33.16
C PRO A 386 18.42 -49.25 -34.33
N LYS A 387 19.38 -48.34 -34.44
CA LYS A 387 20.38 -48.32 -35.51
C LYS A 387 19.71 -48.29 -36.89
N SER A 388 18.87 -47.27 -37.07
CA SER A 388 18.18 -47.09 -38.34
C SER A 388 17.90 -45.61 -38.55
N VAL A 389 17.67 -45.23 -39.80
CA VAL A 389 17.34 -43.87 -40.16
C VAL A 389 15.87 -43.63 -39.89
N CYS A 390 15.56 -42.48 -39.28
CA CYS A 390 14.17 -42.12 -39.00
C CYS A 390 13.38 -42.01 -40.31
N LYS A 391 12.19 -42.59 -40.33
CA LYS A 391 11.37 -42.59 -41.53
C LYS A 391 10.54 -41.33 -41.69
N ALA A 392 10.49 -40.47 -40.67
CA ALA A 392 9.63 -39.29 -40.73
C ALA A 392 10.00 -38.30 -41.82
N PRO A 393 11.26 -37.87 -41.99
CA PRO A 393 11.52 -36.84 -43.02
C PRO A 393 11.24 -37.30 -44.43
N GLU A 394 11.66 -38.51 -44.79
CA GLU A 394 11.41 -39.02 -46.13
C GLU A 394 9.91 -39.23 -46.35
N LEU A 395 9.21 -39.73 -45.34
CA LEU A 395 7.76 -39.93 -45.48
C LEU A 395 7.05 -38.61 -45.70
N LEU A 396 7.43 -37.57 -44.94
CA LEU A 396 6.77 -36.27 -45.12
C LEU A 396 7.14 -35.65 -46.46
N ALA A 397 8.38 -35.82 -46.92
CA ALA A 397 8.76 -35.30 -48.23
C ALA A 397 7.99 -36.00 -49.34
N LYS A 398 7.85 -37.32 -49.26
CA LYS A 398 7.08 -38.05 -50.26
C LYS A 398 5.60 -37.69 -50.18
N TYR A 399 5.08 -37.43 -48.98
CA TYR A 399 3.70 -36.96 -48.85
C TYR A 399 3.52 -35.61 -49.52
N CYS A 400 4.47 -34.70 -49.32
CA CYS A 400 4.41 -33.40 -49.98
C CYS A 400 4.44 -33.57 -51.50
N ASP A 401 5.31 -34.46 -51.98
CA ASP A 401 5.38 -34.69 -53.42
C ASP A 401 4.11 -35.33 -53.97
N ASN A 402 3.40 -36.10 -53.13
CA ASN A 402 2.25 -36.86 -53.62
C ASN A 402 1.12 -35.97 -54.09
N LEU A 403 0.69 -35.01 -53.27
CA LEU A 403 -0.43 -34.18 -53.64
C LEU A 403 -0.03 -32.91 -54.38
N LEU A 404 1.28 -32.65 -54.53
CA LEU A 404 1.73 -31.51 -55.31
C LEU A 404 2.00 -31.89 -56.76
N LYS A 405 2.53 -33.09 -56.99
CA LYS A 405 2.73 -33.59 -58.34
C LYS A 405 1.37 -33.86 -58.99
N LYS A 406 1.26 -33.51 -60.26
CA LYS A 406 -0.01 -33.64 -60.97
C LYS A 406 -0.40 -35.11 -61.12
N SER A 407 -1.67 -35.39 -60.85
CA SER A 407 -2.20 -36.74 -60.96
C SER A 407 -3.67 -36.65 -61.34
N ALA A 408 -4.19 -37.75 -61.88
CA ALA A 408 -5.57 -37.82 -62.34
C ALA A 408 -6.53 -38.30 -61.27
N LYS A 409 -6.06 -38.46 -60.03
CA LYS A 409 -6.93 -38.92 -58.95
C LYS A 409 -8.05 -37.94 -58.68
N GLY A 410 -7.76 -36.64 -58.70
CA GLY A 410 -8.78 -35.64 -58.46
C GLY A 410 -8.46 -34.70 -57.32
N MET A 411 -7.18 -34.55 -57.01
CA MET A 411 -6.73 -33.62 -55.98
C MET A 411 -6.86 -32.19 -56.51
N THR A 412 -7.98 -31.55 -56.23
CA THR A 412 -8.20 -30.19 -56.71
C THR A 412 -7.32 -29.21 -55.94
N GLU A 413 -7.23 -27.98 -56.47
CA GLU A 413 -6.35 -26.99 -55.89
C GLU A 413 -6.77 -26.62 -54.46
N ASN A 414 -8.07 -26.42 -54.24
CA ASN A 414 -8.53 -26.04 -52.91
C ASN A 414 -8.29 -27.14 -51.89
N GLU A 415 -8.53 -28.40 -52.28
CA GLU A 415 -8.29 -29.51 -51.37
C GLU A 415 -6.82 -29.61 -51.00
N VAL A 416 -5.92 -29.45 -51.96
CA VAL A 416 -4.50 -29.47 -51.68
C VAL A 416 -4.12 -28.31 -50.77
N GLU A 417 -4.69 -27.13 -51.01
CA GLU A 417 -4.37 -25.96 -50.20
C GLU A 417 -4.81 -26.15 -48.75
N ASP A 418 -5.99 -26.72 -48.53
CA ASP A 418 -6.42 -26.95 -47.15
C ASP A 418 -5.80 -28.21 -46.55
N ARG A 419 -5.19 -29.07 -47.38
CA ARG A 419 -4.54 -30.25 -46.85
C ARG A 419 -3.11 -29.94 -46.39
N LEU A 420 -2.42 -29.05 -47.10
CA LEU A 420 -1.04 -28.75 -46.73
C LEU A 420 -0.97 -27.95 -45.43
N THR A 421 -1.95 -27.07 -45.20
CA THR A 421 -2.01 -26.34 -43.94
C THR A 421 -2.18 -27.31 -42.76
N SER A 422 -3.03 -28.31 -42.91
CA SER A 422 -3.16 -29.33 -41.89
C SER A 422 -1.90 -30.19 -41.79
N PHE A 423 -1.21 -30.40 -42.92
CA PHE A 423 0.04 -31.15 -42.91
C PHE A 423 1.10 -30.45 -42.08
N ILE A 424 1.08 -29.11 -42.07
CA ILE A 424 2.09 -28.37 -41.30
C ILE A 424 2.06 -28.75 -39.83
N THR A 425 0.89 -29.17 -39.33
CA THR A 425 0.78 -29.54 -37.91
C THR A 425 1.60 -30.77 -37.57
N VAL A 426 1.84 -31.67 -38.53
CA VAL A 426 2.74 -32.79 -38.29
C VAL A 426 4.17 -32.47 -38.73
N PHE A 427 4.36 -31.47 -39.59
CA PHE A 427 5.70 -31.08 -39.98
C PHE A 427 6.48 -30.49 -38.81
N LYS A 428 5.82 -29.79 -37.90
CA LYS A 428 6.50 -29.11 -36.82
C LYS A 428 7.04 -30.04 -35.75
N TYR A 429 6.97 -31.36 -35.94
CA TYR A 429 7.45 -32.33 -34.98
C TYR A 429 8.66 -33.11 -35.49
N ILE A 430 9.23 -32.71 -36.64
CA ILE A 430 10.26 -33.52 -37.28
C ILE A 430 11.57 -33.46 -36.49
N ASP A 431 11.98 -32.27 -36.03
CA ASP A 431 13.11 -32.07 -35.12
C ASP A 431 14.46 -32.40 -35.74
N ASP A 432 14.49 -32.93 -36.96
CA ASP A 432 15.70 -33.03 -37.77
C ASP A 432 15.38 -32.57 -39.18
N LYS A 433 14.78 -31.38 -39.27
CA LYS A 433 14.19 -30.87 -40.48
C LYS A 433 15.19 -30.55 -41.58
N ASP A 434 16.50 -30.57 -41.29
CA ASP A 434 17.49 -30.40 -42.34
C ASP A 434 17.42 -31.54 -43.35
N VAL A 435 17.24 -32.77 -42.87
CA VAL A 435 17.12 -33.92 -43.76
C VAL A 435 15.83 -33.83 -44.56
N PHE A 436 14.74 -33.36 -43.94
CA PHE A 436 13.51 -33.14 -44.69
C PHE A 436 13.68 -32.07 -45.74
N GLN A 437 14.44 -31.02 -45.43
CA GLN A 437 14.70 -29.98 -46.42
C GLN A 437 15.48 -30.54 -47.59
N LYS A 438 16.47 -31.40 -47.31
CA LYS A 438 17.23 -32.03 -48.39
C LYS A 438 16.32 -32.89 -49.27
N PHE A 439 15.49 -33.73 -48.64
CA PHE A 439 14.61 -34.61 -49.41
C PHE A 439 13.59 -33.81 -50.22
N TYR A 440 13.01 -32.78 -49.61
CA TYR A 440 12.03 -31.96 -50.32
C TYR A 440 12.68 -31.14 -51.42
N ALA A 441 13.92 -30.71 -51.23
CA ALA A 441 14.64 -30.03 -52.31
C ALA A 441 14.87 -30.97 -53.48
N ARG A 442 15.26 -32.22 -53.20
CA ARG A 442 15.42 -33.19 -54.28
C ARG A 442 14.10 -33.44 -55.01
N MET A 443 13.02 -33.61 -54.25
CA MET A 443 11.71 -33.83 -54.87
C MET A 443 11.27 -32.63 -55.68
N LEU A 444 11.50 -31.41 -55.17
CA LEU A 444 11.12 -30.21 -55.89
C LEU A 444 11.94 -30.04 -57.17
N ALA A 445 13.24 -30.35 -57.12
CA ALA A 445 14.06 -30.27 -58.32
C ALA A 445 13.56 -31.25 -59.37
N LYS A 446 13.31 -32.51 -58.97
CA LYS A 446 12.83 -33.50 -59.94
C LYS A 446 11.43 -33.17 -60.43
N ARG A 447 10.63 -32.48 -59.61
CA ARG A 447 9.28 -32.09 -60.03
C ARG A 447 9.31 -30.90 -60.98
N LEU A 448 10.29 -30.02 -60.84
CA LEU A 448 10.33 -28.82 -61.66
C LEU A 448 11.05 -29.02 -62.99
N ILE A 449 12.16 -29.77 -63.00
CA ILE A 449 12.88 -29.96 -64.25
C ILE A 449 12.07 -30.83 -65.21
N HIS A 450 11.25 -31.75 -64.70
CA HIS A 450 10.43 -32.61 -65.54
C HIS A 450 9.04 -32.07 -65.76
N GLY A 451 8.70 -30.92 -65.18
CA GLY A 451 7.37 -30.35 -65.35
C GLY A 451 6.26 -31.18 -64.76
N LEU A 452 6.53 -31.84 -63.64
CA LEU A 452 5.54 -32.71 -63.00
C LEU A 452 4.62 -31.97 -62.04
N SER A 453 4.88 -30.69 -61.77
CA SER A 453 4.09 -29.96 -60.79
C SER A 453 2.67 -29.72 -61.30
N MET A 454 1.70 -29.87 -60.39
CA MET A 454 0.30 -29.62 -60.75
C MET A 454 0.08 -28.16 -61.10
N SER A 455 0.61 -27.26 -60.28
CA SER A 455 0.49 -25.82 -60.53
C SER A 455 1.59 -25.11 -59.77
N MET A 456 2.16 -24.07 -60.40
CA MET A 456 3.22 -23.31 -59.73
C MET A 456 2.69 -22.54 -58.53
N ASP A 457 1.41 -22.19 -58.54
CA ASP A 457 0.82 -21.53 -57.38
C ASP A 457 0.83 -22.45 -56.17
N SER A 458 0.53 -23.74 -56.37
CA SER A 458 0.60 -24.70 -55.27
C SER A 458 2.03 -24.84 -54.75
N GLU A 459 3.00 -24.86 -55.65
CA GLU A 459 4.40 -24.97 -55.24
C GLU A 459 4.83 -23.75 -54.43
N GLU A 460 4.44 -22.55 -54.86
CA GLU A 460 4.81 -21.36 -54.10
C GLU A 460 4.06 -21.28 -52.78
N ALA A 461 2.83 -21.79 -52.73
CA ALA A 461 2.11 -21.85 -51.46
C ALA A 461 2.78 -22.80 -50.49
N MET A 462 3.25 -23.95 -51.00
CA MET A 462 3.94 -24.91 -50.15
C MET A 462 5.26 -24.36 -49.64
N ILE A 463 6.03 -23.72 -50.53
CA ILE A 463 7.31 -23.15 -50.11
C ILE A 463 7.08 -22.01 -49.12
N ASN A 464 6.02 -21.23 -49.31
CA ASN A 464 5.72 -20.15 -48.39
C ASN A 464 5.33 -20.67 -47.01
N LYS A 465 4.64 -21.81 -46.96
CA LYS A 465 4.20 -22.35 -45.67
C LYS A 465 5.38 -22.76 -44.80
N LEU A 466 6.39 -23.39 -45.39
CA LEU A 466 7.58 -23.74 -44.62
C LEU A 466 8.36 -22.51 -44.19
N LYS A 467 8.32 -21.43 -44.98
CA LYS A 467 8.97 -20.19 -44.57
C LYS A 467 8.33 -19.63 -43.31
N GLN A 468 7.00 -19.68 -43.22
CA GLN A 468 6.31 -19.25 -42.02
C GLN A 468 6.47 -20.23 -40.86
N ALA A 469 6.98 -21.43 -41.12
CA ALA A 469 7.14 -22.44 -40.08
C ALA A 469 8.57 -22.69 -39.67
N CYS A 470 9.56 -22.32 -40.50
CA CYS A 470 10.95 -22.60 -40.17
C CYS A 470 11.90 -21.46 -40.52
N GLY A 471 11.40 -20.23 -40.58
CA GLY A 471 12.23 -19.09 -40.90
C GLY A 471 12.56 -19.03 -42.38
N TYR A 472 13.24 -17.94 -42.76
CA TYR A 472 13.56 -17.75 -44.17
C TYR A 472 14.68 -18.68 -44.62
N GLU A 473 15.71 -18.86 -43.78
CA GLU A 473 16.89 -19.62 -44.21
C GLU A 473 16.57 -21.07 -44.52
N PHE A 474 15.46 -21.59 -44.01
CA PHE A 474 15.03 -22.93 -44.39
C PHE A 474 14.62 -22.98 -45.85
N THR A 475 13.75 -22.06 -46.27
CA THR A 475 13.29 -22.01 -47.65
C THR A 475 14.03 -20.93 -48.43
N SER A 476 15.34 -21.11 -48.56
CA SER A 476 16.13 -20.28 -49.46
C SER A 476 16.35 -20.97 -50.79
N LYS A 477 16.85 -22.22 -50.74
CA LYS A 477 17.02 -23.00 -51.97
C LYS A 477 15.67 -23.31 -52.60
N LEU A 478 14.67 -23.62 -51.78
CA LEU A 478 13.36 -23.99 -52.31
C LEU A 478 12.70 -22.82 -53.02
N HIS A 479 12.81 -21.61 -52.47
CA HIS A 479 12.19 -20.46 -53.11
C HIS A 479 12.96 -20.02 -54.34
N ARG A 480 14.28 -20.14 -54.32
CA ARG A 480 15.08 -19.77 -55.48
C ARG A 480 14.82 -20.72 -56.65
N MET A 481 14.62 -22.01 -56.36
CA MET A 481 14.26 -22.95 -57.41
C MET A 481 12.93 -22.57 -58.05
N TYR A 482 11.94 -22.21 -57.23
CA TYR A 482 10.65 -21.83 -57.76
C TYR A 482 10.74 -20.55 -58.59
N THR A 483 11.51 -19.56 -58.11
CA THR A 483 11.66 -18.33 -58.89
C THR A 483 12.37 -18.59 -60.21
N ASP A 484 13.39 -19.45 -60.19
CA ASP A 484 14.08 -19.79 -61.43
C ASP A 484 13.15 -20.48 -62.42
N MET A 485 12.34 -21.42 -61.93
CA MET A 485 11.42 -22.11 -62.82
C MET A 485 10.31 -21.19 -63.33
N SER A 486 9.95 -20.18 -62.54
CA SER A 486 8.94 -19.23 -63.01
C SER A 486 9.52 -18.24 -64.01
N VAL A 487 10.79 -17.85 -63.85
CA VAL A 487 11.40 -16.84 -64.72
C VAL A 487 12.08 -17.46 -65.93
N SER A 488 12.19 -18.78 -66.00
CA SER A 488 12.82 -19.42 -67.16
C SER A 488 12.05 -19.15 -68.45
N ALA A 489 10.71 -19.10 -68.37
CA ALA A 489 9.94 -18.78 -69.57
C ALA A 489 10.22 -17.36 -70.07
N ASP A 490 10.29 -16.41 -69.14
CA ASP A 490 10.63 -15.04 -69.52
C ASP A 490 12.04 -14.95 -70.08
N LEU A 491 12.97 -15.72 -69.51
CA LEU A 491 14.34 -15.71 -70.02
C LEU A 491 14.41 -16.32 -71.42
N ASN A 492 13.62 -17.37 -71.67
CA ASN A 492 13.56 -17.95 -73.00
C ASN A 492 12.97 -16.96 -74.00
N ASN A 493 11.94 -16.20 -73.58
CA ASN A 493 11.41 -15.16 -74.44
C ASN A 493 12.47 -14.09 -74.72
N LYS A 494 13.27 -13.75 -73.70
CA LYS A 494 14.35 -12.79 -73.90
C LYS A 494 15.38 -13.32 -74.88
N PHE A 495 15.70 -14.61 -74.79
CA PHE A 495 16.66 -15.21 -75.73
C PHE A 495 16.10 -15.21 -77.15
N ASN A 496 14.81 -15.49 -77.30
CA ASN A 496 14.19 -15.41 -78.62
C ASN A 496 14.25 -13.98 -79.16
N ASN A 497 13.98 -12.99 -78.31
CA ASN A 497 14.07 -11.61 -78.73
C ASN A 497 15.50 -11.24 -79.14
N PHE A 498 16.49 -11.75 -78.40
CA PHE A 498 17.88 -11.47 -78.74
C PHE A 498 18.26 -12.09 -80.08
N ILE A 499 17.90 -13.35 -80.29
CA ILE A 499 18.25 -14.01 -81.55
C ILE A 499 17.48 -13.42 -82.73
N LYS A 500 16.33 -12.79 -82.46
CA LYS A 500 15.65 -12.02 -83.49
C LYS A 500 16.35 -10.68 -83.73
N ASN A 501 16.90 -10.09 -82.67
CA ASN A 501 17.53 -8.78 -82.75
C ASN A 501 18.95 -8.83 -83.31
N GLN A 502 19.55 -10.00 -83.41
CA GLN A 502 20.81 -10.12 -84.13
C GLN A 502 20.61 -9.74 -85.59
N ASP A 503 21.50 -8.90 -86.12
CA ASP A 503 21.37 -8.44 -87.50
C ASP A 503 21.66 -9.57 -88.48
N THR A 504 22.74 -10.31 -88.27
CA THR A 504 23.06 -11.43 -89.14
C THR A 504 22.12 -12.59 -88.88
N VAL A 505 21.70 -13.26 -89.95
CA VAL A 505 20.74 -14.35 -89.85
C VAL A 505 21.44 -15.59 -89.31
N ILE A 506 21.27 -15.86 -88.02
CA ILE A 506 21.87 -17.01 -87.37
C ILE A 506 20.71 -17.84 -86.84
N ASP A 507 19.61 -17.86 -87.59
CA ASP A 507 18.45 -18.67 -87.24
C ASP A 507 18.85 -20.13 -87.07
N LEU A 508 18.66 -20.64 -85.84
CA LEU A 508 19.18 -21.96 -85.50
C LEU A 508 18.49 -23.07 -86.26
N GLY A 509 17.19 -22.95 -86.51
CA GLY A 509 16.41 -24.05 -87.02
C GLY A 509 16.01 -25.07 -85.97
N ILE A 510 16.42 -24.86 -84.72
CA ILE A 510 16.10 -25.74 -83.61
C ILE A 510 15.31 -24.93 -82.61
N SER A 511 14.15 -25.44 -82.20
CA SER A 511 13.34 -24.75 -81.21
C SER A 511 14.01 -24.91 -79.84
N PHE A 512 14.96 -24.04 -79.54
CA PHE A 512 15.81 -24.16 -78.36
C PHE A 512 15.24 -23.32 -77.23
N GLN A 513 14.85 -23.99 -76.14
CA GLN A 513 14.44 -23.33 -74.91
C GLN A 513 15.36 -23.79 -73.79
N ILE A 514 15.65 -22.89 -72.85
CA ILE A 514 16.61 -23.18 -71.79
C ILE A 514 15.90 -23.09 -70.44
N TYR A 515 16.39 -23.88 -69.50
CA TYR A 515 15.94 -23.85 -68.11
C TYR A 515 17.14 -23.35 -67.30
N VAL A 516 17.19 -22.04 -67.09
CA VAL A 516 18.29 -21.42 -66.36
C VAL A 516 18.06 -21.61 -64.87
N LEU A 517 19.02 -22.24 -64.19
CA LEU A 517 18.89 -22.61 -62.79
C LEU A 517 20.10 -22.10 -62.02
N GLN A 518 19.87 -21.67 -60.78
CA GLN A 518 20.97 -21.26 -59.92
C GLN A 518 21.78 -22.47 -59.48
N ALA A 519 23.08 -22.26 -59.31
CA ALA A 519 23.99 -23.34 -58.96
C ALA A 519 24.12 -23.56 -57.47
N GLY A 520 23.56 -22.69 -56.64
CA GLY A 520 23.66 -22.86 -55.20
C GLY A 520 22.36 -23.33 -54.57
N ALA A 521 21.26 -23.25 -55.32
CA ALA A 521 19.95 -23.61 -54.82
C ALA A 521 19.50 -24.99 -55.27
N TRP A 522 19.82 -25.38 -56.49
CA TRP A 522 19.32 -26.63 -57.03
C TRP A 522 20.17 -27.79 -56.53
N PRO A 523 19.59 -28.78 -55.85
CA PRO A 523 20.40 -29.88 -55.31
C PRO A 523 20.87 -30.87 -56.36
N LEU A 524 20.44 -30.72 -57.60
CA LEU A 524 20.84 -31.60 -58.70
C LEU A 524 22.22 -31.28 -59.23
N THR A 525 23.02 -30.51 -58.50
CA THR A 525 24.36 -30.16 -58.94
C THR A 525 25.24 -31.40 -59.00
N GLN A 526 25.49 -31.90 -60.20
CA GLN A 526 26.33 -33.07 -60.41
C GLN A 526 27.60 -32.64 -61.12
N ALA A 527 28.69 -33.35 -60.84
CA ALA A 527 29.99 -33.03 -61.40
C ALA A 527 29.97 -33.21 -62.91
N PRO A 528 30.33 -32.21 -63.70
CA PRO A 528 30.42 -32.39 -65.15
C PRO A 528 31.75 -33.02 -65.56
N SER A 529 32.46 -33.62 -64.59
CA SER A 529 33.74 -34.25 -64.86
C SER A 529 33.64 -35.35 -65.90
N SER A 530 32.48 -35.97 -66.06
CA SER A 530 32.26 -36.89 -67.17
C SER A 530 32.20 -36.08 -68.46
N THR A 531 33.29 -36.08 -69.21
CA THR A 531 33.38 -35.27 -70.43
C THR A 531 32.36 -35.74 -71.46
N PHE A 532 31.74 -34.79 -72.13
CA PHE A 532 30.66 -35.09 -73.08
C PHE A 532 30.56 -33.94 -74.07
N ALA A 533 30.85 -34.21 -75.33
CA ALA A 533 30.79 -33.18 -76.35
C ALA A 533 29.34 -32.95 -76.79
N ILE A 534 29.16 -32.04 -77.74
CA ILE A 534 27.83 -31.67 -78.20
C ILE A 534 27.78 -31.72 -79.72
N PRO A 535 26.63 -32.03 -80.33
CA PRO A 535 26.52 -31.99 -81.78
C PRO A 535 26.54 -30.56 -82.31
N GLN A 536 26.92 -30.45 -83.59
CA GLN A 536 27.10 -29.12 -84.19
C GLN A 536 25.78 -28.34 -84.24
N GLU A 537 24.68 -29.02 -84.59
CA GLU A 537 23.39 -28.35 -84.66
C GLU A 537 22.95 -27.83 -83.30
N LEU A 538 23.43 -28.43 -82.21
CA LEU A 538 23.22 -27.89 -80.88
C LEU A 538 24.42 -27.10 -80.37
N GLU A 539 25.60 -27.31 -80.95
CA GLU A 539 26.74 -26.46 -80.63
C GLU A 539 26.50 -25.02 -81.04
N LYS A 540 25.81 -24.81 -82.17
CA LYS A 540 25.46 -23.46 -82.57
C LYS A 540 24.52 -22.80 -81.56
N SER A 541 23.54 -23.56 -81.06
CA SER A 541 22.65 -23.03 -80.03
C SER A 541 23.41 -22.72 -78.75
N VAL A 542 24.37 -23.59 -78.39
CA VAL A 542 25.20 -23.35 -77.21
C VAL A 542 25.98 -22.06 -77.37
N GLN A 543 26.59 -21.85 -78.54
CA GLN A 543 27.35 -20.63 -78.79
C GLN A 543 26.47 -19.39 -78.75
N MET A 544 25.27 -19.47 -79.35
CA MET A 544 24.37 -18.33 -79.35
C MET A 544 23.92 -17.98 -77.94
N PHE A 545 23.57 -18.99 -77.15
CA PHE A 545 23.13 -18.70 -75.78
C PHE A 545 24.27 -18.21 -74.92
N GLU A 546 25.48 -18.73 -75.12
CA GLU A 546 26.63 -18.22 -74.37
C GLU A 546 26.90 -16.77 -74.70
N LEU A 547 26.83 -16.41 -75.99
CA LEU A 547 27.01 -15.02 -76.39
C LEU A 547 25.94 -14.14 -75.76
N PHE A 548 24.68 -14.58 -75.81
CA PHE A 548 23.59 -13.81 -75.21
C PHE A 548 23.79 -13.62 -73.71
N TYR A 549 24.20 -14.70 -73.03
CA TYR A 549 24.23 -14.68 -71.57
C TYR A 549 25.42 -13.89 -71.07
N SER A 550 26.53 -13.90 -71.81
CA SER A 550 27.66 -13.03 -71.48
C SER A 550 27.39 -11.59 -71.88
N GLN A 551 26.55 -11.36 -72.89
CA GLN A 551 26.22 -9.99 -73.28
C GLN A 551 25.29 -9.34 -72.27
N HIS A 552 24.31 -10.08 -71.77
CA HIS A 552 23.31 -9.49 -70.87
C HIS A 552 23.70 -9.64 -69.41
N PHE A 553 23.82 -10.88 -68.92
CA PHE A 553 24.10 -11.15 -67.51
C PHE A 553 25.58 -11.46 -67.36
N SER A 554 26.39 -10.41 -67.41
CA SER A 554 27.83 -10.58 -67.27
C SER A 554 28.19 -10.90 -65.83
N GLY A 555 29.33 -11.56 -65.65
CA GLY A 555 29.80 -11.95 -64.34
C GLY A 555 29.29 -13.28 -63.83
N ARG A 556 28.40 -13.93 -64.58
CA ARG A 556 27.83 -15.22 -64.20
C ARG A 556 28.44 -16.29 -65.08
N LYS A 557 28.98 -17.34 -64.46
CA LYS A 557 29.63 -18.43 -65.19
C LYS A 557 28.65 -19.57 -65.36
N LEU A 558 28.29 -19.86 -66.61
CA LEU A 558 27.43 -21.00 -66.90
C LEU A 558 28.22 -22.30 -66.79
N THR A 559 27.64 -23.28 -66.11
CA THR A 559 28.18 -24.63 -66.06
C THR A 559 27.18 -25.54 -66.77
N TRP A 560 27.47 -25.88 -68.02
CA TRP A 560 26.57 -26.73 -68.78
C TRP A 560 26.58 -28.15 -68.21
N LEU A 561 25.40 -28.65 -67.91
CA LEU A 561 25.20 -30.04 -67.52
C LEU A 561 24.31 -30.70 -68.57
N HIS A 562 24.70 -31.88 -69.02
CA HIS A 562 24.07 -32.49 -70.18
C HIS A 562 23.34 -33.80 -69.89
N TYR A 563 23.55 -34.39 -68.71
CA TYR A 563 22.85 -35.62 -68.37
C TYR A 563 21.36 -35.39 -68.15
N LEU A 564 20.93 -34.14 -67.98
CA LEU A 564 19.59 -33.81 -67.52
C LEU A 564 18.73 -33.16 -68.60
N CYS A 565 19.28 -32.94 -69.79
CA CYS A 565 18.56 -32.25 -70.85
C CYS A 565 18.05 -33.23 -71.88
N THR A 566 16.89 -32.91 -72.45
CA THR A 566 16.23 -33.73 -73.45
C THR A 566 16.14 -32.99 -74.78
N GLY A 567 15.48 -33.61 -75.74
CA GLY A 567 15.27 -33.02 -77.05
C GLY A 567 14.45 -33.93 -77.95
N GLU A 568 13.74 -33.34 -78.90
CA GLU A 568 12.87 -34.08 -79.80
C GLU A 568 13.53 -34.18 -81.18
N VAL A 569 13.57 -35.40 -81.72
CA VAL A 569 14.20 -35.69 -83.00
C VAL A 569 13.21 -36.46 -83.86
N LYS A 570 13.13 -36.08 -85.13
CA LYS A 570 12.34 -36.80 -86.12
C LYS A 570 13.30 -37.63 -86.97
N MET A 571 13.12 -38.94 -86.95
CA MET A 571 13.98 -39.85 -87.71
C MET A 571 13.45 -39.96 -89.14
N ASN A 572 14.17 -39.36 -90.08
CA ASN A 572 13.76 -39.40 -91.48
C ASN A 572 14.26 -40.64 -92.21
N TYR A 573 15.09 -41.45 -91.57
CA TYR A 573 15.62 -42.67 -92.19
C TYR A 573 14.63 -43.83 -92.14
N LEU A 574 13.57 -43.70 -91.34
CA LEU A 574 12.58 -44.76 -91.18
C LEU A 574 11.24 -44.38 -91.81
N GLY A 575 11.26 -43.54 -92.84
CA GLY A 575 10.03 -43.05 -93.43
C GLY A 575 9.35 -41.97 -92.62
N LYS A 576 10.08 -41.31 -91.72
CA LYS A 576 9.55 -40.29 -90.83
C LYS A 576 8.33 -40.74 -90.02
N PRO A 577 8.47 -41.80 -89.20
CA PRO A 577 7.35 -42.16 -88.31
C PRO A 577 7.38 -41.39 -87.01
N TYR A 578 6.42 -40.49 -86.82
CA TYR A 578 6.21 -39.72 -85.59
C TYR A 578 7.48 -38.95 -85.22
N VAL A 579 7.68 -38.70 -83.93
CA VAL A 579 8.84 -37.97 -83.43
C VAL A 579 9.16 -38.52 -82.03
N ALA A 580 10.45 -38.63 -81.73
CA ALA A 580 10.90 -39.24 -80.49
C ALA A 580 11.59 -38.20 -79.61
N MET A 581 11.19 -38.11 -78.35
CA MET A 581 11.88 -37.25 -77.40
C MET A 581 12.80 -38.09 -76.52
N VAL A 582 14.08 -37.73 -76.50
CA VAL A 582 15.12 -38.49 -75.83
C VAL A 582 16.11 -37.53 -75.17
N THR A 583 16.85 -38.05 -74.20
CA THR A 583 17.85 -37.23 -73.52
C THR A 583 19.07 -37.00 -74.43
N THR A 584 19.71 -35.85 -74.25
CA THR A 584 20.86 -35.48 -75.07
C THR A 584 22.05 -36.40 -74.78
N TYR A 585 22.15 -36.90 -73.55
CA TYR A 585 23.29 -37.71 -73.12
C TYR A 585 23.51 -38.91 -74.03
N GLN A 586 22.44 -39.43 -74.63
CA GLN A 586 22.56 -40.43 -75.69
C GLN A 586 21.97 -39.97 -77.02
N MET A 587 21.37 -38.78 -77.08
CA MET A 587 21.03 -38.21 -78.38
C MET A 587 22.29 -37.89 -79.17
N ALA A 588 23.38 -37.50 -78.49
CA ALA A 588 24.65 -37.32 -79.18
C ALA A 588 25.14 -38.64 -79.76
N VAL A 589 24.99 -39.73 -79.00
CA VAL A 589 25.36 -41.05 -79.50
C VAL A 589 24.49 -41.43 -80.70
N LEU A 590 23.20 -41.13 -80.63
CA LEU A 590 22.30 -41.43 -81.74
C LEU A 590 22.67 -40.63 -82.99
N LEU A 591 23.09 -39.37 -82.81
CA LEU A 591 23.54 -38.58 -83.95
C LEU A 591 24.84 -39.13 -84.53
N ALA A 592 25.77 -39.55 -83.66
CA ALA A 592 27.00 -40.17 -84.15
C ALA A 592 26.71 -41.45 -84.92
N PHE A 593 25.69 -42.19 -84.50
CA PHE A 593 25.19 -43.30 -85.31
C PHE A 593 24.58 -42.81 -86.62
N ASN A 594 23.86 -41.68 -86.57
CA ASN A 594 23.23 -41.13 -87.76
C ASN A 594 24.25 -40.69 -88.80
N ASN A 595 25.49 -40.47 -88.38
CA ASN A 595 26.56 -40.15 -89.34
C ASN A 595 26.71 -41.25 -90.39
N SER A 596 26.69 -42.52 -89.97
CA SER A 596 26.77 -43.64 -90.89
C SER A 596 25.96 -44.80 -90.34
N GLU A 597 25.10 -45.38 -91.18
CA GLU A 597 24.11 -46.35 -90.71
C GLU A 597 24.74 -47.59 -90.08
N THR A 598 26.01 -47.88 -90.37
CA THR A 598 26.73 -48.98 -89.73
C THR A 598 27.83 -48.39 -88.86
N VAL A 599 27.81 -48.73 -87.58
CA VAL A 599 28.74 -48.19 -86.59
C VAL A 599 29.24 -49.31 -85.69
N SER A 600 30.08 -48.94 -84.73
CA SER A 600 30.60 -49.85 -83.72
C SER A 600 30.82 -49.06 -82.44
N TYR A 601 31.02 -49.79 -81.33
CA TYR A 601 31.19 -49.14 -80.03
C TYR A 601 32.46 -48.29 -80.01
N LYS A 602 33.55 -48.80 -80.57
CA LYS A 602 34.78 -48.02 -80.63
C LYS A 602 34.66 -46.86 -81.60
N GLU A 603 33.77 -46.97 -82.59
CA GLU A 603 33.55 -45.87 -83.52
C GLU A 603 32.81 -44.71 -82.87
N LEU A 604 32.11 -44.94 -81.76
CA LEU A 604 31.33 -43.92 -81.09
C LEU A 604 31.83 -43.58 -79.70
N GLN A 605 32.83 -44.31 -79.19
CA GLN A 605 33.42 -43.94 -77.90
C GLN A 605 34.08 -42.57 -77.97
N ASP A 606 34.79 -42.30 -79.06
CA ASP A 606 35.48 -41.02 -79.24
C ASP A 606 34.62 -39.96 -79.90
N SER A 607 33.41 -40.32 -80.37
CA SER A 607 32.54 -39.33 -81.00
C SER A 607 32.02 -38.31 -79.99
N THR A 608 31.68 -38.76 -78.78
CA THR A 608 31.19 -37.86 -77.73
C THR A 608 32.17 -37.70 -76.58
N GLN A 609 33.30 -38.41 -76.60
CA GLN A 609 34.32 -38.36 -75.54
C GLN A 609 33.72 -38.72 -74.17
N MET A 610 32.73 -39.61 -74.16
CA MET A 610 32.02 -39.98 -72.96
C MET A 610 32.69 -41.18 -72.30
N ASN A 611 32.64 -41.21 -70.97
CA ASN A 611 33.19 -42.34 -70.22
C ASN A 611 32.38 -43.60 -70.51
N GLU A 612 33.09 -44.73 -70.58
CA GLU A 612 32.44 -45.98 -70.98
C GLU A 612 31.43 -46.46 -69.94
N LYS A 613 31.62 -46.10 -68.66
CA LYS A 613 30.72 -46.56 -67.61
C LYS A 613 29.29 -46.04 -67.82
N GLU A 614 29.15 -44.79 -68.26
CA GLU A 614 27.85 -44.27 -68.64
C GLU A 614 27.54 -44.48 -70.12
N LEU A 615 28.56 -44.69 -70.95
CA LEU A 615 28.33 -44.97 -72.36
C LEU A 615 27.58 -46.29 -72.54
N THR A 616 27.93 -47.31 -71.76
CA THR A 616 27.21 -48.57 -71.84
C THR A 616 25.77 -48.42 -71.36
N LYS A 617 25.53 -47.56 -70.37
CA LYS A 617 24.16 -47.29 -69.95
C LYS A 617 23.37 -46.60 -71.06
N THR A 618 23.99 -45.65 -71.76
CA THR A 618 23.33 -44.99 -72.88
C THR A 618 23.03 -45.99 -74.00
N ILE A 619 23.98 -46.89 -74.28
CA ILE A 619 23.75 -47.91 -75.31
C ILE A 619 22.62 -48.85 -74.90
N LYS A 620 22.56 -49.21 -73.63
CA LYS A 620 21.45 -50.03 -73.15
C LYS A 620 20.11 -49.32 -73.29
N SER A 621 20.08 -48.02 -72.96
CA SER A 621 18.85 -47.24 -73.11
C SER A 621 18.46 -47.08 -74.56
N LEU A 622 19.44 -47.11 -75.48
CA LEU A 622 19.11 -47.11 -76.90
C LEU A 622 18.58 -48.46 -77.36
N LEU A 623 19.18 -49.55 -76.87
CA LEU A 623 18.86 -50.89 -77.36
C LEU A 623 17.51 -51.39 -76.84
N ASP A 624 17.20 -51.12 -75.56
CA ASP A 624 16.05 -51.77 -74.94
C ASP A 624 14.71 -51.26 -75.47
N VAL A 625 14.70 -50.19 -76.26
CA VAL A 625 13.46 -49.62 -76.76
C VAL A 625 13.26 -49.93 -78.24
N LYS A 626 14.15 -50.74 -78.83
CA LYS A 626 14.08 -51.25 -80.19
C LYS A 626 14.24 -50.18 -81.26
N MET A 627 14.54 -48.94 -80.88
CA MET A 627 14.88 -47.93 -81.89
C MET A 627 16.17 -48.28 -82.61
N ILE A 628 17.16 -48.77 -81.88
CA ILE A 628 18.41 -49.25 -82.43
C ILE A 628 18.47 -50.76 -82.21
N ASN A 629 19.34 -51.43 -82.95
CA ASN A 629 19.56 -52.85 -82.72
C ASN A 629 21.04 -53.16 -82.72
N HIS A 630 21.40 -54.25 -82.03
CA HIS A 630 22.79 -54.67 -81.94
C HIS A 630 23.15 -55.43 -83.21
N ASP A 631 23.98 -54.82 -84.06
CA ASP A 631 24.40 -55.48 -85.29
C ASP A 631 25.25 -56.71 -84.98
N SER A 632 26.11 -56.63 -83.97
CA SER A 632 26.88 -57.80 -83.55
C SER A 632 25.99 -58.77 -82.80
N GLU A 633 26.35 -60.06 -82.88
CA GLU A 633 25.56 -61.09 -82.22
C GLU A 633 25.60 -60.95 -80.71
N LYS A 634 26.76 -60.64 -80.15
CA LYS A 634 26.91 -60.50 -78.70
C LYS A 634 26.23 -59.22 -78.24
N GLU A 635 25.06 -59.36 -77.61
CA GLU A 635 24.33 -58.21 -77.12
C GLU A 635 25.04 -57.54 -75.93
N ASP A 636 25.91 -58.26 -75.24
CA ASP A 636 26.71 -57.66 -74.18
C ASP A 636 27.72 -56.68 -74.77
N ILE A 637 28.07 -55.67 -73.98
CA ILE A 637 28.98 -54.64 -74.46
C ILE A 637 30.38 -55.22 -74.63
N ASP A 638 31.10 -54.69 -75.63
CA ASP A 638 32.44 -55.16 -75.95
C ASP A 638 33.18 -54.05 -76.68
N ALA A 639 34.39 -54.36 -77.15
CA ALA A 639 35.19 -53.35 -77.85
C ALA A 639 34.56 -52.98 -79.19
N GLU A 640 34.16 -53.98 -79.97
CA GLU A 640 33.58 -53.69 -81.29
C GLU A 640 32.10 -53.32 -81.17
N SER A 641 31.27 -54.28 -80.75
CA SER A 641 29.85 -54.08 -80.43
C SER A 641 29.13 -53.25 -81.50
N SER A 642 29.04 -53.82 -82.70
CA SER A 642 28.43 -53.10 -83.81
C SER A 642 26.94 -52.89 -83.58
N PHE A 643 26.44 -51.74 -84.03
CA PHE A 643 25.03 -51.38 -83.93
C PHE A 643 24.50 -51.00 -85.31
N SER A 644 23.18 -50.99 -85.44
CA SER A 644 22.55 -50.67 -86.71
C SER A 644 21.14 -50.16 -86.46
N LEU A 645 20.56 -49.58 -87.51
CA LEU A 645 19.19 -49.09 -87.46
C LEU A 645 18.21 -50.23 -87.64
N ASN A 646 17.15 -50.24 -86.84
CA ASN A 646 16.08 -51.22 -86.98
C ASN A 646 15.11 -50.68 -88.03
N MET A 647 15.40 -50.98 -89.29
CA MET A 647 14.62 -50.44 -90.39
C MET A 647 13.18 -50.97 -90.36
N ASN A 648 13.00 -52.25 -90.03
CA ASN A 648 11.67 -52.82 -89.94
C ASN A 648 10.86 -52.22 -88.78
N PHE A 649 11.53 -51.76 -87.72
CA PHE A 649 10.83 -51.19 -86.59
C PHE A 649 10.24 -49.82 -86.96
N SER A 650 9.01 -49.59 -86.50
CA SER A 650 8.35 -48.30 -86.67
C SER A 650 7.65 -47.94 -85.37
N SER A 651 7.53 -46.63 -85.13
CA SER A 651 6.88 -46.16 -83.92
C SER A 651 5.38 -46.44 -83.96
N LYS A 652 4.83 -46.87 -82.82
CA LYS A 652 3.41 -47.17 -82.70
C LYS A 652 2.62 -46.00 -82.12
N ARG A 653 3.09 -45.42 -81.02
CA ARG A 653 2.40 -44.31 -80.41
C ARG A 653 2.64 -43.01 -81.18
N THR A 654 1.83 -41.99 -80.86
CA THR A 654 1.97 -40.70 -81.53
C THR A 654 3.31 -40.04 -81.23
N LYS A 655 3.77 -40.16 -79.98
CA LYS A 655 5.05 -39.60 -79.57
C LYS A 655 5.90 -40.73 -78.99
N PHE A 656 7.14 -40.85 -79.46
CA PHE A 656 8.03 -41.93 -79.05
C PHE A 656 8.82 -41.46 -77.83
N LYS A 657 8.42 -41.96 -76.67
CA LYS A 657 9.04 -41.58 -75.41
C LYS A 657 9.95 -42.69 -74.91
N ILE A 658 11.18 -42.32 -74.57
CA ILE A 658 12.20 -43.27 -74.10
C ILE A 658 12.69 -42.79 -72.75
N THR A 659 12.42 -43.57 -71.71
CA THR A 659 12.82 -43.24 -70.34
C THR A 659 13.05 -44.53 -69.58
N THR A 660 14.23 -44.67 -69.00
CA THR A 660 14.58 -45.87 -68.25
C THR A 660 13.79 -45.96 -66.95
N PHE B 10 19.65 -37.08 -86.69
CA PHE B 10 18.76 -36.61 -87.75
C PHE B 10 18.50 -35.11 -87.59
N GLU B 11 17.24 -34.71 -87.77
CA GLU B 11 16.83 -33.33 -87.56
C GLU B 11 16.16 -33.21 -86.20
N VAL B 12 16.51 -32.17 -85.46
CA VAL B 12 16.01 -31.95 -84.10
C VAL B 12 14.98 -30.83 -84.16
N LYS B 13 13.72 -31.15 -83.88
CA LYS B 13 12.67 -30.14 -83.91
C LYS B 13 12.81 -29.16 -82.75
N LYS B 14 13.13 -29.67 -81.56
CA LYS B 14 13.30 -28.82 -80.39
C LYS B 14 14.29 -29.47 -79.44
N TRP B 15 15.05 -28.63 -78.73
CA TRP B 15 16.03 -29.07 -77.75
C TRP B 15 15.87 -28.22 -76.51
N ASN B 16 15.46 -28.84 -75.40
CA ASN B 16 15.35 -28.16 -74.12
C ASN B 16 16.48 -28.59 -73.20
N ALA B 17 17.12 -27.62 -72.56
CA ALA B 17 18.33 -27.87 -71.79
C ALA B 17 18.31 -27.11 -70.48
N VAL B 18 19.03 -27.64 -69.50
CA VAL B 18 19.23 -27.02 -68.21
C VAL B 18 20.69 -26.58 -68.12
N ALA B 19 20.92 -25.49 -67.38
CA ALA B 19 22.26 -24.92 -67.30
C ALA B 19 22.41 -24.20 -65.97
N LEU B 20 23.18 -24.79 -65.07
CA LEU B 20 23.50 -24.14 -63.80
C LEU B 20 24.48 -22.99 -64.03
N TRP B 21 24.30 -21.94 -63.23
CA TRP B 21 25.16 -20.77 -63.30
C TRP B 21 25.45 -20.28 -61.90
N ALA B 22 26.66 -19.76 -61.69
CA ALA B 22 27.05 -19.18 -60.42
C ALA B 22 27.81 -17.88 -60.67
N TRP B 23 27.76 -16.99 -59.70
CA TRP B 23 28.52 -15.75 -59.77
C TRP B 23 30.02 -16.05 -59.77
N ASP B 24 30.77 -15.27 -60.54
CA ASP B 24 32.22 -15.43 -60.56
C ASP B 24 32.81 -15.08 -59.19
N ILE B 25 32.29 -14.05 -58.54
CA ILE B 25 32.62 -13.71 -57.17
C ILE B 25 31.53 -14.26 -56.28
N VAL B 26 31.89 -15.20 -55.40
CA VAL B 26 30.90 -15.96 -54.66
C VAL B 26 30.24 -15.08 -53.61
N VAL B 27 28.92 -14.96 -53.69
CA VAL B 27 28.12 -14.21 -52.72
C VAL B 27 26.71 -14.77 -52.74
N ASP B 28 26.13 -14.93 -51.55
CA ASP B 28 24.83 -15.59 -51.41
C ASP B 28 23.74 -14.65 -50.93
N ASN B 29 23.94 -14.00 -49.78
CA ASN B 29 22.90 -13.20 -49.16
C ASN B 29 23.25 -11.72 -49.20
N CYS B 30 22.25 -10.88 -49.45
CA CYS B 30 22.40 -9.44 -49.32
C CYS B 30 22.76 -9.13 -47.88
N ALA B 31 23.98 -8.61 -47.66
CA ALA B 31 24.45 -8.39 -46.30
C ALA B 31 23.61 -7.38 -45.54
N ILE B 32 22.91 -6.50 -46.25
CA ILE B 32 22.07 -5.51 -45.58
C ILE B 32 20.80 -6.16 -45.04
N CYS B 33 20.01 -6.76 -45.93
CA CYS B 33 18.70 -7.28 -45.57
C CYS B 33 18.72 -8.74 -45.15
N ARG B 34 19.89 -9.39 -45.15
CA ARG B 34 20.06 -10.78 -44.71
C ARG B 34 19.24 -11.75 -45.55
N ASN B 35 18.87 -11.34 -46.75
CA ASN B 35 18.12 -12.16 -47.69
C ASN B 35 18.99 -12.43 -48.91
N HIS B 36 18.62 -13.45 -49.67
CA HIS B 36 19.40 -13.80 -50.85
C HIS B 36 19.27 -12.73 -51.92
N ILE B 37 20.39 -12.42 -52.58
CA ILE B 37 20.40 -11.37 -53.59
C ILE B 37 19.51 -11.74 -54.78
N MET B 38 19.48 -13.02 -55.15
CA MET B 38 18.59 -13.45 -56.23
C MET B 38 17.13 -13.33 -55.81
N ASP B 39 16.83 -13.56 -54.55
CA ASP B 39 15.49 -13.36 -54.03
C ASP B 39 15.21 -11.87 -53.88
N LEU B 40 13.92 -11.54 -53.74
CA LEU B 40 13.52 -10.14 -53.63
C LEU B 40 13.94 -9.57 -52.28
N CYS B 41 14.30 -8.29 -52.29
CA CYS B 41 14.65 -7.58 -51.07
C CYS B 41 13.41 -7.37 -50.20
N ILE B 42 13.65 -7.18 -48.90
CA ILE B 42 12.55 -7.08 -47.96
C ILE B 42 11.71 -5.83 -48.22
N GLU B 43 12.35 -4.74 -48.65
CA GLU B 43 11.59 -3.55 -49.02
C GLU B 43 10.68 -3.81 -50.21
N CYS B 44 11.16 -4.57 -51.19
CA CYS B 44 10.38 -4.90 -52.37
C CYS B 44 9.70 -6.26 -52.27
N GLN B 45 9.84 -6.96 -51.14
CA GLN B 45 9.08 -8.20 -50.97
C GLN B 45 7.62 -7.89 -50.66
N ALA B 46 7.34 -6.80 -49.97
CA ALA B 46 5.98 -6.29 -49.83
C ALA B 46 5.56 -5.58 -51.11
N ASN B 47 4.33 -5.07 -51.11
CA ASN B 47 3.70 -4.40 -52.25
C ASN B 47 4.00 -5.11 -53.56
N GLN B 48 3.73 -6.42 -53.58
CA GLN B 48 3.99 -7.24 -54.76
C GLN B 48 3.05 -6.89 -55.92
N ALA B 49 1.89 -6.30 -55.64
CA ALA B 49 0.94 -5.97 -56.70
C ALA B 49 1.52 -4.91 -57.65
N SER B 50 2.10 -3.85 -57.10
CA SER B 50 2.69 -2.81 -57.94
C SER B 50 4.03 -3.24 -58.52
N ALA B 51 4.82 -4.02 -57.77
CA ALA B 51 6.12 -4.45 -58.25
C ALA B 51 5.97 -5.46 -59.40
N THR B 52 6.85 -5.35 -60.39
CA THR B 52 6.86 -6.21 -61.55
C THR B 52 7.90 -7.32 -61.45
N SER B 53 8.48 -7.52 -60.27
CA SER B 53 9.50 -8.56 -60.02
C SER B 53 10.71 -8.41 -60.91
N GLU B 54 11.08 -7.17 -61.23
CA GLU B 54 12.25 -6.89 -62.06
C GLU B 54 13.15 -5.80 -61.51
N GLU B 55 12.65 -4.92 -60.65
CA GLU B 55 13.46 -3.80 -60.17
C GLU B 55 14.55 -4.24 -59.20
N CYS B 56 14.39 -5.40 -58.55
CA CYS B 56 15.35 -5.85 -57.54
C CYS B 56 16.61 -6.37 -58.23
N THR B 57 17.33 -5.45 -58.87
CA THR B 57 18.60 -5.76 -59.49
C THR B 57 19.66 -5.97 -58.43
N VAL B 58 20.62 -6.85 -58.72
CA VAL B 58 21.76 -7.06 -57.84
C VAL B 58 22.81 -6.02 -58.19
N ALA B 59 23.02 -5.06 -57.30
CA ALA B 59 23.97 -3.97 -57.51
C ALA B 59 25.30 -4.37 -56.90
N TRP B 60 26.32 -4.52 -57.74
CA TRP B 60 27.64 -4.91 -57.27
C TRP B 60 28.46 -3.68 -56.90
N GLY B 61 29.73 -3.90 -56.55
CA GLY B 61 30.59 -2.81 -56.18
C GLY B 61 32.03 -3.12 -56.53
N VAL B 62 32.89 -2.11 -56.37
CA VAL B 62 34.31 -2.30 -56.63
C VAL B 62 34.91 -3.28 -55.63
N CYS B 63 34.43 -3.27 -54.39
CA CYS B 63 34.95 -4.15 -53.35
C CYS B 63 34.45 -5.59 -53.48
N ASN B 64 33.88 -5.96 -54.64
CA ASN B 64 33.38 -7.31 -54.90
C ASN B 64 32.32 -7.74 -53.89
N HIS B 65 31.50 -6.78 -53.47
CA HIS B 65 30.38 -7.02 -52.58
C HIS B 65 29.09 -6.82 -53.36
N ALA B 66 28.09 -7.66 -53.07
CA ALA B 66 26.82 -7.61 -53.77
C ALA B 66 25.70 -7.32 -52.79
N PHE B 67 24.85 -6.38 -53.15
CA PHE B 67 23.65 -6.07 -52.39
C PHE B 67 22.50 -5.87 -53.36
N HIS B 68 21.28 -5.98 -52.84
CA HIS B 68 20.12 -5.57 -53.61
C HIS B 68 20.25 -4.10 -53.96
N PHE B 69 19.86 -3.75 -55.19
CA PHE B 69 19.97 -2.36 -55.61
C PHE B 69 19.10 -1.45 -54.75
N HIS B 70 17.92 -1.93 -54.36
CA HIS B 70 17.09 -1.18 -53.43
C HIS B 70 17.76 -1.06 -52.06
N CYS B 71 18.36 -2.15 -51.57
CA CYS B 71 19.01 -2.13 -50.27
C CYS B 71 20.20 -1.19 -50.27
N ILE B 72 21.05 -1.28 -51.29
CA ILE B 72 22.25 -0.44 -51.31
C ILE B 72 21.90 1.00 -51.65
N SER B 73 20.79 1.22 -52.36
CA SER B 73 20.36 2.59 -52.62
C SER B 73 19.78 3.22 -51.36
N ARG B 74 19.05 2.44 -50.57
CA ARG B 74 18.53 2.95 -49.30
C ARG B 74 19.65 3.18 -48.29
N TRP B 75 20.70 2.36 -48.34
CA TRP B 75 21.83 2.55 -47.44
C TRP B 75 22.68 3.74 -47.87
N LEU B 76 22.90 3.91 -49.17
CA LEU B 76 23.69 5.04 -49.66
C LEU B 76 22.95 6.37 -49.59
N LYS B 77 21.66 6.37 -49.25
CA LYS B 77 20.94 7.63 -49.15
C LYS B 77 21.42 8.47 -47.98
N THR B 78 21.98 7.84 -46.95
CA THR B 78 22.45 8.55 -45.76
C THR B 78 23.91 8.27 -45.41
N ARG B 79 24.43 7.10 -45.73
CA ARG B 79 25.83 6.77 -45.46
C ARG B 79 26.55 6.48 -46.78
N GLN B 80 27.78 6.98 -46.89
CA GLN B 80 28.59 6.82 -48.09
C GLN B 80 29.66 5.76 -47.94
N VAL B 81 29.34 4.67 -47.23
CA VAL B 81 30.30 3.61 -46.95
C VAL B 81 29.63 2.27 -47.26
N CYS B 82 30.42 1.33 -47.75
CA CYS B 82 29.91 -0.02 -47.99
C CYS B 82 29.53 -0.65 -46.66
N PRO B 83 28.32 -1.23 -46.55
CA PRO B 83 27.89 -1.76 -45.24
C PRO B 83 28.75 -2.89 -44.71
N LEU B 84 29.31 -3.72 -45.59
CA LEU B 84 30.08 -4.87 -45.14
C LEU B 84 31.53 -4.51 -44.84
N ASP B 85 32.14 -3.71 -45.71
CA ASP B 85 33.53 -3.30 -45.56
C ASP B 85 33.60 -1.78 -45.44
N ASN B 86 34.34 -1.30 -44.46
CA ASN B 86 34.42 0.14 -44.20
C ASN B 86 35.24 0.84 -45.29
N ARG B 87 34.68 0.94 -46.50
CA ARG B 87 35.33 1.59 -47.61
C ARG B 87 34.31 2.40 -48.39
N GLU B 88 34.80 3.28 -49.25
CA GLU B 88 33.93 4.06 -50.12
C GLU B 88 33.20 3.14 -51.09
N TRP B 89 31.95 3.45 -51.37
CA TRP B 89 31.11 2.62 -52.23
C TRP B 89 31.05 3.23 -53.62
N GLU B 90 31.54 2.48 -54.60
CA GLU B 90 31.44 2.87 -56.01
C GLU B 90 30.82 1.73 -56.78
N PHE B 91 29.76 2.02 -57.52
CA PHE B 91 29.07 0.99 -58.28
C PHE B 91 29.94 0.47 -59.41
N GLN B 92 29.94 -0.85 -59.59
CA GLN B 92 30.72 -1.47 -60.65
C GLN B 92 29.82 -1.93 -61.79
N THR C 21 32.44 2.32 -35.61
CA THR C 21 32.90 3.07 -34.45
C THR C 21 32.00 4.26 -34.18
N SER C 22 30.71 4.11 -34.43
CA SER C 22 29.74 5.16 -34.18
C SER C 22 28.43 4.55 -33.74
N LEU C 23 27.67 5.31 -32.96
CA LEU C 23 26.38 4.87 -32.44
C LEU C 23 25.28 4.87 -33.50
N LYS C 24 25.58 5.34 -34.71
CA LYS C 24 24.63 5.28 -35.80
C LYS C 24 24.30 3.84 -36.12
N PRO C 25 23.06 3.52 -36.49
CA PRO C 25 22.72 2.13 -36.81
C PRO C 25 23.51 1.59 -37.98
N ARG C 26 24.39 0.63 -37.72
CA ARG C 26 25.20 0.00 -38.74
C ARG C 26 24.57 -1.34 -39.13
N VAL C 27 25.20 -2.02 -40.07
CA VAL C 27 24.77 -3.34 -40.51
C VAL C 27 25.64 -4.36 -39.79
N VAL C 28 25.03 -5.16 -38.91
CA VAL C 28 25.74 -6.11 -38.08
C VAL C 28 25.12 -7.49 -38.30
N ASP C 29 25.98 -8.51 -38.38
CA ASP C 29 25.54 -9.87 -38.61
C ASP C 29 25.32 -10.56 -37.27
N PHE C 30 24.16 -11.20 -37.12
CA PHE C 30 23.84 -11.89 -35.87
C PHE C 30 24.28 -13.35 -35.92
N ASP C 31 25.52 -13.56 -36.35
CA ASP C 31 26.19 -14.85 -36.23
C ASP C 31 27.64 -14.74 -35.79
N GLU C 32 28.25 -13.57 -35.89
CA GLU C 32 29.59 -13.29 -35.38
C GLU C 32 29.55 -12.47 -34.11
N THR C 33 28.65 -11.49 -34.04
CA THR C 33 28.48 -10.73 -32.81
C THR C 33 27.91 -11.61 -31.70
N TRP C 34 26.96 -12.48 -32.03
CA TRP C 34 26.37 -13.35 -31.02
C TRP C 34 27.41 -14.33 -30.46
N ASN C 35 28.29 -14.84 -31.33
CA ASN C 35 29.36 -15.70 -30.85
C ASN C 35 30.36 -14.96 -29.99
N LYS C 36 30.35 -13.62 -30.02
CA LYS C 36 31.17 -12.85 -29.11
C LYS C 36 30.47 -12.63 -27.77
N LEU C 37 29.14 -12.49 -27.80
CA LEU C 37 28.39 -12.45 -26.54
C LEU C 37 28.37 -13.81 -25.87
N LEU C 38 28.19 -14.88 -26.66
CA LEU C 38 28.09 -16.22 -26.10
C LEU C 38 29.40 -16.65 -25.44
N THR C 39 30.51 -16.04 -25.80
CA THR C 39 31.74 -16.24 -25.06
C THR C 39 31.72 -15.51 -23.73
N THR C 40 31.06 -14.35 -23.68
CA THR C 40 30.99 -13.56 -22.46
C THR C 40 29.85 -14.00 -21.55
N ILE C 41 28.63 -14.10 -22.09
CA ILE C 41 27.49 -14.45 -21.25
C ILE C 41 27.59 -15.87 -20.70
N LYS C 42 28.35 -16.75 -21.36
CA LYS C 42 28.61 -18.06 -20.77
C LYS C 42 29.67 -18.00 -19.69
N ALA C 43 30.42 -16.91 -19.59
CA ALA C 43 31.35 -16.69 -18.49
C ALA C 43 30.82 -15.71 -17.45
N VAL C 44 29.70 -15.06 -17.74
CA VAL C 44 29.04 -14.19 -16.76
C VAL C 44 28.01 -14.96 -15.95
N VAL C 45 27.16 -15.73 -16.64
CA VAL C 45 26.18 -16.57 -15.95
C VAL C 45 26.88 -17.61 -15.10
N MET C 46 27.91 -18.26 -15.65
CA MET C 46 28.70 -19.22 -14.89
C MET C 46 29.62 -18.53 -13.89
N LEU C 47 29.70 -17.20 -13.94
CA LEU C 47 30.43 -16.38 -12.98
C LEU C 47 31.92 -16.70 -13.03
N GLU C 48 32.48 -16.66 -14.22
CA GLU C 48 33.92 -16.76 -14.41
C GLU C 48 34.52 -15.35 -14.40
N TYR C 49 35.77 -15.23 -14.84
CA TYR C 49 36.44 -13.95 -14.90
C TYR C 49 36.46 -13.46 -16.34
N VAL C 50 35.86 -12.30 -16.58
CA VAL C 50 35.97 -11.59 -17.85
C VAL C 50 36.60 -10.24 -17.58
N GLU C 51 37.60 -9.89 -18.40
CA GLU C 51 38.28 -8.62 -18.22
C GLU C 51 37.32 -7.46 -18.49
N ARG C 52 37.59 -6.34 -17.85
CA ARG C 52 36.68 -5.20 -17.89
C ARG C 52 36.52 -4.68 -19.32
N ALA C 53 37.62 -4.63 -20.08
CA ALA C 53 37.56 -4.13 -21.45
C ALA C 53 36.61 -4.94 -22.31
N THR C 54 36.60 -6.27 -22.12
CA THR C 54 35.61 -7.10 -22.82
C THR C 54 34.21 -6.81 -22.30
N TRP C 55 34.05 -6.62 -20.99
CA TRP C 55 32.72 -6.40 -20.43
C TRP C 55 32.13 -5.09 -20.92
N ASN C 56 32.94 -4.03 -21.00
CA ASN C 56 32.46 -2.77 -21.54
C ASN C 56 32.28 -2.81 -23.05
N ASP C 57 32.99 -3.71 -23.73
CA ASP C 57 32.85 -3.81 -25.18
C ASP C 57 31.58 -4.53 -25.57
N ARG C 58 31.06 -5.42 -24.72
CA ARG C 58 29.84 -6.14 -25.05
C ARG C 58 28.61 -5.24 -25.00
N PHE C 59 28.68 -4.12 -24.29
CA PHE C 59 27.61 -3.14 -24.37
C PHE C 59 27.55 -2.50 -25.75
N SER C 60 28.68 -2.40 -26.43
CA SER C 60 28.71 -1.90 -27.80
C SER C 60 28.15 -2.90 -28.80
N ASP C 61 27.94 -4.15 -28.39
CA ASP C 61 27.33 -5.16 -29.24
C ASP C 61 25.87 -5.42 -28.92
N ILE C 62 25.47 -5.29 -27.65
CA ILE C 62 24.06 -5.31 -27.30
C ILE C 62 23.34 -4.17 -27.98
N TYR C 63 23.94 -2.98 -27.96
CA TYR C 63 23.37 -1.84 -28.67
C TYR C 63 23.40 -2.05 -30.17
N ALA C 64 24.47 -2.64 -30.69
CA ALA C 64 24.58 -2.85 -32.13
C ALA C 64 23.52 -3.81 -32.64
N LEU C 65 23.29 -4.91 -31.91
CA LEU C 65 22.26 -5.87 -32.32
C LEU C 65 20.87 -5.28 -32.19
N CYS C 66 20.60 -4.57 -31.10
CA CYS C 66 19.27 -4.03 -30.87
C CYS C 66 18.96 -2.86 -31.80
N VAL C 67 19.98 -2.27 -32.42
CA VAL C 67 19.79 -1.11 -33.31
C VAL C 67 20.44 -1.51 -34.64
N ALA C 68 20.27 -2.77 -35.03
CA ALA C 68 20.79 -3.21 -36.30
C ALA C 68 20.02 -2.56 -37.45
N TYR C 69 20.61 -2.63 -38.64
CA TYR C 69 20.01 -2.07 -39.84
C TYR C 69 19.77 -3.17 -40.87
N PRO C 70 18.60 -3.18 -41.52
CA PRO C 70 17.45 -2.29 -41.35
C PRO C 70 16.43 -2.83 -40.37
N GLU C 71 16.48 -4.13 -40.06
CA GLU C 71 15.59 -4.73 -39.09
C GLU C 71 16.32 -4.87 -37.76
N PRO C 72 15.90 -4.17 -36.71
CA PRO C 72 16.60 -4.27 -35.42
C PRO C 72 16.50 -5.69 -34.88
N LEU C 73 17.67 -6.31 -34.66
CA LEU C 73 17.71 -7.67 -34.15
C LEU C 73 17.56 -7.71 -32.64
N GLY C 74 16.56 -7.00 -32.12
CA GLY C 74 16.26 -7.11 -30.70
C GLY C 74 15.49 -8.37 -30.38
N GLU C 75 14.67 -8.85 -31.31
CA GLU C 75 13.96 -10.10 -31.11
C GLU C 75 14.90 -11.29 -31.22
N ARG C 76 15.76 -11.31 -32.23
CA ARG C 76 16.67 -12.43 -32.41
C ARG C 76 17.70 -12.51 -31.29
N LEU C 77 18.14 -11.36 -30.77
CA LEU C 77 19.06 -11.37 -29.64
C LEU C 77 18.38 -11.88 -28.38
N TYR C 78 17.15 -11.41 -28.12
CA TYR C 78 16.42 -11.89 -26.96
C TYR C 78 16.05 -13.36 -27.09
N THR C 79 15.64 -13.77 -28.29
CA THR C 79 15.26 -15.16 -28.49
C THR C 79 16.45 -16.09 -28.28
N GLU C 80 17.57 -15.82 -28.96
CA GLU C 80 18.74 -16.69 -28.83
C GLU C 80 19.33 -16.67 -27.43
N THR C 81 19.04 -15.64 -26.64
CA THR C 81 19.37 -15.69 -25.22
C THR C 81 18.48 -16.71 -24.50
N LYS C 82 17.20 -16.75 -24.86
CA LYS C 82 16.28 -17.68 -24.20
C LYS C 82 16.67 -19.13 -24.48
N ILE C 83 17.03 -19.45 -25.72
CA ILE C 83 17.57 -20.78 -25.99
C ILE C 83 18.87 -21.01 -25.24
N PHE C 84 19.73 -19.99 -25.15
CA PHE C 84 20.98 -20.15 -24.40
C PHE C 84 20.71 -20.44 -22.93
N LEU C 85 19.82 -19.65 -22.31
CA LEU C 85 19.54 -19.86 -20.89
C LEU C 85 18.85 -21.20 -20.66
N GLU C 86 17.86 -21.53 -21.47
CA GLU C 86 17.15 -22.78 -21.28
C GLU C 86 17.96 -24.00 -21.69
N ASN C 87 19.07 -23.81 -22.41
CA ASN C 87 20.01 -24.89 -22.66
C ASN C 87 21.19 -24.87 -21.69
N HIS C 88 21.30 -23.85 -20.86
CA HIS C 88 22.31 -23.80 -19.81
C HIS C 88 21.76 -24.35 -18.49
N VAL C 89 20.53 -24.00 -18.15
CA VAL C 89 19.92 -24.49 -16.91
C VAL C 89 19.70 -25.99 -16.99
N ARG C 90 19.33 -26.51 -18.16
CA ARG C 90 19.20 -27.95 -18.33
C ARG C 90 20.54 -28.64 -18.10
N HIS C 91 21.63 -28.05 -18.59
CA HIS C 91 22.95 -28.62 -18.30
C HIS C 91 23.24 -28.58 -16.80
N LEU C 92 22.85 -27.49 -16.13
CA LEU C 92 22.95 -27.46 -14.68
C LEU C 92 21.99 -28.46 -14.04
N HIS C 93 20.81 -28.65 -14.65
CA HIS C 93 19.88 -29.65 -14.12
C HIS C 93 20.44 -31.05 -14.27
N LYS C 94 21.12 -31.34 -15.37
CA LYS C 94 21.74 -32.65 -15.54
C LYS C 94 22.86 -32.86 -14.53
N ARG C 95 23.61 -31.79 -14.21
CA ARG C 95 24.69 -31.93 -13.24
C ARG C 95 24.15 -32.12 -11.83
N VAL C 96 23.06 -31.42 -11.48
CA VAL C 96 22.48 -31.58 -10.16
C VAL C 96 21.80 -32.95 -10.04
N LEU C 97 21.11 -33.38 -11.10
CA LEU C 97 20.43 -34.66 -11.06
C LEU C 97 21.42 -35.82 -11.02
N GLU C 98 22.60 -35.64 -11.62
CA GLU C 98 23.60 -36.70 -11.61
C GLU C 98 24.10 -37.01 -10.20
N SER C 99 24.02 -36.04 -9.30
CA SER C 99 24.40 -36.28 -7.92
C SER C 99 23.42 -37.22 -7.23
N GLU C 100 23.92 -37.95 -6.24
CA GLU C 100 23.11 -38.93 -5.51
C GLU C 100 22.57 -38.36 -4.20
N GLU C 101 23.47 -37.93 -3.32
CA GLU C 101 23.07 -37.33 -2.05
C GLU C 101 23.58 -35.90 -1.87
N GLN C 102 24.42 -35.41 -2.78
CA GLN C 102 24.90 -34.03 -2.75
C GLN C 102 24.02 -33.10 -3.58
N VAL C 103 22.75 -33.44 -3.76
CA VAL C 103 21.87 -32.62 -4.59
C VAL C 103 21.69 -31.23 -3.99
N LEU C 104 21.52 -31.15 -2.67
CA LEU C 104 21.28 -29.87 -2.02
C LEU C 104 22.50 -28.95 -2.13
N VAL C 105 23.70 -29.48 -1.94
CA VAL C 105 24.88 -28.62 -2.04
C VAL C 105 25.20 -28.30 -3.49
N MET C 106 24.97 -29.25 -4.41
CA MET C 106 25.22 -28.96 -5.82
C MET C 106 24.19 -27.99 -6.39
N TYR C 107 22.94 -28.05 -5.89
CA TYR C 107 21.97 -27.02 -6.24
C TYR C 107 22.42 -25.67 -5.73
N HIS C 108 22.93 -25.61 -4.50
CA HIS C 108 23.36 -24.34 -3.94
C HIS C 108 24.62 -23.82 -4.64
N ARG C 109 25.53 -24.73 -5.00
CA ARG C 109 26.72 -24.30 -5.74
C ARG C 109 26.35 -23.72 -7.09
N TYR C 110 25.35 -24.30 -7.75
CA TYR C 110 24.87 -23.83 -9.03
C TYR C 110 23.78 -22.77 -8.92
N TRP C 111 23.50 -22.31 -7.70
CA TRP C 111 22.57 -21.21 -7.50
C TRP C 111 23.25 -19.92 -7.05
N GLU C 112 24.25 -20.02 -6.17
CA GLU C 112 24.98 -18.83 -5.78
C GLU C 112 25.77 -18.24 -6.94
N GLU C 113 26.32 -19.09 -7.80
CA GLU C 113 27.02 -18.63 -8.99
C GLU C 113 26.09 -18.31 -10.14
N TYR C 114 24.80 -18.65 -10.03
CA TYR C 114 23.83 -18.34 -11.07
C TYR C 114 22.92 -17.18 -10.71
N SER C 115 22.54 -17.03 -9.44
CA SER C 115 21.73 -15.89 -9.04
C SER C 115 22.49 -14.58 -9.25
N LYS C 116 23.78 -14.56 -8.92
CA LYS C 116 24.60 -13.40 -9.23
C LYS C 116 24.86 -13.30 -10.72
N GLY C 117 25.00 -14.43 -11.40
CA GLY C 117 25.16 -14.40 -12.85
C GLY C 117 23.94 -13.88 -13.56
N ALA C 118 22.75 -14.18 -13.05
CA ALA C 118 21.53 -13.64 -13.64
C ALA C 118 21.46 -12.12 -13.51
N ASP C 119 21.81 -11.60 -12.33
CA ASP C 119 21.79 -10.16 -12.12
C ASP C 119 22.88 -9.46 -12.92
N TYR C 120 24.04 -10.11 -13.07
CA TYR C 120 25.10 -9.53 -13.87
C TYR C 120 24.71 -9.47 -15.35
N MET C 121 24.04 -10.50 -15.85
CA MET C 121 23.58 -10.50 -17.23
C MET C 121 22.40 -9.56 -17.45
N ASP C 122 21.67 -9.22 -16.39
CA ASP C 122 20.64 -8.18 -16.52
C ASP C 122 21.27 -6.83 -16.81
N CYS C 123 22.42 -6.55 -16.21
CA CYS C 123 23.14 -5.32 -16.50
C CYS C 123 23.66 -5.31 -17.94
N LEU C 124 24.14 -6.46 -18.41
CA LEU C 124 24.67 -6.53 -19.78
C LEU C 124 23.58 -6.29 -20.81
N TYR C 125 22.36 -6.74 -20.53
CA TYR C 125 21.23 -6.55 -21.43
C TYR C 125 20.39 -5.34 -21.03
N ARG C 126 21.05 -4.28 -20.52
CA ARG C 126 20.31 -3.11 -20.07
C ARG C 126 19.57 -2.44 -21.22
N TYR C 127 20.20 -2.34 -22.38
CA TYR C 127 19.54 -1.72 -23.52
C TYR C 127 18.39 -2.59 -24.04
N LEU C 128 18.53 -3.91 -23.95
CA LEU C 128 17.45 -4.78 -24.39
C LEU C 128 16.24 -4.68 -23.48
N ASN C 129 16.44 -4.68 -22.16
CA ASN C 129 15.33 -4.59 -21.24
C ASN C 129 14.65 -3.23 -21.28
N THR C 130 15.39 -2.18 -21.62
CA THR C 130 14.84 -0.83 -21.55
C THR C 130 14.13 -0.45 -22.85
N GLN C 131 14.79 -0.64 -23.99
CA GLN C 131 14.27 -0.13 -25.26
C GLN C 131 13.48 -1.16 -26.04
N PHE C 132 13.63 -2.46 -25.77
CA PHE C 132 12.91 -3.46 -26.54
C PHE C 132 11.96 -4.28 -25.69
N ILE C 133 12.43 -4.85 -24.57
CA ILE C 133 11.62 -5.78 -23.80
C ILE C 133 10.42 -5.07 -23.19
N LYS C 134 10.65 -3.89 -22.59
CA LYS C 134 9.56 -3.17 -21.93
C LYS C 134 8.50 -2.70 -22.92
N LYS C 135 8.94 -2.19 -24.08
CA LYS C 135 7.97 -1.74 -25.09
C LYS C 135 7.20 -2.91 -25.68
N ASN C 136 7.88 -4.03 -25.94
CA ASN C 136 7.23 -5.19 -26.52
C ASN C 136 7.30 -6.38 -25.57
N PRO C 140 4.04 -11.45 -22.18
CA PRO C 140 4.75 -12.13 -23.26
C PRO C 140 6.25 -12.19 -23.02
N LEU C 141 6.93 -11.08 -23.23
CA LEU C 141 8.36 -11.00 -23.02
C LEU C 141 8.67 -10.62 -21.57
N MET C 142 9.88 -10.96 -21.14
CA MET C 142 10.33 -10.69 -19.78
C MET C 142 11.73 -10.09 -19.84
N GLU C 143 12.07 -9.32 -18.81
CA GLU C 143 13.42 -8.81 -18.69
C GLU C 143 14.39 -9.96 -18.49
N ILE C 144 15.63 -9.78 -18.98
CA ILE C 144 16.62 -10.85 -18.91
C ILE C 144 16.96 -11.19 -17.47
N GLY C 145 16.89 -10.20 -16.57
CA GLY C 145 17.03 -10.51 -15.16
C GLY C 145 15.91 -11.40 -14.66
N GLU C 146 14.68 -11.14 -15.10
CA GLU C 146 13.55 -11.99 -14.75
C GLU C 146 13.55 -13.28 -15.55
N LEU C 147 13.94 -13.20 -16.82
CA LEU C 147 13.93 -14.39 -17.68
C LEU C 147 14.91 -15.43 -17.17
N ALA C 148 16.08 -15.00 -16.71
CA ALA C 148 17.07 -15.95 -16.23
C ALA C 148 16.63 -16.69 -14.98
N LEU C 149 15.62 -16.17 -14.27
CA LEU C 149 15.05 -16.84 -13.11
C LEU C 149 13.83 -17.68 -13.45
N ASP C 150 12.99 -17.21 -14.38
CA ASP C 150 11.87 -18.03 -14.82
C ASP C 150 12.31 -19.18 -15.71
N MET C 151 13.55 -19.19 -16.16
CA MET C 151 14.17 -20.37 -16.75
C MET C 151 14.88 -21.22 -15.72
N TRP C 152 14.77 -20.85 -14.44
CA TRP C 152 15.33 -21.61 -13.33
C TRP C 152 14.27 -22.26 -12.47
N ARG C 153 13.13 -21.59 -12.26
CA ARG C 153 12.02 -22.16 -11.52
C ARG C 153 11.07 -22.96 -12.41
N LYS C 154 11.38 -23.08 -13.70
CA LYS C 154 10.62 -23.92 -14.60
C LYS C 154 11.42 -25.05 -15.22
N LEU C 155 12.75 -24.98 -15.17
CA LEU C 155 13.61 -26.00 -15.75
C LEU C 155 14.54 -26.65 -14.73
N MET C 156 14.71 -26.06 -13.55
CA MET C 156 15.59 -26.62 -12.53
C MET C 156 14.86 -26.95 -11.24
N VAL C 157 14.04 -26.03 -10.73
CA VAL C 157 13.39 -26.25 -9.44
C VAL C 157 12.15 -27.12 -9.58
N GLU C 158 11.26 -26.78 -10.52
CA GLU C 158 10.04 -27.55 -10.69
C GLU C 158 10.28 -29.02 -11.04
N PRO C 159 11.21 -29.39 -11.93
CA PRO C 159 11.54 -30.82 -12.06
C PRO C 159 12.15 -31.42 -10.82
N LEU C 160 12.69 -30.60 -9.91
CA LEU C 160 13.31 -31.08 -8.69
C LEU C 160 12.46 -30.80 -7.44
N GLN C 161 11.14 -30.66 -7.61
CA GLN C 161 10.29 -30.41 -6.45
C GLN C 161 10.34 -31.57 -5.46
N ALA C 162 10.30 -32.81 -5.97
CA ALA C 162 10.30 -33.96 -5.08
C ALA C 162 11.67 -34.17 -4.44
N ILE C 163 12.74 -34.07 -5.23
CA ILE C 163 14.07 -34.39 -4.73
C ILE C 163 14.55 -33.33 -3.75
N LEU C 164 14.33 -32.05 -4.06
CA LEU C 164 14.82 -30.98 -3.19
C LEU C 164 14.07 -30.97 -1.86
N ILE C 165 12.73 -31.01 -1.92
CA ILE C 165 11.94 -30.86 -0.71
C ILE C 165 12.13 -32.05 0.21
N ARG C 166 12.05 -33.27 -0.33
CA ARG C 166 12.23 -34.46 0.49
C ARG C 166 13.65 -34.56 1.05
N MET C 167 14.62 -33.89 0.43
CA MET C 167 15.94 -33.76 1.02
C MET C 167 16.03 -32.59 1.98
N LEU C 168 15.27 -31.52 1.74
CA LEU C 168 15.29 -30.38 2.64
C LEU C 168 14.62 -30.72 3.96
N LEU C 169 13.45 -31.34 3.92
CA LEU C 169 12.78 -31.74 5.15
C LEU C 169 13.57 -32.82 5.89
N ARG C 170 14.30 -33.66 5.17
CA ARG C 170 15.15 -34.65 5.83
C ARG C 170 16.31 -33.98 6.54
N GLU C 171 16.86 -32.90 5.98
CA GLU C 171 17.97 -32.22 6.62
C GLU C 171 17.51 -31.46 7.86
N ILE C 172 16.36 -30.79 7.80
CA ILE C 172 15.85 -30.10 8.97
C ILE C 172 15.45 -31.11 10.05
N LYS C 173 14.92 -32.27 9.64
CA LYS C 173 14.59 -33.30 10.61
C LYS C 173 15.84 -33.84 11.29
N ASN C 174 16.94 -33.96 10.54
CA ASN C 174 18.21 -34.35 11.15
C ASN C 174 18.69 -33.31 12.15
N ASP C 175 18.45 -32.03 11.86
CA ASP C 175 18.77 -30.99 12.82
C ASP C 175 17.92 -31.11 14.08
N ARG C 176 16.63 -31.43 13.91
CA ARG C 176 15.76 -31.65 15.06
C ARG C 176 16.19 -32.88 15.85
N GLY C 177 16.71 -33.90 15.17
CA GLY C 177 17.23 -35.07 15.87
C GLY C 177 18.46 -34.76 16.69
N GLY C 178 19.32 -33.88 16.19
CA GLY C 178 20.53 -33.52 16.90
C GLY C 178 21.74 -33.26 16.03
N GLU C 179 21.71 -33.73 14.79
CA GLU C 179 22.82 -33.51 13.88
C GLU C 179 22.85 -32.03 13.47
N ASP C 180 23.97 -31.64 12.85
CA ASP C 180 24.17 -30.26 12.42
C ASP C 180 24.36 -30.19 10.91
N PRO C 181 23.30 -29.92 10.15
CA PRO C 181 23.46 -29.77 8.70
C PRO C 181 24.16 -28.47 8.36
N ASN C 182 24.56 -28.36 7.09
CA ASN C 182 25.18 -27.15 6.58
C ASN C 182 24.15 -26.03 6.56
N GLN C 183 24.30 -25.07 7.48
CA GLN C 183 23.29 -24.01 7.59
C GLN C 183 23.23 -23.17 6.32
N LYS C 184 24.38 -22.83 5.75
CA LYS C 184 24.40 -21.98 4.55
C LYS C 184 23.74 -22.69 3.36
N VAL C 185 23.99 -23.99 3.21
CA VAL C 185 23.42 -24.72 2.08
C VAL C 185 21.90 -24.83 2.24
N ILE C 186 21.44 -25.23 3.42
CA ILE C 186 20.00 -25.39 3.64
C ILE C 186 19.29 -24.05 3.55
N HIS C 187 19.86 -23.01 4.15
CA HIS C 187 19.24 -21.69 4.06
C HIS C 187 19.35 -21.12 2.66
N GLY C 188 20.43 -21.44 1.94
CA GLY C 188 20.57 -20.96 0.57
C GLY C 188 19.56 -21.58 -0.37
N VAL C 189 19.33 -22.90 -0.25
CA VAL C 189 18.35 -23.56 -1.11
C VAL C 189 16.95 -23.09 -0.77
N ILE C 190 16.63 -22.96 0.52
CA ILE C 190 15.31 -22.50 0.93
C ILE C 190 15.08 -21.07 0.46
N ASN C 191 16.09 -20.21 0.59
CA ASN C 191 15.98 -18.85 0.09
C ASN C 191 15.90 -18.79 -1.43
N SER C 192 16.36 -19.82 -2.13
CA SER C 192 16.25 -19.83 -3.58
C SER C 192 14.81 -19.91 -4.04
N PHE C 193 13.93 -20.54 -3.25
CA PHE C 193 12.52 -20.62 -3.62
C PHE C 193 11.84 -19.27 -3.63
N VAL C 194 12.30 -18.34 -2.79
CA VAL C 194 11.73 -16.99 -2.75
C VAL C 194 12.53 -16.00 -3.58
N HIS C 195 13.83 -16.20 -3.75
CA HIS C 195 14.62 -15.29 -4.59
C HIS C 195 14.35 -15.49 -6.07
N VAL C 196 13.96 -16.70 -6.48
CA VAL C 196 13.74 -16.97 -7.90
C VAL C 196 12.49 -16.24 -8.40
N GLU C 197 11.58 -15.87 -7.51
CA GLU C 197 10.37 -15.16 -7.87
C GLU C 197 10.37 -13.73 -7.34
N GLN C 198 11.55 -13.12 -7.25
CA GLN C 198 11.64 -11.76 -6.74
C GLN C 198 11.06 -10.73 -7.70
N TYR C 199 10.87 -11.10 -8.97
CA TYR C 199 10.32 -10.19 -9.96
C TYR C 199 8.79 -10.24 -10.04
N LYS C 200 8.16 -11.15 -9.33
CA LYS C 200 6.70 -11.21 -9.33
C LYS C 200 6.14 -10.10 -8.44
N LYS C 201 5.27 -9.28 -9.01
CA LYS C 201 4.66 -8.18 -8.27
C LYS C 201 3.56 -8.66 -7.32
N LYS C 202 2.77 -9.64 -7.74
CA LYS C 202 1.67 -10.16 -6.93
C LYS C 202 2.12 -11.46 -6.28
N PHE C 203 2.10 -11.49 -4.95
CA PHE C 203 2.50 -12.65 -4.14
C PHE C 203 3.91 -13.11 -4.49
N PRO C 204 4.95 -12.36 -4.12
CA PRO C 204 6.32 -12.84 -4.34
C PRO C 204 6.60 -14.14 -3.60
N LEU C 205 6.02 -14.33 -2.43
CA LEU C 205 6.17 -15.58 -1.67
C LEU C 205 5.03 -16.55 -1.97
N LYS C 206 4.76 -16.76 -3.26
CA LYS C 206 3.78 -17.75 -3.67
C LYS C 206 4.41 -19.07 -4.06
N PHE C 207 5.55 -19.01 -4.75
CA PHE C 207 6.31 -20.23 -5.02
C PHE C 207 6.81 -20.84 -3.72
N TYR C 208 7.42 -20.01 -2.86
CA TYR C 208 8.03 -20.52 -1.63
C TYR C 208 7.00 -21.13 -0.71
N GLN C 209 5.82 -20.51 -0.59
CA GLN C 209 4.79 -21.02 0.30
C GLN C 209 4.26 -22.36 -0.19
N GLU C 210 4.01 -22.49 -1.49
CA GLU C 210 3.38 -23.70 -2.01
C GLU C 210 4.37 -24.83 -2.24
N ILE C 211 5.67 -24.55 -2.28
CA ILE C 211 6.64 -25.61 -2.54
C ILE C 211 7.33 -26.01 -1.24
N PHE C 212 7.39 -25.08 -0.27
CA PHE C 212 8.10 -25.36 0.97
C PHE C 212 7.19 -25.27 2.19
N GLU C 213 6.46 -24.16 2.39
CA GLU C 213 5.72 -23.98 3.62
C GLU C 213 4.65 -25.04 3.81
N SER C 214 3.90 -25.34 2.73
CA SER C 214 2.86 -26.36 2.84
C SER C 214 3.40 -27.75 3.17
N PRO C 215 4.45 -28.27 2.54
CA PRO C 215 4.98 -29.56 2.97
C PRO C 215 5.93 -29.51 4.16
N PHE C 216 6.29 -28.33 4.66
CA PHE C 216 7.10 -28.22 5.87
C PHE C 216 6.26 -28.06 7.12
N LEU C 217 5.22 -27.23 7.08
CA LEU C 217 4.34 -27.07 8.24
C LEU C 217 3.61 -28.37 8.55
N THR C 218 3.17 -29.08 7.51
CA THR C 218 2.58 -30.40 7.73
C THR C 218 3.60 -31.37 8.30
N GLU C 219 4.85 -31.28 7.86
CA GLU C 219 5.89 -32.12 8.43
C GLU C 219 6.25 -31.67 9.84
N THR C 220 6.34 -30.36 10.06
CA THR C 220 6.58 -29.85 11.41
C THR C 220 5.43 -30.20 12.33
N GLY C 221 4.19 -30.07 11.86
CA GLY C 221 3.05 -30.43 12.68
C GLY C 221 3.04 -31.89 13.06
N GLU C 222 3.29 -32.78 12.09
CA GLU C 222 3.33 -34.20 12.37
C GLU C 222 4.50 -34.56 13.29
N TYR C 223 5.67 -33.99 13.02
CA TYR C 223 6.84 -34.33 13.83
C TYR C 223 6.69 -33.86 15.27
N TYR C 224 6.14 -32.66 15.46
CA TYR C 224 5.93 -32.17 16.81
C TYR C 224 4.74 -32.83 17.50
N LYS C 225 3.74 -33.30 16.76
CA LYS C 225 2.73 -34.15 17.38
C LYS C 225 3.36 -35.43 17.90
N GLN C 226 4.26 -36.03 17.12
CA GLN C 226 4.97 -37.21 17.58
C GLN C 226 5.85 -36.90 18.78
N GLU C 227 6.52 -35.75 18.78
CA GLU C 227 7.37 -35.38 19.91
C GLU C 227 6.55 -35.15 21.17
N ALA C 228 5.40 -34.49 21.04
CA ALA C 228 4.53 -34.26 22.19
C ALA C 228 3.98 -35.57 22.73
N SER C 229 3.61 -36.50 21.85
CA SER C 229 3.19 -37.81 22.30
C SER C 229 4.32 -38.57 23.00
N ASN C 230 5.54 -38.48 22.48
CA ASN C 230 6.68 -39.14 23.12
C ASN C 230 7.00 -38.55 24.48
N LEU C 231 6.92 -37.23 24.63
CA LEU C 231 7.29 -36.59 25.88
C LEU C 231 6.34 -36.97 27.01
N LEU C 232 5.05 -37.06 26.73
CA LEU C 232 4.06 -37.32 27.78
C LEU C 232 4.14 -38.74 28.33
N GLN C 233 4.75 -39.67 27.60
CA GLN C 233 4.80 -41.04 28.07
C GLN C 233 5.75 -41.19 29.25
N GLU C 234 6.85 -40.43 29.26
CA GLU C 234 7.88 -40.60 30.28
C GLU C 234 8.19 -39.28 30.98
N SER C 235 7.18 -38.44 31.18
CA SER C 235 7.39 -37.18 31.90
C SER C 235 6.08 -36.76 32.56
N ASN C 236 6.21 -36.11 33.71
CA ASN C 236 5.06 -35.54 34.39
C ASN C 236 4.77 -34.16 33.80
N CYS C 237 3.90 -33.39 34.44
CA CYS C 237 3.53 -32.09 33.93
C CYS C 237 4.59 -31.03 34.20
N SER C 238 5.53 -31.28 35.11
CA SER C 238 6.56 -30.29 35.41
C SER C 238 7.71 -30.37 34.40
N GLN C 239 8.20 -31.58 34.12
CA GLN C 239 9.31 -31.72 33.18
C GLN C 239 8.84 -31.52 31.74
N TYR C 240 7.55 -31.78 31.46
CA TYR C 240 7.05 -31.62 30.11
C TYR C 240 7.11 -30.16 29.66
N MET C 241 6.76 -29.24 30.55
CA MET C 241 6.84 -27.82 30.20
C MET C 241 8.27 -27.37 29.96
N GLU C 242 9.21 -27.85 30.78
CA GLU C 242 10.61 -27.49 30.57
C GLU C 242 11.12 -28.00 29.23
N LYS C 243 10.74 -29.22 28.86
CA LYS C 243 11.17 -29.77 27.58
C LYS C 243 10.51 -29.04 26.41
N VAL C 244 9.23 -28.71 26.53
CA VAL C 244 8.53 -28.00 25.46
C VAL C 244 9.14 -26.62 25.27
N LEU C 245 9.40 -25.90 26.36
CA LEU C 245 10.03 -24.60 26.25
C LEU C 245 11.43 -24.71 25.65
N GLY C 246 12.13 -25.81 25.93
CA GLY C 246 13.37 -26.07 25.24
C GLY C 246 13.18 -26.31 23.75
N ARG C 247 12.17 -27.11 23.40
CA ARG C 247 11.88 -27.34 21.99
C ARG C 247 11.36 -26.08 21.31
N LEU C 248 10.50 -25.32 22.00
CA LEU C 248 10.01 -24.08 21.43
C LEU C 248 11.13 -23.05 21.26
N LYS C 249 12.11 -23.06 22.15
CA LYS C 249 13.27 -22.18 21.96
C LYS C 249 14.16 -22.71 20.85
N ASP C 250 14.39 -24.02 20.81
CA ASP C 250 15.22 -24.60 19.75
C ASP C 250 14.56 -24.47 18.39
N GLU C 251 13.25 -24.69 18.31
CA GLU C 251 12.55 -24.54 17.04
C GLU C 251 12.59 -23.10 16.56
N GLU C 252 12.57 -22.15 17.48
CA GLU C 252 12.73 -20.74 17.10
C GLU C 252 14.10 -20.50 16.52
N ILE C 253 15.13 -21.13 17.09
CA ILE C 253 16.49 -20.94 16.58
C ILE C 253 16.65 -21.60 15.22
N ARG C 254 16.17 -22.83 15.07
CA ARG C 254 16.38 -23.58 13.83
C ARG C 254 15.40 -23.22 12.74
N CYS C 255 14.34 -22.47 13.04
CA CYS C 255 13.50 -21.89 12.00
C CYS C 255 13.91 -20.47 11.66
N ARG C 256 14.97 -19.96 12.30
CA ARG C 256 15.50 -18.64 12.02
C ARG C 256 16.69 -18.66 11.08
N LYS C 257 17.57 -19.66 11.21
CA LYS C 257 18.72 -19.79 10.35
C LYS C 257 18.48 -20.73 9.17
N TYR C 258 17.25 -21.15 8.96
CA TYR C 258 16.90 -22.02 7.84
C TYR C 258 15.82 -21.44 6.94
N LEU C 259 14.82 -20.78 7.50
CA LEU C 259 13.65 -20.38 6.75
C LEU C 259 13.63 -18.88 6.47
N HIS C 260 12.70 -18.48 5.61
CA HIS C 260 12.49 -17.08 5.31
C HIS C 260 11.90 -16.37 6.53
N PRO C 261 12.23 -15.09 6.73
CA PRO C 261 11.71 -14.37 7.91
C PRO C 261 10.19 -14.26 7.95
N SER C 262 9.51 -14.40 6.81
CA SER C 262 8.05 -14.34 6.82
C SER C 262 7.45 -15.57 7.49
N SER C 263 8.16 -16.69 7.50
CA SER C 263 7.66 -17.93 8.08
C SER C 263 8.21 -18.19 9.48
N TYR C 264 8.81 -17.19 10.12
CA TYR C 264 9.36 -17.38 11.46
C TYR C 264 8.26 -17.66 12.47
N THR C 265 7.06 -17.11 12.27
CA THR C 265 5.99 -17.26 13.24
C THR C 265 5.04 -18.39 12.90
N LYS C 266 4.91 -18.79 11.64
CA LYS C 266 4.00 -19.88 11.29
C LYS C 266 4.51 -21.21 11.82
N VAL C 267 5.83 -21.43 11.77
CA VAL C 267 6.40 -22.66 12.29
C VAL C 267 6.24 -22.72 13.81
N ILE C 268 6.50 -21.61 14.50
CA ILE C 268 6.33 -21.56 15.95
C ILE C 268 4.85 -21.72 16.31
N HIS C 269 3.96 -21.07 15.57
CA HIS C 269 2.53 -21.23 15.82
C HIS C 269 2.09 -22.67 15.61
N GLU C 270 2.59 -23.32 14.56
CA GLU C 270 2.28 -24.73 14.35
C GLU C 270 2.95 -25.59 15.41
N CYS C 271 4.16 -25.22 15.84
CA CYS C 271 4.82 -25.93 16.92
C CYS C 271 4.04 -25.80 18.23
N GLN C 272 3.48 -24.62 18.50
CA GLN C 272 2.74 -24.42 19.74
C GLN C 272 1.43 -25.18 19.75
N GLN C 273 0.74 -25.23 18.60
CA GLN C 273 -0.54 -25.94 18.55
C GLN C 273 -0.37 -27.43 18.81
N ARG C 274 0.66 -28.04 18.24
CA ARG C 274 0.83 -29.48 18.36
C ARG C 274 1.34 -29.90 19.73
N MET C 275 2.13 -29.05 20.40
CA MET C 275 2.74 -29.41 21.66
C MET C 275 2.06 -28.77 22.87
N VAL C 276 1.17 -27.80 22.67
CA VAL C 276 0.47 -27.19 23.79
C VAL C 276 -1.04 -27.28 23.58
N ALA C 277 -1.52 -26.76 22.45
CA ALA C 277 -2.97 -26.67 22.24
C ALA C 277 -3.62 -28.05 22.18
N ASP C 278 -2.97 -29.01 21.53
CA ASP C 278 -3.53 -30.36 21.49
C ASP C 278 -3.53 -31.00 22.88
N HIS C 279 -2.48 -30.76 23.66
CA HIS C 279 -2.38 -31.29 25.03
C HIS C 279 -2.76 -30.24 26.05
N LEU C 280 -3.73 -29.39 25.70
CA LEU C 280 -4.20 -28.38 26.65
C LEU C 280 -4.91 -28.99 27.84
N GLN C 281 -5.59 -30.12 27.63
CA GLN C 281 -6.26 -30.78 28.75
C GLN C 281 -5.26 -31.27 29.79
N PHE C 282 -4.12 -31.79 29.34
CA PHE C 282 -3.09 -32.24 30.27
C PHE C 282 -2.51 -31.08 31.06
N LEU C 283 -2.25 -29.95 30.38
CA LEU C 283 -1.69 -28.79 31.07
C LEU C 283 -2.70 -28.18 32.03
N HIS C 284 -3.98 -28.14 31.64
CA HIS C 284 -5.00 -27.54 32.51
C HIS C 284 -5.33 -28.45 33.68
N ALA C 285 -5.23 -29.76 33.51
CA ALA C 285 -5.57 -30.69 34.59
C ALA C 285 -4.63 -30.53 35.77
N GLU C 286 -3.34 -30.35 35.50
CA GLU C 286 -2.35 -30.20 36.55
C GLU C 286 -2.10 -28.75 36.91
N CYS C 287 -2.87 -27.81 36.35
CA CYS C 287 -2.75 -26.42 36.77
C CYS C 287 -3.14 -26.25 38.22
N HIS C 288 -4.12 -27.03 38.69
CA HIS C 288 -4.54 -26.96 40.08
C HIS C 288 -3.39 -27.32 41.02
N ASN C 289 -2.71 -28.44 40.75
CA ASN C 289 -1.61 -28.84 41.60
C ASN C 289 -0.42 -27.91 41.48
N ILE C 290 -0.21 -27.32 40.30
CA ILE C 290 0.89 -26.38 40.13
C ILE C 290 0.65 -25.11 40.94
N ILE C 291 -0.59 -24.60 40.90
CA ILE C 291 -0.86 -23.32 41.54
C ILE C 291 -1.04 -23.48 43.05
N ARG C 292 -1.82 -24.46 43.48
CA ARG C 292 -2.16 -24.56 44.90
C ARG C 292 -0.95 -24.94 45.76
N GLN C 293 0.13 -25.41 45.16
CA GLN C 293 1.37 -25.68 45.91
C GLN C 293 2.39 -24.56 45.76
N GLU C 294 1.99 -23.44 45.12
CA GLU C 294 2.83 -22.24 44.99
C GLU C 294 4.15 -22.54 44.29
N LYS C 295 4.10 -23.41 43.28
CA LYS C 295 5.30 -23.75 42.52
C LYS C 295 5.65 -22.58 41.62
N LYS C 296 6.61 -21.75 42.06
CA LYS C 296 6.94 -20.54 41.33
C LYS C 296 7.64 -20.84 40.02
N ASN C 297 8.48 -21.88 40.00
CA ASN C 297 9.20 -22.20 38.76
C ASN C 297 8.26 -22.77 37.71
N ASP C 298 7.31 -23.61 38.12
CA ASP C 298 6.41 -24.23 37.15
C ASP C 298 5.34 -23.26 36.66
N MET C 299 4.91 -22.31 37.49
CA MET C 299 3.95 -21.32 37.04
C MET C 299 4.53 -20.43 35.96
N ALA C 300 5.81 -20.10 36.06
CA ALA C 300 6.45 -19.29 35.02
C ALA C 300 6.54 -20.05 33.70
N ASN C 301 6.73 -21.37 33.75
CA ASN C 301 6.75 -22.15 32.52
C ASN C 301 5.36 -22.33 31.95
N MET C 302 4.36 -22.54 32.81
CA MET C 302 3.01 -22.74 32.30
C MET C 302 2.42 -21.45 31.76
N TYR C 303 2.75 -20.31 32.38
CA TYR C 303 2.20 -19.04 31.93
C TYR C 303 2.69 -18.69 30.53
N VAL C 304 3.99 -18.85 30.27
CA VAL C 304 4.52 -18.55 28.96
C VAL C 304 4.07 -19.56 27.91
N LEU C 305 3.67 -20.75 28.34
CA LEU C 305 3.13 -21.76 27.44
C LEU C 305 1.67 -21.49 27.11
N LEU C 306 0.83 -21.34 28.15
CA LEU C 306 -0.60 -21.15 27.93
C LEU C 306 -0.93 -19.78 27.35
N ARG C 307 -0.01 -18.82 27.44
CA ARG C 307 -0.25 -17.52 26.81
C ARG C 307 -0.25 -17.64 25.30
N ALA C 308 0.46 -18.62 24.75
CA ALA C 308 0.57 -18.76 23.31
C ALA C 308 -0.77 -19.16 22.67
N VAL C 309 -1.42 -20.18 23.24
CA VAL C 309 -2.66 -20.70 22.68
C VAL C 309 -3.81 -19.77 23.03
N SER C 310 -4.96 -19.98 22.38
CA SER C 310 -6.11 -19.10 22.58
C SER C 310 -6.82 -19.42 23.90
N THR C 311 -7.32 -20.64 24.04
CA THR C 311 -8.01 -21.03 25.27
C THR C 311 -7.00 -21.42 26.35
N GLY C 312 -6.07 -20.53 26.64
CA GLY C 312 -4.97 -20.80 27.54
C GLY C 312 -5.17 -20.19 28.92
N LEU C 313 -4.59 -19.01 29.10
CA LEU C 313 -4.55 -18.33 30.39
C LEU C 313 -5.87 -18.30 31.18
N PRO C 314 -7.08 -18.09 30.55
CA PRO C 314 -8.31 -18.00 31.35
C PRO C 314 -8.46 -19.00 32.48
N HIS C 315 -8.38 -20.30 32.18
CA HIS C 315 -8.55 -21.30 33.24
C HIS C 315 -7.50 -21.14 34.33
N MET C 316 -6.24 -20.91 33.95
CA MET C 316 -5.22 -20.67 34.95
C MET C 316 -5.58 -19.47 35.82
N ILE C 317 -6.09 -18.41 35.20
CA ILE C 317 -6.59 -17.27 35.96
C ILE C 317 -7.67 -17.75 36.92
N GLN C 318 -8.65 -18.48 36.39
CA GLN C 318 -9.73 -19.01 37.21
C GLN C 318 -9.21 -19.94 38.29
N GLU C 319 -8.02 -20.51 38.09
CA GLU C 319 -7.40 -21.27 39.17
C GLU C 319 -6.78 -20.33 40.19
N LEU C 320 -5.93 -19.41 39.74
CA LEU C 320 -5.13 -18.60 40.67
C LEU C 320 -6.02 -17.79 41.59
N GLN C 321 -7.00 -17.09 41.01
CA GLN C 321 -7.98 -16.36 41.81
C GLN C 321 -8.59 -17.26 42.87
N ASN C 322 -9.05 -18.45 42.45
CA ASN C 322 -9.62 -19.40 43.40
C ASN C 322 -8.65 -19.68 44.53
N HIS C 323 -7.39 -19.97 44.17
CA HIS C 323 -6.36 -20.20 45.19
C HIS C 323 -6.27 -19.01 46.13
N ILE C 324 -6.16 -17.81 45.57
CA ILE C 324 -6.07 -16.61 46.40
C ILE C 324 -7.29 -16.51 47.29
N HIS C 325 -8.47 -16.79 46.73
CA HIS C 325 -9.69 -16.79 47.51
C HIS C 325 -9.57 -17.72 48.70
N ASP C 326 -9.18 -18.97 48.45
CA ASP C 326 -9.03 -19.91 49.55
C ASP C 326 -7.93 -19.47 50.49
N GLU C 327 -6.87 -18.87 49.94
CA GLU C 327 -5.80 -18.38 50.79
C GLU C 327 -6.32 -17.32 51.74
N GLY C 328 -7.20 -16.44 51.26
CA GLY C 328 -7.83 -15.48 52.15
C GLY C 328 -8.61 -16.15 53.24
N LEU C 329 -9.35 -17.21 52.88
CA LEU C 329 -10.13 -17.92 53.88
C LEU C 329 -9.25 -18.73 54.83
N ARG C 330 -7.96 -18.86 54.54
CA ARG C 330 -7.02 -19.47 55.48
C ARG C 330 -6.20 -18.42 56.22
N ALA C 331 -6.50 -17.14 56.02
CA ALA C 331 -5.65 -16.11 56.61
C ALA C 331 -6.47 -15.09 57.39
N THR C 332 -7.71 -14.84 56.98
CA THR C 332 -8.55 -13.85 57.64
C THR C 332 -9.73 -14.43 58.40
N SER C 333 -10.17 -15.64 58.07
CA SER C 333 -11.33 -16.23 58.72
C SER C 333 -10.99 -16.91 60.04
N ASN C 334 -9.72 -17.12 60.34
CA ASN C 334 -9.30 -17.83 61.55
C ASN C 334 -9.16 -16.92 62.76
N LEU C 335 -9.36 -15.62 62.60
CA LEU C 335 -9.20 -14.69 63.70
C LEU C 335 -10.29 -14.88 64.73
N THR C 336 -9.91 -14.75 66.01
CA THR C 336 -10.82 -14.96 67.15
C THR C 336 -10.77 -13.73 68.04
N GLN C 337 -11.64 -12.76 67.77
CA GLN C 337 -11.77 -11.54 68.57
C GLN C 337 -10.44 -10.81 68.73
N GLU C 338 -9.95 -10.72 69.97
CA GLU C 338 -8.74 -10.01 70.38
C GLU C 338 -8.50 -8.74 69.59
N ASN C 339 -7.29 -8.54 69.09
CA ASN C 339 -6.97 -7.37 68.26
C ASN C 339 -7.25 -7.67 66.79
N MET C 340 -8.52 -7.98 66.52
CA MET C 340 -8.95 -8.22 65.15
C MET C 340 -8.73 -7.04 64.20
N PRO C 341 -8.96 -5.78 64.59
CA PRO C 341 -8.69 -4.69 63.62
C PRO C 341 -7.26 -4.66 63.12
N THR C 342 -6.28 -4.95 63.97
CA THR C 342 -4.89 -4.96 63.54
C THR C 342 -4.47 -6.28 62.92
N LEU C 343 -5.32 -7.30 62.95
CA LEU C 343 -5.01 -8.59 62.38
C LEU C 343 -5.66 -8.83 61.03
N PHE C 344 -6.91 -8.42 60.85
CA PHE C 344 -7.60 -8.59 59.57
C PHE C 344 -6.90 -7.80 58.46
N VAL C 345 -6.65 -6.52 58.70
CA VAL C 345 -6.01 -5.68 57.69
C VAL C 345 -4.60 -6.17 57.42
N GLU C 346 -3.87 -6.54 58.48
CA GLU C 346 -2.51 -7.03 58.31
C GLU C 346 -2.48 -8.34 57.52
N SER C 347 -3.45 -9.23 57.77
CA SER C 347 -3.51 -10.49 57.04
C SER C 347 -3.84 -10.27 55.57
N VAL C 348 -4.81 -9.40 55.28
CA VAL C 348 -5.14 -9.10 53.90
C VAL C 348 -3.96 -8.45 53.19
N LEU C 349 -3.26 -7.55 53.88
CA LEU C 349 -2.07 -6.93 53.31
C LEU C 349 -0.97 -7.94 53.07
N GLU C 350 -0.80 -8.90 53.98
CA GLU C 350 0.20 -9.94 53.78
C GLU C 350 -0.11 -10.80 52.57
N VAL C 351 -1.38 -11.19 52.42
CA VAL C 351 -1.79 -11.98 51.26
C VAL C 351 -1.58 -11.18 49.98
N HIS C 352 -1.97 -9.91 49.98
CA HIS C 352 -1.79 -9.05 48.81
C HIS C 352 -0.32 -8.90 48.46
N GLY C 353 0.53 -8.68 49.47
CA GLY C 353 1.95 -8.51 49.20
C GLY C 353 2.62 -9.78 48.71
N LYS C 354 2.20 -10.93 49.24
CA LYS C 354 2.74 -12.19 48.74
C LYS C 354 2.32 -12.45 47.30
N PHE C 355 1.05 -12.18 46.97
CA PHE C 355 0.55 -12.54 45.66
C PHE C 355 0.79 -11.49 44.60
N VAL C 356 1.13 -10.25 44.96
CA VAL C 356 1.52 -9.30 43.93
C VAL C 356 3.02 -9.42 43.66
N GLN C 357 3.78 -9.86 44.66
CA GLN C 357 5.18 -10.20 44.41
C GLN C 357 5.28 -11.42 43.51
N LEU C 358 4.49 -12.46 43.80
CA LEU C 358 4.52 -13.67 42.99
C LEU C 358 4.07 -13.40 41.56
N ILE C 359 3.01 -12.61 41.38
CA ILE C 359 2.52 -12.32 40.04
C ILE C 359 3.55 -11.52 39.26
N ASN C 360 4.21 -10.56 39.91
CA ASN C 360 5.14 -9.69 39.20
C ASN C 360 6.42 -10.42 38.80
N THR C 361 6.91 -11.34 39.64
CA THR C 361 8.19 -11.97 39.36
C THR C 361 8.08 -13.30 38.63
N VAL C 362 6.89 -13.90 38.58
CA VAL C 362 6.70 -15.21 37.97
C VAL C 362 5.77 -15.12 36.76
N LEU C 363 4.58 -14.54 36.95
CA LEU C 363 3.60 -14.40 35.88
C LEU C 363 3.78 -13.12 35.08
N ASN C 364 4.98 -12.55 35.09
CA ASN C 364 5.34 -11.37 34.29
C ASN C 364 4.50 -10.14 34.65
N GLY C 365 3.84 -10.16 35.80
CA GLY C 365 2.95 -9.06 36.16
C GLY C 365 1.80 -8.88 35.18
N ASP C 366 1.19 -9.97 34.75
CA ASP C 366 0.16 -9.91 33.73
C ASP C 366 -1.08 -9.19 34.28
N GLN C 367 -1.73 -8.42 33.40
CA GLN C 367 -2.88 -7.62 33.82
C GLN C 367 -4.04 -8.50 34.23
N HIS C 368 -4.26 -9.61 33.51
CA HIS C 368 -5.35 -10.51 33.85
C HIS C 368 -5.16 -11.12 35.23
N PHE C 369 -3.93 -11.50 35.57
CA PHE C 369 -3.68 -12.07 36.88
C PHE C 369 -3.81 -11.05 38.00
N MET C 370 -3.42 -9.79 37.75
CA MET C 370 -3.64 -8.75 38.74
C MET C 370 -5.13 -8.50 38.93
N SER C 371 -5.91 -8.55 37.85
CA SER C 371 -7.36 -8.42 37.97
C SER C 371 -7.94 -9.60 38.76
N ALA C 372 -7.40 -10.80 38.53
CA ALA C 372 -7.84 -11.96 39.30
C ALA C 372 -7.52 -11.79 40.78
N LEU C 373 -6.32 -11.27 41.09
CA LEU C 373 -5.97 -10.99 42.48
C LEU C 373 -6.94 -10.00 43.09
N ASP C 374 -7.22 -8.91 42.40
CA ASP C 374 -8.13 -7.89 42.91
C ASP C 374 -9.53 -8.44 43.11
N LYS C 375 -10.05 -9.22 42.16
CA LYS C 375 -11.36 -9.84 42.30
C LYS C 375 -11.42 -10.84 43.44
N ALA C 376 -10.39 -11.67 43.59
CA ALA C 376 -10.37 -12.65 44.68
C ALA C 376 -10.32 -11.95 46.03
N LEU C 377 -9.46 -10.94 46.16
CA LEU C 377 -9.39 -10.22 47.43
C LEU C 377 -10.66 -9.42 47.69
N THR C 378 -11.32 -8.96 46.63
CA THR C 378 -12.64 -8.36 46.80
C THR C 378 -13.61 -9.36 47.37
N SER C 379 -13.58 -10.60 46.89
CA SER C 379 -14.41 -11.65 47.48
C SER C 379 -13.89 -12.12 48.83
N VAL C 380 -12.67 -11.76 49.20
CA VAL C 380 -12.11 -12.17 50.50
C VAL C 380 -12.31 -11.10 51.56
N VAL C 381 -12.08 -9.83 51.21
CA VAL C 381 -12.12 -8.76 52.20
C VAL C 381 -13.51 -8.64 52.79
N ASN C 382 -14.52 -8.43 51.95
CA ASN C 382 -15.88 -8.34 52.45
C ASN C 382 -16.58 -9.71 52.41
N TYR C 383 -15.92 -10.71 52.99
CA TYR C 383 -16.47 -12.06 53.03
C TYR C 383 -17.64 -12.07 54.00
N ARG C 384 -18.85 -12.15 53.45
CA ARG C 384 -20.07 -12.07 54.25
C ARG C 384 -20.45 -13.45 54.76
N GLU C 385 -20.47 -13.60 56.08
CA GLU C 385 -21.02 -14.82 56.67
C GLU C 385 -22.52 -14.89 56.35
N PRO C 386 -23.03 -16.06 55.98
CA PRO C 386 -24.45 -16.17 55.62
C PRO C 386 -25.36 -15.76 56.76
N LYS C 387 -26.45 -15.06 56.39
CA LYS C 387 -27.39 -14.48 57.35
C LYS C 387 -26.69 -13.57 58.34
N SER C 388 -25.74 -12.78 57.84
CA SER C 388 -24.99 -11.84 58.68
C SER C 388 -24.44 -10.73 57.81
N VAL C 389 -24.07 -9.64 58.45
CA VAL C 389 -23.46 -8.50 57.77
C VAL C 389 -21.95 -8.72 57.72
N CYS C 390 -21.32 -8.20 56.68
CA CYS C 390 -19.87 -8.34 56.55
C CYS C 390 -19.17 -7.51 57.61
N LYS C 391 -18.17 -8.10 58.25
CA LYS C 391 -17.42 -7.41 59.30
C LYS C 391 -16.32 -6.51 58.75
N ALA C 392 -16.08 -6.55 57.44
CA ALA C 392 -14.96 -5.78 56.87
C ALA C 392 -15.05 -4.28 57.08
N PRO C 393 -16.19 -3.60 56.85
CA PRO C 393 -16.19 -2.14 57.06
C PRO C 393 -15.92 -1.73 58.49
N GLU C 394 -16.57 -2.38 59.47
CA GLU C 394 -16.36 -2.02 60.86
C GLU C 394 -14.94 -2.35 61.30
N LEU C 395 -14.40 -3.48 60.85
CA LEU C 395 -13.03 -3.84 61.21
C LEU C 395 -12.02 -2.85 60.65
N LEU C 396 -12.20 -2.42 59.39
CA LEU C 396 -11.29 -1.44 58.82
C LEU C 396 -11.42 -0.09 59.50
N ALA C 397 -12.65 0.31 59.83
CA ALA C 397 -12.86 1.56 60.54
C ALA C 397 -12.19 1.53 61.91
N LYS C 398 -12.31 0.39 62.62
CA LYS C 398 -11.67 0.26 63.91
C LYS C 398 -10.15 0.23 63.79
N TYR C 399 -9.62 -0.34 62.71
CA TYR C 399 -8.18 -0.32 62.49
C TYR C 399 -7.68 1.11 62.30
N CYS C 400 -8.40 1.89 61.50
CA CYS C 400 -8.04 3.30 61.33
C CYS C 400 -8.17 4.07 62.64
N ASP C 401 -9.23 3.78 63.40
CA ASP C 401 -9.42 4.41 64.70
C ASP C 401 -8.24 4.11 65.62
N ASN C 402 -7.84 2.85 65.71
CA ASN C 402 -6.74 2.47 66.60
C ASN C 402 -5.42 3.07 66.16
N LEU C 403 -5.19 3.20 64.85
CA LEU C 403 -3.97 3.85 64.40
C LEU C 403 -3.97 5.33 64.73
N LEU C 404 -5.07 6.03 64.44
CA LEU C 404 -5.08 7.47 64.60
C LEU C 404 -5.23 7.91 66.05
N LYS C 405 -5.93 7.12 66.87
CA LYS C 405 -6.15 7.49 68.26
C LYS C 405 -4.84 7.47 69.03
N LYS C 406 -4.62 8.50 69.85
CA LYS C 406 -3.42 8.56 70.67
C LYS C 406 -3.49 7.51 71.78
N SER C 407 -2.42 6.74 71.92
CA SER C 407 -2.36 5.68 72.91
C SER C 407 -0.91 5.41 73.26
N ALA C 408 -0.70 4.47 74.19
CA ALA C 408 0.63 4.09 74.65
C ALA C 408 1.29 3.05 73.77
N LYS C 409 0.83 2.88 72.52
CA LYS C 409 1.44 1.90 71.63
C LYS C 409 2.81 2.35 71.13
N GLY C 410 3.16 3.63 71.30
CA GLY C 410 4.49 4.08 71.00
C GLY C 410 4.78 4.33 69.54
N MET C 411 3.77 4.27 68.67
CA MET C 411 4.01 4.49 67.26
C MET C 411 4.29 5.97 67.00
N THR C 412 5.03 6.24 65.92
CA THR C 412 5.38 7.58 65.53
C THR C 412 4.52 8.02 64.34
N GLU C 413 4.70 9.27 63.92
CA GLU C 413 3.95 9.78 62.79
C GLU C 413 4.33 9.07 61.50
N ASN C 414 5.61 8.75 61.34
CA ASN C 414 6.04 8.01 60.15
C ASN C 414 5.44 6.60 60.13
N GLU C 415 5.40 5.94 61.29
CA GLU C 415 4.84 4.60 61.36
C GLU C 415 3.36 4.58 61.03
N VAL C 416 2.60 5.52 61.60
CA VAL C 416 1.17 5.55 61.33
C VAL C 416 0.89 6.06 59.92
N GLU C 417 1.78 6.87 59.35
CA GLU C 417 1.62 7.28 57.97
C GLU C 417 1.88 6.12 57.01
N ASP C 418 2.85 5.27 57.32
CA ASP C 418 3.10 4.10 56.49
C ASP C 418 1.99 3.06 56.65
N ARG C 419 1.54 2.82 57.88
CA ARG C 419 0.53 1.81 58.13
C ARG C 419 -0.86 2.22 57.65
N LEU C 420 -1.05 3.47 57.27
CA LEU C 420 -2.29 3.91 56.65
C LEU C 420 -2.21 3.97 55.14
N THR C 421 -1.02 4.25 54.58
CA THR C 421 -0.85 4.17 53.14
C THR C 421 -0.99 2.74 52.66
N SER C 422 -0.43 1.79 53.41
CA SER C 422 -0.65 0.38 53.07
C SER C 422 -2.08 -0.04 53.31
N PHE C 423 -2.78 0.63 54.24
CA PHE C 423 -4.16 0.26 54.55
C PHE C 423 -5.09 0.47 53.36
N ILE C 424 -4.79 1.47 52.52
CA ILE C 424 -5.66 1.80 51.39
C ILE C 424 -5.80 0.62 50.44
N THR C 425 -4.76 -0.22 50.36
CA THR C 425 -4.85 -1.43 49.54
C THR C 425 -5.98 -2.33 50.01
N VAL C 426 -6.17 -2.46 51.32
CA VAL C 426 -7.29 -3.22 51.84
C VAL C 426 -8.60 -2.48 51.61
N PHE C 427 -8.57 -1.15 51.73
CA PHE C 427 -9.81 -0.37 51.68
C PHE C 427 -10.47 -0.42 50.32
N LYS C 428 -9.69 -0.50 49.24
CA LYS C 428 -10.26 -0.49 47.89
C LYS C 428 -11.09 -1.74 47.58
N TYR C 429 -11.00 -2.79 48.40
CA TYR C 429 -11.74 -4.02 48.16
C TYR C 429 -13.00 -4.12 49.01
N ILE C 430 -13.36 -3.06 49.73
CA ILE C 430 -14.49 -3.14 50.66
C ILE C 430 -15.80 -3.36 49.91
N ASP C 431 -16.02 -2.57 48.84
CA ASP C 431 -17.22 -2.61 48.01
C ASP C 431 -18.49 -2.28 48.79
N ASP C 432 -18.36 -1.80 50.02
CA ASP C 432 -19.47 -1.35 50.85
C ASP C 432 -19.07 -0.04 51.53
N LYS C 433 -18.57 0.90 50.72
CA LYS C 433 -17.87 2.07 51.25
C LYS C 433 -18.78 2.95 52.10
N ASP C 434 -20.09 2.91 51.90
CA ASP C 434 -20.98 3.76 52.68
C ASP C 434 -20.98 3.38 54.16
N VAL C 435 -20.98 2.07 54.45
CA VAL C 435 -20.97 1.63 55.85
C VAL C 435 -19.65 2.03 56.52
N PHE C 436 -18.54 1.88 55.80
CA PHE C 436 -17.26 2.34 56.33
C PHE C 436 -17.26 3.84 56.54
N GLN C 437 -17.93 4.58 55.65
CA GLN C 437 -18.03 6.03 55.82
C GLN C 437 -18.79 6.37 57.10
N LYS C 438 -19.91 5.71 57.34
CA LYS C 438 -20.67 5.96 58.56
C LYS C 438 -19.85 5.64 59.80
N PHE C 439 -19.18 4.48 59.80
CA PHE C 439 -18.39 4.09 60.97
C PHE C 439 -17.21 5.01 61.20
N TYR C 440 -16.53 5.40 60.11
CA TYR C 440 -15.39 6.30 60.24
C TYR C 440 -15.83 7.68 60.70
N ALA C 441 -17.00 8.14 60.26
CA ALA C 441 -17.53 9.40 60.75
C ALA C 441 -17.85 9.31 62.24
N ARG C 442 -18.44 8.20 62.67
CA ARG C 442 -18.76 8.04 64.08
C ARG C 442 -17.51 8.04 64.94
N MET C 443 -16.44 7.40 64.47
CA MET C 443 -15.21 7.37 65.24
C MET C 443 -14.44 8.69 65.16
N LEU C 444 -14.48 9.37 64.01
CA LEU C 444 -13.81 10.65 63.87
C LEU C 444 -14.47 11.71 64.74
N ALA C 445 -15.80 11.64 64.90
CA ALA C 445 -16.48 12.59 65.78
C ALA C 445 -15.95 12.47 67.20
N LYS C 446 -15.82 11.25 67.71
CA LYS C 446 -15.31 11.05 69.05
C LYS C 446 -13.86 11.49 69.17
N ARG C 447 -13.01 11.06 68.22
CA ARG C 447 -11.59 11.40 68.29
C ARG C 447 -11.33 12.89 68.11
N LEU C 448 -12.26 13.62 67.51
CA LEU C 448 -12.08 15.06 67.36
C LEU C 448 -12.69 15.84 68.51
N ILE C 449 -13.79 15.36 69.09
CA ILE C 449 -14.42 16.09 70.19
C ILE C 449 -13.68 15.85 71.50
N HIS C 450 -13.46 14.59 71.84
CA HIS C 450 -12.87 14.27 73.14
C HIS C 450 -11.35 14.38 73.17
N GLY C 451 -10.73 14.76 72.05
CA GLY C 451 -9.30 14.98 72.05
C GLY C 451 -8.46 13.73 71.98
N LEU C 452 -9.04 12.60 71.57
CA LEU C 452 -8.30 11.35 71.45
C LEU C 452 -7.40 11.30 70.23
N SER C 453 -7.47 12.29 69.34
CA SER C 453 -6.61 12.29 68.17
C SER C 453 -5.15 12.44 68.56
N MET C 454 -4.29 11.69 67.87
CA MET C 454 -2.85 11.77 68.14
C MET C 454 -2.23 13.00 67.50
N SER C 455 -2.40 13.13 66.19
CA SER C 455 -1.92 14.31 65.47
C SER C 455 -3.01 14.77 64.52
N MET C 456 -3.31 16.07 64.55
CA MET C 456 -4.29 16.62 63.63
C MET C 456 -3.81 16.50 62.19
N ASP C 457 -2.51 16.61 61.96
CA ASP C 457 -1.97 16.37 60.62
C ASP C 457 -2.18 14.93 60.19
N SER C 458 -2.14 13.98 61.13
CA SER C 458 -2.44 12.59 60.81
C SER C 458 -3.89 12.44 60.37
N GLU C 459 -4.81 13.11 61.06
CA GLU C 459 -6.21 13.09 60.64
C GLU C 459 -6.38 13.68 59.26
N GLU C 460 -5.69 14.80 58.98
CA GLU C 460 -5.74 15.40 57.66
C GLU C 460 -5.21 14.45 56.59
N ALA C 461 -4.10 13.76 56.89
CA ALA C 461 -3.52 12.84 55.92
C ALA C 461 -4.46 11.68 55.65
N MET C 462 -5.11 11.14 56.69
CA MET C 462 -6.03 10.03 56.48
C MET C 462 -7.28 10.47 55.72
N ILE C 463 -7.76 11.68 55.99
CA ILE C 463 -8.90 12.20 55.23
C ILE C 463 -8.52 12.38 53.76
N ASN C 464 -7.32 12.91 53.51
CA ASN C 464 -6.90 13.14 52.14
C ASN C 464 -6.64 11.83 51.39
N LYS C 465 -6.16 10.81 52.08
CA LYS C 465 -5.92 9.53 51.41
C LYS C 465 -7.22 8.90 50.92
N LEU C 466 -8.28 8.99 51.72
CA LEU C 466 -9.58 8.49 51.28
C LEU C 466 -10.13 9.32 50.13
N LYS C 467 -9.78 10.61 50.07
CA LYS C 467 -10.17 11.44 48.94
C LYS C 467 -9.44 11.02 47.67
N GLN C 468 -8.20 10.55 47.79
CA GLN C 468 -7.49 10.03 46.62
C GLN C 468 -7.98 8.65 46.22
N ALA C 469 -8.47 7.86 47.18
CA ALA C 469 -8.97 6.52 46.85
C ALA C 469 -10.31 6.60 46.12
N CYS C 470 -11.31 7.19 46.77
CA CYS C 470 -12.62 7.37 46.19
C CYS C 470 -12.99 8.84 46.24
N GLY C 471 -14.13 9.18 45.65
CA GLY C 471 -14.43 10.55 45.28
C GLY C 471 -14.57 11.50 46.46
N TYR C 472 -14.65 12.79 46.14
CA TYR C 472 -14.72 13.82 47.17
C TYR C 472 -16.02 13.72 47.96
N GLU C 473 -17.12 13.32 47.33
CA GLU C 473 -18.39 13.19 48.03
C GLU C 473 -18.31 12.17 49.16
N PHE C 474 -17.37 11.24 49.08
CA PHE C 474 -17.11 10.34 50.20
C PHE C 474 -16.57 11.12 51.39
N THR C 475 -15.43 11.78 51.21
CA THR C 475 -14.84 12.58 52.29
C THR C 475 -15.27 14.03 52.20
N SER C 476 -16.57 14.26 52.05
CA SER C 476 -17.11 15.61 52.24
C SER C 476 -17.36 15.88 53.72
N LYS C 477 -18.21 15.05 54.35
CA LYS C 477 -18.51 15.23 55.76
C LYS C 477 -17.28 15.04 56.63
N LEU C 478 -16.42 14.10 56.27
CA LEU C 478 -15.22 13.83 57.06
C LEU C 478 -14.28 15.03 57.05
N HIS C 479 -13.99 15.55 55.86
CA HIS C 479 -13.11 16.71 55.77
C HIS C 479 -13.74 17.94 56.40
N ARG C 480 -15.07 18.06 56.33
CA ARG C 480 -15.72 19.19 56.98
C ARG C 480 -15.65 19.08 58.50
N MET C 481 -15.77 17.87 59.04
CA MET C 481 -15.59 17.66 60.47
C MET C 481 -14.17 18.02 60.89
N TYR C 482 -13.18 17.59 60.10
CA TYR C 482 -11.79 17.93 60.42
C TYR C 482 -11.57 19.44 60.37
N THR C 483 -12.14 20.12 59.37
CA THR C 483 -11.99 21.56 59.27
C THR C 483 -12.67 22.27 60.44
N ASP C 484 -13.85 21.79 60.85
CA ASP C 484 -14.53 22.38 62.00
C ASP C 484 -13.69 22.25 63.27
N MET C 485 -13.12 21.08 63.50
CA MET C 485 -12.32 20.91 64.71
C MET C 485 -10.98 21.64 64.60
N SER C 486 -10.47 21.84 63.39
CA SER C 486 -9.24 22.61 63.23
C SER C 486 -9.49 24.09 63.52
N VAL C 487 -10.55 24.66 62.96
CA VAL C 487 -10.87 26.07 63.18
C VAL C 487 -11.80 26.11 64.39
N SER C 488 -11.20 26.02 65.56
CA SER C 488 -11.86 26.26 66.83
C SER C 488 -11.10 27.23 67.71
N ALA C 489 -9.76 27.17 67.69
CA ALA C 489 -8.96 28.13 68.44
C ALA C 489 -9.15 29.53 67.89
N ASP C 490 -9.24 29.67 66.56
CA ASP C 490 -9.49 30.97 65.96
C ASP C 490 -10.87 31.50 66.35
N LEU C 491 -11.88 30.64 66.37
CA LEU C 491 -13.20 31.07 66.81
C LEU C 491 -13.19 31.51 68.27
N ASN C 492 -12.48 30.75 69.12
CA ASN C 492 -12.41 31.12 70.53
C ASN C 492 -11.67 32.45 70.71
N ASN C 493 -10.61 32.67 69.93
CA ASN C 493 -9.88 33.93 70.01
C ASN C 493 -10.77 35.09 69.57
N LYS C 494 -11.53 34.91 68.49
CA LYS C 494 -12.45 35.95 68.04
C LYS C 494 -13.55 36.20 69.07
N PHE C 495 -14.04 35.14 69.72
CA PHE C 495 -15.05 35.29 70.75
C PHE C 495 -14.51 36.07 71.94
N ASN C 496 -13.27 35.80 72.36
CA ASN C 496 -12.66 36.55 73.44
C ASN C 496 -12.46 38.01 73.04
N ASN C 497 -12.07 38.25 71.78
CA ASN C 497 -11.92 39.62 71.31
C ASN C 497 -13.25 40.36 71.33
N PHE C 498 -14.33 39.68 70.94
CA PHE C 498 -15.65 40.28 70.99
C PHE C 498 -16.07 40.56 72.43
N ILE C 499 -15.78 39.63 73.34
CA ILE C 499 -16.12 39.83 74.76
C ILE C 499 -15.41 41.06 75.30
N LYS C 500 -14.13 41.20 74.98
CA LYS C 500 -13.39 42.38 75.42
C LYS C 500 -13.96 43.65 74.79
N ASN C 501 -14.09 43.68 73.47
CA ASN C 501 -14.59 44.85 72.76
C ASN C 501 -16.09 44.73 72.49
N GLN C 502 -16.89 44.42 73.51
CA GLN C 502 -18.35 44.43 73.40
C GLN C 502 -18.90 45.24 74.57
N ASP C 503 -19.08 46.54 74.33
CA ASP C 503 -19.73 47.48 75.27
C ASP C 503 -18.97 47.44 76.59
N THR C 504 -19.60 47.11 77.71
CA THR C 504 -18.91 47.02 78.99
C THR C 504 -18.14 45.71 79.08
N VAL C 505 -17.27 45.63 80.09
CA VAL C 505 -16.47 44.43 80.30
C VAL C 505 -17.36 43.35 80.87
N ILE C 506 -17.79 42.43 80.00
CA ILE C 506 -18.64 41.32 80.45
C ILE C 506 -17.83 40.39 81.33
N ASP C 507 -18.40 40.02 82.48
CA ASP C 507 -17.68 39.21 83.45
C ASP C 507 -17.43 37.82 82.89
N LEU C 508 -16.16 37.40 82.91
CA LEU C 508 -15.78 36.06 82.48
C LEU C 508 -15.61 35.17 83.72
N GLY C 509 -16.75 34.88 84.35
CA GLY C 509 -16.75 33.94 85.46
C GLY C 509 -16.55 32.51 85.04
N ILE C 510 -16.57 32.23 83.73
CA ILE C 510 -16.33 30.92 83.18
C ILE C 510 -15.23 31.05 82.13
N SER C 511 -14.58 29.94 81.82
CA SER C 511 -13.65 29.87 80.70
C SER C 511 -14.36 29.09 79.60
N PHE C 512 -14.94 29.81 78.64
CA PHE C 512 -15.85 29.25 77.66
C PHE C 512 -15.08 29.05 76.34
N GLN C 513 -14.68 27.81 76.08
CA GLN C 513 -14.17 27.42 74.78
C GLN C 513 -15.21 26.57 74.08
N ILE C 514 -15.48 26.89 72.82
CA ILE C 514 -16.59 26.32 72.07
C ILE C 514 -16.03 25.54 70.88
N TYR C 515 -16.60 24.36 70.66
CA TYR C 515 -16.31 23.54 69.48
C TYR C 515 -17.55 23.58 68.59
N VAL C 516 -17.63 24.60 67.75
CA VAL C 516 -18.80 24.76 66.89
C VAL C 516 -18.71 23.76 65.74
N LEU C 517 -19.81 23.12 65.43
CA LEU C 517 -19.83 22.04 64.45
C LEU C 517 -20.93 22.31 63.42
N GLN C 518 -20.75 21.76 62.23
CA GLN C 518 -21.71 21.94 61.15
C GLN C 518 -22.72 20.79 61.17
N ALA C 519 -24.00 21.13 61.29
CA ALA C 519 -25.04 20.12 61.20
C ALA C 519 -25.07 19.52 59.80
N GLY C 520 -25.34 18.23 59.72
CA GLY C 520 -25.28 17.49 58.48
C GLY C 520 -23.91 16.91 58.21
N ALA C 521 -22.86 17.62 58.60
CA ALA C 521 -21.51 17.09 58.49
C ALA C 521 -21.25 16.05 59.57
N TRP C 522 -21.38 16.44 60.82
CA TRP C 522 -21.12 15.55 61.93
C TRP C 522 -22.27 14.56 62.07
N PRO C 523 -21.98 13.30 62.42
CA PRO C 523 -23.06 12.33 62.63
C PRO C 523 -23.89 12.58 63.86
N LEU C 524 -23.55 13.61 64.64
CA LEU C 524 -24.26 13.91 65.88
C LEU C 524 -25.68 14.38 65.57
N THR C 525 -26.65 13.81 66.26
CA THR C 525 -28.05 14.22 66.15
C THR C 525 -28.51 14.73 67.50
N GLN C 526 -29.03 15.96 67.53
CA GLN C 526 -29.45 16.54 68.80
C GLN C 526 -30.69 15.85 69.35
N ALA C 527 -31.73 15.70 68.52
CA ALA C 527 -33.02 15.11 68.87
C ALA C 527 -33.49 15.56 70.27
N PRO C 528 -33.81 16.86 70.45
CA PRO C 528 -34.08 17.40 71.79
C PRO C 528 -35.46 17.04 72.33
N SER C 529 -35.83 15.77 72.19
CA SER C 529 -37.04 15.28 72.86
C SER C 529 -36.83 15.16 74.35
N SER C 530 -35.57 14.95 74.77
CA SER C 530 -35.26 14.91 76.20
C SER C 530 -35.48 16.27 76.85
N THR C 531 -35.11 17.35 76.15
CA THR C 531 -35.26 18.75 76.55
C THR C 531 -34.32 19.07 77.72
N PHE C 532 -33.82 20.30 77.78
CA PHE C 532 -32.89 20.68 78.83
C PHE C 532 -33.02 22.18 79.10
N ALA C 533 -32.62 22.58 80.30
CA ALA C 533 -32.55 23.98 80.68
C ALA C 533 -31.14 24.32 81.09
N ILE C 534 -30.58 25.36 80.49
CA ILE C 534 -29.20 25.77 80.81
C ILE C 534 -29.18 26.35 82.22
N PRO C 535 -28.17 26.04 83.03
CA PRO C 535 -28.07 26.64 84.37
C PRO C 535 -27.86 28.15 84.28
N GLN C 536 -28.19 28.83 85.39
CA GLN C 536 -28.19 30.29 85.41
C GLN C 536 -26.79 30.86 85.17
N GLU C 537 -25.77 30.27 85.78
CA GLU C 537 -24.41 30.76 85.61
C GLU C 537 -23.85 30.51 84.22
N LEU C 538 -24.52 29.70 83.41
CA LEU C 538 -24.12 29.47 82.03
C LEU C 538 -25.02 30.17 81.02
N GLU C 539 -26.14 30.74 81.46
CA GLU C 539 -27.03 31.44 80.54
C GLU C 539 -26.39 32.73 80.02
N LYS C 540 -25.57 33.38 80.85
CA LYS C 540 -24.87 34.58 80.40
C LYS C 540 -23.90 34.27 79.27
N SER C 541 -23.15 33.16 79.40
CA SER C 541 -22.24 32.76 78.34
C SER C 541 -22.99 32.38 77.07
N VAL C 542 -24.13 31.71 77.22
CA VAL C 542 -24.96 31.38 76.07
C VAL C 542 -25.43 32.65 75.38
N GLN C 543 -25.86 33.65 76.16
CA GLN C 543 -26.33 34.90 75.57
C GLN C 543 -25.22 35.64 74.84
N MET C 544 -24.04 35.75 75.47
CA MET C 544 -22.96 36.51 74.83
C MET C 544 -22.43 35.79 73.60
N PHE C 545 -22.40 34.46 73.62
CA PHE C 545 -21.97 33.74 72.42
C PHE C 545 -23.03 33.79 71.32
N GLU C 546 -24.31 33.82 71.70
CA GLU C 546 -25.36 33.98 70.70
C GLU C 546 -25.25 35.35 70.02
N LEU C 547 -25.00 36.40 70.80
CA LEU C 547 -24.79 37.72 70.20
C LEU C 547 -23.54 37.76 69.34
N PHE C 548 -22.45 37.13 69.80
CA PHE C 548 -21.23 37.07 68.98
C PHE C 548 -21.47 36.35 67.67
N TYR C 549 -22.18 35.24 67.71
CA TYR C 549 -22.35 34.40 66.54
C TYR C 549 -23.49 34.87 65.65
N SER C 550 -24.30 35.81 66.13
CA SER C 550 -25.30 36.48 65.29
C SER C 550 -24.80 37.79 64.69
N GLN C 551 -23.83 38.44 65.32
CA GLN C 551 -23.25 39.65 64.75
C GLN C 551 -22.07 39.35 63.83
N HIS C 552 -21.08 38.62 64.32
CA HIS C 552 -19.91 38.32 63.50
C HIS C 552 -20.27 37.44 62.30
N PHE C 553 -21.15 36.47 62.51
CA PHE C 553 -21.68 35.63 61.45
C PHE C 553 -23.18 35.84 61.35
N SER C 554 -23.72 35.73 60.14
CA SER C 554 -25.11 36.04 59.90
C SER C 554 -25.83 34.87 59.27
N GLY C 555 -27.12 34.76 59.57
CA GLY C 555 -27.97 33.74 58.98
C GLY C 555 -27.55 32.32 59.31
N ARG C 556 -27.28 32.05 60.59
CA ARG C 556 -26.83 30.73 61.02
C ARG C 556 -27.55 30.37 62.31
N LYS C 557 -28.44 29.37 62.24
CA LYS C 557 -29.12 28.88 63.43
C LYS C 557 -28.14 28.08 64.28
N LEU C 558 -27.74 28.63 65.42
CA LEU C 558 -26.83 27.94 66.33
C LEU C 558 -27.65 27.14 67.32
N THR C 559 -27.84 25.85 67.02
CA THR C 559 -28.48 24.95 67.95
C THR C 559 -27.45 24.36 68.91
N TRP C 560 -27.87 24.15 70.15
CA TRP C 560 -26.96 23.76 71.22
C TRP C 560 -27.03 22.26 71.42
N LEU C 561 -25.88 21.60 71.35
CA LEU C 561 -25.77 20.16 71.54
C LEU C 561 -25.35 19.93 72.98
N HIS C 562 -26.34 19.71 73.84
CA HIS C 562 -26.12 19.82 75.28
C HIS C 562 -25.33 18.63 75.84
N TYR C 563 -25.65 17.41 75.39
CA TYR C 563 -25.13 16.22 76.07
C TYR C 563 -23.61 16.07 75.92
N LEU C 564 -23.00 16.73 74.94
CA LEU C 564 -21.57 16.65 74.77
C LEU C 564 -20.81 17.76 75.49
N CYS C 565 -21.52 18.66 76.16
CA CYS C 565 -20.86 19.74 76.87
C CYS C 565 -20.40 19.26 78.25
N THR C 566 -19.12 19.44 78.54
CA THR C 566 -18.54 19.04 79.82
C THR C 566 -17.92 20.25 80.49
N GLY C 567 -17.96 20.25 81.82
CA GLY C 567 -17.41 21.35 82.59
C GLY C 567 -16.81 20.84 83.88
N GLU C 568 -15.78 21.55 84.35
CA GLU C 568 -15.08 21.15 85.56
C GLU C 568 -15.56 21.96 86.76
N VAL C 569 -15.54 21.32 87.93
CA VAL C 569 -15.96 21.93 89.17
C VAL C 569 -14.99 21.50 90.26
N LYS C 570 -14.47 22.46 91.02
CA LYS C 570 -13.65 22.13 92.18
C LYS C 570 -14.52 22.15 93.43
N MET C 571 -14.34 21.14 94.28
CA MET C 571 -15.26 20.89 95.38
C MET C 571 -14.79 21.63 96.64
N ASN C 572 -14.89 22.95 96.57
CA ASN C 572 -14.55 23.77 97.74
C ASN C 572 -15.58 23.65 98.85
N TYR C 573 -16.74 23.04 98.59
CA TYR C 573 -17.75 22.83 99.62
C TYR C 573 -17.26 21.86 100.70
N LEU C 574 -16.30 21.00 100.39
CA LEU C 574 -15.80 20.02 101.34
C LEU C 574 -14.30 19.83 101.10
N GLY C 575 -13.49 20.49 101.94
CA GLY C 575 -12.05 20.28 101.94
C GLY C 575 -11.27 20.87 100.78
N LYS C 576 -11.96 21.18 99.68
CA LYS C 576 -11.34 21.64 98.45
C LYS C 576 -10.22 20.72 97.96
N PRO C 577 -10.49 19.41 97.79
CA PRO C 577 -9.39 18.48 97.51
C PRO C 577 -9.10 18.22 96.05
N TYR C 578 -10.06 18.46 95.14
CA TYR C 578 -9.91 18.03 93.77
C TYR C 578 -10.86 18.81 92.87
N VAL C 579 -10.75 18.57 91.57
CA VAL C 579 -11.66 19.10 90.56
C VAL C 579 -12.49 17.94 90.04
N ALA C 580 -13.68 18.25 89.52
CA ALA C 580 -14.73 17.27 89.24
C ALA C 580 -15.32 17.47 87.84
N MET C 581 -14.45 17.49 86.83
CA MET C 581 -14.86 17.53 85.43
C MET C 581 -16.00 16.56 85.15
N VAL C 582 -17.12 17.10 84.67
CA VAL C 582 -18.36 16.33 84.58
C VAL C 582 -19.22 16.95 83.49
N THR C 583 -20.11 16.15 82.91
CA THR C 583 -20.96 16.60 81.82
C THR C 583 -21.99 17.62 82.31
N THR C 584 -22.52 18.39 81.36
CA THR C 584 -23.48 19.44 81.68
C THR C 584 -24.78 18.87 82.24
N TYR C 585 -25.23 17.74 81.70
CA TYR C 585 -26.44 17.10 82.22
C TYR C 585 -26.26 16.72 83.69
N GLN C 586 -25.11 16.17 84.04
CA GLN C 586 -24.80 15.92 85.44
C GLN C 586 -24.43 17.20 86.18
N MET C 587 -23.96 18.22 85.47
CA MET C 587 -23.67 19.50 86.11
C MET C 587 -24.94 20.18 86.61
N ALA C 588 -26.02 20.12 85.82
CA ALA C 588 -27.28 20.73 86.22
C ALA C 588 -27.87 20.08 87.46
N VAL C 589 -27.44 18.86 87.79
CA VAL C 589 -27.82 18.25 89.06
C VAL C 589 -27.27 19.07 90.22
N LEU C 590 -26.02 19.51 90.10
CA LEU C 590 -25.33 20.15 91.23
C LEU C 590 -25.89 21.54 91.55
N LEU C 591 -26.58 22.18 90.62
CA LEU C 591 -27.08 23.54 90.85
C LEU C 591 -28.11 23.56 91.98
N ALA C 592 -29.13 22.71 91.90
CA ALA C 592 -30.13 22.66 92.96
C ALA C 592 -29.52 22.22 94.28
N PHE C 593 -28.51 21.35 94.23
CA PHE C 593 -27.82 20.95 95.44
C PHE C 593 -26.96 22.06 96.01
N ASN C 594 -26.66 23.10 95.22
CA ASN C 594 -25.86 24.21 95.74
C ASN C 594 -26.66 25.08 96.68
N ASN C 595 -27.94 25.32 96.37
CA ASN C 595 -28.78 26.14 97.24
C ASN C 595 -29.10 25.41 98.54
N SER C 596 -29.50 24.15 98.44
CA SER C 596 -29.81 23.33 99.61
C SER C 596 -29.18 21.95 99.42
N GLU C 597 -28.62 21.42 100.52
CA GLU C 597 -27.96 20.12 100.44
C GLU C 597 -28.96 19.01 100.12
N THR C 598 -30.13 19.03 100.74
CA THR C 598 -31.14 18.01 100.53
C THR C 598 -32.04 18.42 99.36
N VAL C 599 -31.98 17.65 98.28
CA VAL C 599 -32.75 17.92 97.07
C VAL C 599 -33.47 16.64 96.65
N SER C 600 -34.77 16.75 96.40
CA SER C 600 -35.57 15.62 95.97
C SER C 600 -35.48 15.45 94.46
N TYR C 601 -36.15 14.41 93.94
CA TYR C 601 -36.13 14.15 92.50
C TYR C 601 -36.84 15.26 91.73
N LYS C 602 -38.07 15.60 92.14
CA LYS C 602 -38.78 16.69 91.49
C LYS C 602 -38.20 18.05 91.86
N GLU C 603 -37.64 18.17 93.07
CA GLU C 603 -36.97 19.40 93.47
C GLU C 603 -35.74 19.64 92.61
N LEU C 604 -35.09 18.58 92.14
CA LEU C 604 -34.02 18.72 91.15
C LEU C 604 -34.59 18.95 89.76
N GLN C 605 -35.69 18.27 89.42
CA GLN C 605 -36.19 18.26 88.06
C GLN C 605 -36.84 19.58 87.65
N ASP C 606 -37.36 20.35 88.61
CA ASP C 606 -38.07 21.58 88.25
C ASP C 606 -37.15 22.61 87.61
N SER C 607 -35.84 22.55 87.91
CA SER C 607 -34.88 23.48 87.34
C SER C 607 -34.27 22.94 86.04
N THR C 608 -33.85 21.67 86.03
CA THR C 608 -33.31 21.09 84.81
C THR C 608 -34.37 20.95 83.72
N GLN C 609 -35.60 20.59 84.12
CA GLN C 609 -36.74 20.44 83.21
C GLN C 609 -36.44 19.44 82.09
N MET C 610 -35.71 18.38 82.41
CA MET C 610 -35.38 17.36 81.43
C MET C 610 -36.28 16.14 81.60
N ASN C 611 -36.20 15.23 80.64
CA ASN C 611 -37.01 14.01 80.69
C ASN C 611 -36.51 13.09 81.80
N GLU C 612 -37.37 12.13 82.16
CA GLU C 612 -37.07 11.25 83.28
C GLU C 612 -35.91 10.29 82.97
N LYS C 613 -35.77 9.86 81.73
CA LYS C 613 -34.76 8.86 81.39
C LYS C 613 -33.35 9.42 81.56
N GLU C 614 -33.08 10.59 80.97
CA GLU C 614 -31.75 11.18 81.08
C GLU C 614 -31.43 11.59 82.51
N LEU C 615 -32.43 12.11 83.22
CA LEU C 615 -32.22 12.47 84.63
C LEU C 615 -31.89 11.24 85.46
N THR C 616 -32.61 10.14 85.23
CA THR C 616 -32.32 8.90 85.95
C THR C 616 -30.93 8.39 85.62
N LYS C 617 -30.53 8.45 84.35
CA LYS C 617 -29.20 7.98 83.96
C LYS C 617 -28.10 8.82 84.60
N THR C 618 -28.27 10.15 84.57
CA THR C 618 -27.27 11.03 85.18
C THR C 618 -27.21 10.83 86.70
N ILE C 619 -28.36 10.65 87.34
CA ILE C 619 -28.38 10.43 88.78
C ILE C 619 -27.72 9.10 89.13
N LYS C 620 -27.97 8.06 88.33
CA LYS C 620 -27.32 6.78 88.56
C LYS C 620 -25.81 6.86 88.38
N SER C 621 -25.37 7.59 87.36
CA SER C 621 -23.94 7.76 87.16
C SER C 621 -23.30 8.53 88.32
N LEU C 622 -23.98 9.56 88.82
CA LEU C 622 -23.47 10.30 89.97
C LEU C 622 -23.49 9.47 91.24
N LEU C 623 -24.46 8.57 91.38
CA LEU C 623 -24.49 7.67 92.52
C LEU C 623 -23.37 6.65 92.44
N ASP C 624 -23.00 6.23 91.23
CA ASP C 624 -21.77 5.46 91.06
C ASP C 624 -20.56 6.29 91.47
N VAL C 625 -20.55 7.57 91.09
CA VAL C 625 -19.55 8.51 91.60
C VAL C 625 -19.74 8.71 93.10
N LYS C 626 -20.97 8.54 93.60
CA LYS C 626 -21.36 8.63 95.02
C LYS C 626 -21.06 9.98 95.63
N MET C 627 -20.88 11.02 94.80
CA MET C 627 -20.79 12.38 95.32
C MET C 627 -22.07 12.77 96.05
N ILE C 628 -23.22 12.40 95.49
CA ILE C 628 -24.51 12.56 96.16
C ILE C 628 -24.87 11.23 96.80
N ASN C 629 -25.24 11.28 98.08
CA ASN C 629 -25.69 10.09 98.80
C ASN C 629 -27.21 10.13 98.96
N HIS C 630 -27.84 8.99 98.74
CA HIS C 630 -29.29 8.89 98.75
C HIS C 630 -29.80 8.96 100.19
N ASP C 631 -30.49 10.06 100.52
CA ASP C 631 -31.10 10.17 101.84
C ASP C 631 -32.19 9.12 102.04
N SER C 632 -32.99 8.88 101.01
CA SER C 632 -33.97 7.81 101.06
C SER C 632 -33.27 6.45 101.07
N GLU C 633 -33.81 5.53 101.88
CA GLU C 633 -33.20 4.20 101.98
C GLU C 633 -33.30 3.44 100.67
N LYS C 634 -34.40 3.59 99.95
CA LYS C 634 -34.59 2.91 98.67
C LYS C 634 -33.65 3.53 97.64
N GLU C 635 -32.54 2.84 97.36
CA GLU C 635 -31.52 3.38 96.46
C GLU C 635 -32.03 3.47 95.03
N ASP C 636 -33.01 2.66 94.66
CA ASP C 636 -33.58 2.73 93.32
C ASP C 636 -34.33 4.05 93.13
N ILE C 637 -34.35 4.52 91.88
CA ILE C 637 -34.91 5.83 91.59
C ILE C 637 -36.43 5.75 91.62
N ASP C 638 -37.06 6.66 92.35
CA ASP C 638 -38.50 6.69 92.50
C ASP C 638 -38.94 8.16 92.46
N ALA C 639 -40.20 8.40 92.86
CA ALA C 639 -40.75 9.75 92.82
C ALA C 639 -40.04 10.68 93.79
N GLU C 640 -39.88 10.24 95.06
CA GLU C 640 -39.21 11.05 96.06
C GLU C 640 -37.75 11.27 95.71
N SER C 641 -36.96 10.19 95.78
CA SER C 641 -35.55 10.15 95.41
C SER C 641 -34.78 11.40 95.87
N SER C 642 -34.73 11.57 97.19
CA SER C 642 -34.06 12.70 97.79
C SER C 642 -32.60 12.35 98.08
N PHE C 643 -31.68 13.15 97.55
CA PHE C 643 -30.26 12.95 97.75
C PHE C 643 -29.67 14.15 98.49
N SER C 644 -28.43 14.00 98.94
CA SER C 644 -27.71 15.07 99.61
C SER C 644 -26.24 15.01 99.21
N LEU C 645 -25.47 16.00 99.67
CA LEU C 645 -24.04 16.01 99.42
C LEU C 645 -23.36 15.07 100.41
N ASN C 646 -22.64 14.08 99.87
CA ASN C 646 -21.89 13.13 100.69
C ASN C 646 -20.62 13.83 101.16
N MET C 647 -20.71 14.46 102.34
CA MET C 647 -19.57 15.18 102.88
C MET C 647 -18.44 14.24 103.27
N ASN C 648 -18.75 12.99 103.58
CA ASN C 648 -17.71 12.01 103.91
C ASN C 648 -17.03 11.46 102.66
N PHE C 649 -17.62 11.66 101.48
CA PHE C 649 -17.03 11.16 100.25
C PHE C 649 -15.77 11.94 99.90
N SER C 650 -14.74 11.23 99.43
CA SER C 650 -13.50 11.84 99.00
C SER C 650 -12.89 10.99 97.91
N SER C 651 -12.02 11.62 97.12
CA SER C 651 -11.35 10.96 96.00
C SER C 651 -9.85 10.89 96.26
N LYS C 652 -9.22 9.85 95.70
CA LYS C 652 -7.79 9.65 95.91
C LYS C 652 -6.95 10.71 95.20
N ARG C 653 -7.41 11.18 94.05
CA ARG C 653 -6.63 12.10 93.23
C ARG C 653 -7.14 13.53 93.38
N THR C 654 -6.32 14.47 92.93
CA THR C 654 -6.65 15.89 92.95
C THR C 654 -7.28 16.37 91.65
N LYS C 655 -7.52 15.45 90.70
CA LYS C 655 -8.07 15.77 89.38
C LYS C 655 -9.18 14.79 89.04
N PHE C 656 -10.14 14.64 89.96
CA PHE C 656 -11.10 13.55 89.86
C PHE C 656 -12.07 13.78 88.71
N LYS C 657 -11.67 13.34 87.51
CA LYS C 657 -12.50 13.46 86.33
C LYS C 657 -13.58 12.38 86.36
N ILE C 658 -14.81 12.78 86.08
CA ILE C 658 -15.93 11.84 85.99
C ILE C 658 -16.15 11.52 84.52
N THR C 659 -15.83 10.28 84.13
CA THR C 659 -15.98 9.85 82.75
C THR C 659 -17.43 9.48 82.50
N THR C 660 -18.12 10.31 81.71
CA THR C 660 -19.54 10.13 81.37
C THR C 660 -20.40 9.98 82.62
N PHE D 10 -17.76 24.05 94.98
CA PHE D 10 -18.67 23.22 94.18
C PHE D 10 -19.38 24.08 93.15
N GLU D 11 -18.61 24.85 92.39
CA GLU D 11 -19.14 25.75 91.37
C GLU D 11 -18.41 25.50 90.06
N VAL D 12 -19.05 25.92 88.97
CA VAL D 12 -18.55 25.69 87.62
C VAL D 12 -17.57 26.79 87.27
N LYS D 13 -16.37 26.42 86.85
CA LYS D 13 -15.31 27.38 86.57
C LYS D 13 -14.71 27.25 85.19
N LYS D 14 -14.62 26.04 84.65
CA LYS D 14 -14.24 25.82 83.25
C LYS D 14 -15.35 25.02 82.58
N TRP D 15 -15.76 25.46 81.40
CA TRP D 15 -16.83 24.78 80.66
C TRP D 15 -16.40 24.55 79.22
N ASN D 16 -16.65 23.35 78.72
CA ASN D 16 -16.50 23.01 77.32
C ASN D 16 -17.89 22.85 76.72
N ALA D 17 -18.14 23.49 75.59
CA ALA D 17 -19.46 23.46 74.98
C ALA D 17 -19.34 23.10 73.50
N VAL D 18 -20.35 22.39 73.01
CA VAL D 18 -20.42 21.93 71.63
C VAL D 18 -21.79 22.30 71.07
N ALA D 19 -21.80 23.02 69.95
CA ALA D 19 -23.05 23.48 69.35
C ALA D 19 -23.00 23.29 67.85
N LEU D 20 -24.04 22.69 67.29
CA LEU D 20 -24.18 22.55 65.85
C LEU D 20 -24.69 23.86 65.25
N TRP D 21 -24.57 23.97 63.93
CA TRP D 21 -25.11 25.14 63.25
C TRP D 21 -25.47 24.79 61.81
N ALA D 22 -26.59 25.34 61.34
CA ALA D 22 -27.02 25.24 59.96
C ALA D 22 -26.99 26.62 59.33
N TRP D 23 -27.18 26.65 58.01
CA TRP D 23 -27.03 27.89 57.24
C TRP D 23 -28.29 28.72 57.14
N ASP D 24 -29.39 28.30 57.77
CA ASP D 24 -30.71 28.92 57.73
C ASP D 24 -31.35 28.82 56.34
N ILE D 25 -30.61 28.32 55.35
CA ILE D 25 -31.09 28.02 54.01
C ILE D 25 -30.35 26.77 53.57
N VAL D 26 -31.09 25.75 53.12
CA VAL D 26 -30.47 24.47 52.84
C VAL D 26 -29.63 24.56 51.57
N VAL D 27 -28.33 24.77 51.75
CA VAL D 27 -27.37 24.79 50.66
C VAL D 27 -26.20 23.91 51.04
N ASP D 28 -25.79 23.04 50.13
CA ASP D 28 -24.87 21.96 50.48
C ASP D 28 -23.74 21.83 49.47
N ASN D 29 -23.68 22.67 48.45
CA ASN D 29 -22.62 22.58 47.47
C ASN D 29 -22.45 23.90 46.73
N CYS D 30 -21.20 24.26 46.47
CA CYS D 30 -20.88 25.29 45.48
C CYS D 30 -21.23 24.71 44.13
N ALA D 31 -22.37 25.13 43.57
CA ALA D 31 -22.84 24.53 42.32
C ALA D 31 -21.86 24.73 41.19
N ILE D 32 -21.05 25.78 41.24
CA ILE D 32 -19.99 25.95 40.25
C ILE D 32 -18.93 24.86 40.40
N CYS D 33 -18.50 24.61 41.63
CA CYS D 33 -17.39 23.71 41.90
C CYS D 33 -17.83 22.30 42.27
N ARG D 34 -19.07 22.11 42.71
CA ARG D 34 -19.58 20.84 43.18
C ARG D 34 -18.77 20.29 44.36
N ASN D 35 -18.19 21.19 45.15
CA ASN D 35 -17.71 20.88 46.49
C ASN D 35 -18.36 21.86 47.46
N HIS D 36 -18.35 21.51 48.74
CA HIS D 36 -19.16 22.24 49.71
C HIS D 36 -18.62 23.66 49.91
N ILE D 37 -19.55 24.59 50.14
CA ILE D 37 -19.17 26.00 50.26
C ILE D 37 -18.30 26.24 51.48
N MET D 38 -18.55 25.51 52.57
CA MET D 38 -17.74 25.66 53.77
C MET D 38 -16.35 25.08 53.59
N ASP D 39 -16.17 24.19 52.61
CA ASP D 39 -14.84 23.74 52.23
C ASP D 39 -14.18 24.79 51.33
N LEU D 40 -12.90 24.60 51.06
CA LEU D 40 -12.19 25.50 50.18
C LEU D 40 -12.65 25.33 48.73
N CYS D 41 -12.57 26.41 47.97
CA CYS D 41 -12.93 26.35 46.56
C CYS D 41 -11.89 25.56 45.78
N ILE D 42 -12.28 25.12 44.58
CA ILE D 42 -11.38 24.33 43.75
C ILE D 42 -10.14 25.14 43.37
N GLU D 43 -10.33 26.43 43.08
CA GLU D 43 -9.19 27.29 42.77
C GLU D 43 -8.25 27.40 43.96
N CYS D 44 -8.81 27.51 45.17
CA CYS D 44 -8.00 27.52 46.38
C CYS D 44 -7.69 26.12 46.91
N GLN D 45 -8.31 25.08 46.34
CA GLN D 45 -7.91 23.72 46.70
C GLN D 45 -6.48 23.44 46.27
N ALA D 46 -6.11 23.87 45.07
CA ALA D 46 -4.72 23.89 44.66
C ALA D 46 -4.01 25.06 45.34
N ASN D 47 -2.68 25.03 45.27
CA ASN D 47 -1.79 25.97 45.95
C ASN D 47 -2.27 26.27 47.38
N GLN D 48 -2.57 25.19 48.10
CA GLN D 48 -3.06 25.31 49.48
C GLN D 48 -2.01 25.86 50.42
N ALA D 49 -0.72 25.69 50.10
CA ALA D 49 0.32 26.30 50.92
C ALA D 49 0.26 27.82 50.87
N SER D 50 0.01 28.39 49.70
CA SER D 50 -0.14 29.83 49.59
C SER D 50 -1.48 30.30 50.14
N ALA D 51 -2.53 29.51 49.97
CA ALA D 51 -3.84 29.87 50.49
C ALA D 51 -3.85 29.82 52.02
N THR D 52 -4.57 30.76 52.62
CA THR D 52 -4.65 30.85 54.08
C THR D 52 -5.85 30.11 54.66
N SER D 53 -6.65 29.45 53.81
CA SER D 53 -7.83 28.68 54.22
C SER D 53 -8.88 29.54 54.91
N GLU D 54 -8.86 30.85 54.69
CA GLU D 54 -9.86 31.75 55.26
C GLU D 54 -10.42 32.64 54.17
N GLU D 55 -9.64 32.83 53.09
CA GLU D 55 -10.09 33.66 51.98
C GLU D 55 -11.29 33.07 51.27
N CYS D 56 -11.53 31.76 51.43
CA CYS D 56 -12.67 31.10 50.77
C CYS D 56 -13.96 31.44 51.52
N THR D 57 -14.37 32.70 51.37
CA THR D 57 -15.61 33.15 51.97
C THR D 57 -16.80 32.71 51.13
N VAL D 58 -17.98 32.79 51.72
CA VAL D 58 -19.22 32.36 51.09
C VAL D 58 -19.96 33.59 50.59
N ALA D 59 -20.36 33.56 49.32
CA ALA D 59 -21.07 34.67 48.69
C ALA D 59 -22.52 34.27 48.47
N TRP D 60 -23.44 35.14 48.84
CA TRP D 60 -24.87 34.89 48.73
C TRP D 60 -25.50 35.90 47.79
N GLY D 61 -26.35 35.43 46.88
CA GLY D 61 -27.07 36.29 45.99
C GLY D 61 -28.48 36.58 46.48
N VAL D 62 -29.17 37.45 45.73
CA VAL D 62 -30.56 37.76 46.04
C VAL D 62 -31.43 36.53 45.87
N CYS D 63 -31.07 35.65 44.93
CA CYS D 63 -31.79 34.40 44.70
C CYS D 63 -31.56 33.37 45.80
N ASN D 64 -30.90 33.74 46.91
CA ASN D 64 -30.64 32.85 48.04
C ASN D 64 -29.85 31.61 47.60
N HIS D 65 -28.86 31.82 46.75
CA HIS D 65 -27.94 30.78 46.33
C HIS D 65 -26.55 31.12 46.85
N ALA D 66 -25.78 30.09 47.21
CA ALA D 66 -24.50 30.26 47.86
C ALA D 66 -23.38 29.65 47.02
N PHE D 67 -22.34 30.44 46.78
CA PHE D 67 -21.11 29.97 46.14
C PHE D 67 -19.95 30.61 46.86
N HIS D 68 -18.75 30.07 46.64
CA HIS D 68 -17.56 30.74 47.15
C HIS D 68 -17.40 32.09 46.49
N PHE D 69 -16.76 33.03 47.20
CA PHE D 69 -16.57 34.35 46.63
C PHE D 69 -15.68 34.29 45.40
N HIS D 70 -14.61 33.51 45.44
CA HIS D 70 -13.73 33.38 44.29
C HIS D 70 -14.49 32.79 43.10
N CYS D 71 -15.34 31.79 43.35
CA CYS D 71 -16.02 31.10 42.27
C CYS D 71 -17.03 32.00 41.59
N ILE D 72 -17.88 32.67 42.38
CA ILE D 72 -18.89 33.53 41.79
C ILE D 72 -18.24 34.79 41.20
N SER D 73 -17.09 35.21 41.74
CA SER D 73 -16.40 36.34 41.13
C SER D 73 -15.81 35.96 39.78
N ARG D 74 -15.21 34.77 39.68
CA ARG D 74 -14.67 34.30 38.42
C ARG D 74 -15.77 34.07 37.40
N TRP D 75 -16.91 33.54 37.84
CA TRP D 75 -18.03 33.35 36.93
C TRP D 75 -18.63 34.68 36.50
N LEU D 76 -18.61 35.69 37.38
CA LEU D 76 -19.21 36.98 37.08
C LEU D 76 -18.34 37.86 36.20
N LYS D 77 -17.05 37.51 36.02
CA LYS D 77 -16.18 38.33 35.19
C LYS D 77 -16.60 38.33 33.72
N THR D 78 -17.30 37.29 33.27
CA THR D 78 -17.79 37.21 31.90
C THR D 78 -19.30 37.11 31.83
N ARG D 79 -19.91 36.21 32.60
CA ARG D 79 -21.35 36.01 32.62
C ARG D 79 -21.93 36.73 33.83
N GLN D 80 -22.85 37.66 33.59
CA GLN D 80 -23.45 38.44 34.66
C GLN D 80 -24.67 37.76 35.28
N VAL D 81 -24.93 36.51 34.91
CA VAL D 81 -26.13 35.81 35.33
C VAL D 81 -25.76 34.77 36.38
N CYS D 82 -26.70 34.51 37.29
CA CYS D 82 -26.48 33.50 38.33
C CYS D 82 -26.36 32.12 37.68
N PRO D 83 -25.36 31.32 38.06
CA PRO D 83 -25.16 30.03 37.38
C PRO D 83 -26.32 29.07 37.48
N LEU D 84 -27.00 29.03 38.63
CA LEU D 84 -28.03 28.02 38.83
C LEU D 84 -29.33 28.39 38.13
N ASP D 85 -29.96 29.48 38.53
CA ASP D 85 -31.16 29.98 37.87
C ASP D 85 -30.81 31.19 37.03
N ASN D 86 -31.18 31.16 35.75
CA ASN D 86 -30.75 32.17 34.79
C ASN D 86 -31.50 33.48 35.03
N ARG D 87 -31.11 34.15 36.10
CA ARG D 87 -31.60 35.48 36.42
C ARG D 87 -30.43 36.30 36.93
N GLU D 88 -30.61 37.62 36.94
CA GLU D 88 -29.51 38.52 37.29
C GLU D 88 -29.05 38.30 38.72
N TRP D 89 -27.77 38.52 38.96
CA TRP D 89 -27.13 38.24 40.23
C TRP D 89 -26.75 39.53 40.93
N GLU D 90 -27.03 39.58 42.24
CA GLU D 90 -26.63 40.72 43.07
C GLU D 90 -26.27 40.21 44.45
N PHE D 91 -25.12 40.64 44.95
CA PHE D 91 -24.64 40.16 46.24
C PHE D 91 -25.51 40.68 47.38
N GLN D 92 -25.45 39.98 48.50
CA GLN D 92 -26.20 40.38 49.70
C GLN D 92 -25.46 41.48 50.45
N MET E 1 -34.61 15.61 0.58
CA MET E 1 -33.23 16.04 0.34
C MET E 1 -33.02 17.46 0.83
N TYR E 2 -33.93 17.97 1.64
CA TYR E 2 -33.85 19.32 2.19
C TYR E 2 -34.07 19.24 3.70
N VAL E 3 -32.96 19.20 4.43
CA VAL E 3 -33.02 19.21 5.89
C VAL E 3 -33.36 20.61 6.38
N LYS E 4 -34.18 20.69 7.42
CA LYS E 4 -34.66 21.96 7.95
C LYS E 4 -33.99 22.21 9.30
N LEU E 5 -32.96 23.05 9.29
CA LEU E 5 -32.23 23.37 10.52
C LEU E 5 -32.93 24.51 11.24
N ILE E 6 -33.70 24.18 12.26
CA ILE E 6 -34.30 25.20 13.12
C ILE E 6 -33.22 25.78 14.02
N SER E 7 -33.43 27.01 14.48
CA SER E 7 -32.48 27.71 15.33
C SER E 7 -33.13 28.00 16.68
N SER E 8 -32.42 28.80 17.50
CA SER E 8 -32.94 29.16 18.81
C SER E 8 -34.13 30.13 18.72
N ASP E 9 -34.29 30.82 17.60
CA ASP E 9 -35.38 31.76 17.42
C ASP E 9 -36.47 31.26 16.48
N GLY E 10 -36.41 30.00 16.07
CA GLY E 10 -37.38 29.46 15.15
C GLY E 10 -37.09 29.73 13.69
N HIS E 11 -35.95 30.33 13.37
CA HIS E 11 -35.59 30.59 11.97
C HIS E 11 -35.23 29.29 11.27
N GLU E 12 -36.19 28.69 10.58
CA GLU E 12 -35.98 27.41 9.92
C GLU E 12 -35.15 27.61 8.67
N PHE E 13 -33.85 27.31 8.76
CA PHE E 13 -32.93 27.47 7.64
C PHE E 13 -32.91 26.18 6.82
N ILE E 14 -33.87 26.08 5.90
CA ILE E 14 -33.94 24.92 5.03
C ILE E 14 -32.76 24.95 4.06
N VAL E 15 -31.93 23.92 4.10
CA VAL E 15 -30.74 23.84 3.28
C VAL E 15 -30.69 22.46 2.63
N LYS E 16 -29.98 22.37 1.51
CA LYS E 16 -29.79 21.10 0.83
C LYS E 16 -29.15 20.09 1.76
N ARG E 17 -29.68 18.86 1.75
CA ARG E 17 -29.23 17.85 2.70
C ARG E 17 -27.76 17.50 2.49
N GLU E 18 -27.34 17.37 1.22
CA GLU E 18 -25.93 17.09 0.96
C GLU E 18 -25.03 18.22 1.43
N HIS E 19 -25.53 19.45 1.44
CA HIS E 19 -24.75 20.57 1.95
C HIS E 19 -24.58 20.48 3.45
N ALA E 20 -25.63 20.08 4.18
CA ALA E 20 -25.58 20.10 5.63
C ALA E 20 -24.74 18.96 6.19
N LEU E 21 -24.73 17.81 5.53
CA LEU E 21 -23.93 16.69 6.02
C LEU E 21 -22.43 16.90 5.89
N THR E 22 -21.98 18.08 5.46
CA THR E 22 -20.56 18.41 5.59
C THR E 22 -20.18 18.64 7.05
N SER E 23 -21.16 18.82 7.93
CA SER E 23 -20.91 18.98 9.35
C SER E 23 -21.18 17.67 10.07
N GLY E 24 -20.33 17.35 11.05
CA GLY E 24 -20.40 16.04 11.69
C GLY E 24 -21.66 15.80 12.48
N THR E 25 -22.07 16.78 13.29
CA THR E 25 -23.20 16.54 14.20
C THR E 25 -24.53 16.51 13.44
N ILE E 26 -24.69 17.35 12.43
CA ILE E 26 -25.89 17.27 11.62
C ILE E 26 -25.93 15.95 10.87
N LYS E 27 -24.77 15.44 10.45
CA LYS E 27 -24.71 14.07 9.96
C LYS E 27 -25.09 13.08 11.06
N ALA E 28 -24.66 13.34 12.29
CA ALA E 28 -24.99 12.46 13.40
C ALA E 28 -26.42 12.64 13.87
N MET E 29 -26.94 13.88 13.83
CA MET E 29 -28.30 14.12 14.30
C MET E 29 -29.34 13.46 13.42
N LEU E 30 -29.03 13.26 12.14
CA LEU E 30 -29.90 12.54 11.23
C LEU E 30 -29.57 11.06 11.16
N SER E 31 -28.61 10.59 11.95
CA SER E 31 -28.22 9.19 11.99
C SER E 31 -28.70 8.58 13.30
N GLY E 32 -29.33 7.41 13.21
CA GLY E 32 -29.87 6.75 14.37
C GLY E 32 -31.38 6.91 14.43
N PRO E 33 -31.92 7.02 15.63
CA PRO E 33 -33.36 7.24 15.80
C PRO E 33 -33.77 8.69 15.55
N GLY E 34 -33.26 9.26 14.47
CA GLY E 34 -33.65 10.58 14.02
C GLY E 34 -33.64 10.63 12.50
N GLN E 35 -33.55 9.45 11.88
CA GLN E 35 -33.49 9.37 10.42
C GLN E 35 -34.77 9.89 9.79
N PHE E 36 -35.91 9.37 10.22
CA PHE E 36 -37.22 9.70 9.67
C PHE E 36 -37.24 9.53 8.15
N ALA E 37 -37.05 8.28 7.74
CA ALA E 37 -36.93 7.95 6.32
C ALA E 37 -38.27 8.06 5.62
N GLU E 38 -38.80 9.28 5.54
CA GLU E 38 -40.07 9.54 4.88
C GLU E 38 -40.04 10.78 4.00
N ASN E 39 -38.90 11.47 3.92
CA ASN E 39 -38.70 12.71 3.15
C ASN E 39 -39.90 13.66 3.25
N GLU E 40 -40.31 13.93 4.49
CA GLU E 40 -41.41 14.85 4.75
C GLU E 40 -40.95 16.12 5.43
N THR E 41 -40.32 16.01 6.60
CA THR E 41 -39.78 17.17 7.29
C THR E 41 -38.26 17.08 7.44
N ASN E 42 -37.76 16.00 8.07
CA ASN E 42 -36.33 15.82 8.32
C ASN E 42 -35.73 17.03 9.04
N GLU E 43 -36.46 17.54 10.03
CA GLU E 43 -36.08 18.79 10.68
C GLU E 43 -35.10 18.53 11.82
N VAL E 44 -34.26 19.53 12.09
CA VAL E 44 -33.28 19.50 13.16
C VAL E 44 -33.50 20.73 14.03
N ASN E 45 -33.63 20.52 15.33
CA ASN E 45 -33.95 21.60 16.27
C ASN E 45 -32.72 21.95 17.09
N PHE E 46 -31.96 22.93 16.61
CA PHE E 46 -30.85 23.49 17.38
C PHE E 46 -31.42 24.42 18.43
N ARG E 47 -31.54 23.93 19.66
CA ARG E 47 -32.09 24.72 20.75
C ARG E 47 -31.04 25.59 21.44
N GLU E 48 -29.82 25.65 20.91
CA GLU E 48 -28.74 26.39 21.53
C GLU E 48 -27.94 27.26 20.58
N ILE E 49 -28.30 27.32 19.31
CA ILE E 49 -27.57 28.11 18.32
C ILE E 49 -28.47 29.29 17.89
N PRO E 50 -28.03 30.53 18.06
CA PRO E 50 -28.83 31.66 17.60
C PRO E 50 -29.00 31.66 16.10
N SER E 51 -30.09 32.27 15.64
CA SER E 51 -30.41 32.28 14.22
C SER E 51 -29.37 33.05 13.42
N HIS E 52 -28.88 34.16 13.96
CA HIS E 52 -27.94 35.00 13.23
C HIS E 52 -26.63 34.30 12.94
N VAL E 53 -26.26 33.29 13.72
CA VAL E 53 -25.00 32.58 13.51
C VAL E 53 -25.27 31.28 12.79
N LEU E 54 -26.47 30.72 12.94
CA LEU E 54 -26.85 29.57 12.13
C LEU E 54 -26.96 29.95 10.66
N SER E 55 -27.37 31.19 10.37
CA SER E 55 -27.36 31.65 9.00
C SER E 55 -25.95 31.66 8.43
N LYS E 56 -24.98 32.15 9.20
CA LYS E 56 -23.60 32.12 8.75
C LYS E 56 -23.08 30.69 8.59
N VAL E 57 -23.54 29.78 9.45
CA VAL E 57 -23.18 28.37 9.30
C VAL E 57 -23.73 27.83 7.97
N CYS E 58 -24.95 28.23 7.60
CA CYS E 58 -25.52 27.77 6.34
C CYS E 58 -24.78 28.37 5.14
N MET E 59 -24.42 29.66 5.21
CA MET E 59 -23.55 30.21 4.16
C MET E 59 -22.23 29.46 4.10
N TYR E 60 -21.69 29.04 5.24
CA TYR E 60 -20.46 28.25 5.21
C TYR E 60 -20.69 26.91 4.52
N PHE E 61 -21.84 26.28 4.77
CA PHE E 61 -22.13 25.01 4.13
C PHE E 61 -22.13 25.16 2.61
N THR E 62 -22.84 26.17 2.11
CA THR E 62 -22.87 26.41 0.67
C THR E 62 -21.49 26.76 0.13
N TYR E 63 -20.74 27.59 0.86
CA TYR E 63 -19.41 27.99 0.44
C TYR E 63 -18.46 26.80 0.36
N LYS E 64 -18.53 25.92 1.36
CA LYS E 64 -17.65 24.75 1.36
C LYS E 64 -18.01 23.78 0.26
N VAL E 65 -19.31 23.55 0.04
CA VAL E 65 -19.72 22.65 -1.04
C VAL E 65 -19.26 23.20 -2.38
N ARG E 66 -19.36 24.52 -2.57
CA ARG E 66 -18.96 25.11 -3.84
C ARG E 66 -17.44 25.04 -4.04
N TYR E 67 -16.67 25.45 -3.03
CA TYR E 67 -15.24 25.63 -3.19
C TYR E 67 -14.43 24.55 -2.51
N THR E 68 -14.92 23.30 -2.51
CA THR E 68 -14.18 22.21 -1.90
C THR E 68 -12.97 21.82 -2.74
N ASN E 69 -13.20 21.39 -3.98
CA ASN E 69 -12.14 20.87 -4.83
C ASN E 69 -11.50 21.92 -5.72
N SER E 70 -11.96 23.17 -5.66
CA SER E 70 -11.43 24.19 -6.57
C SER E 70 -10.03 24.60 -6.14
N SER E 71 -9.90 25.20 -4.96
CA SER E 71 -8.62 25.69 -4.42
C SER E 71 -7.94 26.69 -5.35
N THR E 72 -8.73 27.33 -6.22
CA THR E 72 -8.19 28.30 -7.17
C THR E 72 -8.40 29.71 -6.62
N GLU E 73 -7.62 30.02 -5.58
CA GLU E 73 -7.70 31.29 -4.86
C GLU E 73 -9.14 31.56 -4.40
N ILE E 74 -9.58 30.69 -3.49
CA ILE E 74 -10.96 30.76 -3.00
C ILE E 74 -11.19 32.07 -2.28
N PRO E 75 -12.34 32.73 -2.44
CA PRO E 75 -12.59 33.97 -1.72
C PRO E 75 -12.67 33.75 -0.22
N GLU E 76 -12.20 34.74 0.52
CA GLU E 76 -12.19 34.63 1.98
C GLU E 76 -13.60 34.70 2.54
N PHE E 77 -13.89 33.85 3.50
CA PHE E 77 -15.21 33.79 4.10
C PHE E 77 -15.46 35.03 4.95
N PRO E 78 -16.51 35.80 4.69
CA PRO E 78 -16.74 37.03 5.47
C PRO E 78 -17.32 36.71 6.84
N ILE E 79 -16.49 36.84 7.87
CA ILE E 79 -16.90 36.67 9.26
C ILE E 79 -16.82 38.03 9.92
N ALA E 80 -17.96 38.56 10.34
CA ALA E 80 -17.97 39.84 11.01
C ALA E 80 -17.27 39.72 12.37
N PRO E 81 -16.62 40.80 12.83
CA PRO E 81 -15.95 40.72 14.14
C PRO E 81 -16.88 40.40 15.29
N GLU E 82 -18.11 40.91 15.25
CA GLU E 82 -19.03 40.68 16.37
C GLU E 82 -19.61 39.28 16.36
N ILE E 83 -19.78 38.67 15.17
CA ILE E 83 -20.39 37.34 15.10
C ILE E 83 -19.37 36.24 15.31
N ALA E 84 -18.08 36.53 15.17
CA ALA E 84 -17.05 35.59 15.60
C ALA E 84 -17.12 35.44 17.11
N LEU E 85 -16.56 34.32 17.59
CA LEU E 85 -16.62 33.86 18.98
C LEU E 85 -18.01 33.35 19.32
N GLU E 86 -18.97 33.55 18.42
CA GLU E 86 -20.22 32.80 18.38
C GLU E 86 -20.18 31.75 17.29
N LEU E 87 -19.67 32.14 16.11
CA LEU E 87 -19.43 31.18 15.04
C LEU E 87 -18.37 30.17 15.44
N LEU E 88 -17.42 30.56 16.29
CA LEU E 88 -16.37 29.65 16.70
C LEU E 88 -16.94 28.47 17.49
N MET E 89 -17.73 28.75 18.53
CA MET E 89 -18.35 27.66 19.27
C MET E 89 -19.49 27.00 18.50
N ALA E 90 -20.12 27.72 17.56
CA ALA E 90 -21.10 27.07 16.71
C ALA E 90 -20.46 26.02 15.81
N ALA E 91 -19.29 26.32 15.25
CA ALA E 91 -18.56 25.34 14.48
C ALA E 91 -17.86 24.30 15.35
N ASN E 92 -17.64 24.62 16.63
CA ASN E 92 -17.18 23.58 17.55
C ASN E 92 -18.28 22.56 17.80
N PHE E 93 -19.50 23.03 18.06
CA PHE E 93 -20.64 22.12 18.18
C PHE E 93 -20.90 21.41 16.87
N LEU E 94 -21.25 22.15 15.83
CA LEU E 94 -21.40 21.59 14.49
C LEU E 94 -20.02 21.47 13.88
N ASP E 95 -19.35 20.34 14.15
CA ASP E 95 -17.97 20.15 13.74
C ASP E 95 -17.82 20.32 12.24
N CYS E 96 -16.83 21.12 11.84
CA CYS E 96 -16.61 21.52 10.45
C CYS E 96 -17.85 22.18 9.86
N ASP F 2 -24.81 29.96 -11.47
CA ASP F 2 -23.91 30.32 -10.38
C ASP F 2 -24.44 31.52 -9.62
N VAL F 3 -25.69 31.42 -9.16
CA VAL F 3 -26.32 32.45 -8.35
C VAL F 3 -26.90 31.76 -7.11
N PHE F 4 -26.77 32.42 -5.96
CA PHE F 4 -27.17 31.84 -4.68
C PHE F 4 -28.14 32.77 -4.00
N LEU F 5 -29.25 32.22 -3.51
CA LEU F 5 -30.35 33.02 -3.00
C LEU F 5 -30.82 32.47 -1.66
N MET F 6 -31.32 33.37 -0.83
CA MET F 6 -31.86 33.06 0.49
C MET F 6 -33.32 33.49 0.48
N ILE F 7 -34.20 32.58 0.07
CA ILE F 7 -35.62 32.90 -0.02
C ILE F 7 -36.22 32.97 1.37
N ARG F 8 -36.84 34.10 1.71
CA ARG F 8 -37.23 34.40 3.08
C ARG F 8 -38.75 34.37 3.22
N ARG F 9 -39.23 33.55 4.15
CA ARG F 9 -40.59 33.60 4.65
C ARG F 9 -40.62 34.58 5.83
N HIS F 10 -41.67 34.53 6.66
CA HIS F 10 -41.65 35.28 7.92
C HIS F 10 -40.42 34.92 8.74
N LYS F 11 -40.18 33.62 8.92
CA LYS F 11 -38.99 33.15 9.62
C LYS F 11 -38.23 32.13 8.77
N THR F 12 -38.97 31.34 8.00
CA THR F 12 -38.38 30.26 7.24
C THR F 12 -37.48 30.79 6.13
N THR F 13 -36.26 30.25 6.04
CA THR F 13 -35.30 30.64 5.03
C THR F 13 -34.86 29.41 4.24
N ILE F 14 -34.80 29.55 2.92
CA ILE F 14 -34.44 28.46 2.01
C ILE F 14 -33.18 28.87 1.26
N PHE F 15 -32.18 28.02 1.27
CA PHE F 15 -30.90 28.30 0.63
C PHE F 15 -30.88 27.59 -0.73
N THR F 16 -31.03 28.38 -1.79
CA THR F 16 -31.15 27.82 -3.13
C THR F 16 -29.99 28.27 -4.00
N ASP F 17 -29.66 27.43 -4.98
CA ASP F 17 -28.66 27.72 -5.98
C ASP F 17 -29.26 27.54 -7.36
N ALA F 18 -28.98 28.46 -8.27
CA ALA F 18 -29.50 28.42 -9.62
C ALA F 18 -28.39 28.79 -10.60
N LYS F 19 -28.66 28.57 -11.88
CA LYS F 19 -27.69 28.88 -12.92
C LYS F 19 -27.66 30.38 -13.19
N GLU F 20 -26.59 30.81 -13.87
CA GLU F 20 -26.45 32.21 -14.23
C GLU F 20 -27.53 32.68 -15.19
N SER F 21 -28.12 31.78 -15.96
CA SER F 21 -29.18 32.09 -16.91
C SER F 21 -30.41 31.29 -16.51
N SER F 22 -31.22 31.86 -15.62
CA SER F 22 -32.44 31.22 -15.15
C SER F 22 -33.48 32.29 -14.84
N THR F 23 -34.74 31.88 -14.83
CA THR F 23 -35.85 32.79 -14.62
C THR F 23 -36.55 32.50 -13.30
N VAL F 24 -37.59 33.29 -13.02
CA VAL F 24 -38.31 33.21 -11.76
C VAL F 24 -39.09 31.90 -11.65
N PHE F 25 -39.53 31.34 -12.78
CA PHE F 25 -40.37 30.14 -12.74
C PHE F 25 -39.63 28.96 -12.13
N GLU F 26 -38.32 28.86 -12.37
CA GLU F 26 -37.54 27.78 -11.77
C GLU F 26 -37.54 27.89 -10.25
N LEU F 27 -37.35 29.10 -9.73
CA LEU F 27 -37.37 29.28 -8.28
C LEU F 27 -38.76 29.03 -7.70
N LYS F 28 -39.81 29.40 -8.46
CA LYS F 28 -41.16 29.09 -8.02
C LYS F 28 -41.38 27.58 -7.93
N ARG F 29 -40.90 26.84 -8.93
CA ARG F 29 -41.00 25.38 -8.89
C ARG F 29 -40.21 24.81 -7.72
N ILE F 30 -39.03 25.38 -7.44
CA ILE F 30 -38.20 24.88 -6.34
C ILE F 30 -38.90 25.08 -5.01
N VAL F 31 -39.42 26.29 -4.76
CA VAL F 31 -40.08 26.55 -3.49
C VAL F 31 -41.39 25.79 -3.40
N GLU F 32 -42.01 25.46 -4.53
CA GLU F 32 -43.13 24.53 -4.50
C GLU F 32 -42.67 23.15 -4.05
N GLY F 33 -41.53 22.70 -4.55
CA GLY F 33 -41.00 21.39 -4.17
C GLY F 33 -40.48 21.33 -2.74
N ILE F 34 -40.22 22.48 -2.13
CA ILE F 34 -39.69 22.53 -0.76
C ILE F 34 -40.77 22.89 0.25
N LEU F 35 -41.51 23.97 -0.01
CA LEU F 35 -42.53 24.43 0.93
C LEU F 35 -43.88 23.77 0.73
N LYS F 36 -44.03 22.92 -0.30
CA LYS F 36 -45.30 22.26 -0.62
C LYS F 36 -46.41 23.28 -0.85
N ARG F 37 -46.08 24.38 -1.51
CA ARG F 37 -47.04 25.43 -1.83
C ARG F 37 -47.06 25.65 -3.33
N PRO F 38 -48.23 25.57 -3.97
CA PRO F 38 -48.29 25.78 -5.41
C PRO F 38 -47.90 27.20 -5.76
N PRO F 39 -47.29 27.41 -6.93
CA PRO F 39 -46.76 28.74 -7.26
C PRO F 39 -47.81 29.76 -7.61
N ASP F 40 -49.09 29.38 -7.71
CA ASP F 40 -50.13 30.32 -8.08
C ASP F 40 -50.56 31.24 -6.94
N GLU F 41 -50.08 31.01 -5.72
CA GLU F 41 -50.38 31.88 -4.59
C GLU F 41 -49.14 32.49 -3.97
N GLN F 42 -47.96 32.23 -4.53
CA GLN F 42 -46.73 32.82 -4.02
C GLN F 42 -46.00 33.56 -5.14
N ARG F 43 -45.47 34.73 -4.81
CA ARG F 43 -44.69 35.52 -5.74
C ARG F 43 -43.38 35.92 -5.08
N LEU F 44 -42.30 35.83 -5.82
CA LEU F 44 -41.00 36.22 -5.28
C LEU F 44 -40.89 37.74 -5.19
N TYR F 45 -39.78 38.18 -4.60
CA TYR F 45 -39.55 39.59 -4.35
C TYR F 45 -38.06 39.88 -4.52
N LYS F 46 -37.71 41.15 -4.37
CA LYS F 46 -36.32 41.60 -4.35
C LYS F 46 -36.31 42.91 -3.60
N ASP F 47 -35.53 42.97 -2.51
CA ASP F 47 -35.44 44.09 -1.54
C ASP F 47 -36.78 44.83 -1.40
N ASP F 48 -37.83 44.03 -1.16
CA ASP F 48 -39.19 44.51 -0.96
C ASP F 48 -39.73 45.27 -2.17
N GLN F 49 -39.68 44.60 -3.33
CA GLN F 49 -40.42 45.05 -4.50
C GLN F 49 -40.70 43.83 -5.37
N LEU F 50 -41.86 43.84 -6.02
CA LEU F 50 -42.37 42.64 -6.67
C LEU F 50 -41.57 42.28 -7.92
N LEU F 51 -41.55 41.00 -8.23
CA LEU F 51 -40.92 40.47 -9.43
C LEU F 51 -41.93 39.67 -10.24
N ASP F 52 -41.76 39.66 -11.55
CA ASP F 52 -42.68 38.98 -12.46
C ASP F 52 -42.11 37.63 -12.88
N ASP F 53 -43.02 36.75 -13.28
CA ASP F 53 -42.66 35.38 -13.68
C ASP F 53 -41.87 35.32 -14.98
N GLY F 54 -41.80 36.42 -15.73
CA GLY F 54 -41.21 36.38 -17.05
C GLY F 54 -39.71 36.56 -17.12
N LYS F 55 -39.22 37.66 -16.54
CA LYS F 55 -37.82 38.02 -16.73
C LYS F 55 -36.89 37.07 -15.99
N THR F 56 -35.65 37.02 -16.46
CA THR F 56 -34.64 36.12 -15.91
C THR F 56 -33.89 36.77 -14.75
N LEU F 57 -33.25 35.93 -13.95
CA LEU F 57 -32.49 36.41 -12.80
C LEU F 57 -31.17 37.05 -13.19
N GLY F 58 -30.71 36.84 -14.42
CA GLY F 58 -29.45 37.43 -14.84
C GLY F 58 -29.49 38.94 -14.87
N GLU F 59 -30.56 39.50 -15.44
CA GLU F 59 -30.75 40.95 -15.48
C GLU F 59 -31.62 41.45 -14.33
N CYS F 60 -32.17 40.57 -13.51
CA CYS F 60 -33.02 40.97 -12.40
C CYS F 60 -32.22 41.60 -11.26
N GLY F 61 -30.90 41.50 -11.31
CA GLY F 61 -30.06 41.97 -10.22
C GLY F 61 -29.38 40.87 -9.45
N PHE F 62 -29.59 39.61 -9.81
CA PHE F 62 -28.93 38.48 -9.16
C PHE F 62 -27.67 38.08 -9.93
N THR F 63 -26.76 39.05 -10.07
CA THR F 63 -25.52 38.79 -10.78
C THR F 63 -24.61 37.87 -9.96
N SER F 64 -23.68 37.23 -10.65
CA SER F 64 -22.80 36.27 -10.01
C SER F 64 -21.90 36.90 -8.95
N GLN F 65 -21.60 38.19 -9.08
CA GLN F 65 -20.74 38.88 -8.12
C GLN F 65 -21.50 39.59 -7.02
N THR F 66 -22.84 39.53 -7.03
CA THR F 66 -23.63 40.09 -5.95
C THR F 66 -24.42 39.02 -5.19
N ALA F 67 -24.42 37.78 -5.65
CA ALA F 67 -25.09 36.67 -4.97
C ALA F 67 -24.14 35.49 -4.85
N ARG F 68 -22.91 35.77 -4.45
CA ARG F 68 -21.91 34.72 -4.26
C ARG F 68 -22.33 33.82 -3.10
N PRO F 69 -21.88 32.56 -3.08
CA PRO F 69 -22.36 31.62 -2.04
C PRO F 69 -21.95 32.05 -0.64
N GLN F 70 -20.88 32.83 -0.51
CA GLN F 70 -20.45 33.31 0.80
C GLN F 70 -21.29 34.48 1.29
N ALA F 71 -22.12 35.04 0.43
CA ALA F 71 -23.04 36.13 0.81
C ALA F 71 -24.18 36.21 -0.19
N PRO F 72 -25.13 35.28 -0.12
CA PRO F 72 -26.25 35.29 -1.05
C PRO F 72 -27.19 36.47 -0.80
N ALA F 73 -27.91 36.86 -1.85
CA ALA F 73 -28.87 37.94 -1.76
C ALA F 73 -30.24 37.41 -1.34
N THR F 74 -30.88 38.13 -0.42
CA THR F 74 -32.16 37.68 0.10
C THR F 74 -33.27 37.88 -0.93
N VAL F 75 -34.29 37.04 -0.83
CA VAL F 75 -35.46 37.08 -1.71
C VAL F 75 -36.70 36.94 -0.84
N GLY F 76 -37.67 37.85 -1.02
CA GLY F 76 -38.90 37.77 -0.27
C GLY F 76 -39.79 36.63 -0.74
N LEU F 77 -40.81 36.36 0.06
CA LEU F 77 -41.78 35.30 -0.25
C LEU F 77 -43.04 35.54 0.56
N ALA F 78 -44.18 35.63 -0.12
CA ALA F 78 -45.46 35.85 0.53
C ALA F 78 -46.46 34.81 0.03
N PHE F 79 -47.25 34.27 0.95
CA PHE F 79 -48.24 33.24 0.63
C PHE F 79 -49.64 33.80 0.81
N ARG F 80 -50.51 33.52 -0.16
CA ARG F 80 -51.91 33.95 -0.09
C ARG F 80 -52.68 33.07 0.87
N ALA F 81 -53.42 33.69 1.79
CA ALA F 81 -54.21 32.96 2.77
C ALA F 81 -55.66 32.83 2.32
N PHE F 85 -53.97 41.06 -0.59
CA PHE F 85 -52.81 40.19 -0.46
C PHE F 85 -52.05 40.52 0.82
N GLU F 86 -51.11 39.65 1.20
CA GLU F 86 -50.34 39.82 2.42
C GLU F 86 -48.99 40.46 2.09
N ALA F 87 -48.66 41.53 2.83
CA ALA F 87 -47.41 42.23 2.61
C ALA F 87 -46.22 41.41 3.14
N LEU F 88 -45.03 41.77 2.70
CA LEU F 88 -43.82 41.08 3.11
C LEU F 88 -43.51 41.40 4.57
N CYS F 89 -43.41 40.36 5.39
CA CYS F 89 -43.22 40.49 6.83
C CYS F 89 -42.03 39.65 7.28
N ILE F 90 -40.91 39.77 6.58
CA ILE F 90 -39.71 39.01 6.92
C ILE F 90 -39.17 39.48 8.27
N GLU F 91 -38.96 38.53 9.17
CA GLU F 91 -38.35 38.84 10.46
C GLU F 91 -36.83 38.78 10.34
N PRO F 92 -36.11 39.81 10.77
CA PRO F 92 -34.65 39.78 10.67
C PRO F 92 -34.05 38.78 11.65
N PHE F 93 -32.75 38.53 11.44
CA PHE F 93 -32.02 37.57 12.27
C PHE F 93 -31.82 38.13 13.67
N SER F 94 -31.20 37.33 14.53
CA SER F 94 -30.96 37.74 15.90
C SER F 94 -29.92 38.85 15.96
N SER F 95 -29.99 39.64 17.02
CA SER F 95 -29.06 40.75 17.20
C SER F 95 -27.72 40.21 17.70
N PRO F 96 -26.61 40.44 16.98
CA PRO F 96 -25.32 39.97 17.47
C PRO F 96 -24.93 40.70 18.74
N PRO F 97 -24.25 40.02 19.66
CA PRO F 97 -23.82 40.69 20.89
C PRO F 97 -22.74 41.72 20.62
N GLU F 98 -22.65 42.70 21.52
CA GLU F 98 -21.64 43.74 21.40
C GLU F 98 -20.26 43.17 21.70
N LEU F 99 -19.24 43.86 21.23
CA LEU F 99 -17.86 43.41 21.41
C LEU F 99 -17.46 43.50 22.87
N PRO F 100 -17.05 42.39 23.51
CA PRO F 100 -16.60 42.38 24.90
C PRO F 100 -15.15 42.81 25.06
N MET G 1 43.11 55.40 34.23
CA MET G 1 44.40 55.15 33.60
C MET G 1 44.52 53.70 33.18
N GLU G 2 43.45 53.15 32.62
CA GLU G 2 43.46 51.75 32.20
C GLU G 2 44.41 51.51 31.03
N GLY G 3 44.61 52.51 30.17
CA GLY G 3 45.54 52.34 29.06
C GLY G 3 46.98 52.17 29.52
N LEU G 4 47.41 52.97 30.49
CA LEU G 4 48.76 52.83 31.02
C LEU G 4 48.94 51.50 31.74
N ALA G 5 47.91 51.05 32.47
CA ALA G 5 47.97 49.75 33.13
C ALA G 5 48.08 48.63 32.11
N GLY G 6 47.31 48.71 31.02
CA GLY G 6 47.42 47.72 29.97
C GLY G 6 48.77 47.74 29.28
N TYR G 7 49.34 48.92 29.07
CA TYR G 7 50.67 49.02 28.49
C TYR G 7 51.72 48.40 29.39
N VAL G 8 51.62 48.66 30.70
CA VAL G 8 52.56 48.06 31.66
C VAL G 8 52.40 46.55 31.69
N TYR G 9 51.15 46.06 31.63
CA TYR G 9 50.90 44.63 31.60
C TYR G 9 51.49 43.99 30.35
N LYS G 10 51.34 44.65 29.20
CA LYS G 10 51.92 44.13 27.96
C LYS G 10 53.45 44.12 28.02
N ALA G 11 54.05 45.18 28.59
CA ALA G 11 55.50 45.24 28.71
C ALA G 11 56.01 44.14 29.63
N ALA G 12 55.30 43.88 30.74
CA ALA G 12 55.69 42.82 31.64
C ALA G 12 55.55 41.45 31.00
N SER G 13 54.47 41.23 30.23
CA SER G 13 54.26 39.96 29.56
C SER G 13 55.33 39.72 28.50
N GLU G 14 55.67 40.75 27.72
CA GLU G 14 56.66 40.62 26.66
C GLU G 14 58.09 40.69 27.17
N GLY G 15 58.30 41.03 28.44
CA GLY G 15 59.63 41.06 28.99
C GLY G 15 60.44 42.28 28.63
N LYS G 16 59.83 43.30 28.03
CA LYS G 16 60.55 44.51 27.64
C LYS G 16 60.84 45.34 28.88
N VAL G 17 62.06 45.22 29.40
CA VAL G 17 62.44 45.99 30.58
C VAL G 17 62.52 47.48 30.25
N LEU G 18 62.97 47.83 29.05
CA LEU G 18 63.04 49.24 28.66
C LEU G 18 61.65 49.87 28.59
N THR G 19 60.70 49.17 27.97
CA THR G 19 59.34 49.68 27.88
C THR G 19 58.70 49.78 29.27
N LEU G 20 58.94 48.77 30.12
CA LEU G 20 58.40 48.80 31.47
C LEU G 20 58.97 49.97 32.27
N ALA G 21 60.27 50.21 32.16
CA ALA G 21 60.88 51.33 32.86
C ALA G 21 60.38 52.67 32.33
N ALA G 22 60.19 52.78 31.01
CA ALA G 22 59.69 54.01 30.43
C ALA G 22 58.26 54.29 30.87
N LEU G 23 57.42 53.25 30.93
CA LEU G 23 56.04 53.43 31.35
C LEU G 23 55.91 53.64 32.85
N LEU G 24 56.85 53.12 33.63
CA LEU G 24 56.86 53.32 35.08
C LEU G 24 57.70 54.51 35.51
N LEU G 25 58.28 55.24 34.58
CA LEU G 25 59.11 56.39 34.93
C LEU G 25 58.24 57.55 35.40
N ASN G 26 58.72 58.25 36.43
CA ASN G 26 58.06 59.45 36.97
C ASN G 26 56.62 59.15 37.41
N ARG G 27 56.46 58.06 38.17
CA ARG G 27 55.16 57.64 38.67
C ARG G 27 55.13 57.74 40.18
N SER G 28 54.02 58.24 40.72
CA SER G 28 53.84 58.34 42.16
C SER G 28 53.53 56.96 42.75
N GLU G 29 53.45 56.92 44.08
CA GLU G 29 53.18 55.65 44.76
C GLU G 29 51.82 55.09 44.40
N SER G 30 50.80 55.96 44.35
CA SER G 30 49.46 55.52 43.93
C SER G 30 49.47 55.04 42.49
N ASP G 31 50.15 55.78 41.61
CA ASP G 31 50.25 55.36 40.22
C ASP G 31 51.04 54.07 40.07
N ILE G 32 52.10 53.90 40.87
CA ILE G 32 52.87 52.66 40.84
C ILE G 32 52.00 51.48 41.28
N ARG G 33 51.23 51.68 42.35
CA ARG G 33 50.35 50.61 42.83
C ARG G 33 49.26 50.27 41.80
N TYR G 34 48.71 51.30 41.14
CA TYR G 34 47.68 51.05 40.14
C TYR G 34 48.25 50.34 38.91
N LEU G 35 49.45 50.72 38.47
CA LEU G 35 50.06 50.10 37.31
C LEU G 35 50.61 48.71 37.64
N LEU G 36 51.07 48.49 38.87
CA LEU G 36 51.63 47.21 39.29
C LEU G 36 50.70 46.60 40.33
N GLY G 37 49.80 45.74 39.87
CA GLY G 37 48.84 45.11 40.75
C GLY G 37 47.47 44.97 40.14
N TYR G 38 47.19 45.76 39.10
CA TYR G 38 45.91 45.70 38.43
C TYR G 38 45.76 44.38 37.67
N VAL G 39 44.57 43.80 37.74
CA VAL G 39 44.28 42.55 37.07
C VAL G 39 43.77 42.85 35.66
N SER G 40 44.44 42.32 34.66
CA SER G 40 44.09 42.54 33.26
C SER G 40 43.64 41.24 32.62
N GLN G 41 42.70 41.35 31.68
CA GLN G 41 42.10 40.20 31.01
C GLN G 41 42.70 40.06 29.62
N GLN G 42 43.25 38.88 29.34
CA GLN G 42 43.81 38.57 28.02
C GLN G 42 43.77 37.06 27.81
N GLY G 43 43.22 36.65 26.67
CA GLY G 43 43.20 35.24 26.31
C GLY G 43 42.44 34.36 27.29
N GLY G 44 41.38 34.88 27.88
CA GLY G 44 40.66 34.14 28.91
C GLY G 44 41.38 34.06 30.23
N GLN G 45 42.44 34.84 30.42
CA GLN G 45 43.26 34.80 31.63
C GLN G 45 43.22 36.15 32.32
N ARG G 46 42.94 36.15 33.62
CA ARG G 46 43.01 37.34 34.45
C ARG G 46 44.35 37.30 35.19
N SER G 47 45.22 38.26 34.89
CA SER G 47 46.56 38.27 35.46
C SER G 47 47.06 39.69 35.64
N THR G 48 47.85 39.88 36.69
CA THR G 48 48.58 41.11 36.96
C THR G 48 49.89 41.14 36.19
N PRO G 49 50.49 42.32 36.00
CA PRO G 49 51.79 42.36 35.30
C PRO G 49 52.87 41.52 35.95
N LEU G 50 52.94 41.49 37.28
CA LEU G 50 53.93 40.62 37.94
C LEU G 50 53.58 39.15 37.73
N ILE G 51 52.30 38.80 37.79
CA ILE G 51 51.87 37.42 37.59
C ILE G 51 52.17 36.98 36.16
N ILE G 52 51.86 37.83 35.18
CA ILE G 52 52.12 37.48 33.79
C ILE G 52 53.62 37.50 33.47
N ALA G 53 54.41 38.25 34.25
CA ALA G 53 55.86 38.19 34.07
C ALA G 53 56.43 36.91 34.65
N ALA G 54 55.92 36.46 35.79
CA ALA G 54 56.38 35.22 36.39
C ALA G 54 55.94 34.01 35.58
N ARG G 55 54.75 34.05 34.97
CA ARG G 55 54.27 32.93 34.17
C ARG G 55 55.16 32.71 32.95
N ASN G 56 55.61 33.80 32.32
CA ASN G 56 56.53 33.71 31.20
C ASN G 56 57.98 33.57 31.63
N GLY G 57 58.25 33.57 32.93
CA GLY G 57 59.61 33.39 33.43
C GLY G 57 60.56 34.52 33.10
N HIS G 58 60.13 35.76 33.25
CA HIS G 58 60.98 36.92 33.02
C HIS G 58 61.63 37.30 34.34
N ALA G 59 62.86 36.82 34.56
CA ALA G 59 63.58 37.14 35.79
C ALA G 59 63.91 38.62 35.88
N LYS G 60 64.27 39.25 34.76
CA LYS G 60 64.62 40.66 34.77
C LYS G 60 63.41 41.52 35.14
N VAL G 61 62.24 41.21 34.59
CA VAL G 61 61.03 41.98 34.90
C VAL G 61 60.67 41.81 36.37
N VAL G 62 60.74 40.59 36.88
CA VAL G 62 60.39 40.34 38.28
C VAL G 62 61.36 41.05 39.22
N ARG G 63 62.67 40.97 38.93
CA ARG G 63 63.63 41.63 39.81
C ARG G 63 63.51 43.15 39.74
N LEU G 64 63.18 43.69 38.56
CA LEU G 64 62.97 45.13 38.45
C LEU G 64 61.72 45.56 39.21
N LEU G 65 60.65 44.76 39.15
CA LEU G 65 59.41 45.13 39.82
C LEU G 65 59.50 44.95 41.32
N LEU G 66 60.37 44.06 41.80
CA LEU G 66 60.43 43.75 43.22
C LEU G 66 61.56 44.44 43.96
N GLU G 67 62.65 44.79 43.27
CA GLU G 67 63.78 45.41 43.97
C GLU G 67 63.49 46.85 44.36
N HIS G 68 62.86 47.62 43.47
CA HIS G 68 62.62 49.03 43.70
C HIS G 68 61.16 49.36 43.99
N TYR G 69 60.23 48.77 43.24
CA TYR G 69 58.82 49.12 43.37
C TYR G 69 58.14 48.43 44.55
N ARG G 70 58.83 47.52 45.22
CA ARG G 70 58.36 46.80 46.43
C ARG G 70 56.91 46.37 46.32
N VAL G 71 56.56 45.78 45.18
CA VAL G 71 55.21 45.28 44.96
C VAL G 71 54.95 44.07 45.85
N GLN G 72 53.79 44.05 46.50
CA GLN G 72 53.44 42.94 47.36
C GLN G 72 53.22 41.68 46.55
N THR G 73 53.78 40.57 47.03
CA THR G 73 53.71 39.29 46.34
C THR G 73 52.52 38.46 46.82
N GLN G 74 51.33 39.08 46.80
CA GLN G 74 50.09 38.40 47.16
C GLN G 74 49.00 38.70 46.15
N GLN G 75 49.37 38.94 44.90
CA GLN G 75 48.40 39.27 43.87
C GLN G 75 47.56 38.04 43.51
N THR G 76 46.33 38.30 43.07
CA THR G 76 45.39 37.26 42.71
C THR G 76 45.06 37.36 41.22
N GLY G 77 44.83 36.19 40.61
CA GLY G 77 44.47 36.16 39.20
C GLY G 77 44.21 34.73 38.77
N THR G 78 43.72 34.61 37.54
CA THR G 78 43.42 33.32 36.93
C THR G 78 44.60 32.89 36.07
N VAL G 79 45.09 31.68 36.29
CA VAL G 79 46.31 31.19 35.67
C VAL G 79 46.00 29.96 34.84
N ARG G 80 46.54 29.93 33.61
CA ARG G 80 46.51 28.77 32.72
C ARG G 80 45.10 28.40 32.27
N PHE G 81 44.99 27.35 31.46
CA PHE G 81 43.73 26.95 30.85
C PHE G 81 43.78 25.43 30.73
N ASP G 82 42.86 24.86 29.95
CA ASP G 82 42.75 23.41 29.73
C ASP G 82 42.48 22.68 31.05
N GLY G 83 41.35 23.03 31.65
CA GLY G 83 40.92 22.42 32.90
C GLY G 83 41.47 23.06 34.15
N TYR G 84 42.23 24.16 34.02
CA TYR G 84 42.83 24.84 35.16
C TYR G 84 42.41 26.30 35.13
N VAL G 85 41.42 26.65 35.94
CA VAL G 85 40.89 28.01 36.01
C VAL G 85 41.20 28.47 37.44
N ILE G 86 42.36 28.01 37.95
CA ILE G 86 42.73 28.29 39.33
C ILE G 86 42.90 29.79 39.52
N ASP G 87 42.25 30.32 40.55
CA ASP G 87 42.22 31.74 40.86
C ASP G 87 42.99 32.01 42.15
N GLY G 88 43.50 33.23 42.26
CA GLY G 88 44.23 33.63 43.45
C GLY G 88 45.68 33.19 43.48
N ALA G 89 46.17 32.57 42.42
CA ALA G 89 47.57 32.14 42.40
C ALA G 89 48.49 33.35 42.27
N THR G 90 49.54 33.37 43.09
CA THR G 90 50.51 34.46 43.06
C THR G 90 51.56 34.20 41.99
N ALA G 91 52.55 35.09 41.94
CA ALA G 91 53.64 34.95 40.98
C ALA G 91 54.46 33.69 41.22
N LEU G 92 54.62 33.31 42.49
CA LEU G 92 55.37 32.09 42.81
C LEU G 92 54.70 30.86 42.23
N TRP G 93 53.37 30.81 42.28
CA TRP G 93 52.65 29.66 41.72
C TRP G 93 52.82 29.58 40.21
N CYS G 94 52.77 30.73 39.53
CA CYS G 94 52.98 30.75 38.08
C CYS G 94 54.41 30.34 37.73
N ALA G 95 55.39 30.81 38.49
CA ALA G 95 56.77 30.47 38.21
C ALA G 95 57.05 29.00 38.47
N ALA G 96 56.41 28.43 39.50
CA ALA G 96 56.60 27.02 39.80
C ALA G 96 55.88 26.12 38.79
N GLY G 97 54.70 26.54 38.35
CA GLY G 97 53.97 25.77 37.36
C GLY G 97 54.66 25.72 36.00
N ALA G 98 55.33 26.81 35.62
CA ALA G 98 56.05 26.87 34.37
C ALA G 98 57.51 26.43 34.50
N GLY G 99 57.93 26.00 35.68
CA GLY G 99 59.29 25.51 35.87
C GLY G 99 60.38 26.55 35.72
N HIS G 100 60.19 27.73 36.30
CA HIS G 100 61.18 28.81 36.24
C HIS G 100 61.83 28.94 37.62
N PHE G 101 63.08 28.50 37.72
CA PHE G 101 63.78 28.50 39.00
C PHE G 101 64.21 29.90 39.41
N GLU G 102 64.66 30.72 38.44
CA GLU G 102 65.14 32.05 38.76
C GLU G 102 64.03 32.94 39.30
N VAL G 103 62.84 32.85 38.72
CA VAL G 103 61.71 33.66 39.19
C VAL G 103 61.30 33.25 40.59
N VAL G 104 61.28 31.93 40.86
CA VAL G 104 60.95 31.44 42.20
C VAL G 104 61.97 31.92 43.21
N LYS G 105 63.26 31.87 42.84
CA LYS G 105 64.32 32.34 43.74
C LYS G 105 64.16 33.82 44.03
N LEU G 106 63.89 34.62 43.00
CA LEU G 106 63.72 36.07 43.19
C LEU G 106 62.52 36.36 44.08
N LEU G 107 61.40 35.67 43.85
CA LEU G 107 60.21 35.90 44.65
C LEU G 107 60.42 35.49 46.10
N VAL G 108 61.10 34.36 46.33
CA VAL G 108 61.38 33.91 47.68
C VAL G 108 62.30 34.89 48.40
N SER G 109 63.34 35.37 47.71
CA SER G 109 64.24 36.35 48.31
C SER G 109 63.52 37.65 48.63
N HIS G 110 62.62 38.07 47.74
CA HIS G 110 61.86 39.30 47.97
C HIS G 110 60.75 39.13 49.00
N GLY G 111 60.35 37.90 49.32
CA GLY G 111 59.38 37.68 50.38
C GLY G 111 58.04 37.15 49.92
N ALA G 112 58.03 36.31 48.88
CA ALA G 112 56.79 35.70 48.43
C ALA G 112 56.36 34.61 49.41
N ASN G 113 55.05 34.34 49.42
CA ASN G 113 54.49 33.33 50.31
C ASN G 113 54.82 31.94 49.78
N VAL G 114 55.70 31.23 50.50
CA VAL G 114 56.06 29.87 50.10
C VAL G 114 54.87 28.93 50.25
N ASN G 115 54.09 29.12 51.32
CA ASN G 115 52.92 28.28 51.62
C ASN G 115 51.63 28.95 51.18
N HIS G 116 51.66 29.68 50.06
CA HIS G 116 50.45 30.33 49.56
C HIS G 116 49.41 29.30 49.15
N THR G 117 48.15 29.62 49.41
CA THR G 117 47.03 28.73 49.09
C THR G 117 46.13 29.41 48.06
N THR G 118 45.87 28.70 46.97
CA THR G 118 44.96 29.18 45.93
C THR G 118 43.53 28.78 46.30
N VAL G 119 42.62 28.90 45.33
CA VAL G 119 41.22 28.56 45.59
C VAL G 119 41.07 27.08 45.91
N THR G 120 41.68 26.21 45.12
CA THR G 120 41.66 24.77 45.39
C THR G 120 42.91 24.33 46.15
N ASN G 121 43.24 25.06 47.20
CA ASN G 121 44.33 24.74 48.14
C ASN G 121 45.58 24.20 47.45
N SER G 122 46.06 24.93 46.45
CA SER G 122 47.19 24.50 45.63
C SER G 122 48.46 25.18 46.13
N THR G 123 49.34 24.40 46.77
CA THR G 123 50.63 24.91 47.18
C THR G 123 51.51 25.14 45.96
N PRO G 124 52.34 26.20 45.96
CA PRO G 124 53.31 26.36 44.87
C PRO G 124 54.29 25.20 44.75
N LEU G 125 54.56 24.48 45.83
CA LEU G 125 55.37 23.27 45.74
C LEU G 125 54.69 22.21 44.88
N ARG G 126 53.36 22.12 44.97
CA ARG G 126 52.62 21.19 44.14
C ARG G 126 52.79 21.50 42.66
N ALA G 127 52.71 22.78 42.29
CA ALA G 127 52.92 23.15 40.89
C ALA G 127 54.37 22.96 40.48
N ALA G 128 55.31 23.21 41.40
CA ALA G 128 56.73 23.03 41.10
C ALA G 128 57.05 21.58 40.77
N CYS G 129 56.53 20.64 41.57
CA CYS G 129 56.72 19.24 41.27
C CYS G 129 55.81 18.75 40.14
N PHE G 130 54.74 19.50 39.85
CA PHE G 130 53.92 19.20 38.68
C PHE G 130 54.69 19.47 37.39
N ASP G 131 55.45 20.56 37.35
CA ASP G 131 56.22 20.86 36.14
C ASP G 131 57.35 19.86 35.93
N GLY G 132 58.10 19.55 37.00
CA GLY G 132 59.15 18.57 36.90
C GLY G 132 60.56 19.10 37.10
N ARG G 133 60.69 20.14 37.91
CA ARG G 133 62.00 20.74 38.20
C ARG G 133 62.36 20.46 39.65
N LEU G 134 63.53 19.85 39.87
CA LEU G 134 63.95 19.50 41.21
C LEU G 134 64.44 20.71 41.99
N ASP G 135 65.13 21.64 41.32
CA ASP G 135 65.72 22.78 42.01
C ASP G 135 64.66 23.66 42.66
N ILE G 136 63.55 23.90 41.96
CA ILE G 136 62.47 24.70 42.52
C ILE G 136 61.88 24.02 43.75
N VAL G 137 61.64 22.71 43.66
CA VAL G 137 61.08 21.97 44.79
C VAL G 137 62.02 22.02 45.98
N LYS G 138 63.31 21.83 45.73
CA LYS G 138 64.30 21.87 46.81
C LYS G 138 64.36 23.24 47.45
N TYR G 139 64.34 24.30 46.64
CA TYR G 139 64.37 25.66 47.18
C TYR G 139 63.14 25.95 48.02
N LEU G 140 61.96 25.55 47.54
CA LEU G 140 60.74 25.77 48.31
C LEU G 140 60.74 24.97 49.60
N VAL G 141 61.21 23.72 49.56
CA VAL G 141 61.25 22.89 50.75
C VAL G 141 62.22 23.47 51.78
N GLU G 142 63.40 23.91 51.33
CA GLU G 142 64.34 24.56 52.23
C GLU G 142 63.83 25.90 52.71
N ASN G 143 62.86 26.50 52.01
CA ASN G 143 62.22 27.74 52.44
C ASN G 143 60.88 27.49 53.12
N ASN G 144 60.79 26.38 53.86
CA ASN G 144 59.65 26.06 54.72
C ASN G 144 58.35 25.96 53.91
N ALA G 145 58.31 24.96 53.03
CA ALA G 145 57.10 24.59 52.31
C ALA G 145 56.52 23.33 52.95
N ASN G 146 55.21 23.32 53.15
CA ASN G 146 54.52 22.20 53.79
C ASN G 146 54.01 21.26 52.71
N ILE G 147 54.59 20.05 52.67
CA ILE G 147 54.17 19.04 51.70
C ILE G 147 52.77 18.54 52.02
N SER G 148 52.45 18.41 53.32
CA SER G 148 51.20 17.80 53.75
C SER G 148 49.97 18.63 53.39
N ILE G 149 50.14 19.89 52.99
CA ILE G 149 49.00 20.70 52.57
C ILE G 149 48.47 20.16 51.24
N ALA G 150 47.18 19.84 51.21
CA ALA G 150 46.56 19.23 50.05
C ALA G 150 45.27 19.98 49.70
N ASN G 151 44.69 19.61 48.57
CA ASN G 151 43.48 20.26 48.06
C ASN G 151 42.24 19.66 48.70
N LYS G 152 41.06 20.01 48.19
CA LYS G 152 39.81 19.50 48.75
C LYS G 152 39.65 18.01 48.47
N TYR G 153 40.29 17.50 47.42
CA TYR G 153 40.29 16.07 47.13
C TYR G 153 41.42 15.34 47.85
N ASP G 154 42.23 16.06 48.64
CA ASP G 154 43.33 15.51 49.42
C ASP G 154 44.37 14.84 48.53
N ASN G 155 44.87 15.61 47.56
CA ASN G 155 45.97 15.18 46.71
C ASN G 155 47.22 15.95 47.15
N THR G 156 48.16 15.24 47.76
CA THR G 156 49.37 15.86 48.26
C THR G 156 50.34 16.14 47.09
N CYS G 157 51.45 16.80 47.43
CA CYS G 157 52.46 17.09 46.43
C CYS G 157 53.11 15.82 45.90
N LEU G 158 53.19 14.78 46.73
CA LEU G 158 53.76 13.51 46.28
C LEU G 158 52.93 12.90 45.16
N MET G 159 51.61 12.96 45.27
CA MET G 159 50.75 12.36 44.25
C MET G 159 50.82 13.13 42.93
N ILE G 160 50.72 14.46 43.01
CA ILE G 160 50.78 15.27 41.80
C ILE G 160 52.16 15.17 41.15
N ALA G 161 53.20 14.90 41.95
CA ALA G 161 54.52 14.67 41.37
C ALA G 161 54.62 13.27 40.76
N ALA G 162 53.95 12.29 41.36
CA ALA G 162 53.99 10.92 40.87
C ALA G 162 53.08 10.67 39.68
N TYR G 163 52.20 11.62 39.35
CA TYR G 163 51.40 11.49 38.13
C TYR G 163 52.30 11.44 36.90
N LYS G 164 53.35 12.25 36.87
CA LYS G 164 54.26 12.32 35.74
C LYS G 164 55.46 11.39 35.95
N GLY G 165 56.27 11.26 34.92
CA GLY G 165 57.45 10.41 34.98
C GLY G 165 58.70 11.13 35.42
N HIS G 166 58.66 11.73 36.60
CA HIS G 166 59.81 12.45 37.16
C HIS G 166 60.22 11.75 38.45
N THR G 167 61.34 11.03 38.39
CA THR G 167 61.82 10.26 39.52
C THR G 167 62.49 11.14 40.59
N ASP G 168 63.16 12.21 40.17
CA ASP G 168 63.99 12.97 41.09
C ASP G 168 63.14 13.72 42.12
N VAL G 169 62.02 14.31 41.69
CA VAL G 169 61.19 15.09 42.60
C VAL G 169 60.50 14.18 43.62
N VAL G 170 59.97 13.04 43.17
CA VAL G 170 59.32 12.13 44.11
C VAL G 170 60.35 11.51 45.05
N ARG G 171 61.56 11.25 44.55
CA ARG G 171 62.62 10.74 45.42
C ARG G 171 63.00 11.76 46.50
N TYR G 172 63.11 13.03 46.12
CA TYR G 172 63.43 14.05 47.11
C TYR G 172 62.29 14.24 48.10
N LEU G 173 61.05 14.14 47.63
CA LEU G 173 59.90 14.24 48.54
C LEU G 173 59.89 13.08 49.52
N LEU G 174 60.19 11.86 49.05
CA LEU G 174 60.29 10.72 49.95
C LEU G 174 61.43 10.90 50.95
N GLU G 175 62.54 11.47 50.51
CA GLU G 175 63.64 11.78 51.42
C GLU G 175 63.29 12.88 52.42
N GLN G 176 62.22 13.66 52.17
CA GLN G 176 61.79 14.70 53.08
C GLN G 176 60.59 14.24 53.91
N ARG G 177 60.52 12.94 54.20
CA ARG G 177 59.55 12.36 55.14
C ARG G 177 58.10 12.63 54.71
N ALA G 178 57.85 12.46 53.41
CA ALA G 178 56.49 12.56 52.91
C ALA G 178 55.65 11.39 53.38
N ASP G 179 54.39 11.65 53.69
CA ASP G 179 53.49 10.62 54.17
C ASP G 179 53.06 9.73 53.02
N PRO G 180 53.36 8.43 53.04
CA PRO G 180 52.99 7.57 51.91
C PRO G 180 51.57 7.03 52.00
N ASN G 181 50.98 7.07 53.20
CA ASN G 181 49.65 6.53 53.43
C ASN G 181 48.57 7.60 53.37
N ALA G 182 48.86 8.74 52.76
CA ALA G 182 47.84 9.77 52.57
C ALA G 182 46.76 9.29 51.62
N LYS G 183 45.52 9.66 51.91
CA LYS G 183 44.36 9.17 51.17
C LYS G 183 43.78 10.30 50.33
N ALA G 184 43.47 10.01 49.08
CA ALA G 184 42.83 10.97 48.19
C ALA G 184 41.32 11.00 48.47
N HIS G 185 40.56 11.63 47.58
CA HIS G 185 39.12 11.73 47.77
C HIS G 185 38.45 10.37 47.73
N CYS G 186 38.76 9.57 46.70
CA CYS G 186 38.20 8.23 46.58
C CYS G 186 39.12 7.17 47.17
N GLY G 187 39.56 7.41 48.40
CA GLY G 187 40.38 6.44 49.14
C GLY G 187 41.68 6.05 48.47
N ALA G 188 42.19 6.88 47.56
CA ALA G 188 43.37 6.53 46.79
C ALA G 188 44.63 7.10 47.44
N THR G 189 45.74 6.39 47.28
CA THR G 189 47.04 6.81 47.75
C THR G 189 47.95 7.05 46.55
N ALA G 190 49.18 7.51 46.84
CA ALA G 190 50.16 7.71 45.78
C ALA G 190 50.57 6.41 45.12
N LEU G 191 50.39 5.27 45.79
CA LEU G 191 50.75 3.98 45.20
C LEU G 191 49.89 3.67 43.99
N HIS G 192 48.58 3.96 44.07
CA HIS G 192 47.69 3.73 42.93
C HIS G 192 48.11 4.60 41.75
N PHE G 193 48.44 5.86 42.00
CA PHE G 193 48.83 6.77 40.93
C PHE G 193 50.15 6.35 40.30
N ALA G 194 51.11 5.93 41.12
CA ALA G 194 52.38 5.43 40.58
C ALA G 194 52.18 4.14 39.79
N ALA G 195 51.24 3.29 40.22
CA ALA G 195 50.98 2.05 39.52
C ALA G 195 50.32 2.31 38.16
N GLU G 196 49.35 3.22 38.11
CA GLU G 196 48.68 3.51 36.84
C GLU G 196 49.58 4.33 35.91
N ALA G 197 50.50 5.12 36.47
CA ALA G 197 51.41 5.89 35.64
C ALA G 197 52.45 5.03 34.95
N GLY G 198 52.64 3.79 35.38
CA GLY G 198 53.61 2.90 34.75
C GLY G 198 55.06 3.31 34.92
N HIS G 199 55.45 3.71 36.13
CA HIS G 199 56.83 4.05 36.45
C HIS G 199 57.35 3.07 37.50
N ILE G 200 58.23 2.16 37.10
CA ILE G 200 58.74 1.15 38.02
C ILE G 200 59.59 1.79 39.11
N ASP G 201 60.32 2.85 38.77
CA ASP G 201 61.20 3.49 39.75
C ASP G 201 60.41 4.19 40.85
N ILE G 202 59.33 4.89 40.50
CA ILE G 202 58.50 5.53 41.51
C ILE G 202 57.84 4.49 42.41
N VAL G 203 57.36 3.39 41.82
CA VAL G 203 56.72 2.34 42.60
C VAL G 203 57.72 1.69 43.56
N LYS G 204 58.94 1.41 43.07
CA LYS G 204 59.93 0.80 43.94
C LYS G 204 60.39 1.76 45.04
N GLU G 205 60.47 3.05 44.74
CA GLU G 205 60.77 4.02 45.79
C GLU G 205 59.66 4.07 46.84
N LEU G 206 58.41 4.01 46.40
CA LEU G 206 57.28 4.03 47.34
C LEU G 206 57.27 2.78 48.21
N ILE G 207 57.53 1.61 47.63
CA ILE G 207 57.50 0.38 48.42
C ILE G 207 58.75 0.24 49.28
N LYS G 208 59.86 0.89 48.93
CA LYS G 208 60.97 0.99 49.86
C LYS G 208 60.66 1.99 50.97
N TRP G 209 59.77 2.94 50.69
CA TRP G 209 59.31 3.90 51.69
C TRP G 209 58.19 3.35 52.57
N ARG G 210 57.84 2.07 52.42
CA ARG G 210 56.77 1.42 53.16
C ARG G 210 55.44 2.14 52.94
N ALA G 211 54.97 2.04 51.70
CA ALA G 211 53.80 2.78 51.23
C ALA G 211 52.51 2.38 51.93
N ALA G 212 52.50 1.25 52.66
CA ALA G 212 51.33 0.79 53.41
C ALA G 212 50.13 0.57 52.49
N ILE G 213 50.27 -0.45 51.63
CA ILE G 213 49.30 -0.76 50.60
C ILE G 213 47.90 -0.86 51.18
N VAL G 214 46.95 -0.16 50.57
CA VAL G 214 45.55 -0.16 50.98
C VAL G 214 44.70 0.04 49.75
N VAL G 215 43.51 -0.57 49.76
CA VAL G 215 42.62 -0.47 48.61
C VAL G 215 42.06 0.95 48.48
N ASN G 216 41.54 1.26 47.30
CA ASN G 216 40.95 2.56 47.04
C ASN G 216 39.51 2.61 47.54
N GLY G 217 38.84 3.73 47.26
CA GLY G 217 37.44 3.85 47.63
C GLY G 217 36.55 2.90 46.86
N HIS G 218 36.88 2.66 45.60
CA HIS G 218 36.10 1.71 44.80
C HIS G 218 36.31 0.27 45.26
N GLY G 219 37.52 -0.05 45.73
CA GLY G 219 37.76 -1.36 46.30
C GLY G 219 38.80 -2.22 45.61
N MET G 220 39.82 -1.60 45.00
CA MET G 220 40.89 -2.33 44.34
C MET G 220 42.23 -1.91 44.92
N THR G 221 43.13 -2.88 45.05
CA THR G 221 44.48 -2.60 45.50
C THR G 221 45.25 -1.86 44.40
N PRO G 222 46.27 -1.08 44.76
CA PRO G 222 47.11 -0.45 43.73
C PRO G 222 47.81 -1.46 42.83
N LEU G 223 48.10 -2.65 43.34
CA LEU G 223 48.65 -3.70 42.48
C LEU G 223 47.64 -4.10 41.41
N LYS G 224 46.35 -4.12 41.75
CA LYS G 224 45.32 -4.37 40.74
C LYS G 224 45.31 -3.28 39.68
N VAL G 225 45.50 -2.02 40.10
CA VAL G 225 45.58 -0.92 39.15
C VAL G 225 46.79 -1.07 38.24
N ALA G 226 47.91 -1.52 38.81
CA ALA G 226 49.10 -1.78 37.99
C ALA G 226 48.84 -2.89 36.98
N ALA G 227 48.12 -3.94 37.40
CA ALA G 227 47.77 -5.01 36.48
C ALA G 227 46.85 -4.50 35.36
N GLU G 228 45.91 -3.62 35.70
CA GLU G 228 45.00 -3.07 34.71
C GLU G 228 45.70 -2.17 33.69
N SER G 229 46.90 -1.68 34.01
CA SER G 229 47.61 -0.73 33.16
C SER G 229 48.49 -1.41 32.12
N CYS G 230 48.45 -2.74 32.04
CA CYS G 230 49.27 -3.51 31.09
C CYS G 230 50.76 -3.22 31.27
N LYS G 231 51.17 -3.04 32.53
CA LYS G 231 52.55 -2.73 32.88
C LYS G 231 53.12 -3.95 33.58
N ALA G 232 53.81 -4.81 32.81
CA ALA G 232 54.33 -6.06 33.37
C ALA G 232 55.41 -5.81 34.40
N ASP G 233 56.32 -4.88 34.12
CA ASP G 233 57.43 -4.63 35.04
C ASP G 233 56.97 -4.01 36.35
N VAL G 234 55.94 -3.16 36.30
CA VAL G 234 55.40 -2.58 37.53
C VAL G 234 54.81 -3.68 38.42
N VAL G 235 54.08 -4.61 37.81
CA VAL G 235 53.48 -5.71 38.59
C VAL G 235 54.56 -6.63 39.15
N GLU G 236 55.56 -6.95 38.33
CA GLU G 236 56.59 -7.91 38.74
C GLU G 236 57.70 -7.28 39.58
N LEU G 237 57.36 -6.43 40.55
CA LEU G 237 58.33 -5.98 41.54
C LEU G 237 57.79 -5.99 42.96
N LEU G 238 56.48 -6.12 43.17
CA LEU G 238 55.90 -6.07 44.50
C LEU G 238 55.90 -7.44 45.18
N LEU G 239 56.32 -8.49 44.48
CA LEU G 239 56.42 -9.81 45.10
C LEU G 239 57.47 -9.84 46.20
N SER G 240 58.46 -8.95 46.13
CA SER G 240 59.49 -8.85 47.16
C SER G 240 59.04 -8.07 48.38
N HIS G 241 57.85 -7.46 48.36
CA HIS G 241 57.37 -6.71 49.51
C HIS G 241 56.96 -7.61 50.67
N ALA G 242 56.67 -8.89 50.39
CA ALA G 242 56.34 -9.89 51.40
C ALA G 242 55.15 -9.47 52.26
N ASP G 243 54.15 -8.84 51.63
CA ASP G 243 52.94 -8.46 52.32
C ASP G 243 51.67 -8.75 51.53
N CYS G 244 51.78 -9.31 50.34
CA CYS G 244 50.62 -9.61 49.49
C CYS G 244 50.06 -11.01 49.75
N ASP G 245 50.62 -11.76 50.68
CA ASP G 245 50.20 -13.13 51.02
C ASP G 245 50.33 -13.97 49.75
N ARG G 246 49.30 -14.70 49.32
CA ARG G 246 49.38 -15.48 48.10
C ARG G 246 48.21 -15.16 47.17
N ARG G 247 47.04 -14.88 47.74
CA ARG G 247 45.87 -14.61 46.92
C ARG G 247 46.02 -13.31 46.14
N SER G 248 46.56 -12.26 46.78
CA SER G 248 46.67 -10.96 46.11
C SER G 248 47.63 -11.03 44.94
N ARG G 249 48.77 -11.68 45.10
CA ARG G 249 49.74 -11.73 44.02
C ARG G 249 49.25 -12.58 42.85
N ILE G 250 48.59 -13.71 43.13
CA ILE G 250 48.08 -14.53 42.04
C ILE G 250 46.90 -13.85 41.35
N GLU G 251 46.06 -13.12 42.09
CA GLU G 251 44.98 -12.40 41.43
C GLU G 251 45.50 -11.22 40.63
N ALA G 252 46.61 -10.61 41.08
CA ALA G 252 47.24 -9.55 40.28
C ALA G 252 47.85 -10.11 39.01
N LEU G 253 48.46 -11.30 39.10
CA LEU G 253 48.99 -11.94 37.89
C LEU G 253 47.87 -12.28 36.92
N GLU G 254 46.75 -12.80 37.43
CA GLU G 254 45.60 -13.09 36.57
C GLU G 254 45.05 -11.82 35.94
N LEU G 255 44.97 -10.73 36.71
CA LEU G 255 44.47 -9.46 36.18
C LEU G 255 45.42 -8.90 35.12
N LEU G 256 46.73 -9.03 35.34
CA LEU G 256 47.70 -8.57 34.34
C LEU G 256 47.59 -9.39 33.06
N GLY G 257 47.40 -10.71 33.18
CA GLY G 257 47.17 -11.52 32.01
C GLY G 257 45.89 -11.13 31.28
N ALA G 258 44.84 -10.82 32.05
CA ALA G 258 43.58 -10.37 31.45
C ALA G 258 43.77 -9.07 30.69
N SER G 259 44.50 -8.12 31.28
CA SER G 259 44.77 -6.86 30.59
C SER G 259 45.64 -7.08 29.35
N PHE G 260 46.55 -8.07 29.41
CA PHE G 260 47.30 -8.44 28.21
C PHE G 260 46.40 -9.04 27.14
N ALA G 261 45.32 -9.70 27.54
CA ALA G 261 44.45 -10.37 26.58
C ALA G 261 43.71 -9.39 25.67
N ASN G 262 43.56 -8.13 26.06
CA ASN G 262 42.86 -7.15 25.22
C ASN G 262 43.39 -5.76 25.55
N ASP G 263 44.06 -5.15 24.58
CA ASP G 263 44.51 -3.77 24.72
C ASP G 263 44.75 -3.20 23.32
N ARG G 264 44.53 -1.89 23.18
CA ARG G 264 44.71 -1.24 21.89
C ARG G 264 46.17 -1.25 21.47
N GLU G 265 47.08 -1.07 22.42
CA GLU G 265 48.51 -1.02 22.14
C GLU G 265 49.30 -2.15 22.78
N ASN G 266 48.71 -2.89 23.71
CA ASN G 266 49.43 -3.94 24.42
C ASN G 266 48.78 -5.30 24.21
N TYR G 267 48.43 -5.62 22.97
CA TYR G 267 47.81 -6.89 22.63
C TYR G 267 48.85 -7.82 22.00
N ASP G 268 49.00 -9.01 22.58
CA ASP G 268 49.94 -10.00 22.08
C ASP G 268 49.58 -11.37 22.64
N ILE G 269 49.48 -12.36 21.77
CA ILE G 269 49.02 -13.69 22.18
C ILE G 269 50.08 -14.40 23.01
N ILE G 270 51.35 -14.30 22.61
CA ILE G 270 52.40 -15.11 23.22
C ILE G 270 52.62 -14.69 24.68
N LYS G 271 52.74 -13.38 24.92
CA LYS G 271 52.98 -12.90 26.28
C LYS G 271 51.78 -13.17 27.18
N THR G 272 50.56 -13.00 26.66
CA THR G 272 49.38 -13.30 27.44
C THR G 272 49.32 -14.77 27.82
N TYR G 273 49.62 -15.65 26.85
CA TYR G 273 49.63 -17.08 27.15
C TYR G 273 50.70 -17.42 28.18
N HIS G 274 51.88 -16.81 28.05
CA HIS G 274 52.96 -17.08 29.00
C HIS G 274 52.57 -16.63 30.40
N TYR G 275 51.96 -15.46 30.54
CA TYR G 275 51.58 -14.97 31.85
C TYR G 275 50.46 -15.79 32.45
N LEU G 276 49.48 -16.20 31.63
CA LEU G 276 48.41 -17.06 32.13
C LEU G 276 48.94 -18.43 32.52
N TYR G 277 49.93 -18.93 31.78
CA TYR G 277 50.58 -20.20 32.13
C TYR G 277 51.31 -20.08 33.46
N LEU G 278 52.01 -18.96 33.67
CA LEU G 278 52.68 -18.74 34.94
C LEU G 278 51.68 -18.67 36.10
N ALA G 279 50.57 -17.96 35.90
CA ALA G 279 49.55 -17.88 36.93
C ALA G 279 48.93 -19.25 37.22
N MET G 280 48.65 -20.02 36.17
CA MET G 280 48.08 -21.35 36.36
C MET G 280 49.04 -22.28 37.08
N LEU G 281 50.33 -22.22 36.74
CA LEU G 281 51.31 -23.04 37.44
C LEU G 281 51.44 -22.64 38.89
N GLU G 282 51.51 -21.34 39.17
CA GLU G 282 51.60 -20.86 40.54
C GLU G 282 50.35 -21.20 41.35
N ARG G 283 49.19 -21.30 40.71
CA ARG G 283 47.96 -21.65 41.40
C ARG G 283 47.79 -23.15 41.62
N PHE G 284 48.23 -23.97 40.66
CA PHE G 284 48.04 -25.41 40.73
C PHE G 284 49.27 -26.16 41.24
N GLN G 285 50.33 -25.45 41.60
CA GLN G 285 51.57 -26.13 41.99
C GLN G 285 51.47 -26.74 43.38
N ASP G 286 51.05 -25.95 44.37
CA ASP G 286 51.05 -26.44 45.75
C ASP G 286 50.03 -27.56 45.95
N GLY G 287 48.84 -27.42 45.40
CA GLY G 287 47.83 -28.47 45.53
C GLY G 287 47.09 -28.55 46.85
N ASP G 288 47.81 -28.68 47.95
CA ASP G 288 47.17 -28.73 49.26
C ASP G 288 46.49 -27.41 49.60
N ASN G 289 47.15 -26.29 49.33
CA ASN G 289 46.60 -24.96 49.54
C ASN G 289 46.22 -24.31 48.21
N ILE G 290 45.67 -25.11 47.29
CA ILE G 290 45.30 -24.60 45.98
C ILE G 290 44.18 -23.56 46.13
N LEU G 291 44.28 -22.49 45.36
CA LEU G 291 43.33 -21.38 45.42
C LEU G 291 42.31 -21.59 44.31
N GLU G 292 41.09 -21.95 44.70
CA GLU G 292 40.02 -22.20 43.74
C GLU G 292 39.26 -20.91 43.47
N LYS G 293 39.24 -20.51 42.20
CA LYS G 293 38.52 -19.30 41.80
C LYS G 293 37.03 -19.59 41.70
N GLU G 294 36.22 -18.63 42.14
CA GLU G 294 34.77 -18.76 42.06
C GLU G 294 34.33 -18.44 40.63
N VAL G 295 33.88 -19.46 39.90
CA VAL G 295 33.51 -19.31 38.51
C VAL G 295 32.04 -18.93 38.43
N LEU G 296 31.77 -17.82 37.74
CA LEU G 296 30.40 -17.38 37.55
C LEU G 296 29.66 -18.30 36.59
N PRO G 297 28.33 -18.34 36.67
CA PRO G 297 27.56 -19.12 35.70
C PRO G 297 27.78 -18.57 34.31
N PRO G 298 27.69 -19.41 33.28
CA PRO G 298 28.02 -18.97 31.91
C PRO G 298 27.06 -17.89 31.41
N ILE G 299 27.63 -16.74 31.08
CA ILE G 299 26.86 -15.65 30.48
C ILE G 299 26.75 -15.90 28.99
N HIS G 300 25.55 -15.73 28.44
CA HIS G 300 25.35 -15.89 27.00
C HIS G 300 26.20 -14.88 26.23
N ALA G 301 26.33 -13.66 26.75
CA ALA G 301 27.21 -12.68 26.13
C ALA G 301 28.67 -13.11 26.20
N TYR G 302 29.04 -13.88 27.23
CA TYR G 302 30.39 -14.43 27.32
C TYR G 302 30.47 -15.80 26.64
N GLY G 303 29.99 -15.86 25.39
CA GLY G 303 30.00 -17.08 24.60
C GLY G 303 29.24 -18.20 25.26
N ASN G 304 29.74 -19.42 25.05
CA ASN G 304 29.22 -20.60 25.73
C ASN G 304 30.32 -21.35 26.49
N ARG G 305 31.44 -20.67 26.78
CA ARG G 305 32.57 -21.28 27.45
C ARG G 305 32.59 -20.82 28.90
N THR G 306 32.63 -21.78 29.83
CA THR G 306 32.63 -21.49 31.26
C THR G 306 34.04 -21.71 31.80
N GLU G 307 34.87 -20.68 31.68
CA GLU G 307 36.25 -20.66 32.18
C GLU G 307 37.10 -21.78 31.59
N CYS G 308 38.34 -21.92 32.11
CA CYS G 308 39.25 -23.01 31.74
C CYS G 308 39.86 -23.53 33.04
N ARG G 309 39.16 -24.48 33.68
CA ARG G 309 39.64 -25.02 34.95
C ARG G 309 40.83 -25.95 34.75
N ASN G 310 40.76 -26.82 33.74
CA ASN G 310 41.84 -27.77 33.51
C ASN G 310 43.05 -27.07 32.92
N PRO G 311 44.26 -27.43 33.34
CA PRO G 311 45.46 -26.90 32.66
C PRO G 311 45.52 -27.25 31.19
N GLN G 312 45.11 -28.47 30.83
CA GLN G 312 45.11 -28.87 29.43
C GLN G 312 44.06 -28.10 28.63
N GLU G 313 43.00 -27.63 29.29
CA GLU G 313 42.05 -26.75 28.63
C GLU G 313 42.73 -25.46 28.18
N LEU G 314 43.58 -24.88 29.03
CA LEU G 314 44.31 -23.68 28.64
C LEU G 314 45.39 -24.01 27.61
N GLU G 315 46.00 -25.18 27.71
CA GLU G 315 47.04 -25.57 26.75
C GLU G 315 46.45 -25.75 25.36
N SER G 316 45.25 -26.33 25.27
CA SER G 316 44.67 -26.64 23.96
C SER G 316 44.16 -25.40 23.25
N ILE G 317 43.78 -24.36 24.00
CA ILE G 317 43.22 -23.15 23.39
C ILE G 317 44.33 -22.13 23.15
N ARG G 318 45.58 -22.59 23.22
CA ARG G 318 46.71 -21.70 22.98
C ARG G 318 46.75 -21.19 21.54
N GLN G 319 46.16 -21.94 20.61
CA GLN G 319 46.16 -21.59 19.19
C GLN G 319 44.94 -20.79 18.77
N ASP G 320 44.00 -20.51 19.69
CA ASP G 320 42.81 -19.73 19.39
C ASP G 320 42.87 -18.41 20.12
N ARG G 321 42.71 -17.31 19.38
CA ARG G 321 42.72 -15.99 20.00
C ARG G 321 41.40 -15.70 20.71
N ASP G 322 40.28 -16.16 20.15
CA ASP G 322 38.97 -15.79 20.68
C ASP G 322 38.73 -16.39 22.05
N ALA G 323 39.11 -17.64 22.27
CA ALA G 323 38.96 -18.25 23.58
C ALA G 323 39.84 -17.55 24.61
N LEU G 324 41.05 -17.16 24.21
CA LEU G 324 41.93 -16.41 25.11
C LEU G 324 41.30 -15.07 25.48
N HIS G 325 40.72 -14.38 24.50
CA HIS G 325 40.04 -13.11 24.79
C HIS G 325 38.88 -13.33 25.74
N MET G 326 38.09 -14.38 25.51
CA MET G 326 36.92 -14.63 26.34
C MET G 326 37.32 -14.93 27.78
N GLU G 327 38.33 -15.78 27.97
CA GLU G 327 38.75 -16.12 29.32
C GLU G 327 39.40 -14.92 30.01
N GLY G 328 40.12 -14.10 29.24
CA GLY G 328 40.67 -12.87 29.81
C GLY G 328 39.58 -11.91 30.28
N LEU G 329 38.53 -11.76 29.46
CA LEU G 329 37.40 -10.93 29.86
C LEU G 329 36.73 -11.46 31.12
N ILE G 330 36.54 -12.78 31.18
CA ILE G 330 35.85 -13.37 32.33
C ILE G 330 36.68 -13.19 33.59
N VAL G 331 37.98 -13.46 33.54
CA VAL G 331 38.79 -13.29 34.74
C VAL G 331 38.92 -11.82 35.11
N ARG G 332 38.95 -10.92 34.12
CA ARG G 332 39.03 -9.49 34.42
C ARG G 332 37.77 -9.01 35.16
N GLU G 333 36.60 -9.37 34.64
CA GLU G 333 35.37 -8.96 35.30
C GLU G 333 35.14 -9.70 36.62
N ARG G 334 35.73 -10.89 36.78
CA ARG G 334 35.62 -11.59 38.04
C ARG G 334 36.49 -10.94 39.12
N ILE G 335 37.73 -10.59 38.77
CA ILE G 335 38.62 -9.96 39.74
C ILE G 335 38.15 -8.55 40.07
N LEU G 336 37.79 -7.78 39.04
CA LEU G 336 37.34 -6.41 39.27
C LEU G 336 35.91 -6.33 39.78
N GLY G 337 35.16 -7.43 39.75
CA GLY G 337 33.80 -7.45 40.23
C GLY G 337 32.76 -6.98 39.23
N ALA G 338 33.16 -6.70 37.98
CA ALA G 338 32.26 -6.25 36.92
C ALA G 338 31.53 -4.97 37.29
N ASP G 339 32.16 -4.12 38.11
CA ASP G 339 31.56 -2.85 38.48
C ASP G 339 32.59 -1.72 38.50
N ASN G 340 33.73 -1.90 37.84
CA ASN G 340 34.79 -0.90 37.83
C ASN G 340 34.69 -0.05 36.57
N ILE G 341 35.43 1.06 36.58
CA ILE G 341 35.38 2.02 35.47
C ILE G 341 35.97 1.40 34.21
N ASP G 342 37.12 0.74 34.33
CA ASP G 342 37.87 0.25 33.18
C ASP G 342 37.55 -1.20 32.84
N VAL G 343 36.32 -1.64 33.11
CA VAL G 343 35.92 -2.99 32.74
C VAL G 343 35.38 -3.02 31.31
N SER G 344 34.50 -2.07 30.99
CA SER G 344 33.79 -2.11 29.71
C SER G 344 34.66 -1.69 28.53
N HIS G 345 35.62 -0.80 28.75
CA HIS G 345 36.43 -0.29 27.63
C HIS G 345 37.22 -1.38 26.91
N PRO G 346 37.92 -2.30 27.58
CA PRO G 346 38.52 -3.42 26.82
C PRO G 346 37.48 -4.27 26.11
N ILE G 347 36.29 -4.43 26.69
CA ILE G 347 35.22 -5.17 26.00
C ILE G 347 34.84 -4.47 24.71
N ILE G 348 34.71 -3.14 24.76
CA ILE G 348 34.34 -2.37 23.58
C ILE G 348 35.43 -2.45 22.52
N TYR G 349 36.70 -2.36 22.93
CA TYR G 349 37.80 -2.48 21.97
C TYR G 349 37.83 -3.86 21.34
N ARG G 350 37.65 -4.90 22.15
CA ARG G 350 37.61 -6.26 21.61
C ARG G 350 36.47 -6.44 20.63
N GLY G 351 35.30 -5.86 20.96
CA GLY G 351 34.19 -5.91 20.02
C GLY G 351 34.49 -5.20 18.72
N ALA G 352 35.12 -4.02 18.80
CA ALA G 352 35.45 -3.28 17.58
C ALA G 352 36.40 -4.07 16.70
N VAL G 353 37.42 -4.68 17.30
CA VAL G 353 38.37 -5.49 16.53
C VAL G 353 37.67 -6.71 15.93
N TYR G 354 36.79 -7.34 16.71
CA TYR G 354 36.05 -8.50 16.21
C TYR G 354 35.10 -8.12 15.08
N ALA G 355 34.62 -6.87 15.08
CA ALA G 355 33.71 -6.42 14.03
C ALA G 355 34.43 -5.88 12.80
N ASP G 356 35.72 -5.56 12.92
CA ASP G 356 36.45 -4.99 11.80
C ASP G 356 36.65 -5.97 10.65
N ASN G 357 36.38 -7.27 10.84
CA ASN G 357 36.62 -8.28 9.82
C ASN G 357 35.37 -9.13 9.61
N MET G 358 34.23 -8.47 9.43
CA MET G 358 32.96 -9.04 9.01
C MET G 358 32.36 -10.04 10.01
N GLU G 359 32.84 -10.05 11.25
CA GLU G 359 32.31 -10.92 12.28
C GLU G 359 31.43 -10.10 13.21
N PHE G 360 30.18 -10.54 13.40
CA PHE G 360 29.14 -9.66 13.91
C PHE G 360 28.57 -10.08 15.26
N GLU G 361 28.14 -11.34 15.40
CA GLU G 361 27.24 -11.69 16.50
C GLU G 361 27.95 -11.67 17.86
N GLN G 362 29.17 -12.20 17.93
CA GLN G 362 29.90 -12.15 19.20
C GLN G 362 30.25 -10.72 19.55
N CYS G 363 30.58 -9.90 18.56
CA CYS G 363 30.71 -8.46 18.78
C CYS G 363 29.45 -7.88 19.41
N ILE G 364 28.29 -8.25 18.87
CA ILE G 364 27.03 -7.70 19.36
C ILE G 364 26.82 -8.10 20.81
N LYS G 365 27.09 -9.36 21.15
CA LYS G 365 26.84 -9.80 22.53
C LYS G 365 27.86 -9.22 23.51
N LEU G 366 29.13 -9.06 23.11
CA LEU G 366 30.08 -8.36 23.97
C LEU G 366 29.68 -6.90 24.16
N TRP G 367 29.21 -6.23 23.11
CA TRP G 367 28.76 -4.86 23.26
C TRP G 367 27.52 -4.77 24.14
N LEU G 368 26.63 -5.76 24.05
CA LEU G 368 25.49 -5.83 24.96
C LEU G 368 25.94 -5.96 26.41
N HIS G 369 26.92 -6.83 26.67
CA HIS G 369 27.42 -6.99 28.02
C HIS G 369 28.07 -5.69 28.52
N ALA G 370 28.82 -5.02 27.66
CA ALA G 370 29.43 -3.75 28.04
C ALA G 370 28.38 -2.70 28.32
N LEU G 371 27.32 -2.66 27.50
CA LEU G 371 26.23 -1.71 27.73
C LEU G 371 25.54 -1.98 29.07
N HIS G 372 25.30 -3.26 29.38
CA HIS G 372 24.70 -3.61 30.66
C HIS G 372 25.60 -3.20 31.82
N LEU G 373 26.90 -3.45 31.70
CA LEU G 373 27.83 -3.09 32.77
C LEU G 373 27.88 -1.58 32.97
N ARG G 374 27.90 -0.81 31.87
CA ARG G 374 27.94 0.64 32.00
C ARG G 374 26.62 1.19 32.54
N GLN G 375 25.50 0.56 32.19
CA GLN G 375 24.22 0.97 32.76
C GLN G 375 24.17 0.69 34.26
N LYS G 376 24.68 -0.46 34.68
CA LYS G 376 24.78 -0.73 36.11
C LYS G 376 25.78 0.18 36.80
N GLY G 377 26.75 0.70 36.06
CA GLY G 377 27.68 1.68 36.56
C GLY G 377 27.25 3.11 36.42
N ASN G 378 26.02 3.35 35.94
CA ASN G 378 25.46 4.70 35.77
C ASN G 378 26.34 5.57 34.88
N ARG G 379 26.79 4.99 33.77
CA ARG G 379 27.66 5.67 32.83
C ARG G 379 26.97 5.81 31.48
N ASN G 380 27.06 7.00 30.89
CA ASN G 380 26.43 7.27 29.60
C ASN G 380 27.12 6.47 28.50
N THR G 381 26.32 6.05 27.52
CA THR G 381 26.78 5.18 26.45
C THR G 381 26.37 5.71 25.08
N HIS G 382 26.42 7.03 24.91
CA HIS G 382 26.03 7.63 23.63
C HIS G 382 26.96 7.18 22.50
N LYS G 383 28.27 7.13 22.76
CA LYS G 383 29.22 6.70 21.74
C LYS G 383 29.03 5.22 21.41
N ASP G 384 28.69 4.40 22.41
CA ASP G 384 28.45 2.99 22.16
C ASP G 384 27.27 2.80 21.21
N LEU G 385 26.15 3.47 21.49
CA LEU G 385 24.99 3.36 20.62
C LEU G 385 25.28 3.93 19.24
N LEU G 386 26.07 5.01 19.18
CA LEU G 386 26.41 5.60 17.88
C LEU G 386 27.20 4.63 17.02
N ARG G 387 28.28 4.06 17.57
CA ARG G 387 29.07 3.12 16.80
C ARG G 387 28.28 1.84 16.50
N PHE G 388 27.32 1.50 17.37
CA PHE G 388 26.56 0.27 17.14
C PHE G 388 25.56 0.45 16.00
N ALA G 389 24.90 1.61 15.97
CA ALA G 389 24.06 1.95 14.82
C ALA G 389 24.89 2.07 13.55
N GLN G 390 26.14 2.53 13.67
CA GLN G 390 27.04 2.52 12.52
C GLN G 390 27.27 1.10 12.03
N VAL G 391 27.46 0.16 12.95
CA VAL G 391 27.70 -1.23 12.57
C VAL G 391 26.49 -1.82 11.87
N PHE G 392 25.28 -1.61 12.41
CA PHE G 392 24.09 -2.06 11.68
C PHE G 392 23.90 -1.35 10.35
N SER G 393 24.28 -0.08 10.25
CA SER G 393 24.18 0.61 8.97
C SER G 393 25.09 -0.05 7.94
N GLN G 394 26.30 -0.41 8.36
CA GLN G 394 27.20 -1.15 7.47
C GLN G 394 26.64 -2.52 7.13
N MET G 395 25.99 -3.17 8.09
CA MET G 395 25.37 -4.48 7.85
C MET G 395 24.29 -4.37 6.79
N ILE G 396 23.40 -3.39 6.92
CA ILE G 396 22.30 -3.23 5.97
C ILE G 396 22.83 -2.81 4.61
N HIS G 397 23.88 -1.99 4.59
CA HIS G 397 24.50 -1.62 3.32
C HIS G 397 25.09 -2.84 2.61
N LEU G 398 25.48 -3.86 3.36
CA LEU G 398 26.00 -5.11 2.81
C LEU G 398 24.95 -6.21 2.79
N ASN G 399 23.69 -5.82 2.58
CA ASN G 399 22.51 -6.70 2.45
C ASN G 399 22.54 -7.89 3.40
N GLU G 400 22.87 -7.61 4.66
CA GLU G 400 22.88 -8.62 5.72
C GLU G 400 21.67 -8.41 6.62
N THR G 401 20.92 -9.48 6.85
CA THR G 401 19.73 -9.40 7.69
C THR G 401 20.13 -9.31 9.15
N VAL G 402 19.93 -8.15 9.75
CA VAL G 402 20.26 -7.95 11.15
C VAL G 402 19.27 -8.72 12.02
N LYS G 403 19.78 -9.45 13.01
CA LYS G 403 18.91 -10.17 13.93
C LYS G 403 18.09 -9.17 14.75
N ALA G 404 16.79 -9.41 14.83
CA ALA G 404 15.81 -8.49 15.38
C ALA G 404 15.75 -8.43 16.91
N PRO G 405 15.89 -9.55 17.64
CA PRO G 405 15.97 -9.41 19.11
C PRO G 405 17.11 -8.53 19.58
N ASP G 406 18.22 -8.50 18.85
CA ASP G 406 19.28 -7.54 19.15
C ASP G 406 18.78 -6.11 19.00
N ILE G 407 17.99 -5.84 17.96
CA ILE G 407 17.41 -4.52 17.79
C ILE G 407 16.48 -4.18 18.95
N GLU G 408 15.69 -5.16 19.40
CA GLU G 408 14.79 -4.93 20.53
C GLU G 408 15.56 -4.55 21.79
N CYS G 409 16.58 -5.35 22.13
CA CYS G 409 17.34 -5.10 23.35
C CYS G 409 18.10 -3.79 23.26
N VAL G 410 18.63 -3.47 22.08
CA VAL G 410 19.39 -2.23 21.93
C VAL G 410 18.46 -1.02 21.98
N LEU G 411 17.24 -1.15 21.46
CA LEU G 411 16.28 -0.07 21.59
C LEU G 411 15.86 0.14 23.04
N ARG G 412 15.71 -0.95 23.81
CA ARG G 412 15.39 -0.77 25.22
C ARG G 412 16.56 -0.14 25.97
N CYS G 413 17.80 -0.49 25.59
CA CYS G 413 18.95 0.19 26.16
C CYS G 413 18.96 1.67 25.79
N SER G 414 18.57 1.98 24.56
CA SER G 414 18.54 3.37 24.10
C SER G 414 17.54 4.19 24.88
N VAL G 415 16.33 3.65 25.08
CA VAL G 415 15.32 4.41 25.82
C VAL G 415 15.71 4.52 27.29
N LEU G 416 16.35 3.50 27.85
CA LEU G 416 16.87 3.60 29.21
C LEU G 416 17.93 4.70 29.33
N GLU G 417 18.85 4.76 28.36
CA GLU G 417 19.87 5.78 28.36
C GLU G 417 19.29 7.17 28.18
N ILE G 418 18.26 7.28 27.34
CA ILE G 418 17.61 8.58 27.14
C ILE G 418 16.91 9.04 28.40
N GLU G 419 16.25 8.12 29.12
CA GLU G 419 15.64 8.48 30.40
C GLU G 419 16.71 8.89 31.41
N GLN G 420 17.85 8.19 31.41
CA GLN G 420 18.94 8.55 32.30
C GLN G 420 19.46 9.96 32.00
N SER G 421 19.63 10.28 30.71
CA SER G 421 20.05 11.63 30.36
C SER G 421 18.96 12.66 30.70
N MET G 422 17.69 12.26 30.63
CA MET G 422 16.59 13.17 30.97
C MET G 422 16.65 13.57 32.43
N ASN G 423 16.72 12.59 33.33
CA ASN G 423 16.76 12.97 34.74
C ASN G 423 18.12 13.54 35.12
N ARG G 424 19.16 13.21 34.35
CA ARG G 424 20.47 13.85 34.55
C ARG G 424 20.39 15.34 34.27
N VAL G 425 19.89 15.74 33.11
CA VAL G 425 19.76 17.16 32.81
C VAL G 425 18.72 17.81 33.70
N LYS G 426 17.80 17.01 34.27
CA LYS G 426 16.94 17.54 35.32
C LYS G 426 17.74 17.91 36.56
N ASN G 427 18.72 17.09 36.94
CA ASN G 427 19.45 17.34 38.18
C ASN G 427 20.77 18.08 38.00
N ILE G 428 21.43 17.95 36.85
CA ILE G 428 22.73 18.62 36.66
C ILE G 428 22.52 20.12 36.50
N SER G 429 23.33 20.90 37.22
CA SER G 429 23.26 22.35 37.20
C SER G 429 23.99 22.89 35.97
N ASP G 430 24.26 24.20 35.98
CA ASP G 430 24.86 24.89 34.84
C ASP G 430 26.32 24.56 34.61
N ALA G 431 26.94 23.75 35.48
CA ALA G 431 28.37 23.47 35.35
C ALA G 431 28.68 22.73 34.05
N ASP G 432 27.88 21.72 33.72
CA ASP G 432 28.06 20.94 32.50
C ASP G 432 26.74 20.69 31.81
N VAL G 433 25.84 21.68 31.86
CA VAL G 433 24.53 21.55 31.24
C VAL G 433 24.67 21.43 29.72
N HIS G 434 25.64 22.16 29.13
CA HIS G 434 25.85 22.07 27.69
C HIS G 434 26.31 20.68 27.28
N ASN G 435 27.24 20.09 28.03
CA ASN G 435 27.70 18.74 27.72
C ASN G 435 26.59 17.72 27.91
N ALA G 436 25.79 17.88 28.98
CA ALA G 436 24.68 16.97 29.20
C ALA G 436 23.66 17.06 28.07
N MET G 437 23.35 18.28 27.62
CA MET G 437 22.42 18.46 26.51
C MET G 437 22.98 17.89 25.22
N ASP G 438 24.29 18.03 25.00
CA ASP G 438 24.90 17.46 23.81
C ASP G 438 24.82 15.94 23.82
N ASN G 439 25.07 15.32 24.97
CA ASN G 439 24.92 13.87 25.08
C ASN G 439 23.45 13.47 24.88
N TYR G 440 22.52 14.28 25.38
CA TYR G 440 21.10 14.01 25.18
C TYR G 440 20.74 14.03 23.69
N GLU G 441 21.21 15.04 22.98
CA GLU G 441 20.94 15.14 21.55
C GLU G 441 21.58 13.98 20.78
N CYS G 442 22.79 13.58 21.19
CA CYS G 442 23.44 12.43 20.57
C CYS G 442 22.61 11.17 20.80
N ASN G 443 22.08 10.99 22.01
CA ASN G 443 21.23 9.84 22.29
C ASN G 443 19.98 9.85 21.42
N LEU G 444 19.36 11.01 21.27
CA LEU G 444 18.18 11.12 20.42
C LEU G 444 18.49 10.74 18.97
N TYR G 445 19.60 11.27 18.45
CA TYR G 445 19.95 10.98 17.06
C TYR G 445 20.29 9.51 16.87
N THR G 446 20.97 8.90 17.85
CA THR G 446 21.27 7.47 17.75
C THR G 446 19.99 6.64 17.78
N PHE G 447 19.02 7.03 18.60
CA PHE G 447 17.74 6.32 18.60
C PHE G 447 17.04 6.47 17.25
N LEU G 448 17.14 7.65 16.64
CA LEU G 448 16.56 7.84 15.31
C LEU G 448 17.22 6.92 14.28
N TYR G 449 18.55 6.81 14.33
CA TYR G 449 19.25 5.92 13.41
C TYR G 449 18.82 4.47 13.63
N LEU G 450 18.65 4.08 14.90
CA LEU G 450 18.21 2.73 15.22
C LEU G 450 16.80 2.47 14.70
N VAL G 451 15.91 3.47 14.81
CA VAL G 451 14.58 3.33 14.28
C VAL G 451 14.62 3.18 12.77
N CYS G 452 15.48 3.95 12.11
CA CYS G 452 15.60 3.87 10.64
C CYS G 452 16.08 2.49 10.20
N ILE G 453 17.11 1.96 10.87
CA ILE G 453 17.61 0.65 10.48
C ILE G 453 16.62 -0.45 10.86
N SER G 454 15.83 -0.24 11.91
CA SER G 454 14.76 -1.18 12.22
C SER G 454 13.70 -1.19 11.12
N THR G 455 13.34 -0.01 10.61
CA THR G 455 12.40 0.07 9.51
C THR G 455 12.99 -0.46 8.21
N LYS G 456 14.31 -0.50 8.09
CA LYS G 456 14.95 -1.07 6.91
C LYS G 456 15.09 -2.59 6.99
N THR G 457 14.69 -3.21 8.10
CA THR G 457 14.76 -4.65 8.28
C THR G 457 13.37 -5.26 8.19
N GLN G 458 13.33 -6.58 8.10
CA GLN G 458 12.10 -7.35 8.09
C GLN G 458 12.09 -8.29 9.29
N CYS G 459 11.04 -8.21 10.10
CA CYS G 459 10.97 -9.00 11.33
C CYS G 459 9.64 -9.73 11.44
N SER G 460 9.39 -10.32 12.60
CA SER G 460 8.16 -11.06 12.85
C SER G 460 7.10 -10.13 13.45
N GLU G 461 5.89 -10.69 13.64
CA GLU G 461 4.79 -9.90 14.18
C GLU G 461 5.05 -9.51 15.64
N GLU G 462 5.42 -10.49 16.47
CA GLU G 462 5.69 -10.20 17.88
C GLU G 462 6.93 -9.33 18.06
N ASP G 463 7.94 -9.52 17.20
CA ASP G 463 9.14 -8.69 17.27
C ASP G 463 8.82 -7.24 16.96
N GLN G 464 8.05 -7.01 15.89
CA GLN G 464 7.63 -5.66 15.56
C GLN G 464 6.75 -5.08 16.65
N CYS G 465 5.92 -5.92 17.28
CA CYS G 465 5.10 -5.45 18.39
C CYS G 465 5.95 -4.98 19.55
N LYS G 466 6.99 -5.74 19.91
CA LYS G 466 7.88 -5.33 21.00
C LYS G 466 8.65 -4.06 20.65
N ILE G 467 9.13 -3.96 19.40
CA ILE G 467 9.88 -2.77 18.98
C ILE G 467 8.99 -1.54 19.04
N ASN G 468 7.76 -1.66 18.53
CA ASN G 468 6.83 -0.54 18.59
C ASN G 468 6.41 -0.23 20.02
N LYS G 469 6.36 -1.23 20.89
CA LYS G 469 6.10 -0.97 22.30
C LYS G 469 7.22 -0.14 22.92
N GLN G 470 8.47 -0.46 22.60
CA GLN G 470 9.58 0.33 23.15
C GLN G 470 9.59 1.75 22.59
N ILE G 471 9.28 1.89 21.30
CA ILE G 471 9.19 3.23 20.71
C ILE G 471 8.04 4.01 21.35
N TYR G 472 6.94 3.32 21.66
CA TYR G 472 5.83 3.93 22.37
C TYR G 472 6.25 4.41 23.76
N ASN G 473 7.07 3.61 24.45
CA ASN G 473 7.60 4.02 25.75
C ASN G 473 8.42 5.28 25.63
N LEU G 474 9.31 5.34 24.63
CA LEU G 474 10.14 6.53 24.49
C LEU G 474 9.32 7.75 24.07
N ILE G 475 8.30 7.54 23.23
CA ILE G 475 7.44 8.65 22.83
C ILE G 475 6.69 9.20 24.04
N HIS G 476 6.18 8.32 24.89
CA HIS G 476 5.53 8.78 26.11
C HIS G 476 6.51 9.38 27.10
N LEU G 477 7.81 9.08 26.97
CA LEU G 477 8.82 9.82 27.72
C LEU G 477 8.90 11.26 27.28
N ASP G 478 8.52 11.54 26.02
CA ASP G 478 8.48 12.87 25.43
C ASP G 478 9.84 13.57 25.46
N PRO G 479 10.80 13.12 24.67
CA PRO G 479 12.10 13.80 24.64
C PRO G 479 12.00 15.18 24.00
N ARG G 480 12.95 16.04 24.35
CA ARG G 480 12.97 17.41 23.85
C ARG G 480 14.40 17.85 23.64
N THR G 481 14.75 18.15 22.38
CA THR G 481 16.04 18.70 22.05
C THR G 481 16.09 20.16 22.55
N ARG G 482 17.32 20.71 22.64
CA ARG G 482 17.50 22.06 23.14
C ARG G 482 16.73 23.11 22.35
N GLU G 483 16.42 22.83 21.08
CA GLU G 483 15.58 23.70 20.28
C GLU G 483 14.10 23.31 20.35
N GLY G 484 13.72 22.49 21.33
CA GLY G 484 12.35 22.06 21.47
C GLY G 484 11.91 20.98 20.51
N PHE G 485 12.82 20.47 19.68
CA PHE G 485 12.47 19.45 18.70
C PHE G 485 12.04 18.17 19.41
N THR G 486 10.80 17.75 19.19
CA THR G 486 10.30 16.50 19.75
C THR G 486 10.88 15.33 18.95
N LEU G 487 10.43 14.12 19.26
CA LEU G 487 10.89 12.96 18.50
C LEU G 487 10.38 12.99 17.07
N LEU G 488 9.20 13.58 16.85
CA LEU G 488 8.65 13.66 15.49
C LEU G 488 9.31 14.75 14.67
N HIS G 489 9.69 15.87 15.29
CA HIS G 489 10.30 16.97 14.55
C HIS G 489 11.61 16.54 13.90
N LEU G 490 12.44 15.79 14.62
CA LEU G 490 13.71 15.36 14.09
C LEU G 490 13.55 14.35 12.96
N ALA G 491 12.53 13.50 13.04
CA ALA G 491 12.34 12.46 12.03
C ALA G 491 11.93 13.05 10.68
N VAL G 492 11.31 14.23 10.69
CA VAL G 492 10.89 14.87 9.44
C VAL G 492 11.80 16.01 9.02
N ASN G 493 12.74 16.41 9.87
CA ASN G 493 13.65 17.50 9.54
C ASN G 493 14.83 16.99 8.74
N SER G 494 15.13 17.68 7.63
CA SER G 494 16.34 17.37 6.87
C SER G 494 17.59 17.97 7.50
N ASN G 495 17.43 18.79 8.54
CA ASN G 495 18.56 19.38 9.26
C ASN G 495 19.08 18.48 10.38
N THR G 496 18.48 17.32 10.58
CA THR G 496 18.98 16.39 11.58
C THR G 496 20.28 15.76 11.09
N PRO G 497 21.38 15.91 11.82
CA PRO G 497 22.67 15.43 11.30
C PRO G 497 22.81 13.92 11.40
N VAL G 498 23.49 13.37 10.40
CA VAL G 498 23.86 11.95 10.37
C VAL G 498 25.37 11.88 10.32
N ASP G 499 25.96 11.02 11.16
CA ASP G 499 27.40 10.97 11.29
C ASP G 499 28.04 10.43 10.01
N ASP G 500 29.34 10.66 9.88
CA ASP G 500 30.07 10.47 8.63
C ASP G 500 30.25 9.01 8.24
N PHE G 501 29.91 8.06 9.11
CA PHE G 501 30.11 6.65 8.80
C PHE G 501 29.00 6.16 7.88
N HIS G 502 28.84 4.83 7.78
CA HIS G 502 27.90 4.23 6.84
C HIS G 502 26.44 4.58 7.13
N THR G 503 26.16 5.27 8.25
CA THR G 503 24.78 5.66 8.54
C THR G 503 24.22 6.59 7.48
N ASN G 504 25.08 7.33 6.78
CA ASN G 504 24.61 8.16 5.67
C ASN G 504 24.04 7.32 4.54
N ASP G 505 24.53 6.09 4.37
CA ASP G 505 24.03 5.23 3.30
C ASP G 505 22.63 4.71 3.57
N VAL G 506 22.22 4.65 4.84
CA VAL G 506 20.92 4.07 5.18
C VAL G 506 20.07 5.11 5.89
N CYS G 507 20.54 5.62 7.02
CA CYS G 507 19.77 6.56 7.84
C CYS G 507 19.85 7.94 7.20
N SER G 508 18.95 8.19 6.25
CA SER G 508 18.84 9.48 5.59
C SER G 508 17.51 10.11 5.97
N PHE G 509 17.56 11.36 6.44
CA PHE G 509 16.36 12.05 6.89
C PHE G 509 15.94 13.13 5.90
N PRO G 510 14.64 13.42 5.78
CA PRO G 510 13.50 12.81 6.48
C PRO G 510 13.16 11.44 5.92
N ASN G 511 12.67 10.53 6.76
CA ASN G 511 12.38 9.16 6.35
C ASN G 511 10.89 8.90 6.53
N ALA G 512 10.25 8.40 5.48
CA ALA G 512 8.81 8.12 5.56
C ALA G 512 8.52 7.02 6.57
N LEU G 513 9.32 5.98 6.58
CA LEU G 513 9.08 4.84 7.46
C LEU G 513 9.25 5.24 8.92
N VAL G 514 10.24 6.07 9.23
CA VAL G 514 10.47 6.50 10.61
C VAL G 514 9.30 7.32 11.11
N THR G 515 8.83 8.27 10.29
CA THR G 515 7.70 9.10 10.70
C THR G 515 6.42 8.27 10.83
N LYS G 516 6.20 7.33 9.91
CA LYS G 516 5.01 6.48 10.02
C LYS G 516 5.07 5.61 11.27
N LEU G 517 6.25 5.08 11.60
CA LEU G 517 6.38 4.26 12.80
C LEU G 517 6.20 5.10 14.06
N LEU G 518 6.68 6.34 14.05
CA LEU G 518 6.47 7.22 15.20
C LEU G 518 4.99 7.55 15.37
N LEU G 519 4.29 7.82 14.27
CA LEU G 519 2.86 8.13 14.36
C LEU G 519 2.05 6.91 14.76
N ASP G 520 2.46 5.72 14.34
CA ASP G 520 1.77 4.50 14.79
C ASP G 520 1.96 4.28 16.29
N CYS G 521 3.07 4.76 16.85
CA CYS G 521 3.35 4.64 18.27
C CYS G 521 2.86 5.85 19.06
N GLY G 522 1.85 6.55 18.56
CA GLY G 522 1.22 7.63 19.31
C GLY G 522 2.10 8.85 19.54
N ALA G 523 2.88 9.25 18.54
CA ALA G 523 3.67 10.46 18.68
C ALA G 523 2.77 11.69 18.69
N GLU G 524 3.20 12.71 19.43
CA GLU G 524 2.47 13.98 19.48
C GLU G 524 2.65 14.69 18.15
N VAL G 525 1.69 14.52 17.25
CA VAL G 525 1.80 15.09 15.91
C VAL G 525 1.72 16.61 15.96
N ASN G 526 0.90 17.17 16.87
CA ASN G 526 0.78 18.61 17.01
C ASN G 526 1.76 19.19 18.03
N ALA G 527 2.86 18.50 18.28
CA ALA G 527 3.86 19.00 19.23
C ALA G 527 4.51 20.27 18.69
N VAL G 528 4.79 21.20 19.59
CA VAL G 528 5.33 22.51 19.23
C VAL G 528 6.67 22.68 19.94
N ASP G 529 7.69 23.06 19.18
CA ASP G 529 8.99 23.39 19.76
C ASP G 529 8.95 24.79 20.36
N ASN G 530 10.07 25.20 20.96
CA ASN G 530 10.15 26.56 21.47
C ASN G 530 10.16 27.60 20.36
N GLU G 531 10.60 27.22 19.16
CA GLU G 531 10.50 28.12 18.01
C GLU G 531 9.06 28.37 17.63
N GLY G 532 8.23 27.32 17.67
CA GLY G 532 6.82 27.40 17.31
C GLY G 532 6.41 26.44 16.22
N ASN G 533 7.35 25.95 15.42
CA ASN G 533 7.00 25.07 14.30
C ASN G 533 6.45 23.75 14.80
N SER G 534 5.39 23.28 14.14
CA SER G 534 4.82 21.98 14.44
C SER G 534 5.60 20.90 13.69
N ALA G 535 5.06 19.68 13.67
CA ALA G 535 5.66 18.64 12.85
C ALA G 535 5.39 18.84 11.37
N LEU G 536 4.49 19.75 11.01
CA LEU G 536 4.15 20.01 9.62
C LEU G 536 4.85 21.24 9.05
N HIS G 537 5.12 22.25 9.86
CA HIS G 537 5.90 23.39 9.38
C HIS G 537 7.33 22.98 9.05
N ILE G 538 7.88 22.00 9.78
CA ILE G 538 9.27 21.63 9.60
C ILE G 538 9.46 20.91 8.28
N ILE G 539 8.56 19.99 7.93
CA ILE G 539 8.76 19.20 6.72
C ILE G 539 8.62 20.05 5.47
N VAL G 540 7.61 20.92 5.42
CA VAL G 540 7.27 21.61 4.18
C VAL G 540 8.39 22.53 3.70
N GLN G 541 9.37 22.83 4.55
CA GLN G 541 10.57 23.55 4.13
C GLN G 541 11.61 22.64 3.51
N TYR G 542 11.24 21.41 3.13
CA TYR G 542 12.21 20.47 2.58
C TYR G 542 12.72 20.96 1.23
N ASN G 543 14.04 20.90 1.06
CA ASN G 543 14.71 21.50 -0.09
C ASN G 543 14.87 20.54 -1.26
N ARG G 544 14.38 19.31 -1.15
CA ARG G 544 14.46 18.33 -2.24
C ARG G 544 13.08 17.72 -2.45
N PRO G 545 12.13 18.51 -2.97
CA PRO G 545 10.75 18.02 -3.06
C PRO G 545 10.45 17.13 -4.25
N ILE G 546 11.41 16.89 -5.15
CA ILE G 546 11.16 16.23 -6.42
C ILE G 546 11.93 14.92 -6.54
N SER G 547 13.22 14.95 -6.21
CA SER G 547 14.04 13.74 -6.36
C SER G 547 13.55 12.62 -5.44
N ASP G 548 13.17 12.96 -4.22
CA ASP G 548 12.59 11.98 -3.30
C ASP G 548 11.19 12.42 -2.91
N PHE G 549 10.38 12.78 -3.92
CA PHE G 549 9.01 13.22 -3.67
C PHE G 549 8.19 12.17 -2.94
N LEU G 550 8.56 10.89 -3.08
CA LEU G 550 7.82 9.83 -2.40
C LEU G 550 7.91 9.97 -0.88
N THR G 551 9.11 10.21 -0.37
CA THR G 551 9.28 10.32 1.08
C THR G 551 8.90 11.69 1.62
N LEU G 552 8.50 12.62 0.76
CA LEU G 552 7.84 13.84 1.21
C LEU G 552 6.34 13.67 1.24
N HIS G 553 5.77 13.11 0.16
CA HIS G 553 4.34 12.89 0.07
C HIS G 553 3.86 11.90 1.13
N SER G 554 4.65 10.84 1.37
CA SER G 554 4.26 9.86 2.36
C SER G 554 4.21 10.47 3.76
N ILE G 555 5.21 11.28 4.10
CA ILE G 555 5.21 11.90 5.43
C ILE G 555 4.08 12.92 5.55
N ILE G 556 3.82 13.67 4.47
CA ILE G 556 2.73 14.66 4.52
C ILE G 556 1.39 13.97 4.76
N ILE G 557 1.11 12.91 4.01
CA ILE G 557 -0.17 12.23 4.18
C ILE G 557 -0.22 11.51 5.53
N SER G 558 0.90 10.95 5.99
CA SER G 558 0.91 10.27 7.28
C SER G 558 0.64 11.26 8.41
N LEU G 559 1.24 12.45 8.34
CA LEU G 559 0.96 13.47 9.34
C LEU G 559 -0.49 13.90 9.28
N VAL G 560 -0.99 14.23 8.08
CA VAL G 560 -2.32 14.81 7.96
C VAL G 560 -3.40 13.82 8.39
N GLU G 561 -3.30 12.56 7.96
CA GLU G 561 -4.38 11.61 8.25
C GLU G 561 -4.39 11.18 9.71
N ALA G 562 -3.35 11.47 10.49
CA ALA G 562 -3.31 10.98 11.87
C ALA G 562 -3.87 12.02 12.84
N GLY G 563 -3.19 13.15 12.99
CA GLY G 563 -3.72 14.20 13.84
C GLY G 563 -3.33 15.62 13.48
N ALA G 564 -2.63 15.81 12.36
CA ALA G 564 -2.01 17.09 12.09
C ALA G 564 -3.04 18.16 11.80
N HIS G 565 -2.81 19.35 12.34
CA HIS G 565 -3.60 20.53 12.00
C HIS G 565 -2.86 21.28 10.90
N THR G 566 -3.45 21.29 9.70
CA THR G 566 -2.77 21.88 8.55
C THR G 566 -2.67 23.39 8.68
N ASP G 567 -3.59 24.02 9.41
CA ASP G 567 -3.63 25.46 9.53
C ASP G 567 -2.97 25.96 10.82
N MET G 568 -2.23 25.10 11.51
CA MET G 568 -1.62 25.46 12.78
C MET G 568 -0.65 26.62 12.60
N THR G 569 -0.80 27.64 13.44
CA THR G 569 0.00 28.85 13.33
C THR G 569 1.09 28.86 14.39
N ASN G 570 2.33 29.04 13.96
CA ASN G 570 3.46 29.03 14.87
C ASN G 570 3.57 30.38 15.58
N LYS G 571 4.68 30.60 16.29
CA LYS G 571 4.85 31.82 17.08
C LYS G 571 5.06 33.06 16.23
N GLN G 572 5.30 32.90 14.92
CA GLN G 572 5.55 34.04 14.03
C GLN G 572 4.40 34.25 13.06
N ASN G 573 3.20 33.78 13.39
CA ASN G 573 2.00 33.98 12.57
C ASN G 573 2.16 33.42 11.17
N LYS G 574 2.75 32.23 11.06
CA LYS G 574 3.04 31.60 9.77
C LYS G 574 2.27 30.29 9.64
N THR G 575 1.40 30.23 8.64
CA THR G 575 0.76 29.00 8.24
C THR G 575 1.81 28.07 7.63
N PRO G 576 1.62 26.74 7.69
CA PRO G 576 2.55 25.85 6.99
C PRO G 576 2.65 26.12 5.50
N LEU G 577 1.59 26.64 4.88
CA LEU G 577 1.71 27.10 3.50
C LEU G 577 2.64 28.30 3.39
N ASP G 578 2.64 29.17 4.40
CA ASP G 578 3.53 30.33 4.37
C ASP G 578 4.99 29.92 4.51
N LYS G 579 5.27 28.96 5.39
CA LYS G 579 6.64 28.46 5.58
C LYS G 579 6.91 27.25 4.69
N SER G 580 6.65 27.38 3.39
CA SER G 580 6.81 26.28 2.46
C SER G 580 8.07 26.43 1.61
N THR G 581 8.25 27.59 0.96
CA THR G 581 9.40 27.88 0.09
C THR G 581 9.53 26.83 -1.02
N THR G 582 8.40 26.24 -1.42
CA THR G 582 8.39 25.17 -2.40
C THR G 582 6.97 25.01 -2.91
N GLY G 583 6.80 25.06 -4.23
CA GLY G 583 5.48 24.85 -4.81
C GLY G 583 4.98 23.44 -4.58
N VAL G 584 5.89 22.46 -4.65
CA VAL G 584 5.50 21.06 -4.50
C VAL G 584 4.88 20.81 -3.13
N SER G 585 5.58 21.22 -2.07
CA SER G 585 5.07 21.01 -0.72
C SER G 585 3.82 21.84 -0.47
N GLU G 586 3.78 23.07 -0.98
CA GLU G 586 2.62 23.93 -0.78
C GLU G 586 1.36 23.30 -1.35
N ILE G 587 1.41 22.90 -2.63
CA ILE G 587 0.18 22.36 -3.23
C ILE G 587 -0.08 20.93 -2.78
N LEU G 588 0.95 20.18 -2.42
CA LEU G 588 0.72 18.87 -1.83
C LEU G 588 -0.02 18.98 -0.51
N LEU G 589 0.33 19.99 0.30
CA LEU G 589 -0.40 20.23 1.54
C LEU G 589 -1.80 20.75 1.27
N LYS G 590 -1.95 21.61 0.25
CA LYS G 590 -3.27 22.13 -0.07
C LYS G 590 -4.22 21.03 -0.53
N THR G 591 -3.68 19.96 -1.13
CA THR G 591 -4.50 18.81 -1.45
C THR G 591 -4.96 18.05 -0.21
N GLN G 592 -4.38 18.33 0.96
CA GLN G 592 -4.77 17.68 2.20
C GLN G 592 -5.50 18.61 3.15
N MET G 593 -5.64 19.89 2.80
CA MET G 593 -6.22 20.88 3.70
C MET G 593 -7.74 20.81 3.60
N LYS G 594 -8.37 20.09 4.53
CA LYS G 594 -9.82 20.09 4.63
C LYS G 594 -10.25 21.38 5.32
N MET G 595 -10.86 22.28 4.56
CA MET G 595 -11.31 23.55 5.12
C MET G 595 -12.43 23.33 6.14
N SER G 596 -12.35 24.06 7.24
CA SER G 596 -13.33 23.94 8.31
C SER G 596 -13.78 25.32 8.75
N LEU G 597 -15.07 25.44 9.09
CA LEU G 597 -15.57 26.70 9.63
C LEU G 597 -14.92 27.03 10.98
N LYS G 598 -14.54 25.99 11.73
CA LYS G 598 -13.87 26.23 13.01
C LYS G 598 -12.55 26.96 12.81
N CYS G 599 -11.77 26.56 11.80
CA CYS G 599 -10.49 27.22 11.54
C CYS G 599 -10.68 28.65 11.05
N LEU G 600 -11.67 28.87 10.17
CA LEU G 600 -11.92 30.23 9.70
C LEU G 600 -12.38 31.13 10.84
N ALA G 601 -13.24 30.60 11.72
CA ALA G 601 -13.69 31.39 12.86
C ALA G 601 -12.55 31.66 13.84
N ALA G 602 -11.65 30.68 14.03
CA ALA G 602 -10.49 30.89 14.89
C ALA G 602 -9.57 31.95 14.31
N ARG G 603 -9.35 31.94 12.99
CA ARG G 603 -8.55 32.97 12.35
C ARG G 603 -9.20 34.34 12.51
N ALA G 604 -10.51 34.42 12.33
CA ALA G 604 -11.21 35.70 12.46
C ALA G 604 -11.17 36.20 13.89
N VAL G 605 -11.23 35.30 14.87
CA VAL G 605 -11.15 35.71 16.27
C VAL G 605 -9.74 36.21 16.61
N ARG G 606 -8.72 35.48 16.16
CA ARG G 606 -7.35 35.88 16.46
C ARG G 606 -6.95 37.17 15.76
N ALA G 607 -7.41 37.37 14.53
CA ALA G 607 -6.95 38.51 13.75
C ALA G 607 -7.35 39.84 14.36
N ASN G 608 -8.59 39.94 14.85
CA ASN G 608 -9.12 41.18 15.40
C ASN G 608 -9.02 41.25 16.92
N ASP G 609 -8.42 40.25 17.56
CA ASP G 609 -8.11 40.25 18.99
C ASP G 609 -9.37 40.43 19.84
N ILE G 610 -10.26 39.44 19.76
CA ILE G 610 -11.40 39.38 20.65
C ILE G 610 -10.99 38.70 21.94
N ASN G 611 -11.46 39.24 23.06
CA ASN G 611 -11.16 38.64 24.35
C ASN G 611 -11.95 37.36 24.53
N TYR G 612 -11.33 36.22 24.21
CA TYR G 612 -11.99 34.93 24.22
C TYR G 612 -11.82 34.18 25.54
N GLN G 613 -11.27 34.84 26.56
CA GLN G 613 -11.02 34.17 27.83
C GLN G 613 -12.34 33.85 28.52
N ASP G 614 -12.55 32.57 28.85
CA ASP G 614 -13.68 32.03 29.60
C ASP G 614 -15.02 32.15 28.86
N GLN G 615 -15.05 32.75 27.68
CA GLN G 615 -16.28 32.86 26.91
C GLN G 615 -16.44 31.74 25.89
N ILE G 616 -15.48 30.82 25.82
CA ILE G 616 -15.55 29.67 24.93
C ILE G 616 -15.07 28.44 25.70
N PRO G 617 -15.36 27.25 25.20
CA PRO G 617 -14.81 26.04 25.82
C PRO G 617 -13.29 26.09 25.87
N ARG G 618 -12.73 25.46 26.90
CA ARG G 618 -11.28 25.51 27.12
C ARG G 618 -10.52 24.90 25.96
N THR G 619 -11.03 23.81 25.39
CA THR G 619 -10.41 23.21 24.22
C THR G 619 -10.40 24.15 23.03
N LEU G 620 -11.35 25.08 22.95
CA LEU G 620 -11.33 26.09 21.91
C LEU G 620 -10.31 27.19 22.21
N GLU G 621 -10.03 27.46 23.49
CA GLU G 621 -9.03 28.47 23.81
C GLU G 621 -7.65 28.09 23.31
N GLU G 622 -7.25 26.83 23.53
CA GLU G 622 -6.00 26.38 22.94
C GLU G 622 -6.12 26.22 21.43
N PHE G 623 -7.34 25.98 20.93
CA PHE G 623 -7.56 25.95 19.50
C PHE G 623 -7.39 27.33 18.88
N VAL G 624 -7.87 28.36 19.56
CA VAL G 624 -7.63 29.72 19.10
C VAL G 624 -6.15 30.07 19.21
N GLY G 625 -5.48 29.57 20.26
CA GLY G 625 -4.05 29.73 20.36
C GLY G 625 -3.29 29.03 19.25
N PHE G 626 -3.86 27.95 18.71
CA PHE G 626 -3.25 27.26 17.57
C PHE G 626 -3.20 28.19 16.36
N HIS G 627 -4.26 28.93 16.12
CA HIS G 627 -4.34 29.81 14.96
C HIS G 627 -3.85 31.22 15.30
N MET H 1 33.92 9.97 -5.12
CA MET H 1 34.60 9.00 -5.97
C MET H 1 34.57 9.47 -7.43
N TYR H 2 35.69 9.26 -8.13
CA TYR H 2 35.85 9.72 -9.50
C TYR H 2 35.99 8.54 -10.44
N VAL H 3 35.27 8.58 -11.55
CA VAL H 3 35.35 7.55 -12.58
C VAL H 3 35.78 8.18 -13.89
N LYS H 4 36.45 7.40 -14.73
CA LYS H 4 36.95 7.87 -16.01
C LYS H 4 36.01 7.46 -17.13
N LEU H 5 35.93 8.31 -18.15
CA LEU H 5 35.17 8.02 -19.36
C LEU H 5 36.09 8.22 -20.56
N ILE H 6 36.28 7.18 -21.35
CA ILE H 6 37.18 7.20 -22.49
C ILE H 6 36.35 7.22 -23.77
N SER H 7 36.61 8.22 -24.62
CA SER H 7 35.92 8.35 -25.89
C SER H 7 36.64 7.54 -26.97
N SER H 8 36.14 7.64 -28.19
CA SER H 8 36.84 7.06 -29.33
C SER H 8 38.08 7.87 -29.70
N ASP H 9 38.22 9.09 -29.18
CA ASP H 9 39.41 9.90 -29.40
C ASP H 9 40.48 9.69 -28.34
N GLY H 10 40.20 8.88 -27.31
CA GLY H 10 41.13 8.69 -26.22
C GLY H 10 41.05 9.71 -25.12
N HIS H 11 40.14 10.68 -25.22
CA HIS H 11 40.01 11.73 -24.21
C HIS H 11 39.45 11.14 -22.92
N GLU H 12 40.29 11.03 -21.89
CA GLU H 12 39.79 10.69 -20.57
C GLU H 12 38.94 11.84 -20.02
N PHE H 13 37.84 11.48 -19.37
CA PHE H 13 36.80 12.43 -18.98
C PHE H 13 36.39 12.22 -17.53
N ILE H 14 37.37 12.20 -16.63
CA ILE H 14 37.17 11.91 -15.21
C ILE H 14 36.03 12.74 -14.64
N VAL H 15 35.03 12.06 -14.09
CA VAL H 15 33.82 12.69 -13.57
C VAL H 15 33.49 12.04 -12.23
N LYS H 16 33.02 12.86 -11.28
CA LYS H 16 32.60 12.35 -9.99
C LYS H 16 31.55 11.27 -10.16
N ARG H 17 31.71 10.16 -9.42
CA ARG H 17 30.93 8.95 -9.69
C ARG H 17 29.44 9.18 -9.49
N GLU H 18 29.08 9.92 -8.43
CA GLU H 18 27.66 10.12 -8.14
C GLU H 18 26.96 10.90 -9.25
N HIS H 19 27.69 11.77 -9.94
CA HIS H 19 27.13 12.43 -11.11
C HIS H 19 27.09 11.51 -12.32
N ALA H 20 28.07 10.61 -12.46
CA ALA H 20 28.16 9.74 -13.62
C ALA H 20 27.24 8.54 -13.55
N LEU H 21 26.58 8.29 -12.42
CA LEU H 21 25.66 7.17 -12.29
C LEU H 21 24.23 7.54 -12.67
N THR H 22 23.99 8.78 -13.09
CA THR H 22 22.65 9.14 -13.56
C THR H 22 22.29 8.37 -14.82
N SER H 23 23.24 8.23 -15.74
CA SER H 23 23.02 7.43 -16.94
C SER H 23 22.97 5.95 -16.57
N GLY H 24 22.00 5.24 -17.17
CA GLY H 24 21.74 3.88 -16.76
C GLY H 24 22.87 2.91 -17.06
N THR H 25 23.44 2.98 -18.26
CA THR H 25 24.41 1.98 -18.66
C THR H 25 25.77 2.19 -18.01
N ILE H 26 26.15 3.42 -17.69
CA ILE H 26 27.38 3.64 -16.94
C ILE H 26 27.24 3.02 -15.55
N LYS H 27 26.03 3.10 -14.98
CA LYS H 27 25.75 2.32 -13.77
C LYS H 27 25.84 0.83 -14.06
N ALA H 28 25.37 0.40 -15.23
CA ALA H 28 25.44 -1.00 -15.59
C ALA H 28 26.85 -1.43 -15.96
N MET H 29 27.63 -0.53 -16.58
CA MET H 29 28.98 -0.89 -16.98
C MET H 29 29.87 -1.13 -15.77
N LEU H 30 29.72 -0.31 -14.73
CA LEU H 30 30.51 -0.50 -13.51
C LEU H 30 29.98 -1.65 -12.67
N SER H 31 28.76 -2.10 -12.92
CA SER H 31 28.23 -3.28 -12.25
C SER H 31 28.75 -4.54 -12.92
N GLY H 32 28.52 -5.68 -12.26
CA GLY H 32 28.96 -6.95 -12.78
C GLY H 32 30.46 -7.08 -12.74
N PRO H 33 31.03 -7.90 -13.63
CA PRO H 33 32.49 -8.07 -13.64
C PRO H 33 33.22 -6.89 -14.28
N GLY H 34 32.81 -5.68 -13.91
CA GLY H 34 33.49 -4.47 -14.33
C GLY H 34 33.64 -3.55 -13.13
N GLN H 35 33.36 -4.11 -11.95
CA GLN H 35 33.48 -3.33 -10.72
C GLN H 35 34.93 -2.96 -10.42
N PHE H 36 35.82 -3.95 -10.48
CA PHE H 36 37.25 -3.76 -10.24
C PHE H 36 37.48 -3.11 -8.86
N ALA H 37 37.16 -3.89 -7.83
CA ALA H 37 37.10 -3.38 -6.47
C ALA H 37 38.49 -3.13 -5.90
N GLU H 38 39.20 -2.15 -6.46
CA GLU H 38 40.47 -1.70 -5.92
C GLU H 38 40.55 -0.18 -5.77
N ASN H 39 39.63 0.57 -6.37
CA ASN H 39 39.58 2.04 -6.28
C ASN H 39 40.89 2.67 -6.74
N GLU H 40 41.34 2.26 -7.92
CA GLU H 40 42.56 2.80 -8.52
C GLU H 40 42.25 3.68 -9.73
N THR H 41 41.55 3.14 -10.73
CA THR H 41 41.17 3.89 -11.92
C THR H 41 39.67 3.99 -12.08
N ASN H 42 38.96 2.86 -12.08
CA ASN H 42 37.50 2.80 -12.25
C ASN H 42 37.07 3.51 -13.54
N GLU H 43 37.52 2.96 -14.66
CA GLU H 43 37.32 3.55 -15.97
C GLU H 43 36.44 2.67 -16.83
N VAL H 44 35.67 3.31 -17.71
CA VAL H 44 34.89 2.64 -18.74
C VAL H 44 35.22 3.29 -20.07
N ASN H 45 35.44 2.48 -21.09
CA ASN H 45 35.86 2.96 -22.41
C ASN H 45 34.70 2.84 -23.38
N PHE H 46 34.35 3.96 -24.02
CA PHE H 46 33.31 4.00 -25.04
C PHE H 46 33.98 3.96 -26.40
N ARG H 47 33.85 2.84 -27.10
CA ARG H 47 34.50 2.69 -28.40
C ARG H 47 33.77 3.44 -29.51
N GLU H 48 32.56 3.92 -29.26
CA GLU H 48 31.80 4.56 -30.33
C GLU H 48 31.09 5.83 -29.86
N ILE H 49 31.70 6.58 -28.96
CA ILE H 49 31.19 7.88 -28.55
C ILE H 49 32.32 8.89 -28.70
N PRO H 50 32.18 9.90 -29.56
CA PRO H 50 33.27 10.86 -29.75
C PRO H 50 33.43 11.79 -28.55
N SER H 51 34.62 12.37 -28.45
CA SER H 51 34.96 13.19 -27.29
C SER H 51 34.10 14.45 -27.21
N HIS H 52 33.80 15.06 -28.36
CA HIS H 52 32.96 16.24 -28.39
C HIS H 52 31.52 15.96 -27.99
N VAL H 53 31.18 14.69 -27.75
CA VAL H 53 29.88 14.33 -27.22
C VAL H 53 29.98 13.87 -25.77
N LEU H 54 31.06 13.20 -25.38
CA LEU H 54 31.27 12.94 -23.95
C LEU H 54 31.41 14.22 -23.15
N SER H 55 31.98 15.27 -23.75
CA SER H 55 32.01 16.55 -23.06
C SER H 55 30.60 17.04 -22.76
N LYS H 56 29.70 16.92 -23.74
CA LYS H 56 28.33 17.36 -23.53
C LYS H 56 27.61 16.49 -22.51
N VAL H 57 27.84 15.16 -22.54
CA VAL H 57 27.13 14.32 -21.59
C VAL H 57 27.67 14.50 -20.18
N CYS H 58 28.96 14.82 -20.02
CA CYS H 58 29.49 15.11 -18.69
C CYS H 58 28.95 16.43 -18.17
N MET H 59 28.90 17.44 -19.05
CA MET H 59 28.26 18.70 -18.68
C MET H 59 26.81 18.47 -18.30
N TYR H 60 26.13 17.55 -18.99
CA TYR H 60 24.75 17.23 -18.61
C TYR H 60 24.69 16.52 -17.27
N PHE H 61 25.66 15.64 -16.98
CA PHE H 61 25.69 14.99 -15.68
C PHE H 61 25.75 16.02 -14.57
N THR H 62 26.67 16.97 -14.69
CA THR H 62 26.79 18.03 -13.69
C THR H 62 25.53 18.90 -13.66
N TYR H 63 24.99 19.23 -14.83
CA TYR H 63 23.79 20.07 -14.90
C TYR H 63 22.60 19.41 -14.23
N LYS H 64 22.41 18.11 -14.47
CA LYS H 64 21.26 17.41 -13.92
C LYS H 64 21.41 17.18 -12.43
N VAL H 65 22.62 16.86 -11.96
CA VAL H 65 22.80 16.70 -10.52
C VAL H 65 22.67 18.05 -9.81
N ARG H 66 22.97 19.15 -10.51
CA ARG H 66 22.75 20.47 -9.90
C ARG H 66 21.28 20.85 -9.88
N TYR H 67 20.56 20.62 -10.97
CA TYR H 67 19.18 21.08 -11.12
C TYR H 67 18.17 19.95 -11.03
N THR H 68 18.47 18.91 -10.25
CA THR H 68 17.52 17.80 -10.13
C THR H 68 16.30 18.19 -9.30
N ASN H 69 16.46 19.09 -8.32
CA ASN H 69 15.38 19.48 -7.44
C ASN H 69 15.01 20.96 -7.52
N SER H 70 15.92 21.81 -8.01
CA SER H 70 15.67 23.24 -8.10
C SER H 70 14.75 23.49 -9.28
N SER H 71 13.46 23.29 -9.05
CA SER H 71 12.43 23.61 -10.05
C SER H 71 12.01 25.07 -9.96
N THR H 72 13.01 25.97 -10.00
CA THR H 72 12.78 27.40 -9.91
C THR H 72 12.83 28.09 -11.27
N GLU H 73 13.96 27.96 -11.97
CA GLU H 73 14.11 28.61 -13.27
C GLU H 73 14.52 27.62 -14.33
N ILE H 74 15.23 26.57 -13.93
CA ILE H 74 15.73 25.45 -14.75
C ILE H 74 16.29 25.96 -16.08
N PRO H 75 17.48 26.57 -16.07
CA PRO H 75 18.03 27.14 -17.31
C PRO H 75 18.26 26.08 -18.37
N GLU H 76 18.12 26.50 -19.64
CA GLU H 76 18.13 25.58 -20.76
C GLU H 76 19.54 25.06 -21.04
N PHE H 77 19.62 23.78 -21.37
CA PHE H 77 20.89 23.18 -21.77
C PHE H 77 21.27 23.65 -23.17
N PRO H 78 22.48 24.17 -23.36
CA PRO H 78 22.89 24.66 -24.69
C PRO H 78 23.37 23.52 -25.56
N ILE H 79 22.58 23.18 -26.57
CA ILE H 79 22.91 22.12 -27.52
C ILE H 79 23.05 22.77 -28.89
N ALA H 80 24.24 22.66 -29.47
CA ALA H 80 24.48 23.20 -30.79
C ALA H 80 23.77 22.35 -31.85
N PRO H 81 23.41 22.94 -32.99
CA PRO H 81 22.84 22.12 -34.08
C PRO H 81 23.79 21.05 -34.58
N GLU H 82 25.10 21.33 -34.57
CA GLU H 82 26.07 20.34 -35.02
C GLU H 82 26.14 19.15 -34.08
N ILE H 83 26.00 19.40 -32.77
CA ILE H 83 26.11 18.34 -31.77
C ILE H 83 24.79 17.62 -31.52
N ALA H 84 23.69 18.11 -32.08
CA ALA H 84 22.36 17.67 -31.66
C ALA H 84 22.11 16.20 -31.98
N LEU H 85 22.49 15.75 -33.18
CA LEU H 85 22.20 14.39 -33.58
C LEU H 85 22.97 13.37 -32.75
N GLU H 86 24.30 13.55 -32.64
CA GLU H 86 25.10 12.55 -31.96
C GLU H 86 24.85 12.57 -30.45
N LEU H 87 24.45 13.73 -29.91
CA LEU H 87 24.11 13.80 -28.49
C LEU H 87 22.89 12.97 -28.18
N LEU H 88 21.89 12.99 -29.06
CA LEU H 88 20.70 12.15 -28.86
C LEU H 88 21.06 10.68 -28.88
N MET H 89 21.91 10.27 -29.83
CA MET H 89 22.32 8.87 -29.89
C MET H 89 23.13 8.47 -28.67
N ALA H 90 23.99 9.37 -28.16
CA ALA H 90 24.76 9.05 -26.96
C ALA H 90 23.85 8.94 -25.74
N ALA H 91 22.87 9.84 -25.62
CA ALA H 91 21.94 9.74 -24.50
C ALA H 91 21.09 8.48 -24.60
N ASN H 92 20.76 8.05 -25.82
CA ASN H 92 20.04 6.80 -26.00
C ASN H 92 20.89 5.60 -25.62
N PHE H 93 22.16 5.59 -26.03
CA PHE H 93 23.03 4.47 -25.69
C PHE H 93 23.29 4.39 -24.20
N LEU H 94 23.50 5.53 -23.55
CA LEU H 94 23.79 5.56 -22.12
C LEU H 94 22.54 5.53 -21.26
N ASP H 95 21.35 5.52 -21.88
CA ASP H 95 20.08 5.63 -21.15
C ASP H 95 20.08 6.87 -20.26
N CYS H 96 20.69 7.94 -20.76
CA CYS H 96 20.94 9.14 -19.98
C CYS H 96 19.65 9.92 -19.75
N ASP I 2 29.67 25.85 -6.25
CA ASP I 2 28.77 26.73 -6.99
C ASP I 2 29.45 27.26 -8.26
N VAL I 3 30.73 26.96 -8.41
CA VAL I 3 31.49 27.28 -9.61
C VAL I 3 32.10 25.99 -10.13
N PHE I 4 31.82 25.68 -11.39
CA PHE I 4 32.16 24.38 -11.97
C PHE I 4 33.29 24.55 -12.97
N LEU I 5 34.27 23.65 -12.89
CA LEU I 5 35.51 23.76 -13.65
C LEU I 5 35.75 22.50 -14.47
N MET I 6 36.39 22.68 -15.61
CA MET I 6 36.80 21.60 -16.50
C MET I 6 38.33 21.59 -16.57
N ILE I 7 38.94 20.80 -15.69
CA ILE I 7 40.38 20.62 -15.73
C ILE I 7 40.77 19.94 -17.03
N ARG I 8 41.76 20.50 -17.72
CA ARG I 8 42.15 20.04 -19.06
C ARG I 8 43.64 19.77 -19.10
N ARG I 9 44.01 18.51 -19.22
CA ARG I 9 45.37 18.08 -19.50
C ARG I 9 45.54 17.95 -21.02
N HIS I 10 46.60 17.25 -21.45
CA HIS I 10 46.75 16.94 -22.87
C HIS I 10 45.49 16.32 -23.45
N LYS I 11 44.96 15.31 -22.77
CA LYS I 11 43.66 14.73 -23.11
C LYS I 11 42.75 14.54 -21.91
N THR I 12 43.29 14.47 -20.70
CA THR I 12 42.47 14.25 -19.52
C THR I 12 41.61 15.48 -19.23
N THR I 13 40.42 15.23 -18.69
CA THR I 13 39.50 16.29 -18.34
C THR I 13 38.75 15.89 -17.07
N ILE I 14 38.72 16.79 -16.09
CA ILE I 14 38.09 16.53 -14.80
C ILE I 14 37.01 17.57 -14.56
N PHE I 15 35.81 17.12 -14.23
CA PHE I 15 34.68 18.01 -14.00
C PHE I 15 34.54 18.22 -12.49
N THR I 16 35.04 19.34 -12.00
CA THR I 16 35.05 19.65 -10.57
C THR I 16 33.99 20.70 -10.25
N ASP I 17 33.59 20.72 -8.98
CA ASP I 17 32.59 21.67 -8.46
C ASP I 17 33.16 22.29 -7.19
N ALA I 18 33.67 23.52 -7.30
CA ALA I 18 34.17 24.26 -6.15
C ALA I 18 33.13 25.28 -5.70
N LYS I 19 33.45 25.97 -4.59
CA LYS I 19 32.54 26.94 -4.02
C LYS I 19 32.64 28.27 -4.76
N GLU I 20 31.86 29.25 -4.32
CA GLU I 20 31.86 30.56 -4.96
C GLU I 20 33.21 31.24 -4.85
N SER I 21 33.77 31.26 -3.64
CA SER I 21 35.08 31.87 -3.39
C SER I 21 35.91 30.85 -2.63
N SER I 22 36.77 30.14 -3.34
CA SER I 22 37.59 29.09 -2.76
C SER I 22 39.02 29.24 -3.26
N THR I 23 39.96 28.80 -2.43
CA THR I 23 41.37 28.94 -2.76
C THR I 23 41.78 27.94 -3.83
N VAL I 24 42.84 28.29 -4.58
CA VAL I 24 43.39 27.40 -5.57
C VAL I 24 44.07 26.19 -4.92
N PHE I 25 44.45 26.32 -3.65
CA PHE I 25 45.17 25.23 -2.99
C PHE I 25 44.33 23.97 -2.88
N GLU I 26 43.05 24.10 -2.52
CA GLU I 26 42.26 22.90 -2.28
C GLU I 26 41.88 22.21 -3.58
N LEU I 27 41.63 22.98 -4.65
CA LEU I 27 41.38 22.34 -5.94
C LEU I 27 42.65 21.73 -6.51
N LYS I 28 43.80 22.36 -6.27
CA LYS I 28 45.07 21.74 -6.63
C LYS I 28 45.26 20.43 -5.88
N ARG I 29 44.91 20.39 -4.60
CA ARG I 29 45.00 19.15 -3.83
C ARG I 29 44.02 18.10 -4.35
N ILE I 30 42.84 18.53 -4.79
CA ILE I 30 41.88 17.60 -5.39
C ILE I 30 42.47 16.97 -6.65
N VAL I 31 43.07 17.80 -7.51
CA VAL I 31 43.68 17.29 -8.73
C VAL I 31 44.83 16.35 -8.40
N GLU I 32 45.62 16.68 -7.38
CA GLU I 32 46.69 15.78 -6.95
C GLU I 32 46.13 14.45 -6.46
N GLY I 33 45.04 14.49 -5.71
CA GLY I 33 44.46 13.26 -5.19
C GLY I 33 43.88 12.37 -6.28
N ILE I 34 43.31 12.97 -7.31
CA ILE I 34 42.68 12.18 -8.37
C ILE I 34 43.63 11.77 -9.48
N LEU I 35 44.83 12.34 -9.53
CA LEU I 35 45.84 11.95 -10.51
C LEU I 35 47.12 11.41 -9.88
N LYS I 36 47.26 11.51 -8.56
CA LYS I 36 48.41 10.96 -7.82
C LYS I 36 49.73 11.53 -8.33
N ARG I 37 49.85 12.85 -8.28
CA ARG I 37 51.05 13.53 -8.72
C ARG I 37 51.40 14.65 -7.75
N PRO I 38 52.70 14.95 -7.58
CA PRO I 38 53.08 16.02 -6.66
C PRO I 38 52.66 17.38 -7.20
N PRO I 39 52.46 18.37 -6.32
CA PRO I 39 51.93 19.67 -6.77
C PRO I 39 52.93 20.51 -7.55
N ASP I 40 54.22 20.24 -7.46
CA ASP I 40 55.21 21.14 -8.03
C ASP I 40 55.21 21.15 -9.56
N GLU I 41 54.52 20.23 -10.22
CA GLU I 41 54.42 20.24 -11.68
C GLU I 41 52.99 20.55 -12.15
N GLN I 42 52.11 20.99 -11.26
CA GLN I 42 50.74 21.32 -11.61
C GLN I 42 50.53 22.82 -11.42
N ARG I 43 50.43 23.55 -12.54
CA ARG I 43 50.14 24.97 -12.52
C ARG I 43 48.87 25.23 -13.31
N LEU I 44 47.90 25.89 -12.69
CA LEU I 44 46.60 26.08 -13.30
C LEU I 44 46.60 27.34 -14.17
N TYR I 45 46.00 27.23 -15.34
CA TYR I 45 45.91 28.32 -16.30
C TYR I 45 44.49 28.84 -16.39
N LYS I 46 44.33 29.99 -17.03
CA LYS I 46 43.01 30.53 -17.34
C LYS I 46 43.17 31.43 -18.56
N ASP I 47 42.85 30.88 -19.73
CA ASP I 47 42.94 31.59 -21.01
C ASP I 47 44.34 32.16 -21.22
N ASP I 48 45.32 31.26 -21.19
CA ASP I 48 46.74 31.60 -21.39
C ASP I 48 47.23 32.61 -20.35
N GLN I 49 46.75 32.46 -19.12
CA GLN I 49 47.20 33.28 -18.01
C GLN I 49 47.59 32.37 -16.84
N LEU I 50 48.82 32.54 -16.36
CA LEU I 50 49.32 31.71 -15.29
C LEU I 50 48.63 32.04 -13.97
N LEU I 51 48.60 31.06 -13.08
CA LEU I 51 48.11 31.24 -11.72
C LEU I 51 49.05 30.59 -10.74
N ASP I 52 49.03 31.08 -9.50
CA ASP I 52 49.77 30.51 -8.40
C ASP I 52 48.80 29.98 -7.36
N ASP I 53 49.36 29.48 -6.25
CA ASP I 53 48.58 28.81 -5.21
C ASP I 53 48.07 29.78 -4.14
N GLY I 54 47.85 31.04 -4.48
CA GLY I 54 47.45 32.01 -3.48
C GLY I 54 46.12 32.69 -3.74
N LYS I 55 45.72 32.81 -5.01
CA LYS I 55 44.51 33.55 -5.35
C LYS I 55 43.26 32.72 -5.04
N THR I 56 42.10 33.25 -5.42
CA THR I 56 40.82 32.58 -5.19
C THR I 56 39.95 32.74 -6.42
N LEU I 57 38.91 31.90 -6.50
CA LEU I 57 38.04 31.90 -7.67
C LEU I 57 37.12 33.10 -7.72
N GLY I 58 36.90 33.78 -6.59
CA GLY I 58 35.99 34.91 -6.58
C GLY I 58 36.46 36.07 -7.43
N GLU I 59 37.76 36.35 -7.40
CA GLU I 59 38.34 37.46 -8.16
C GLU I 59 39.08 37.01 -9.41
N CYS I 60 39.25 35.70 -9.62
CA CYS I 60 39.97 35.22 -10.79
C CYS I 60 39.15 35.36 -12.07
N GLY I 61 37.84 35.55 -11.95
CA GLY I 61 36.96 35.59 -13.10
C GLY I 61 35.99 34.44 -13.20
N PHE I 62 36.05 33.49 -12.27
CA PHE I 62 35.13 32.35 -12.26
C PHE I 62 33.82 32.74 -11.57
N THR I 63 33.12 33.68 -12.20
CA THR I 63 31.83 34.11 -11.70
C THR I 63 30.81 32.99 -11.86
N SER I 64 29.95 32.83 -10.85
CA SER I 64 28.92 31.80 -10.90
C SER I 64 27.93 32.03 -12.03
N GLN I 65 27.86 33.24 -12.57
CA GLN I 65 27.04 33.52 -13.74
C GLN I 65 27.78 33.22 -15.05
N THR I 66 29.04 32.82 -14.97
CA THR I 66 29.83 32.46 -16.14
C THR I 66 30.27 30.99 -16.15
N ALA I 67 30.46 30.39 -14.97
CA ALA I 67 30.84 28.99 -14.84
C ALA I 67 29.64 28.10 -14.55
N ARG I 68 28.51 28.40 -15.18
CA ARG I 68 27.30 27.61 -15.02
C ARG I 68 27.58 26.16 -15.44
N PRO I 69 27.02 25.17 -14.74
CA PRO I 69 27.35 23.77 -15.05
C PRO I 69 26.94 23.34 -16.45
N GLN I 70 25.98 24.04 -17.07
CA GLN I 70 25.63 23.74 -18.45
C GLN I 70 26.76 24.06 -19.41
N ALA I 71 27.68 24.96 -19.03
CA ALA I 71 28.86 25.26 -19.84
C ALA I 71 29.97 25.72 -18.91
N PRO I 72 30.59 24.78 -18.18
CA PRO I 72 31.56 25.16 -17.15
C PRO I 72 32.79 25.84 -17.73
N ALA I 73 33.33 26.79 -16.97
CA ALA I 73 34.56 27.46 -17.38
C ALA I 73 35.73 26.49 -17.30
N THR I 74 36.59 26.55 -18.30
CA THR I 74 37.67 25.59 -18.44
C THR I 74 38.99 26.20 -17.98
N VAL I 75 39.84 25.35 -17.39
CA VAL I 75 41.19 25.70 -17.02
C VAL I 75 42.13 24.67 -17.64
N GLY I 76 43.41 25.02 -17.70
CA GLY I 76 44.40 24.15 -18.29
C GLY I 76 45.45 23.74 -17.29
N LEU I 77 46.01 22.56 -17.51
CA LEU I 77 47.17 22.10 -16.76
C LEU I 77 48.22 21.54 -17.70
N ALA I 78 49.48 21.73 -17.31
CA ALA I 78 50.62 21.10 -17.96
C ALA I 78 51.49 20.47 -16.88
N PHE I 79 52.12 19.35 -17.22
CA PHE I 79 52.89 18.57 -16.26
C PHE I 79 54.35 18.55 -16.68
N ARG I 80 55.24 18.72 -15.68
CA ARG I 80 56.67 18.81 -15.91
C ARG I 80 57.36 17.63 -15.22
N ALA I 81 58.26 16.98 -15.94
CA ALA I 81 59.01 15.86 -15.39
C ALA I 81 60.02 16.35 -14.35
N PHE I 85 59.16 23.45 -17.31
CA PHE I 85 57.71 23.32 -17.27
C PHE I 85 57.16 23.34 -18.70
N GLU I 86 55.90 22.94 -18.85
CA GLU I 86 55.26 22.86 -20.15
C GLU I 86 54.20 23.95 -20.30
N ALA I 87 53.96 24.34 -21.55
CA ALA I 87 52.96 25.35 -21.85
C ALA I 87 51.59 24.68 -22.03
N LEU I 88 50.61 25.43 -22.53
CA LEU I 88 49.27 24.90 -22.72
C LEU I 88 49.29 23.83 -23.80
N CYS I 89 48.63 22.70 -23.51
CA CYS I 89 48.55 21.56 -24.40
C CYS I 89 47.10 21.11 -24.57
N ILE I 90 46.22 22.09 -24.76
CA ILE I 90 44.80 21.81 -24.87
C ILE I 90 44.48 21.37 -26.30
N GLU I 91 43.86 20.20 -26.42
CA GLU I 91 43.51 19.65 -27.73
C GLU I 91 42.00 19.73 -27.92
N PRO I 92 41.51 20.36 -28.99
CA PRO I 92 40.08 20.35 -29.25
C PRO I 92 39.59 18.94 -29.51
N PHE I 93 38.36 18.66 -29.08
CA PHE I 93 37.81 17.31 -29.18
C PHE I 93 37.64 16.87 -30.63
N SER I 94 36.69 17.47 -31.32
CA SER I 94 36.38 17.22 -32.73
C SER I 94 35.22 18.13 -33.11
N SER I 95 34.88 18.14 -34.40
CA SER I 95 33.72 18.88 -34.87
C SER I 95 33.25 18.38 -36.23
N PRO I 96 32.54 17.26 -36.30
CA PRO I 96 32.02 16.77 -37.58
C PRO I 96 30.76 17.54 -37.97
N PRO I 97 30.78 18.21 -39.13
CA PRO I 97 29.60 18.96 -39.56
C PRO I 97 28.44 18.06 -39.93
N GLU I 98 27.24 18.63 -39.86
CA GLU I 98 26.03 17.92 -40.24
C GLU I 98 26.00 17.58 -41.73
N LYS J 10 36.74 2.22 9.40
CA LYS J 10 37.22 1.14 10.24
C LYS J 10 36.93 1.46 11.70
N HIS J 11 36.27 0.53 12.40
CA HIS J 11 35.81 0.78 13.77
C HIS J 11 36.95 0.92 14.77
N SER J 12 38.11 0.30 14.50
CA SER J 12 39.23 0.40 15.42
C SER J 12 39.84 1.81 15.41
N LEU J 13 39.86 2.45 14.25
CA LEU J 13 40.55 3.74 14.13
C LEU J 13 39.84 4.82 14.93
N ASP J 14 38.51 4.91 14.81
CA ASP J 14 37.74 5.97 15.46
C ASP J 14 37.27 5.60 16.85
N LEU J 15 37.74 4.47 17.40
CA LEU J 15 37.39 4.11 18.77
C LEU J 15 37.93 5.14 19.76
N LEU J 16 39.19 5.54 19.59
CA LEU J 16 39.87 6.51 20.44
C LEU J 16 39.79 6.15 21.92
N MET K 1 -34.29 34.59 -62.40
CA MET K 1 -35.67 34.49 -61.92
C MET K 1 -35.81 33.34 -60.92
N GLU K 2 -34.72 33.06 -60.20
CA GLU K 2 -34.75 31.99 -59.20
C GLU K 2 -35.67 32.35 -58.04
N GLY K 3 -35.67 33.61 -57.63
CA GLY K 3 -36.57 34.03 -56.56
C GLY K 3 -38.03 33.92 -56.92
N LEU K 4 -38.37 34.17 -58.19
CA LEU K 4 -39.75 33.99 -58.65
C LEU K 4 -40.17 32.53 -58.57
N ALA K 5 -39.27 31.61 -58.92
CA ALA K 5 -39.58 30.19 -58.84
C ALA K 5 -39.82 29.76 -57.39
N GLY K 6 -39.03 30.28 -56.46
CA GLY K 6 -39.27 30.00 -55.05
C GLY K 6 -40.60 30.59 -54.57
N TYR K 7 -40.97 31.76 -55.08
CA TYR K 7 -42.26 32.34 -54.74
C TYR K 7 -43.40 31.52 -55.31
N VAL K 8 -43.23 30.99 -56.53
CA VAL K 8 -44.23 30.11 -57.12
C VAL K 8 -44.36 28.82 -56.31
N TYR K 9 -43.22 28.26 -55.89
CA TYR K 9 -43.24 27.07 -55.06
C TYR K 9 -43.88 27.35 -53.71
N LYS K 10 -43.60 28.51 -53.13
CA LYS K 10 -44.20 28.88 -51.85
C LYS K 10 -45.71 29.07 -51.98
N ALA K 11 -46.15 29.70 -53.08
CA ALA K 11 -47.58 29.95 -53.26
C ALA K 11 -48.36 28.65 -53.42
N ALA K 12 -47.83 27.70 -54.20
CA ALA K 12 -48.53 26.45 -54.43
C ALA K 12 -48.63 25.62 -53.15
N SER K 13 -47.56 25.59 -52.36
CA SER K 13 -47.59 24.86 -51.09
C SER K 13 -48.56 25.50 -50.10
N GLU K 14 -48.59 26.84 -50.06
CA GLU K 14 -49.49 27.55 -49.17
C GLU K 14 -50.92 27.64 -49.69
N GLY K 15 -51.16 27.22 -50.93
CA GLY K 15 -52.50 27.25 -51.48
C GLY K 15 -53.01 28.63 -51.83
N LYS K 16 -52.10 29.60 -52.02
CA LYS K 16 -52.49 30.97 -52.36
C LYS K 16 -52.79 31.03 -53.86
N VAL K 17 -54.05 30.79 -54.21
CA VAL K 17 -54.45 30.84 -55.62
C VAL K 17 -54.36 32.27 -56.15
N LEU K 18 -54.67 33.26 -55.31
CA LEU K 18 -54.59 34.65 -55.74
C LEU K 18 -53.14 35.08 -55.94
N THR K 19 -52.26 34.72 -55.01
CA THR K 19 -50.85 35.10 -55.14
C THR K 19 -50.19 34.36 -56.29
N LEU K 20 -50.51 33.08 -56.47
CA LEU K 20 -49.93 32.30 -57.56
C LEU K 20 -50.34 32.85 -58.92
N ALA K 21 -51.61 33.26 -59.05
CA ALA K 21 -52.08 33.84 -60.30
C ALA K 21 -51.38 35.17 -60.57
N ALA K 22 -51.18 35.98 -59.54
CA ALA K 22 -50.47 37.25 -59.71
C ALA K 22 -49.02 37.04 -60.08
N LEU K 23 -48.37 36.04 -59.47
CA LEU K 23 -46.97 35.76 -59.77
C LEU K 23 -46.80 35.21 -61.18
N LEU K 24 -47.74 34.38 -61.62
CA LEU K 24 -47.67 33.76 -62.94
C LEU K 24 -48.32 34.60 -64.04
N LEU K 25 -48.89 35.75 -63.69
CA LEU K 25 -49.53 36.60 -64.69
C LEU K 25 -48.49 37.28 -65.55
N ASN K 26 -48.82 37.46 -66.84
CA ASN K 26 -47.97 38.13 -67.81
C ASN K 26 -46.60 37.47 -67.92
N ARG K 27 -46.60 36.14 -68.04
CA ARG K 27 -45.40 35.35 -68.17
C ARG K 27 -45.43 34.59 -69.49
N SER K 28 -44.28 34.54 -70.16
CA SER K 28 -44.19 33.87 -71.45
C SER K 28 -44.22 32.35 -71.28
N GLU K 29 -44.21 31.65 -72.41
CA GLU K 29 -44.21 30.19 -72.38
C GLU K 29 -42.94 29.64 -71.73
N SER K 30 -41.79 30.24 -72.04
CA SER K 30 -40.55 29.84 -71.38
C SER K 30 -40.57 30.20 -69.89
N ASP K 31 -41.16 31.35 -69.55
CA ASP K 31 -41.26 31.73 -68.14
C ASP K 31 -42.18 30.80 -67.37
N ILE K 32 -43.27 30.37 -67.99
CA ILE K 32 -44.20 29.46 -67.32
C ILE K 32 -43.54 28.13 -67.02
N ARG K 33 -42.81 27.59 -68.00
CA ARG K 33 -42.11 26.32 -67.79
C ARG K 33 -41.01 26.46 -66.76
N TYR K 34 -40.30 27.59 -66.76
CA TYR K 34 -39.27 27.84 -65.76
C TYR K 34 -39.88 27.95 -64.36
N LEU K 35 -41.00 28.66 -64.24
CA LEU K 35 -41.64 28.81 -62.94
C LEU K 35 -42.39 27.56 -62.50
N LEU K 36 -42.99 26.84 -63.45
CA LEU K 36 -43.71 25.60 -63.18
C LEU K 36 -42.91 24.45 -63.77
N GLY K 37 -42.07 23.84 -62.94
CA GLY K 37 -41.22 22.76 -63.39
C GLY K 37 -39.85 22.78 -62.74
N TYR K 38 -39.56 23.86 -62.01
CA TYR K 38 -38.29 23.99 -61.31
C TYR K 38 -38.38 23.29 -59.96
N VAL K 39 -37.27 22.69 -59.54
CA VAL K 39 -37.19 21.96 -58.27
C VAL K 39 -36.64 22.90 -57.21
N SER K 40 -37.41 23.10 -56.15
CA SER K 40 -37.05 24.01 -55.06
C SER K 40 -36.82 23.22 -53.77
N GLN K 41 -35.89 23.71 -52.96
CA GLN K 41 -35.51 23.06 -51.71
C GLN K 41 -36.09 23.85 -50.54
N GLN K 42 -36.81 23.16 -49.67
CA GLN K 42 -37.34 23.76 -48.45
C GLN K 42 -37.62 22.66 -47.43
N GLY K 43 -36.96 22.75 -46.27
CA GLY K 43 -37.14 21.75 -45.22
C GLY K 43 -36.64 20.36 -45.57
N GLY K 44 -35.52 20.27 -46.27
CA GLY K 44 -34.95 18.99 -46.62
C GLY K 44 -35.65 18.26 -47.74
N GLN K 45 -36.57 18.91 -48.45
CA GLN K 45 -37.32 18.28 -49.53
C GLN K 45 -37.13 19.08 -50.81
N ARG K 46 -36.79 18.39 -51.89
CA ARG K 46 -36.61 19.01 -53.20
C ARG K 46 -37.82 18.67 -54.06
N SER K 47 -38.81 19.55 -54.05
CA SER K 47 -40.09 19.29 -54.70
C SER K 47 -40.46 20.46 -55.62
N THR K 48 -41.16 20.14 -56.70
CA THR K 48 -41.67 21.13 -57.63
C THR K 48 -42.96 21.73 -57.11
N PRO K 49 -43.36 22.92 -57.61
CA PRO K 49 -44.63 23.51 -57.17
C PRO K 49 -45.84 22.62 -57.44
N LEU K 50 -45.85 21.87 -58.54
CA LEU K 50 -46.97 20.96 -58.79
C LEU K 50 -46.92 19.75 -57.87
N ILE K 51 -45.72 19.26 -57.57
CA ILE K 51 -45.57 18.13 -56.66
C ILE K 51 -46.03 18.51 -55.26
N ILE K 52 -45.61 19.69 -54.79
CA ILE K 52 -45.97 20.12 -53.43
C ILE K 52 -47.44 20.50 -53.34
N ALA K 53 -48.10 20.76 -54.47
CA ALA K 53 -49.53 21.08 -54.44
C ALA K 53 -50.38 19.83 -54.19
N ALA K 54 -49.92 18.67 -54.63
CA ALA K 54 -50.67 17.44 -54.44
C ALA K 54 -50.56 16.93 -53.01
N ARG K 55 -49.39 17.08 -52.39
CA ARG K 55 -49.19 16.60 -51.03
C ARG K 55 -50.05 17.36 -50.03
N ASN K 56 -50.17 18.68 -50.21
CA ASN K 56 -50.96 19.52 -49.31
C ASN K 56 -52.45 19.47 -49.61
N GLY K 57 -52.86 18.80 -50.67
CA GLY K 57 -54.28 18.73 -51.02
C GLY K 57 -54.88 20.05 -51.48
N HIS K 58 -54.12 20.84 -52.22
CA HIS K 58 -54.62 22.10 -52.77
C HIS K 58 -55.19 21.83 -54.15
N ALA K 59 -56.46 21.41 -54.18
CA ALA K 59 -57.10 21.06 -55.44
C ALA K 59 -57.25 22.28 -56.35
N LYS K 60 -57.53 23.45 -55.77
CA LYS K 60 -57.67 24.67 -56.56
C LYS K 60 -56.35 25.05 -57.23
N VAL K 61 -55.23 24.88 -56.52
CA VAL K 61 -53.92 25.14 -57.12
C VAL K 61 -53.62 24.13 -58.22
N VAL K 62 -53.94 22.86 -57.97
CA VAL K 62 -53.68 21.81 -58.96
C VAL K 62 -54.53 22.03 -60.21
N ARG K 63 -55.82 22.36 -60.01
CA ARG K 63 -56.69 22.61 -61.15
C ARG K 63 -56.26 23.83 -61.95
N LEU K 64 -55.84 24.89 -61.25
CA LEU K 64 -55.42 26.11 -61.94
C LEU K 64 -54.19 25.87 -62.80
N LEU K 65 -53.21 25.12 -62.29
CA LEU K 65 -51.98 24.88 -63.04
C LEU K 65 -52.23 23.95 -64.22
N LEU K 66 -53.01 22.89 -64.03
CA LEU K 66 -53.18 21.87 -65.07
C LEU K 66 -54.11 22.35 -66.18
N GLU K 67 -55.19 23.07 -65.83
CA GLU K 67 -56.16 23.45 -66.85
C GLU K 67 -55.63 24.54 -67.76
N HIS K 68 -54.98 25.56 -67.20
CA HIS K 68 -54.55 26.71 -67.98
C HIS K 68 -53.12 26.57 -68.49
N TYR K 69 -52.18 26.27 -67.60
CA TYR K 69 -50.77 26.19 -67.98
C TYR K 69 -50.39 24.85 -68.58
N ARG K 70 -51.32 23.89 -68.61
CA ARG K 70 -51.12 22.53 -69.16
C ARG K 70 -49.75 21.96 -68.81
N VAL K 71 -49.41 22.05 -67.52
CA VAL K 71 -48.12 21.54 -67.05
C VAL K 71 -48.11 20.02 -67.15
N GLN K 72 -46.97 19.48 -67.59
CA GLN K 72 -46.85 18.03 -67.75
C GLN K 72 -46.81 17.33 -66.40
N THR K 73 -47.47 16.19 -66.31
CA THR K 73 -47.52 15.41 -65.08
C THR K 73 -46.42 14.33 -65.05
N GLN K 74 -45.18 14.76 -65.26
CA GLN K 74 -44.03 13.85 -65.24
C GLN K 74 -42.87 14.43 -64.44
N GLN K 75 -43.13 15.40 -63.56
CA GLN K 75 -42.08 16.01 -62.77
C GLN K 75 -41.54 15.05 -61.72
N THR K 76 -40.25 15.16 -61.44
CA THR K 76 -39.56 14.29 -60.50
C THR K 76 -38.99 15.12 -59.35
N GLY K 77 -39.10 14.60 -58.14
CA GLY K 77 -38.58 15.29 -56.98
C GLY K 77 -38.58 14.38 -55.76
N THR K 78 -37.78 14.77 -54.78
CA THR K 78 -37.67 14.02 -53.53
C THR K 78 -38.88 14.33 -52.66
N VAL K 79 -39.62 13.28 -52.28
CA VAL K 79 -40.89 13.41 -51.58
C VAL K 79 -40.78 12.69 -50.24
N ARG K 80 -41.34 13.31 -49.19
CA ARG K 80 -41.48 12.74 -47.86
C ARG K 80 -40.14 12.49 -47.18
N PHE K 81 -40.18 11.98 -45.96
CA PHE K 81 -38.99 11.71 -45.17
C PHE K 81 -39.28 10.54 -44.24
N ASP K 82 -38.45 10.37 -43.21
CA ASP K 82 -38.58 9.29 -42.23
C ASP K 82 -38.51 7.92 -42.91
N GLY K 83 -37.35 7.65 -43.50
CA GLY K 83 -37.14 6.40 -44.22
C GLY K 83 -37.67 6.38 -45.62
N TYR K 84 -38.16 7.52 -46.13
CA TYR K 84 -38.69 7.62 -47.48
C TYR K 84 -37.95 8.73 -48.21
N VAL K 85 -36.96 8.35 -49.01
CA VAL K 85 -36.18 9.30 -49.80
C VAL K 85 -36.48 8.94 -51.24
N ILE K 86 -37.72 8.52 -51.49
CA ILE K 86 -38.13 8.08 -52.81
C ILE K 86 -38.05 9.25 -53.79
N ASP K 87 -37.37 9.02 -54.91
CA ASP K 87 -37.18 10.04 -55.94
C ASP K 87 -37.85 9.59 -57.23
N GLY K 88 -38.15 10.56 -58.09
CA GLY K 88 -38.79 10.28 -59.36
C GLY K 88 -40.29 10.18 -59.32
N ALA K 89 -40.91 10.39 -58.15
CA ALA K 89 -42.36 10.33 -58.05
C ALA K 89 -42.99 11.56 -58.70
N THR K 90 -44.09 11.33 -59.42
CA THR K 90 -44.82 12.41 -60.04
C THR K 90 -45.77 13.05 -59.04
N ALA K 91 -46.58 13.99 -59.52
CA ALA K 91 -47.58 14.62 -58.65
C ALA K 91 -48.68 13.65 -58.27
N LEU K 92 -48.95 12.66 -59.11
CA LEU K 92 -49.98 11.66 -58.80
C LEU K 92 -49.59 10.81 -57.59
N TRP K 93 -48.31 10.45 -57.50
CA TRP K 93 -47.85 9.64 -56.38
C TRP K 93 -47.98 10.39 -55.05
N CYS K 94 -47.69 11.69 -55.06
CA CYS K 94 -47.79 12.48 -53.84
C CYS K 94 -49.23 12.58 -53.34
N ALA K 95 -50.17 12.80 -54.26
CA ALA K 95 -51.58 12.89 -53.88
C ALA K 95 -52.11 11.56 -53.38
N ALA K 96 -51.68 10.46 -54.00
CA ALA K 96 -52.10 9.14 -53.56
C ALA K 96 -51.58 8.83 -52.16
N GLY K 97 -50.32 9.18 -51.88
CA GLY K 97 -49.77 8.97 -50.55
C GLY K 97 -50.42 9.85 -49.49
N ALA K 98 -50.83 11.05 -49.87
CA ALA K 98 -51.46 11.98 -48.94
C ALA K 98 -52.95 11.75 -48.79
N GLY K 99 -53.53 10.80 -49.52
CA GLY K 99 -54.94 10.48 -49.39
C GLY K 99 -55.90 11.56 -49.83
N HIS K 100 -55.58 12.25 -50.93
CA HIS K 100 -56.43 13.31 -51.48
C HIS K 100 -57.04 12.78 -52.77
N PHE K 101 -58.33 12.46 -52.73
CA PHE K 101 -59.00 11.87 -53.89
C PHE K 101 -59.20 12.89 -55.00
N GLU K 102 -59.50 14.14 -54.63
CA GLU K 102 -59.79 15.16 -55.63
C GLU K 102 -58.55 15.51 -56.47
N VAL K 103 -57.36 15.50 -55.86
CA VAL K 103 -56.15 15.80 -56.60
C VAL K 103 -55.82 14.67 -57.57
N VAL K 104 -56.05 13.42 -57.17
CA VAL K 104 -55.76 12.28 -58.03
C VAL K 104 -56.66 12.30 -59.25
N LYS K 105 -57.95 12.58 -59.06
CA LYS K 105 -58.88 12.64 -60.19
C LYS K 105 -58.51 13.78 -61.15
N LEU K 106 -58.12 14.93 -60.60
CA LEU K 106 -57.70 16.05 -61.44
C LEU K 106 -56.43 15.72 -62.22
N LEU K 107 -55.48 15.04 -61.58
CA LEU K 107 -54.22 14.73 -62.24
C LEU K 107 -54.39 13.69 -63.33
N VAL K 108 -55.13 12.61 -63.04
CA VAL K 108 -55.29 11.54 -64.02
C VAL K 108 -56.06 12.04 -65.25
N SER K 109 -57.12 12.82 -65.03
CA SER K 109 -57.88 13.37 -66.14
C SER K 109 -57.04 14.32 -66.99
N HIS K 110 -56.02 14.94 -66.40
CA HIS K 110 -55.11 15.82 -67.12
C HIS K 110 -53.95 15.07 -67.76
N GLY K 111 -53.81 13.77 -67.51
CA GLY K 111 -52.78 12.98 -68.16
C GLY K 111 -51.69 12.48 -67.24
N ALA K 112 -52.03 12.19 -65.98
CA ALA K 112 -51.04 11.64 -65.06
C ALA K 112 -50.74 10.19 -65.41
N ASN K 113 -49.49 9.80 -65.17
CA ASN K 113 -49.05 8.42 -65.42
C ASN K 113 -49.58 7.54 -64.29
N VAL K 114 -50.58 6.72 -64.61
CA VAL K 114 -51.18 5.84 -63.61
C VAL K 114 -50.19 4.75 -63.21
N ASN K 115 -49.44 4.23 -64.18
CA ASN K 115 -48.45 3.17 -63.93
C ASN K 115 -47.04 3.74 -63.81
N HIS K 116 -46.90 4.92 -63.23
CA HIS K 116 -45.59 5.54 -63.07
C HIS K 116 -44.74 4.73 -62.10
N THR K 117 -43.44 4.68 -62.39
CA THR K 117 -42.47 3.95 -61.58
C THR K 117 -41.42 4.91 -61.06
N THR K 118 -41.19 4.88 -59.75
CA THR K 118 -40.17 5.71 -59.12
C THR K 118 -38.82 4.99 -59.17
N VAL K 119 -37.86 5.48 -58.40
CA VAL K 119 -36.55 4.82 -58.34
C VAL K 119 -36.69 3.42 -57.78
N THR K 120 -37.44 3.25 -56.68
CA THR K 120 -37.70 1.92 -56.13
C THR K 120 -39.03 1.36 -56.61
N ASN K 121 -39.26 1.44 -57.93
CA ASN K 121 -40.40 0.83 -58.62
C ASN K 121 -41.72 0.95 -57.85
N SER K 122 -42.03 2.16 -57.42
CA SER K 122 -43.25 2.41 -56.63
C SER K 122 -44.34 2.96 -57.54
N THR K 123 -45.46 2.25 -57.59
CA THR K 123 -46.65 2.60 -58.33
C THR K 123 -47.46 3.64 -57.53
N PRO K 124 -48.15 4.56 -58.20
CA PRO K 124 -49.10 5.43 -57.47
C PRO K 124 -50.16 4.66 -56.73
N LEU K 125 -50.56 3.48 -57.24
CA LEU K 125 -51.49 2.62 -56.50
C LEU K 125 -50.86 2.10 -55.20
N ARG K 126 -49.54 1.90 -55.19
CA ARG K 126 -48.86 1.47 -53.97
C ARG K 126 -48.99 2.52 -52.88
N ALA K 127 -48.83 3.79 -53.23
CA ALA K 127 -49.02 4.88 -52.27
C ALA K 127 -50.50 5.20 -52.05
N ALA K 128 -51.38 4.78 -52.97
CA ALA K 128 -52.80 5.06 -52.81
C ALA K 128 -53.39 4.27 -51.64
N CYS K 129 -53.11 2.98 -51.59
CA CYS K 129 -53.53 2.15 -50.46
C CYS K 129 -52.64 2.32 -49.24
N PHE K 130 -51.49 3.00 -49.39
CA PHE K 130 -50.66 3.31 -48.24
C PHE K 130 -51.38 4.25 -47.28
N ASP K 131 -52.05 5.27 -47.81
CA ASP K 131 -52.83 6.17 -46.95
C ASP K 131 -54.09 5.50 -46.45
N GLY K 132 -54.78 4.74 -47.29
CA GLY K 132 -55.96 4.02 -46.91
C GLY K 132 -57.27 4.50 -47.51
N ARG K 133 -57.25 5.21 -48.63
CA ARG K 133 -58.46 5.72 -49.26
C ARG K 133 -58.89 4.76 -50.37
N LEU K 134 -60.11 4.24 -50.25
CA LEU K 134 -60.61 3.27 -51.23
C LEU K 134 -60.89 3.93 -52.58
N ASP K 135 -61.36 5.18 -52.58
CA ASP K 135 -61.70 5.85 -53.83
C ASP K 135 -60.47 6.05 -54.72
N ILE K 136 -59.34 6.42 -54.11
CA ILE K 136 -58.10 6.59 -54.88
C ILE K 136 -57.66 5.25 -55.45
N VAL K 137 -57.73 4.18 -54.66
CA VAL K 137 -57.37 2.86 -55.16
C VAL K 137 -58.32 2.42 -56.27
N LYS K 138 -59.62 2.66 -56.10
CA LYS K 138 -60.59 2.31 -57.12
C LYS K 138 -60.39 3.12 -58.40
N TYR K 139 -60.08 4.42 -58.25
CA TYR K 139 -59.90 5.27 -59.42
C TYR K 139 -58.68 4.86 -60.24
N LEU K 140 -57.57 4.55 -59.58
CA LEU K 140 -56.36 4.20 -60.32
C LEU K 140 -56.50 2.85 -61.02
N VAL K 141 -57.11 1.87 -60.34
CA VAL K 141 -57.31 0.56 -60.97
C VAL K 141 -58.22 0.68 -62.19
N GLU K 142 -59.29 1.48 -62.07
CA GLU K 142 -60.14 1.75 -63.22
C GLU K 142 -59.41 2.52 -64.32
N ASN K 143 -58.29 3.15 -64.00
CA ASN K 143 -57.46 3.88 -64.96
C ASN K 143 -56.27 3.05 -65.42
N ASN K 144 -56.45 1.74 -65.53
CA ASN K 144 -55.44 0.81 -66.04
C ASN K 144 -54.16 0.84 -65.20
N ALA K 145 -54.29 0.44 -63.94
CA ALA K 145 -53.17 0.30 -63.03
C ALA K 145 -52.82 -1.18 -62.89
N ASN K 146 -51.52 -1.49 -62.99
CA ASN K 146 -51.05 -2.86 -62.88
C ASN K 146 -50.77 -3.16 -61.40
N ILE K 147 -51.64 -3.95 -60.79
CA ILE K 147 -51.46 -4.32 -59.39
C ILE K 147 -50.23 -5.21 -59.21
N SER K 148 -49.95 -6.06 -60.20
CA SER K 148 -48.83 -6.98 -60.12
C SER K 148 -47.47 -6.29 -60.12
N ILE K 149 -47.41 -5.01 -60.49
CA ILE K 149 -46.15 -4.28 -60.47
C ILE K 149 -45.77 -4.02 -59.02
N ALA K 150 -44.57 -4.44 -58.63
CA ALA K 150 -44.08 -4.30 -57.28
C ALA K 150 -42.73 -3.57 -57.31
N ASN K 151 -42.11 -3.45 -56.13
CA ASN K 151 -40.81 -2.81 -56.00
C ASN K 151 -39.71 -3.86 -56.23
N LYS K 152 -38.46 -3.47 -56.00
CA LYS K 152 -37.35 -4.41 -56.13
C LYS K 152 -37.40 -5.51 -55.09
N TYR K 153 -38.08 -5.28 -53.97
CA TYR K 153 -38.26 -6.28 -52.93
C TYR K 153 -39.53 -7.09 -53.09
N ASP K 154 -40.26 -6.87 -54.20
CA ASP K 154 -41.45 -7.64 -54.55
C ASP K 154 -42.54 -7.51 -53.49
N ASN K 155 -42.98 -6.26 -53.28
CA ASN K 155 -44.11 -5.95 -52.42
C ASN K 155 -45.16 -5.27 -53.29
N THR K 156 -46.20 -6.02 -53.65
CA THR K 156 -47.23 -5.51 -54.55
C THR K 156 -48.17 -4.56 -53.82
N CYS K 157 -49.22 -4.14 -54.52
CA CYS K 157 -50.19 -3.21 -53.93
C CYS K 157 -50.97 -3.85 -52.80
N LEU K 158 -51.15 -5.17 -52.83
CA LEU K 158 -51.81 -5.85 -51.72
C LEU K 158 -50.90 -5.94 -50.50
N MET K 159 -49.60 -6.17 -50.73
CA MET K 159 -48.66 -6.33 -49.61
C MET K 159 -48.45 -5.02 -48.87
N ILE K 160 -48.31 -3.91 -49.61
CA ILE K 160 -48.13 -2.61 -48.98
C ILE K 160 -49.40 -2.19 -48.23
N ALA K 161 -50.57 -2.58 -48.74
CA ALA K 161 -51.82 -2.26 -48.07
C ALA K 161 -52.01 -3.08 -46.80
N ALA K 162 -51.52 -4.33 -46.80
CA ALA K 162 -51.70 -5.22 -45.65
C ALA K 162 -50.86 -4.79 -44.45
N TYR K 163 -49.91 -3.87 -44.63
CA TYR K 163 -49.12 -3.38 -43.50
C TYR K 163 -49.98 -2.64 -42.50
N LYS K 164 -50.92 -1.82 -42.97
CA LYS K 164 -51.73 -0.98 -42.12
C LYS K 164 -53.11 -1.60 -41.92
N GLY K 165 -53.95 -0.89 -41.16
CA GLY K 165 -55.29 -1.35 -40.88
C GLY K 165 -56.33 -0.84 -41.86
N HIS K 166 -56.11 -1.10 -43.14
CA HIS K 166 -57.03 -0.67 -44.21
C HIS K 166 -57.68 -1.92 -44.79
N THR K 167 -58.82 -2.31 -44.21
CA THR K 167 -59.52 -3.52 -44.65
C THR K 167 -60.20 -3.32 -45.99
N ASP K 168 -60.60 -2.08 -46.29
CA ASP K 168 -61.36 -1.82 -47.51
C ASP K 168 -60.53 -2.07 -48.76
N VAL K 169 -59.24 -1.70 -48.73
CA VAL K 169 -58.44 -1.79 -49.95
C VAL K 169 -57.95 -3.22 -50.20
N VAL K 170 -57.63 -3.97 -49.15
CA VAL K 170 -57.14 -5.33 -49.34
C VAL K 170 -58.26 -6.24 -49.86
N ARG K 171 -59.48 -6.04 -49.36
CA ARG K 171 -60.62 -6.79 -49.89
C ARG K 171 -60.93 -6.39 -51.32
N TYR K 172 -60.84 -5.09 -51.63
CA TYR K 172 -61.06 -4.64 -52.99
C TYR K 172 -60.01 -5.17 -53.95
N LEU K 173 -58.74 -5.19 -53.51
CA LEU K 173 -57.68 -5.71 -54.36
C LEU K 173 -57.83 -7.22 -54.58
N LEU K 174 -58.34 -7.94 -53.58
CA LEU K 174 -58.64 -9.35 -53.77
C LEU K 174 -59.74 -9.56 -54.80
N GLU K 175 -60.70 -8.64 -54.88
CA GLU K 175 -61.72 -8.70 -55.93
C GLU K 175 -61.13 -8.49 -57.31
N GLN K 176 -59.98 -7.82 -57.42
CA GLN K 176 -59.34 -7.55 -58.69
C GLN K 176 -58.22 -8.55 -58.98
N ARG K 177 -58.34 -9.77 -58.45
CA ARG K 177 -57.41 -10.87 -58.70
C ARG K 177 -55.98 -10.51 -58.28
N ALA K 178 -55.82 -10.29 -56.98
CA ALA K 178 -54.50 -10.09 -56.40
C ALA K 178 -53.84 -11.44 -56.16
N ASP K 179 -52.59 -11.58 -56.58
CA ASP K 179 -51.89 -12.85 -56.47
C ASP K 179 -51.56 -13.15 -55.01
N PRO K 180 -52.02 -14.27 -54.44
CA PRO K 180 -51.71 -14.59 -53.05
C PRO K 180 -50.44 -15.40 -52.84
N ASN K 181 -49.80 -15.87 -53.92
CA ASN K 181 -48.60 -16.69 -53.82
C ASN K 181 -47.33 -15.93 -54.18
N ALA K 182 -47.40 -14.60 -54.23
CA ALA K 182 -46.22 -13.80 -54.55
C ALA K 182 -45.21 -13.86 -53.41
N LYS K 183 -43.93 -13.84 -53.76
CA LYS K 183 -42.84 -13.94 -52.81
C LYS K 183 -42.06 -12.64 -52.77
N ALA K 184 -41.85 -12.11 -51.57
CA ALA K 184 -41.13 -10.85 -51.39
C ALA K 184 -39.63 -11.12 -51.49
N HIS K 185 -38.82 -10.12 -51.08
CA HIS K 185 -37.38 -10.28 -51.16
C HIS K 185 -36.88 -11.40 -50.26
N CYS K 186 -37.40 -11.48 -49.02
CA CYS K 186 -37.11 -12.59 -48.14
C CYS K 186 -38.19 -13.66 -48.22
N GLY K 187 -38.54 -14.06 -49.44
CA GLY K 187 -39.50 -15.14 -49.67
C GLY K 187 -40.85 -14.94 -49.04
N ALA K 188 -41.20 -13.72 -48.66
CA ALA K 188 -42.42 -13.47 -47.88
C ALA K 188 -43.62 -13.24 -48.80
N THR K 189 -44.78 -13.68 -48.32
CA THR K 189 -46.04 -13.48 -49.01
C THR K 189 -46.85 -12.40 -48.31
N ALA K 190 -48.03 -12.11 -48.85
CA ALA K 190 -48.93 -11.14 -48.22
C ALA K 190 -49.49 -11.66 -46.90
N LEU K 191 -49.54 -12.98 -46.72
CA LEU K 191 -50.03 -13.54 -45.46
C LEU K 191 -49.05 -13.31 -44.32
N HIS K 192 -47.75 -13.30 -44.61
CA HIS K 192 -46.75 -13.01 -43.58
C HIS K 192 -46.91 -11.59 -43.04
N PHE K 193 -47.14 -10.63 -43.93
CA PHE K 193 -47.28 -9.24 -43.50
C PHE K 193 -48.57 -9.01 -42.73
N ALA K 194 -49.65 -9.64 -43.17
CA ALA K 194 -50.94 -9.45 -42.49
C ALA K 194 -50.97 -10.17 -41.14
N ALA K 195 -50.22 -11.26 -41.00
CA ALA K 195 -50.22 -12.00 -39.75
C ALA K 195 -49.58 -11.19 -38.61
N GLU K 196 -48.45 -10.54 -38.90
CA GLU K 196 -47.78 -9.74 -37.88
C GLU K 196 -48.50 -8.44 -37.58
N ALA K 197 -49.37 -7.98 -38.50
CA ALA K 197 -50.09 -6.74 -38.30
C ALA K 197 -51.28 -6.89 -37.37
N GLY K 198 -51.65 -8.12 -37.02
CA GLY K 198 -52.79 -8.34 -36.12
C GLY K 198 -54.13 -7.95 -36.72
N HIS K 199 -54.35 -8.24 -38.00
CA HIS K 199 -55.60 -7.93 -38.68
C HIS K 199 -56.26 -9.23 -39.10
N ILE K 200 -57.22 -9.69 -38.28
CA ILE K 200 -57.93 -10.93 -38.57
C ILE K 200 -58.76 -10.78 -39.84
N ASP K 201 -59.34 -9.61 -40.07
CA ASP K 201 -60.17 -9.40 -41.25
C ASP K 201 -59.36 -9.52 -42.54
N ILE K 202 -58.13 -8.99 -42.56
CA ILE K 202 -57.29 -9.11 -43.74
C ILE K 202 -56.81 -10.55 -43.91
N VAL K 203 -56.45 -11.21 -42.81
CA VAL K 203 -55.95 -12.58 -42.88
C VAL K 203 -57.05 -13.54 -43.33
N LYS K 204 -58.26 -13.38 -42.78
CA LYS K 204 -59.35 -14.30 -43.10
C LYS K 204 -59.82 -14.17 -44.55
N GLU K 205 -59.59 -13.02 -45.19
CA GLU K 205 -59.91 -12.90 -46.60
C GLU K 205 -58.89 -13.60 -47.48
N LEU K 206 -57.63 -13.64 -47.04
CA LEU K 206 -56.59 -14.34 -47.80
C LEU K 206 -56.85 -15.84 -47.84
N ILE K 207 -57.28 -16.42 -46.71
CA ILE K 207 -57.58 -17.85 -46.69
C ILE K 207 -58.85 -18.16 -47.47
N LYS K 208 -59.73 -17.17 -47.66
CA LYS K 208 -60.85 -17.33 -48.57
C LYS K 208 -60.42 -17.13 -50.02
N TRP K 209 -59.25 -16.55 -50.24
CA TRP K 209 -58.67 -16.36 -51.57
C TRP K 209 -57.75 -17.50 -51.97
N ARG K 210 -57.68 -18.55 -51.16
CA ARG K 210 -56.75 -19.68 -51.36
C ARG K 210 -55.31 -19.17 -51.37
N ALA K 211 -54.89 -18.67 -50.21
CA ALA K 211 -53.61 -17.99 -50.07
C ALA K 211 -52.42 -18.90 -50.35
N ALA K 212 -52.61 -20.22 -50.31
CA ALA K 212 -51.55 -21.19 -50.58
C ALA K 212 -50.36 -20.98 -49.63
N ILE K 213 -50.64 -21.26 -48.35
CA ILE K 213 -49.69 -21.00 -47.27
C ILE K 213 -48.35 -21.66 -47.56
N VAL K 214 -47.28 -20.88 -47.48
CA VAL K 214 -45.94 -21.34 -47.76
C VAL K 214 -44.97 -20.56 -46.88
N VAL K 215 -43.86 -21.19 -46.50
CA VAL K 215 -42.90 -20.55 -45.62
C VAL K 215 -42.22 -19.38 -46.35
N ASN K 216 -41.64 -18.48 -45.56
CA ASN K 216 -40.95 -17.32 -46.11
C ASN K 216 -39.53 -17.74 -46.54
N GLY K 217 -38.69 -16.75 -46.85
CA GLY K 217 -37.32 -17.05 -47.23
C GLY K 217 -36.52 -17.66 -46.09
N HIS K 218 -36.78 -17.19 -44.86
CA HIS K 218 -36.09 -17.77 -43.71
C HIS K 218 -36.65 -19.14 -43.36
N GLY K 219 -37.91 -19.41 -43.68
CA GLY K 219 -38.46 -20.74 -43.51
C GLY K 219 -39.48 -20.86 -42.39
N MET K 220 -40.28 -19.83 -42.17
CA MET K 220 -41.34 -19.86 -41.17
C MET K 220 -42.68 -19.58 -41.84
N THR K 221 -43.69 -20.35 -41.46
CA THR K 221 -45.03 -20.14 -41.98
C THR K 221 -45.60 -18.82 -41.45
N PRO K 222 -46.48 -18.17 -42.22
CA PRO K 222 -47.15 -16.97 -41.69
C PRO K 222 -47.98 -17.24 -40.44
N LEU K 223 -48.45 -18.48 -40.26
CA LEU K 223 -49.11 -18.86 -39.01
C LEU K 223 -48.16 -18.73 -37.83
N LYS K 224 -46.90 -19.15 -38.01
CA LYS K 224 -45.91 -19.00 -36.95
C LYS K 224 -45.59 -17.53 -36.69
N VAL K 225 -45.66 -16.68 -37.72
CA VAL K 225 -45.42 -15.26 -37.53
C VAL K 225 -46.47 -14.66 -36.59
N ALA K 226 -47.74 -15.00 -36.80
CA ALA K 226 -48.78 -14.54 -35.89
C ALA K 226 -48.72 -15.26 -34.54
N ALA K 227 -48.15 -16.46 -34.51
CA ALA K 227 -48.00 -17.18 -33.25
C ALA K 227 -47.03 -16.45 -32.32
N GLU K 228 -45.91 -15.98 -32.85
CA GLU K 228 -44.95 -15.22 -32.06
C GLU K 228 -45.41 -13.80 -31.76
N SER K 229 -46.37 -13.28 -32.53
CA SER K 229 -46.89 -11.94 -32.30
C SER K 229 -47.91 -11.90 -31.17
N CYS K 230 -48.16 -13.02 -30.50
CA CYS K 230 -49.10 -13.12 -29.39
C CYS K 230 -50.52 -12.73 -29.81
N LYS K 231 -50.88 -13.01 -31.06
CA LYS K 231 -52.20 -12.71 -31.60
C LYS K 231 -52.97 -14.02 -31.69
N ALA K 232 -53.73 -14.33 -30.64
CA ALA K 232 -54.48 -15.58 -30.61
C ALA K 232 -55.63 -15.57 -31.62
N ASP K 233 -56.21 -14.40 -31.87
CA ASP K 233 -57.31 -14.31 -32.84
C ASP K 233 -56.84 -14.63 -34.25
N VAL K 234 -55.66 -14.14 -34.63
CA VAL K 234 -55.12 -14.41 -35.96
C VAL K 234 -54.75 -15.88 -36.10
N VAL K 235 -54.22 -16.47 -35.03
CA VAL K 235 -53.81 -17.87 -35.09
C VAL K 235 -55.02 -18.80 -35.17
N GLU K 236 -56.04 -18.52 -34.37
CA GLU K 236 -57.20 -19.43 -34.27
C GLU K 236 -58.24 -19.18 -35.35
N LEU K 237 -57.79 -19.04 -36.59
CA LEU K 237 -58.68 -19.02 -37.75
C LEU K 237 -58.22 -19.91 -38.89
N LEU K 238 -56.99 -20.44 -38.84
CA LEU K 238 -56.45 -21.26 -39.90
C LEU K 238 -56.79 -22.74 -39.74
N LEU K 239 -57.41 -23.13 -38.63
CA LEU K 239 -57.74 -24.53 -38.41
C LEU K 239 -58.86 -24.99 -39.33
N SER K 240 -59.72 -24.08 -39.78
CA SER K 240 -60.80 -24.41 -40.69
C SER K 240 -60.36 -24.42 -42.15
N HIS K 241 -59.12 -24.04 -42.44
CA HIS K 241 -58.62 -24.05 -43.81
C HIS K 241 -58.36 -25.47 -44.31
N ALA K 242 -58.23 -26.44 -43.40
CA ALA K 242 -58.06 -27.85 -43.74
C ALA K 242 -56.83 -28.09 -44.61
N ASP K 243 -55.75 -27.38 -44.32
CA ASP K 243 -54.49 -27.58 -45.02
C ASP K 243 -53.29 -27.61 -44.10
N CYS K 244 -53.46 -27.41 -42.79
CA CYS K 244 -52.36 -27.41 -41.84
C CYS K 244 -51.98 -28.79 -41.34
N ASP K 245 -52.73 -29.82 -41.74
CA ASP K 245 -52.52 -31.22 -41.32
C ASP K 245 -52.62 -31.27 -39.80
N ARG K 246 -51.65 -31.83 -39.09
CA ARG K 246 -51.70 -31.88 -37.64
C ARG K 246 -50.45 -31.33 -36.98
N ARG K 247 -49.28 -31.54 -37.58
CA ARG K 247 -48.04 -31.05 -36.97
C ARG K 247 -47.96 -29.53 -37.01
N SER K 248 -48.40 -28.92 -38.12
CA SER K 248 -48.28 -27.47 -38.26
C SER K 248 -49.25 -26.73 -37.33
N ARG K 249 -50.46 -27.27 -37.15
CA ARG K 249 -51.43 -26.61 -36.30
C ARG K 249 -51.11 -26.77 -34.82
N ILE K 250 -50.46 -27.87 -34.44
CA ILE K 250 -50.17 -28.08 -33.02
C ILE K 250 -48.86 -27.38 -32.63
N GLU K 251 -47.95 -27.16 -33.58
CA GLU K 251 -46.75 -26.38 -33.26
C GLU K 251 -47.06 -24.90 -33.19
N ALA K 252 -48.12 -24.44 -33.88
CA ALA K 252 -48.55 -23.06 -33.77
C ALA K 252 -49.26 -22.80 -32.44
N LEU K 253 -50.04 -23.78 -31.97
CA LEU K 253 -50.71 -23.65 -30.68
C LEU K 253 -49.70 -23.57 -29.54
N GLU K 254 -48.65 -24.40 -29.62
CA GLU K 254 -47.56 -24.30 -28.64
C GLU K 254 -46.83 -22.98 -28.77
N LEU K 255 -46.54 -22.56 -30.01
CA LEU K 255 -45.84 -21.29 -30.23
C LEU K 255 -46.67 -20.11 -29.76
N LEU K 256 -47.98 -20.14 -30.04
CA LEU K 256 -48.87 -19.10 -29.54
C LEU K 256 -48.91 -19.11 -28.01
N GLY K 257 -49.00 -20.29 -27.41
CA GLY K 257 -48.97 -20.37 -25.96
C GLY K 257 -47.64 -19.96 -25.37
N ALA K 258 -46.55 -20.32 -26.05
CA ALA K 258 -45.22 -19.93 -25.58
C ALA K 258 -45.03 -18.42 -25.64
N SER K 259 -45.55 -17.78 -26.70
CA SER K 259 -45.34 -16.35 -26.88
C SER K 259 -46.03 -15.53 -25.79
N PHE K 260 -47.15 -16.01 -25.26
CA PHE K 260 -47.83 -15.28 -24.20
C PHE K 260 -47.06 -15.29 -22.89
N ALA K 261 -46.14 -16.24 -22.71
CA ALA K 261 -45.36 -16.30 -21.48
C ALA K 261 -44.24 -15.27 -21.45
N ASN K 262 -43.89 -14.68 -22.59
CA ASN K 262 -42.78 -13.71 -22.67
C ASN K 262 -43.17 -12.60 -23.63
N ASP K 263 -43.76 -11.53 -23.09
CA ASP K 263 -44.13 -10.38 -23.89
C ASP K 263 -44.31 -9.18 -22.97
N ARG K 264 -43.90 -8.01 -23.45
CA ARG K 264 -44.05 -6.79 -22.67
C ARG K 264 -45.51 -6.33 -22.58
N GLU K 265 -46.27 -6.48 -23.67
CA GLU K 265 -47.63 -5.98 -23.73
C GLU K 265 -48.68 -7.08 -23.84
N ASN K 266 -48.28 -8.35 -23.92
CA ASN K 266 -49.21 -9.47 -24.06
C ASN K 266 -48.84 -10.59 -23.10
N TYR K 267 -48.60 -10.23 -21.84
CA TYR K 267 -48.25 -11.20 -20.81
C TYR K 267 -49.45 -11.45 -19.91
N ASP K 268 -49.81 -12.73 -19.76
CA ASP K 268 -50.93 -13.13 -18.91
C ASP K 268 -50.79 -14.61 -18.59
N ILE K 269 -50.82 -14.94 -17.30
CA ILE K 269 -50.56 -16.32 -16.87
C ILE K 269 -51.72 -17.23 -17.24
N ILE K 270 -52.96 -16.78 -17.02
CA ILE K 270 -54.12 -17.64 -17.21
C ILE K 270 -54.28 -18.03 -18.68
N LYS K 271 -54.12 -17.06 -19.58
CA LYS K 271 -54.24 -17.36 -21.01
C LYS K 271 -53.09 -18.23 -21.49
N THR K 272 -51.89 -18.01 -20.93
CA THR K 272 -50.74 -18.82 -21.31
C THR K 272 -50.94 -20.28 -20.96
N TYR K 273 -51.43 -20.55 -19.75
CA TYR K 273 -51.66 -21.94 -19.34
C TYR K 273 -52.80 -22.57 -20.15
N HIS K 274 -53.83 -21.79 -20.48
CA HIS K 274 -54.98 -22.33 -21.18
C HIS K 274 -54.60 -22.83 -22.57
N TYR K 275 -53.78 -22.07 -23.30
CA TYR K 275 -53.36 -22.49 -24.63
C TYR K 275 -52.30 -23.58 -24.59
N LEU K 276 -51.40 -23.54 -23.61
CA LEU K 276 -50.38 -24.57 -23.50
C LEU K 276 -50.99 -25.91 -23.08
N TYR K 277 -51.96 -25.88 -22.16
CA TYR K 277 -52.66 -27.10 -21.78
C TYR K 277 -53.47 -27.66 -22.95
N LEU K 278 -54.12 -26.78 -23.71
CA LEU K 278 -54.88 -27.22 -24.88
C LEU K 278 -53.97 -27.84 -25.93
N ALA K 279 -52.79 -27.27 -26.12
CA ALA K 279 -51.82 -27.86 -27.05
C ALA K 279 -51.37 -29.22 -26.56
N MET K 280 -51.17 -29.36 -25.24
CA MET K 280 -50.80 -30.66 -24.68
C MET K 280 -51.96 -31.65 -24.74
N LEU K 281 -53.19 -31.16 -24.56
CA LEU K 281 -54.35 -32.04 -24.63
C LEU K 281 -54.52 -32.65 -26.01
N GLU K 282 -54.36 -31.83 -27.06
CA GLU K 282 -54.54 -32.34 -28.42
C GLU K 282 -53.46 -33.34 -28.79
N ARG K 283 -52.24 -33.16 -28.27
CA ARG K 283 -51.16 -34.10 -28.54
C ARG K 283 -51.43 -35.46 -27.90
N PHE K 284 -52.00 -35.46 -26.70
CA PHE K 284 -52.12 -36.67 -25.87
C PHE K 284 -53.57 -37.09 -25.69
N GLN K 285 -54.37 -37.01 -26.76
CA GLN K 285 -55.77 -37.43 -26.71
C GLN K 285 -56.08 -38.58 -27.65
N ASP K 286 -55.61 -38.52 -28.89
CA ASP K 286 -55.92 -39.56 -29.86
C ASP K 286 -55.27 -40.89 -29.48
N GLY K 287 -54.04 -40.86 -28.96
CA GLY K 287 -53.38 -42.07 -28.53
C GLY K 287 -52.64 -42.80 -29.64
N ASP K 288 -53.37 -43.20 -30.68
CA ASP K 288 -52.74 -43.88 -31.80
C ASP K 288 -51.80 -42.94 -32.56
N ASN K 289 -52.24 -41.71 -32.79
CA ASN K 289 -51.44 -40.69 -33.46
C ASN K 289 -50.91 -39.66 -32.46
N ILE K 290 -50.49 -40.11 -31.28
CA ILE K 290 -50.03 -39.21 -30.24
C ILE K 290 -48.79 -38.45 -30.71
N LEU K 291 -48.78 -37.14 -30.48
CA LEU K 291 -47.71 -36.27 -30.95
C LEU K 291 -46.66 -36.12 -29.85
N GLU K 292 -45.41 -36.46 -30.19
CA GLU K 292 -44.30 -36.38 -29.25
C GLU K 292 -43.30 -35.33 -29.71
N LYS K 293 -42.75 -34.59 -28.76
CA LYS K 293 -41.84 -33.50 -29.05
C LYS K 293 -40.40 -33.91 -28.82
N GLU K 294 -39.51 -33.51 -29.73
CA GLU K 294 -38.07 -33.79 -29.62
C GLU K 294 -37.47 -32.70 -28.75
N VAL K 295 -37.36 -32.97 -27.45
CA VAL K 295 -36.90 -31.99 -26.49
C VAL K 295 -35.37 -31.94 -26.52
N LEU K 296 -34.82 -30.73 -26.60
CA LEU K 296 -33.38 -30.54 -26.55
C LEU K 296 -32.86 -30.83 -25.14
N PRO K 297 -31.58 -31.15 -25.00
CA PRO K 297 -31.02 -31.34 -23.67
C PRO K 297 -31.07 -30.06 -22.87
N PRO K 298 -31.19 -30.15 -21.54
CA PRO K 298 -31.38 -28.95 -20.72
C PRO K 298 -30.20 -27.99 -20.77
N ILE K 299 -30.42 -26.81 -21.34
CA ILE K 299 -29.41 -25.77 -21.35
C ILE K 299 -29.28 -25.18 -19.95
N HIS K 300 -28.04 -24.95 -19.49
CA HIS K 300 -27.83 -24.38 -18.18
C HIS K 300 -28.45 -22.99 -18.05
N ALA K 301 -28.54 -22.26 -19.16
CA ALA K 301 -29.25 -20.99 -19.16
C ALA K 301 -30.75 -21.20 -18.96
N TYR K 302 -31.30 -22.26 -19.55
CA TYR K 302 -32.73 -22.53 -19.45
C TYR K 302 -33.07 -23.31 -18.18
N GLY K 303 -32.62 -22.83 -17.03
CA GLY K 303 -32.91 -23.50 -15.77
C GLY K 303 -32.32 -24.89 -15.73
N ASN K 304 -33.05 -25.80 -15.09
CA ASN K 304 -32.65 -27.20 -15.00
C ASN K 304 -33.73 -28.17 -15.47
N ARG K 305 -34.87 -27.67 -15.94
CA ARG K 305 -36.00 -28.50 -16.33
C ARG K 305 -35.97 -28.77 -17.83
N THR K 306 -36.08 -30.03 -18.21
CA THR K 306 -36.12 -30.42 -19.61
C THR K 306 -37.58 -30.61 -20.04
N GLU K 307 -38.28 -29.46 -20.10
CA GLU K 307 -39.69 -29.40 -20.46
C GLU K 307 -40.57 -30.24 -19.55
N CYS K 308 -41.81 -30.50 -19.97
CA CYS K 308 -42.78 -31.25 -19.19
C CYS K 308 -43.48 -32.24 -20.13
N ARG K 309 -42.90 -33.45 -20.25
CA ARG K 309 -43.50 -34.46 -21.12
C ARG K 309 -44.73 -35.08 -20.49
N ASN K 310 -44.69 -35.38 -19.20
CA ASN K 310 -45.82 -36.00 -18.54
C ASN K 310 -46.96 -34.99 -18.39
N PRO K 311 -48.21 -35.43 -18.58
CA PRO K 311 -49.34 -34.50 -18.38
C PRO K 311 -49.43 -33.94 -16.97
N GLN K 312 -49.03 -34.72 -15.96
CA GLN K 312 -49.07 -34.22 -14.59
C GLN K 312 -48.05 -33.12 -14.36
N GLU K 313 -46.94 -33.13 -15.10
CA GLU K 313 -45.91 -32.12 -14.92
C GLU K 313 -46.41 -30.73 -15.30
N LEU K 314 -47.14 -30.62 -16.41
CA LEU K 314 -47.65 -29.32 -16.84
C LEU K 314 -48.68 -28.77 -15.87
N GLU K 315 -49.54 -29.64 -15.33
CA GLU K 315 -50.53 -29.19 -14.35
C GLU K 315 -49.88 -28.81 -13.03
N SER K 316 -48.77 -29.46 -12.68
CA SER K 316 -48.13 -29.20 -11.40
C SER K 316 -47.46 -27.83 -11.36
N ILE K 317 -46.90 -27.38 -12.49
CA ILE K 317 -46.16 -26.12 -12.52
C ILE K 317 -47.04 -25.00 -13.04
N ARG K 318 -48.35 -25.23 -13.03
CA ARG K 318 -49.28 -24.18 -13.42
C ARG K 318 -49.21 -23.00 -12.44
N GLN K 319 -49.12 -23.29 -11.15
CA GLN K 319 -49.06 -22.24 -10.13
C GLN K 319 -47.70 -21.56 -10.05
N ASP K 320 -46.65 -22.15 -10.63
CA ASP K 320 -45.32 -21.57 -10.61
C ASP K 320 -45.14 -20.72 -11.86
N ARG K 321 -45.02 -19.40 -11.67
CA ARG K 321 -44.86 -18.50 -12.81
C ARG K 321 -43.51 -18.69 -13.48
N ASP K 322 -42.46 -18.94 -12.69
CA ASP K 322 -41.13 -19.11 -13.26
C ASP K 322 -41.06 -20.32 -14.19
N ALA K 323 -41.59 -21.45 -13.75
CA ALA K 323 -41.61 -22.64 -14.62
C ALA K 323 -42.54 -22.44 -15.79
N LEU K 324 -43.61 -21.65 -15.62
CA LEU K 324 -44.51 -21.35 -16.73
C LEU K 324 -43.79 -20.57 -17.82
N HIS K 325 -42.96 -19.60 -17.44
CA HIS K 325 -42.18 -18.88 -18.43
C HIS K 325 -41.07 -19.75 -19.02
N MET K 326 -40.47 -20.61 -18.18
CA MET K 326 -39.34 -21.42 -18.65
C MET K 326 -39.77 -22.44 -19.68
N GLU K 327 -40.94 -23.05 -19.50
CA GLU K 327 -41.40 -24.04 -20.47
C GLU K 327 -41.76 -23.40 -21.81
N GLY K 328 -42.26 -22.16 -21.79
CA GLY K 328 -42.54 -21.48 -23.05
C GLY K 328 -41.28 -21.15 -23.82
N LEU K 329 -40.21 -20.79 -23.13
CA LEU K 329 -38.97 -20.42 -23.80
C LEU K 329 -38.33 -21.60 -24.51
N ILE K 330 -38.38 -22.79 -23.89
CA ILE K 330 -37.72 -23.96 -24.47
C ILE K 330 -38.40 -24.35 -25.79
N VAL K 331 -39.72 -24.36 -25.82
CA VAL K 331 -40.42 -24.67 -27.07
C VAL K 331 -40.40 -23.48 -28.02
N ARG K 332 -40.14 -22.27 -27.53
CA ARG K 332 -40.03 -21.12 -28.41
C ARG K 332 -38.82 -21.24 -29.33
N GLU K 333 -37.67 -21.60 -28.77
CA GLU K 333 -36.47 -21.79 -29.57
C GLU K 333 -36.48 -23.11 -30.34
N ARG K 334 -37.15 -24.13 -29.81
CA ARG K 334 -37.15 -25.44 -30.45
C ARG K 334 -37.84 -25.39 -31.80
N ILE K 335 -38.96 -24.68 -31.90
CA ILE K 335 -39.69 -24.58 -33.16
C ILE K 335 -38.85 -23.81 -34.19
N LEU K 336 -38.24 -22.70 -33.78
CA LEU K 336 -37.51 -21.83 -34.68
C LEU K 336 -36.05 -22.22 -34.85
N GLY K 337 -35.54 -23.16 -34.06
CA GLY K 337 -34.14 -23.54 -34.14
C GLY K 337 -33.20 -22.62 -33.38
N ALA K 338 -33.72 -21.69 -32.59
CA ALA K 338 -32.93 -20.77 -31.76
C ALA K 338 -31.98 -19.91 -32.61
N ASP K 339 -32.36 -19.63 -33.85
CA ASP K 339 -31.57 -18.76 -34.72
C ASP K 339 -32.48 -17.83 -35.51
N ASN K 340 -33.55 -17.36 -34.88
CA ASN K 340 -34.51 -16.48 -35.51
C ASN K 340 -34.33 -15.05 -35.00
N ILE K 341 -35.09 -14.14 -35.61
CA ILE K 341 -34.97 -12.72 -35.28
C ILE K 341 -35.44 -12.45 -33.86
N ASP K 342 -36.56 -13.04 -33.47
CA ASP K 342 -37.23 -12.72 -32.21
C ASP K 342 -37.19 -13.88 -31.22
N VAL K 343 -36.05 -14.54 -31.11
CA VAL K 343 -35.86 -15.59 -30.12
C VAL K 343 -35.28 -15.04 -28.82
N SER K 344 -34.19 -14.27 -28.94
CA SER K 344 -33.50 -13.77 -27.76
C SER K 344 -34.23 -12.59 -27.10
N HIS K 345 -34.95 -11.79 -27.89
CA HIS K 345 -35.60 -10.60 -27.35
C HIS K 345 -36.63 -10.92 -26.27
N PRO K 346 -37.54 -11.91 -26.43
CA PRO K 346 -38.39 -12.26 -25.28
C PRO K 346 -37.62 -12.76 -24.07
N ILE K 347 -36.48 -13.42 -24.27
CA ILE K 347 -35.65 -13.82 -23.15
C ILE K 347 -35.09 -12.60 -22.43
N ILE K 348 -34.76 -11.55 -23.19
CA ILE K 348 -34.25 -10.32 -22.60
C ILE K 348 -35.30 -9.68 -21.71
N TYR K 349 -36.56 -9.65 -22.17
CA TYR K 349 -37.63 -9.13 -21.33
C TYR K 349 -37.85 -9.98 -20.10
N ARG K 350 -37.70 -11.31 -20.22
CA ARG K 350 -37.90 -12.18 -19.07
C ARG K 350 -36.86 -11.92 -17.99
N GLY K 351 -35.60 -11.75 -18.39
CA GLY K 351 -34.56 -11.45 -17.40
C GLY K 351 -34.72 -10.10 -16.76
N ALA K 352 -35.08 -9.09 -17.55
CA ALA K 352 -35.21 -7.73 -17.02
C ALA K 352 -36.32 -7.65 -15.98
N VAL K 353 -37.45 -8.31 -16.23
CA VAL K 353 -38.50 -8.38 -15.22
C VAL K 353 -38.02 -9.17 -14.01
N TYR K 354 -37.27 -10.25 -14.26
CA TYR K 354 -36.75 -11.07 -13.17
C TYR K 354 -35.74 -10.31 -12.31
N ALA K 355 -35.11 -9.27 -12.86
CA ALA K 355 -34.14 -8.48 -12.11
C ALA K 355 -34.77 -7.32 -11.37
N ASP K 356 -36.06 -7.06 -11.57
CA ASP K 356 -36.72 -5.92 -10.94
C ASP K 356 -37.19 -6.21 -9.53
N ASN K 357 -37.03 -7.44 -9.03
CA ASN K 357 -37.52 -7.84 -7.71
C ASN K 357 -36.42 -8.56 -6.93
N MET K 358 -35.22 -7.99 -6.96
CA MET K 358 -34.08 -8.44 -6.14
C MET K 358 -33.66 -9.87 -6.44
N GLU K 359 -33.94 -10.34 -7.66
CA GLU K 359 -33.52 -11.67 -8.10
C GLU K 359 -32.54 -11.50 -9.25
N PHE K 360 -31.35 -12.07 -9.10
CA PHE K 360 -30.24 -11.78 -10.00
C PHE K 360 -29.65 -13.01 -10.67
N GLU K 361 -29.49 -14.12 -9.93
CA GLU K 361 -28.67 -15.23 -10.40
C GLU K 361 -29.24 -15.86 -11.67
N GLN K 362 -30.55 -16.11 -11.69
CA GLN K 362 -31.18 -16.65 -12.89
C GLN K 362 -31.39 -15.60 -13.96
N CYS K 363 -31.38 -14.32 -13.60
CA CYS K 363 -31.46 -13.26 -14.60
C CYS K 363 -30.23 -13.24 -15.49
N ILE K 364 -29.05 -13.48 -14.90
CA ILE K 364 -27.81 -13.38 -15.65
C ILE K 364 -27.75 -14.44 -16.74
N LYS K 365 -28.03 -15.69 -16.39
CA LYS K 365 -27.84 -16.79 -17.33
C LYS K 365 -28.79 -16.69 -18.52
N LEU K 366 -29.96 -16.09 -18.35
CA LEU K 366 -30.87 -15.89 -19.47
C LEU K 366 -30.24 -14.97 -20.52
N TRP K 367 -29.57 -13.91 -20.08
CA TRP K 367 -28.98 -12.97 -21.02
C TRP K 367 -27.72 -13.52 -21.68
N LEU K 368 -27.04 -14.47 -21.03
CA LEU K 368 -25.92 -15.15 -21.68
C LEU K 368 -26.40 -15.93 -22.90
N HIS K 369 -27.53 -16.62 -22.79
CA HIS K 369 -28.09 -17.32 -23.93
C HIS K 369 -28.51 -16.34 -25.01
N ALA K 370 -29.11 -15.21 -24.62
CA ALA K 370 -29.45 -14.17 -25.59
C ALA K 370 -28.21 -13.61 -26.25
N LEU K 371 -27.13 -13.43 -25.48
CA LEU K 371 -25.88 -12.95 -26.05
C LEU K 371 -25.22 -14.00 -26.93
N HIS K 372 -25.37 -15.28 -26.58
CA HIS K 372 -24.73 -16.34 -27.36
C HIS K 372 -25.35 -16.47 -28.74
N LEU K 373 -26.68 -16.44 -28.83
CA LEU K 373 -27.34 -16.68 -30.10
C LEU K 373 -27.15 -15.52 -31.07
N ARG K 374 -27.20 -14.28 -30.56
CA ARG K 374 -27.07 -13.12 -31.43
C ARG K 374 -25.67 -13.03 -32.04
N GLN K 375 -24.65 -13.52 -31.34
CA GLN K 375 -23.31 -13.57 -31.91
C GLN K 375 -23.26 -14.53 -33.10
N LYS K 376 -23.97 -15.66 -33.00
CA LYS K 376 -24.04 -16.58 -34.13
C LYS K 376 -24.79 -15.96 -35.30
N GLY K 377 -25.77 -15.11 -35.03
CA GLY K 377 -26.58 -14.46 -36.04
C GLY K 377 -26.02 -13.17 -36.59
N ASN K 378 -24.77 -12.83 -36.26
CA ASN K 378 -24.12 -11.60 -36.73
C ASN K 378 -24.93 -10.37 -36.33
N ARG K 379 -25.44 -10.37 -35.10
CA ARG K 379 -26.29 -9.32 -34.58
C ARG K 379 -25.51 -8.48 -33.57
N ASN K 380 -25.53 -7.16 -33.75
CA ASN K 380 -24.88 -6.26 -32.81
C ASN K 380 -25.63 -6.27 -31.48
N THR K 381 -24.88 -6.33 -30.38
CA THR K 381 -25.46 -6.43 -29.05
C THR K 381 -24.95 -5.32 -28.14
N HIS K 382 -24.76 -4.12 -28.68
CA HIS K 382 -24.28 -3.00 -27.86
C HIS K 382 -25.28 -2.65 -26.76
N LYS K 383 -26.57 -2.66 -27.09
CA LYS K 383 -27.59 -2.40 -26.07
C LYS K 383 -27.61 -3.52 -25.03
N ASP K 384 -27.43 -4.77 -25.45
CA ASP K 384 -27.41 -5.88 -24.50
C ASP K 384 -26.24 -5.75 -23.54
N LEU K 385 -25.05 -5.42 -24.06
CA LEU K 385 -23.89 -5.23 -23.19
C LEU K 385 -24.09 -4.03 -22.28
N LEU K 386 -24.71 -2.97 -22.79
CA LEU K 386 -24.96 -1.78 -21.97
C LEU K 386 -25.88 -2.10 -20.80
N ARG K 387 -27.00 -2.76 -21.07
CA ARG K 387 -27.92 -3.11 -19.99
C ARG K 387 -27.30 -4.15 -19.06
N PHE K 388 -26.44 -5.02 -19.58
CA PHE K 388 -25.79 -6.02 -18.73
C PHE K 388 -24.84 -5.37 -17.75
N ALA K 389 -24.03 -4.41 -18.24
CA ALA K 389 -23.15 -3.66 -17.36
C ALA K 389 -23.95 -2.82 -16.37
N GLN K 390 -25.11 -2.29 -16.80
CA GLN K 390 -25.97 -1.57 -15.88
C GLN K 390 -26.47 -2.46 -14.75
N VAL K 391 -26.84 -3.70 -15.08
CA VAL K 391 -27.35 -4.61 -14.05
C VAL K 391 -26.23 -5.03 -13.10
N PHE K 392 -25.03 -5.28 -13.63
CA PHE K 392 -23.89 -5.53 -12.72
C PHE K 392 -23.60 -4.33 -11.83
N SER K 393 -23.68 -3.11 -12.37
CA SER K 393 -23.45 -1.93 -11.56
C SER K 393 -24.52 -1.80 -10.47
N GLN K 394 -25.77 -2.14 -10.81
CA GLN K 394 -26.83 -2.12 -9.80
C GLN K 394 -26.58 -3.17 -8.72
N MET K 395 -26.08 -4.34 -9.11
CA MET K 395 -25.72 -5.36 -8.12
C MET K 395 -24.60 -4.88 -7.21
N ILE K 396 -23.57 -4.25 -7.78
CA ILE K 396 -22.42 -3.82 -6.99
C ILE K 396 -22.81 -2.68 -6.05
N HIS K 397 -23.62 -1.74 -6.53
CA HIS K 397 -24.13 -0.68 -5.67
C HIS K 397 -24.95 -1.24 -4.52
N LEU K 398 -25.58 -2.39 -4.73
CA LEU K 398 -26.31 -3.10 -3.69
C LEU K 398 -25.42 -4.06 -2.90
N ASN K 399 -24.10 -3.83 -2.93
CA ASN K 399 -23.08 -4.64 -2.27
C ASN K 399 -23.33 -6.14 -2.43
N GLU K 400 -23.70 -6.53 -3.65
CA GLU K 400 -23.97 -7.92 -3.99
C GLU K 400 -22.78 -8.48 -4.76
N THR K 401 -22.35 -9.69 -4.39
CA THR K 401 -21.21 -10.33 -5.03
C THR K 401 -21.62 -10.80 -6.42
N VAL K 402 -20.92 -10.30 -7.43
CA VAL K 402 -21.22 -10.67 -8.82
C VAL K 402 -20.30 -11.80 -9.23
N LYS K 403 -20.88 -12.86 -9.80
CA LYS K 403 -20.09 -14.00 -10.24
C LYS K 403 -19.15 -13.61 -11.37
N ALA K 404 -17.89 -14.02 -11.25
CA ALA K 404 -16.80 -13.60 -12.11
C ALA K 404 -16.71 -14.33 -13.45
N PRO K 405 -16.93 -15.66 -13.55
CA PRO K 405 -16.90 -16.29 -14.88
C PRO K 405 -17.91 -15.72 -15.84
N ASP K 406 -19.06 -15.24 -15.35
CA ASP K 406 -20.00 -14.52 -16.21
C ASP K 406 -19.34 -13.28 -16.78
N ILE K 407 -18.58 -12.55 -15.95
CA ILE K 407 -17.87 -11.38 -16.43
C ILE K 407 -16.82 -11.79 -17.47
N GLU K 408 -16.16 -12.93 -17.27
CA GLU K 408 -15.17 -13.40 -18.24
C GLU K 408 -15.81 -13.67 -19.60
N CYS K 409 -16.90 -14.45 -19.61
CA CYS K 409 -17.52 -14.80 -20.88
C CYS K 409 -18.16 -13.58 -21.53
N VAL K 410 -18.67 -12.65 -20.73
CA VAL K 410 -19.24 -11.42 -21.27
C VAL K 410 -18.15 -10.55 -21.87
N LEU K 411 -16.96 -10.52 -21.25
CA LEU K 411 -15.84 -9.78 -21.82
C LEU K 411 -15.39 -10.41 -23.13
N ARG K 412 -15.40 -11.75 -23.21
CA ARG K 412 -15.11 -12.42 -24.47
C ARG K 412 -16.12 -12.05 -25.54
N CYS K 413 -17.41 -12.04 -25.18
CA CYS K 413 -18.43 -11.58 -26.11
C CYS K 413 -18.21 -10.13 -26.51
N SER K 414 -17.72 -9.31 -25.57
CA SER K 414 -17.50 -7.89 -25.84
C SER K 414 -16.37 -7.68 -26.84
N VAL K 415 -15.26 -8.38 -26.66
CA VAL K 415 -14.15 -8.22 -27.60
C VAL K 415 -14.52 -8.82 -28.96
N LEU K 416 -15.30 -9.90 -28.98
CA LEU K 416 -15.79 -10.43 -30.24
C LEU K 416 -16.70 -9.43 -30.95
N GLU K 417 -17.59 -8.77 -30.19
CA GLU K 417 -18.47 -7.76 -30.78
C GLU K 417 -17.67 -6.56 -31.28
N ILE K 418 -16.62 -6.19 -30.56
CA ILE K 418 -15.80 -5.05 -30.99
C ILE K 418 -15.04 -5.40 -32.27
N GLU K 419 -14.55 -6.63 -32.38
CA GLU K 419 -13.91 -7.07 -33.63
C GLU K 419 -14.92 -7.11 -34.77
N GLN K 420 -16.15 -7.54 -34.47
CA GLN K 420 -17.21 -7.54 -35.48
C GLN K 420 -17.52 -6.12 -35.95
N SER K 421 -17.58 -5.16 -35.03
CA SER K 421 -17.76 -3.78 -35.43
C SER K 421 -16.55 -3.26 -36.20
N MET K 422 -15.35 -3.73 -35.87
CA MET K 422 -14.14 -3.31 -36.58
C MET K 422 -14.20 -3.74 -38.05
N ASN K 423 -14.46 -5.02 -38.30
CA ASN K 423 -14.51 -5.43 -39.70
C ASN K 423 -15.78 -4.97 -40.39
N ARG K 424 -16.83 -4.65 -39.61
CA ARG K 424 -18.02 -4.03 -40.18
C ARG K 424 -17.71 -2.65 -40.73
N VAL K 425 -17.11 -1.78 -39.92
CA VAL K 425 -16.73 -0.46 -40.40
C VAL K 425 -15.63 -0.56 -41.45
N LYS K 426 -14.88 -1.67 -41.46
CA LYS K 426 -13.97 -1.92 -42.58
C LYS K 426 -14.74 -2.15 -43.87
N ASN K 427 -15.85 -2.88 -43.81
CA ASN K 427 -16.61 -3.20 -45.03
C ASN K 427 -17.79 -2.27 -45.29
N ILE K 428 -18.43 -1.74 -44.25
CA ILE K 428 -19.60 -0.89 -44.45
C ILE K 428 -19.16 0.46 -45.02
N SER K 429 -19.83 0.90 -46.08
CA SER K 429 -19.50 2.14 -46.77
C SER K 429 -20.09 3.33 -46.00
N ASP K 430 -20.11 4.49 -46.65
CA ASP K 430 -20.57 5.72 -46.02
C ASP K 430 -22.06 5.76 -45.77
N ALA K 431 -22.81 4.76 -46.25
CA ALA K 431 -24.27 4.77 -46.08
C ALA K 431 -24.67 4.73 -44.60
N ASP K 432 -23.99 3.88 -43.81
CA ASP K 432 -24.31 3.73 -42.40
C ASP K 432 -23.07 3.89 -41.53
N VAL K 433 -22.12 4.72 -41.98
CA VAL K 433 -20.87 4.89 -41.24
C VAL K 433 -21.13 5.56 -39.90
N HIS K 434 -22.09 6.49 -39.84
CA HIS K 434 -22.40 7.18 -38.60
C HIS K 434 -22.96 6.20 -37.57
N ASN K 435 -23.91 5.35 -37.98
CA ASN K 435 -24.45 4.35 -37.07
C ASN K 435 -23.39 3.34 -36.65
N ALA K 436 -22.54 2.94 -37.60
CA ALA K 436 -21.48 1.99 -37.27
C ALA K 436 -20.51 2.57 -36.24
N MET K 437 -20.14 3.85 -36.40
CA MET K 437 -19.26 4.47 -35.43
C MET K 437 -19.94 4.69 -34.09
N ASP K 438 -21.25 4.98 -34.10
CA ASP K 438 -21.98 5.10 -32.84
C ASP K 438 -21.98 3.78 -32.09
N ASN K 439 -22.25 2.68 -32.80
CA ASN K 439 -22.20 1.36 -32.16
C ASN K 439 -20.79 1.01 -31.73
N TYR K 440 -19.77 1.43 -32.49
CA TYR K 440 -18.38 1.22 -32.10
C TYR K 440 -18.08 1.92 -30.77
N GLU K 441 -18.45 3.19 -30.66
CA GLU K 441 -18.21 3.94 -29.43
C GLU K 441 -18.98 3.33 -28.26
N CYS K 442 -20.22 2.91 -28.50
CA CYS K 442 -21.00 2.26 -27.45
C CYS K 442 -20.34 0.97 -27.00
N ASN K 443 -19.82 0.18 -27.94
CA ASN K 443 -19.14 -1.06 -27.58
C ASN K 443 -17.90 -0.80 -26.74
N LEU K 444 -17.10 0.21 -27.13
CA LEU K 444 -15.91 0.55 -26.35
C LEU K 444 -16.29 1.03 -24.95
N TYR K 445 -17.32 1.87 -24.84
CA TYR K 445 -17.71 2.37 -23.53
C TYR K 445 -18.24 1.23 -22.65
N THR K 446 -19.02 0.31 -23.23
CA THR K 446 -19.50 -0.83 -22.46
C THR K 446 -18.36 -1.73 -22.02
N PHE K 447 -17.36 -1.93 -22.89
CA PHE K 447 -16.19 -2.71 -22.50
C PHE K 447 -15.45 -2.05 -21.35
N LEU K 448 -15.33 -0.72 -21.38
CA LEU K 448 -14.68 -0.01 -20.29
C LEU K 448 -15.48 -0.13 -18.99
N TYR K 449 -16.81 -0.06 -19.07
CA TYR K 449 -17.63 -0.27 -17.88
C TYR K 449 -17.44 -1.68 -17.34
N LEU K 450 -17.33 -2.67 -18.24
CA LEU K 450 -17.12 -4.04 -17.81
C LEU K 450 -15.76 -4.21 -17.13
N VAL K 451 -14.72 -3.57 -17.67
CA VAL K 451 -13.41 -3.61 -17.03
C VAL K 451 -13.47 -2.95 -15.65
N CYS K 452 -14.20 -1.83 -15.55
CA CYS K 452 -14.31 -1.13 -14.27
C CYS K 452 -15.02 -1.99 -13.23
N ILE K 453 -16.13 -2.64 -13.62
CA ILE K 453 -16.85 -3.46 -12.66
C ILE K 453 -16.09 -4.75 -12.36
N SER K 454 -15.25 -5.22 -13.28
CA SER K 454 -14.34 -6.32 -12.95
C SER K 454 -13.34 -5.90 -11.89
N THR K 455 -12.79 -4.68 -12.03
CA THR K 455 -11.87 -4.17 -11.02
C THR K 455 -12.57 -3.88 -9.69
N LYS K 456 -13.89 -3.65 -9.72
CA LYS K 456 -14.65 -3.43 -8.50
C LYS K 456 -15.08 -4.72 -7.84
N THR K 457 -14.76 -5.88 -8.41
CA THR K 457 -15.11 -7.18 -7.85
C THR K 457 -13.86 -7.93 -7.43
N GLN K 458 -13.89 -8.52 -6.25
CA GLN K 458 -12.81 -9.35 -5.75
C GLN K 458 -12.94 -10.73 -6.38
N CYS K 459 -12.09 -11.03 -7.34
CA CYS K 459 -12.15 -12.27 -8.11
C CYS K 459 -10.98 -13.17 -7.76
N SER K 460 -10.99 -14.37 -8.32
CA SER K 460 -9.92 -15.34 -8.09
C SER K 460 -8.72 -15.03 -8.97
N GLU K 461 -7.61 -15.71 -8.68
CA GLU K 461 -6.37 -15.48 -9.43
C GLU K 461 -6.51 -15.89 -10.89
N GLU K 462 -7.07 -17.08 -11.13
CA GLU K 462 -7.25 -17.55 -12.50
C GLU K 462 -8.27 -16.69 -13.24
N ASP K 463 -9.32 -16.24 -12.55
CA ASP K 463 -10.32 -15.38 -13.18
C ASP K 463 -9.71 -14.03 -13.57
N GLN K 464 -8.91 -13.44 -12.68
CA GLN K 464 -8.24 -12.20 -13.01
C GLN K 464 -7.26 -12.39 -14.15
N CYS K 465 -6.57 -13.54 -14.18
CA CYS K 465 -5.66 -13.83 -15.29
C CYS K 465 -6.41 -13.91 -16.61
N LYS K 466 -7.57 -14.57 -16.62
CA LYS K 466 -8.37 -14.67 -17.84
C LYS K 466 -8.88 -13.30 -18.28
N ILE K 467 -9.32 -12.48 -17.32
CA ILE K 467 -9.82 -11.14 -17.65
C ILE K 467 -8.69 -10.30 -18.26
N ASN K 468 -7.51 -10.34 -17.64
CA ASN K 468 -6.37 -9.60 -18.17
C ASN K 468 -5.95 -10.13 -19.53
N LYS K 469 -6.05 -11.44 -19.75
CA LYS K 469 -5.75 -12.01 -21.07
C LYS K 469 -6.70 -11.47 -22.13
N GLN K 470 -8.00 -11.41 -21.80
CA GLN K 470 -8.96 -10.92 -22.78
C GLN K 470 -8.74 -9.43 -23.06
N ILE K 471 -8.45 -8.66 -22.02
CA ILE K 471 -8.16 -7.23 -22.22
C ILE K 471 -6.89 -7.07 -23.05
N TYR K 472 -5.91 -7.95 -22.85
CA TYR K 472 -4.70 -7.92 -23.66
C TYR K 472 -5.01 -8.20 -25.12
N ASN K 473 -5.90 -9.16 -25.38
CA ASN K 473 -6.31 -9.45 -26.76
C ASN K 473 -6.97 -8.23 -27.39
N LEU K 474 -7.90 -7.59 -26.67
CA LEU K 474 -8.58 -6.43 -27.24
C LEU K 474 -7.62 -5.26 -27.43
N ILE K 475 -6.66 -5.08 -26.52
CA ILE K 475 -5.68 -4.02 -26.67
C ILE K 475 -4.82 -4.26 -27.89
N HIS K 476 -4.41 -5.51 -28.12
CA HIS K 476 -3.68 -5.84 -29.34
C HIS K 476 -4.56 -5.64 -30.58
N LEU K 477 -5.87 -5.77 -30.44
CA LEU K 477 -6.76 -5.41 -31.55
C LEU K 477 -6.72 -3.92 -31.86
N ASP K 478 -6.35 -3.11 -30.86
CA ASP K 478 -6.14 -1.66 -30.98
C ASP K 478 -7.38 -0.93 -31.48
N PRO K 479 -8.43 -0.80 -30.67
CA PRO K 479 -9.58 0.01 -31.07
C PRO K 479 -9.21 1.49 -31.08
N ARG K 480 -9.97 2.25 -31.87
CA ARG K 480 -9.77 3.68 -31.99
C ARG K 480 -11.12 4.38 -32.08
N THR K 481 -11.40 5.25 -31.12
CA THR K 481 -12.61 6.05 -31.13
C THR K 481 -12.53 7.06 -32.27
N ARG K 482 -13.70 7.57 -32.69
CA ARG K 482 -13.77 8.53 -33.79
C ARG K 482 -12.95 9.79 -33.54
N GLU K 483 -12.66 10.10 -32.27
CA GLU K 483 -11.77 11.19 -31.93
C GLU K 483 -10.30 10.76 -31.94
N GLY K 484 -10.02 9.50 -32.23
CA GLY K 484 -8.67 8.98 -32.17
C GLY K 484 -8.25 8.50 -30.80
N PHE K 485 -9.13 8.56 -29.81
CA PHE K 485 -8.81 8.08 -28.47
C PHE K 485 -8.66 6.57 -28.48
N THR K 486 -7.55 6.07 -27.95
CA THR K 486 -7.37 4.63 -27.78
C THR K 486 -8.08 4.20 -26.50
N LEU K 487 -7.89 2.94 -26.10
CA LEU K 487 -8.50 2.47 -24.86
C LEU K 487 -7.94 3.21 -23.64
N LEU K 488 -6.67 3.60 -23.69
CA LEU K 488 -6.07 4.29 -22.56
C LEU K 488 -6.62 5.70 -22.39
N HIS K 489 -6.87 6.40 -23.49
CA HIS K 489 -7.36 7.78 -23.41
C HIS K 489 -8.72 7.83 -22.75
N LEU K 490 -9.61 6.89 -23.08
CA LEU K 490 -10.96 6.91 -22.53
C LEU K 490 -10.96 6.50 -21.06
N ALA K 491 -9.97 5.73 -20.62
CA ALA K 491 -9.90 5.32 -19.23
C ALA K 491 -9.30 6.40 -18.32
N VAL K 492 -8.67 7.41 -18.90
CA VAL K 492 -8.12 8.52 -18.12
C VAL K 492 -8.88 9.82 -18.33
N ASN K 493 -9.84 9.84 -19.25
CA ASN K 493 -10.59 11.05 -19.54
C ASN K 493 -11.67 11.27 -18.48
N SER K 494 -12.09 12.53 -18.35
CA SER K 494 -13.26 12.88 -17.56
C SER K 494 -14.50 13.11 -18.42
N ASN K 495 -14.33 13.23 -19.73
CA ASN K 495 -15.43 13.40 -20.66
C ASN K 495 -15.95 12.08 -21.19
N THR K 496 -15.45 10.96 -20.70
CA THR K 496 -15.93 9.66 -21.14
C THR K 496 -17.37 9.47 -20.68
N PRO K 497 -18.31 9.22 -21.59
CA PRO K 497 -19.72 9.16 -21.19
C PRO K 497 -20.01 7.94 -20.32
N VAL K 498 -20.89 8.13 -19.35
CA VAL K 498 -21.41 7.05 -18.51
C VAL K 498 -22.93 7.13 -18.58
N ASP K 499 -23.58 5.98 -18.78
CA ASP K 499 -25.02 5.96 -18.95
C ASP K 499 -25.73 6.37 -17.65
N ASP K 500 -26.97 6.84 -17.81
CA ASP K 500 -27.73 7.44 -16.72
C ASP K 500 -28.17 6.44 -15.66
N PHE K 501 -28.00 5.14 -15.91
CA PHE K 501 -28.45 4.13 -14.96
C PHE K 501 -27.44 4.01 -13.82
N HIS K 502 -27.55 2.92 -13.05
CA HIS K 502 -26.76 2.73 -11.83
C HIS K 502 -25.26 2.62 -12.07
N THR K 503 -24.82 2.69 -13.34
CA THR K 503 -23.39 2.70 -13.63
C THR K 503 -22.70 3.90 -13.01
N ASN K 504 -23.41 5.01 -12.84
CA ASN K 504 -22.84 6.17 -12.16
C ASN K 504 -22.50 5.87 -10.71
N ASP K 505 -23.16 4.87 -10.10
CA ASP K 505 -22.85 4.52 -8.73
C ASP K 505 -21.53 3.75 -8.63
N VAL K 506 -21.16 3.04 -9.69
CA VAL K 506 -19.95 2.21 -9.70
C VAL K 506 -18.92 2.73 -10.70
N CYS K 507 -19.28 2.76 -11.98
CA CYS K 507 -18.34 3.18 -13.01
C CYS K 507 -18.16 4.69 -12.98
N SER K 508 -16.90 5.13 -13.03
CA SER K 508 -16.57 6.54 -13.11
C SER K 508 -15.24 6.68 -13.82
N PHE K 509 -15.04 7.84 -14.44
CA PHE K 509 -13.82 8.10 -15.19
C PHE K 509 -13.28 9.48 -14.88
N PRO K 510 -11.96 9.63 -14.71
CA PRO K 510 -10.91 8.61 -14.82
C PRO K 510 -10.89 7.66 -13.64
N ASN K 511 -10.49 6.41 -13.85
CA ASN K 511 -10.46 5.40 -12.81
C ASN K 511 -9.06 4.83 -12.74
N ALA K 512 -8.49 4.78 -11.53
CA ALA K 512 -7.12 4.33 -11.37
C ALA K 512 -6.98 2.85 -11.69
N LEU K 513 -7.93 2.04 -11.24
CA LEU K 513 -7.84 0.59 -11.43
C LEU K 513 -7.92 0.21 -12.90
N VAL K 514 -8.80 0.88 -13.66
CA VAL K 514 -8.93 0.58 -15.08
C VAL K 514 -7.65 0.95 -15.83
N THR K 515 -7.08 2.11 -15.52
CA THR K 515 -5.84 2.51 -16.18
C THR K 515 -4.70 1.58 -15.82
N LYS K 516 -4.63 1.16 -14.55
CA LYS K 516 -3.59 0.20 -14.15
C LYS K 516 -3.76 -1.13 -14.88
N LEU K 517 -5.00 -1.59 -15.03
CA LEU K 517 -5.23 -2.84 -15.75
C LEU K 517 -4.86 -2.71 -17.22
N LEU K 518 -5.21 -1.59 -17.85
CA LEU K 518 -4.86 -1.39 -19.25
C LEU K 518 -3.35 -1.33 -19.44
N LEU K 519 -2.65 -0.65 -18.54
CA LEU K 519 -1.19 -0.59 -18.63
C LEU K 519 -0.55 -1.93 -18.31
N ASP K 520 -1.22 -2.76 -17.50
CA ASP K 520 -0.71 -4.09 -17.21
C ASP K 520 -0.80 -4.99 -18.44
N CYS K 521 -1.84 -4.79 -19.26
CA CYS K 521 -2.02 -5.57 -20.48
C CYS K 521 -1.27 -4.98 -21.67
N GLY K 522 -0.26 -4.14 -21.43
CA GLY K 522 0.56 -3.62 -22.51
C GLY K 522 -0.15 -2.68 -23.46
N ALA K 523 -0.94 -1.75 -22.94
CA ALA K 523 -1.58 -0.76 -23.77
C ALA K 523 -0.55 0.22 -24.31
N GLU K 524 -0.92 0.88 -25.42
CA GLU K 524 -0.03 1.86 -26.04
C GLU K 524 0.01 3.12 -25.18
N VAL K 525 1.02 3.21 -24.32
CA VAL K 525 1.09 4.29 -23.35
C VAL K 525 1.39 5.63 -24.01
N ASN K 526 1.99 5.63 -25.21
CA ASN K 526 2.30 6.84 -25.95
C ASN K 526 1.38 7.05 -27.14
N ALA K 527 0.18 6.47 -27.10
CA ALA K 527 -0.75 6.61 -28.21
C ALA K 527 -1.17 8.06 -28.39
N VAL K 528 -1.19 8.51 -29.64
CA VAL K 528 -1.48 9.89 -29.99
C VAL K 528 -2.73 9.91 -30.84
N ASP K 529 -3.73 10.68 -30.42
CA ASP K 529 -4.99 10.77 -31.14
C ASP K 529 -4.84 11.70 -32.34
N ASN K 530 -5.96 12.02 -33.00
CA ASN K 530 -5.91 12.87 -34.17
C ASN K 530 -5.45 14.28 -33.83
N GLU K 531 -5.95 14.84 -32.73
CA GLU K 531 -5.54 16.18 -32.31
C GLU K 531 -4.06 16.21 -31.95
N GLY K 532 -3.59 15.18 -31.26
CA GLY K 532 -2.19 15.11 -30.86
C GLY K 532 -2.03 14.80 -29.39
N ASN K 533 -3.13 14.81 -28.64
CA ASN K 533 -3.08 14.60 -27.21
C ASN K 533 -2.68 13.17 -26.89
N SER K 534 -1.67 13.01 -26.04
CA SER K 534 -1.23 11.69 -25.61
C SER K 534 -2.15 11.18 -24.50
N ALA K 535 -1.79 10.02 -23.95
CA ALA K 535 -2.51 9.51 -22.78
C ALA K 535 -2.29 10.40 -21.57
N LEU K 536 -1.13 11.05 -21.50
CA LEU K 536 -0.85 11.94 -20.37
C LEU K 536 -1.61 13.24 -20.47
N HIS K 537 -1.73 13.79 -21.69
CA HIS K 537 -2.37 15.09 -21.89
C HIS K 537 -3.82 15.09 -21.44
N ILE K 538 -4.47 13.93 -21.39
CA ILE K 538 -5.90 13.91 -21.10
C ILE K 538 -6.17 14.02 -19.60
N ILE K 539 -5.29 13.51 -18.75
CA ILE K 539 -5.54 13.55 -17.31
C ILE K 539 -4.83 14.70 -16.61
N VAL K 540 -3.77 15.26 -17.19
CA VAL K 540 -3.22 16.49 -16.62
C VAL K 540 -4.17 17.66 -16.80
N GLN K 541 -5.20 17.51 -17.64
CA GLN K 541 -6.25 18.50 -17.80
C GLN K 541 -7.43 18.27 -16.86
N TYR K 542 -7.35 17.27 -15.98
CA TYR K 542 -8.48 16.94 -15.11
C TYR K 542 -8.77 18.09 -14.16
N ASN K 543 -10.04 18.42 -14.02
CA ASN K 543 -10.46 19.68 -13.41
C ASN K 543 -10.86 19.57 -11.95
N ARG K 544 -10.79 18.39 -11.35
CA ARG K 544 -11.18 18.19 -9.95
C ARG K 544 -10.07 17.46 -9.20
N PRO K 545 -8.92 18.11 -9.02
CA PRO K 545 -7.77 17.41 -8.45
C PRO K 545 -7.92 17.04 -6.99
N ILE K 546 -8.30 18.01 -6.16
CA ILE K 546 -8.26 17.83 -4.71
C ILE K 546 -9.29 16.80 -4.26
N SER K 547 -10.46 16.78 -4.91
CA SER K 547 -11.54 15.90 -4.47
C SER K 547 -11.15 14.43 -4.53
N ASP K 548 -10.49 14.02 -5.62
CA ASP K 548 -10.09 12.63 -5.81
C ASP K 548 -8.61 12.54 -6.15
N PHE K 549 -7.78 13.20 -5.32
CA PHE K 549 -6.34 13.24 -5.56
C PHE K 549 -5.72 11.85 -5.62
N LEU K 550 -6.33 10.86 -4.97
CA LEU K 550 -5.82 9.50 -5.03
C LEU K 550 -5.88 8.97 -6.45
N THR K 551 -7.02 9.16 -7.14
CA THR K 551 -7.19 8.60 -8.47
C THR K 551 -6.57 9.45 -9.57
N LEU K 552 -6.02 10.61 -9.23
CA LEU K 552 -5.18 11.33 -10.18
C LEU K 552 -3.71 11.00 -9.96
N HIS K 553 -3.29 10.92 -8.70
CA HIS K 553 -1.93 10.51 -8.38
C HIS K 553 -1.62 9.11 -8.89
N SER K 554 -2.55 8.17 -8.68
CA SER K 554 -2.32 6.80 -9.09
C SER K 554 -2.16 6.70 -10.61
N ILE K 555 -3.02 7.40 -11.35
CA ILE K 555 -2.94 7.32 -12.81
C ILE K 555 -1.70 8.03 -13.32
N ILE K 556 -1.32 9.16 -12.72
CA ILE K 556 -0.13 9.87 -13.16
C ILE K 556 1.11 9.00 -12.96
N ILE K 557 1.23 8.39 -11.77
CA ILE K 557 2.42 7.57 -11.52
C ILE K 557 2.38 6.29 -12.33
N SER K 558 1.17 5.75 -12.61
CA SER K 558 1.08 4.55 -13.43
C SER K 558 1.48 4.85 -14.87
N LEU K 559 1.02 5.98 -15.41
CA LEU K 559 1.41 6.35 -16.77
C LEU K 559 2.90 6.63 -16.86
N VAL K 560 3.45 7.36 -15.89
CA VAL K 560 4.87 7.68 -15.93
C VAL K 560 5.73 6.42 -15.79
N GLU K 561 5.34 5.52 -14.87
CA GLU K 561 6.11 4.29 -14.71
C GLU K 561 5.91 3.33 -15.87
N ALA K 562 4.87 3.52 -16.69
CA ALA K 562 4.65 2.68 -17.85
C ALA K 562 5.33 3.21 -19.11
N GLY K 563 6.09 4.29 -18.99
CA GLY K 563 6.85 4.81 -20.10
C GLY K 563 6.21 5.96 -20.87
N ALA K 564 5.16 6.57 -20.33
CA ALA K 564 4.57 7.74 -20.99
C ALA K 564 5.57 8.88 -21.00
N HIS K 565 5.97 9.29 -22.19
CA HIS K 565 6.94 10.38 -22.31
C HIS K 565 6.30 11.68 -21.85
N THR K 566 6.75 12.16 -20.69
CA THR K 566 6.17 13.34 -20.07
C THR K 566 6.43 14.62 -20.84
N ASP K 567 7.35 14.60 -21.80
CA ASP K 567 7.68 15.77 -22.59
C ASP K 567 7.02 15.73 -23.97
N MET K 568 6.10 14.78 -24.18
CA MET K 568 5.48 14.61 -25.48
C MET K 568 4.67 15.84 -25.86
N THR K 569 4.68 16.16 -27.15
CA THR K 569 4.01 17.34 -27.68
C THR K 569 2.92 16.93 -28.66
N ASN K 570 1.80 17.63 -28.61
CA ASN K 570 0.70 17.40 -29.54
C ASN K 570 1.01 18.10 -30.86
N LYS K 571 0.00 18.20 -31.74
CA LYS K 571 0.20 18.89 -33.00
C LYS K 571 0.41 20.38 -32.83
N GLN K 572 -0.01 20.95 -31.70
CA GLN K 572 0.22 22.34 -31.38
C GLN K 572 1.49 22.56 -30.57
N ASN K 573 2.27 21.50 -30.35
CA ASN K 573 3.50 21.55 -29.55
C ASN K 573 3.22 22.07 -28.14
N LYS K 574 2.39 21.32 -27.43
CA LYS K 574 2.04 21.61 -26.04
C LYS K 574 2.36 20.38 -25.19
N THR K 575 3.36 20.50 -24.33
CA THR K 575 3.68 19.45 -23.40
C THR K 575 2.55 19.31 -22.38
N PRO K 576 2.44 18.16 -21.71
CA PRO K 576 1.39 18.01 -20.70
C PRO K 576 1.51 19.01 -19.56
N LEU K 577 2.71 19.55 -19.31
CA LEU K 577 2.83 20.66 -18.38
C LEU K 577 2.09 21.89 -18.90
N ASP K 578 2.24 22.19 -20.19
CA ASP K 578 1.52 23.33 -20.77
C ASP K 578 0.02 23.10 -20.76
N LYS K 579 -0.42 21.89 -21.13
CA LYS K 579 -1.83 21.55 -21.16
C LYS K 579 -2.28 20.97 -19.82
N SER K 580 -2.10 21.77 -18.76
CA SER K 580 -2.47 21.36 -17.42
C SER K 580 -3.71 22.07 -16.90
N THR K 581 -3.77 23.40 -17.04
CA THR K 581 -4.89 24.21 -16.55
C THR K 581 -5.17 23.97 -15.07
N THR K 582 -4.13 23.59 -14.33
CA THR K 582 -4.25 23.21 -12.93
C THR K 582 -2.87 23.19 -12.28
N GLY K 583 -2.72 23.83 -11.13
CA GLY K 583 -1.46 23.76 -10.42
C GLY K 583 -1.16 22.37 -9.88
N VAL K 584 -2.19 21.69 -9.37
CA VAL K 584 -2.01 20.41 -8.72
C VAL K 584 -1.47 19.37 -9.72
N SER K 585 -2.14 19.25 -10.86
CA SER K 585 -1.72 18.26 -11.85
C SER K 585 -0.37 18.62 -12.45
N GLU K 586 -0.13 19.92 -12.68
CA GLU K 586 1.15 20.35 -13.24
C GLU K 586 2.30 19.97 -12.32
N ILE K 587 2.20 20.31 -11.03
CA ILE K 587 3.28 19.97 -10.11
C ILE K 587 3.36 18.47 -9.87
N LEU K 588 2.23 17.77 -9.86
CA LEU K 588 2.28 16.34 -9.65
C LEU K 588 2.93 15.63 -10.83
N LEU K 589 2.80 16.19 -12.04
CA LEU K 589 3.57 15.70 -13.17
C LEU K 589 5.04 16.09 -13.06
N LYS K 590 5.31 17.30 -12.59
CA LYS K 590 6.69 17.76 -12.46
C LYS K 590 7.48 16.89 -11.48
N THR K 591 6.82 16.38 -10.45
CA THR K 591 7.48 15.46 -9.53
C THR K 591 7.81 14.13 -10.18
N GLN K 592 7.14 13.80 -11.28
CA GLN K 592 7.40 12.56 -12.00
C GLN K 592 8.23 12.76 -13.25
N MET K 593 8.67 13.98 -13.54
CA MET K 593 9.41 14.30 -14.76
C MET K 593 10.89 14.10 -14.49
N LYS K 594 11.37 12.87 -14.67
CA LYS K 594 12.80 12.59 -14.62
C LYS K 594 13.45 13.21 -15.84
N MET K 595 14.15 14.33 -15.64
CA MET K 595 14.76 15.02 -16.77
C MET K 595 15.90 14.18 -17.33
N SER K 596 15.91 14.00 -18.65
CA SER K 596 16.91 13.20 -19.31
C SER K 596 17.54 13.99 -20.45
N LEU K 597 18.82 13.74 -20.69
CA LEU K 597 19.52 14.37 -21.81
C LEU K 597 18.90 13.97 -23.13
N LYS K 598 18.29 12.78 -23.20
CA LYS K 598 17.67 12.32 -24.42
C LYS K 598 16.53 13.24 -24.84
N CYS K 599 15.72 13.69 -23.88
CA CYS K 599 14.60 14.56 -24.19
C CYS K 599 15.08 15.92 -24.69
N LEU K 600 16.06 16.52 -24.00
CA LEU K 600 16.59 17.82 -24.44
C LEU K 600 17.26 17.70 -25.80
N ALA K 601 18.00 16.62 -26.03
CA ALA K 601 18.64 16.43 -27.32
C ALA K 601 17.64 16.24 -28.44
N ALA K 602 16.56 15.49 -28.19
CA ALA K 602 15.52 15.34 -29.20
C ALA K 602 14.81 16.65 -29.47
N ARG K 603 14.57 17.45 -28.43
CA ARG K 603 13.93 18.74 -28.62
C ARG K 603 14.82 19.68 -29.42
N ALA K 604 16.14 19.65 -29.17
CA ALA K 604 17.06 20.46 -29.94
C ALA K 604 17.20 19.96 -31.38
N VAL K 605 17.07 18.65 -31.58
CA VAL K 605 17.11 18.10 -32.94
C VAL K 605 15.90 18.56 -33.73
N ARG K 606 14.71 18.42 -33.15
CA ARG K 606 13.48 18.73 -33.86
C ARG K 606 13.18 20.22 -33.90
N ALA K 607 13.81 21.02 -33.05
CA ALA K 607 13.51 22.45 -33.02
C ALA K 607 14.05 23.17 -34.25
N ASN K 608 15.24 22.79 -34.70
CA ASN K 608 15.89 23.46 -35.82
C ASN K 608 15.84 22.66 -37.11
N ASP K 609 14.99 21.63 -37.18
CA ASP K 609 14.72 20.87 -38.39
C ASP K 609 16.00 20.22 -38.94
N ILE K 610 16.53 19.29 -38.15
CA ILE K 610 17.69 18.50 -38.52
C ILE K 610 17.19 17.17 -39.07
N ASN K 611 17.67 16.80 -40.25
CA ASN K 611 17.23 15.58 -40.92
C ASN K 611 17.74 14.37 -40.16
N TYR K 612 16.85 13.70 -39.43
CA TYR K 612 17.18 12.53 -38.63
C TYR K 612 16.66 11.24 -39.25
N GLN K 613 16.24 11.26 -40.51
CA GLN K 613 15.67 10.07 -41.12
C GLN K 613 16.76 9.04 -41.38
N ASP K 614 16.63 7.87 -40.76
CA ASP K 614 17.50 6.72 -40.93
C ASP K 614 18.93 6.96 -40.46
N GLN K 615 19.21 8.12 -39.87
CA GLN K 615 20.52 8.41 -39.29
C GLN K 615 20.56 8.15 -37.79
N ILE K 616 19.47 7.70 -37.20
CA ILE K 616 19.39 7.42 -35.78
C ILE K 616 18.68 6.08 -35.59
N PRO K 617 18.75 5.47 -34.42
CA PRO K 617 17.96 4.25 -34.15
C PRO K 617 16.50 4.42 -34.53
N ARG K 618 15.91 3.32 -35.02
CA ARG K 618 14.48 3.35 -35.35
C ARG K 618 13.63 3.58 -34.11
N THR K 619 14.10 3.13 -32.95
CA THR K 619 13.41 3.43 -31.70
C THR K 619 13.57 4.88 -31.29
N LEU K 620 14.43 5.65 -31.96
CA LEU K 620 14.59 7.07 -31.69
C LEU K 620 13.83 7.97 -32.64
N GLU K 621 13.51 7.48 -33.85
CA GLU K 621 12.74 8.29 -34.79
C GLU K 621 11.35 8.59 -34.24
N GLU K 622 10.69 7.58 -33.67
CA GLU K 622 9.44 7.84 -32.98
C GLU K 622 9.66 8.67 -31.72
N PHE K 623 10.81 8.49 -31.06
CA PHE K 623 11.12 9.30 -29.89
C PHE K 623 11.27 10.77 -30.26
N VAL K 624 11.94 11.06 -31.37
CA VAL K 624 12.03 12.44 -31.84
C VAL K 624 10.65 12.93 -32.28
N GLY K 625 9.86 12.04 -32.88
CA GLY K 625 8.50 12.40 -33.25
C GLY K 625 7.60 12.71 -32.07
N PHE K 626 7.96 12.24 -30.87
CA PHE K 626 7.22 12.61 -29.68
C PHE K 626 7.30 14.12 -29.44
N HIS K 627 8.47 14.70 -29.64
CA HIS K 627 8.69 16.12 -29.40
C HIS K 627 8.21 16.96 -30.59
N LYS L 10 -36.03 -0.73 -12.69
CA LYS L 10 -36.49 -0.32 -14.01
C LYS L 10 -36.43 -1.49 -14.98
N HIS L 11 -35.28 -1.62 -15.65
CA HIS L 11 -34.97 -2.73 -16.55
C HIS L 11 -36.01 -2.75 -17.67
N SER L 12 -36.96 -3.69 -17.68
CA SER L 12 -37.90 -3.87 -18.78
C SER L 12 -38.81 -2.65 -18.97
N LEU L 13 -38.86 -1.77 -17.98
CA LEU L 13 -39.66 -0.55 -18.07
C LEU L 13 -39.15 0.35 -19.18
N ASP L 14 -37.83 0.48 -19.32
CA ASP L 14 -37.24 1.34 -20.32
C ASP L 14 -36.15 0.66 -21.15
N LEU L 15 -35.47 -0.34 -20.58
CA LEU L 15 -34.36 -0.96 -21.31
C LEU L 15 -34.87 -1.97 -22.33
N LEU L 16 -36.13 -2.38 -22.22
CA LEU L 16 -36.69 -3.38 -23.13
C LEU L 16 -36.82 -2.82 -24.54
N SER L 17 -37.59 -1.73 -24.68
CA SER L 17 -37.81 -1.07 -25.96
C SER L 17 -38.35 -2.02 -27.04
ZN ZN M . 13.62 -4.42 -54.03
ZN ZN N . 18.92 -6.79 -49.79
ZN ZN O . 32.67 -3.37 -49.42
ZN ZN P . -10.75 29.92 47.31
ZN ZN Q . -16.49 26.83 44.35
ZN ZN R . -29.44 31.90 41.79
#